data_3MUG
#
_entry.id   3MUG
#
_cell.length_a   128.770
_cell.length_b   66.250
_cell.length_c   198.700
_cell.angle_alpha   90.00
_cell.angle_beta   98.00
_cell.angle_gamma   90.00
#
_symmetry.space_group_name_H-M   'P 1 21 1'
#
loop_
_entity.id
_entity.type
_entity.pdbx_description
1 polymer 'Antibody PG16 Light Chain'
2 polymer 'Antibody PG16 Heavy Chain'
3 branched 2-acetamido-2-deoxy-beta-D-glucopyranose-(1-4)-2-acetamido-2-deoxy-beta-D-glucopyranose
4 non-polymer 2-acetamido-2-deoxy-beta-D-glucopyranose
5 water water
#
loop_
_entity_poly.entity_id
_entity_poly.type
_entity_poly.pdbx_seq_one_letter_code
_entity_poly.pdbx_strand_id
1 'polypeptide(L)'
;(PCA)SALTQPASVSGSPGQTITISCNGTSSDVGGFDSVSWYQQSPGKAPKVMVFDVSHRPSGISNRFSGSKSGNTASLT
ISGLHIEDEGDYFCSSLTDRSHRIFGGGTKVTVLGQPKAAPSVTLFPPSSEELQANKATLVCLISDFYPGAVTVAWKADS
SPVKAGVETTTPSKQSNNKYAASSYLSLTPEQWKSHKSYSCQVTHEGSTVEKTVAPTECS
;
A,C,E,G,I,K
2 'polypeptide(L)'
;(PCA)EQLVESGGGVVQPGGSLRLSCLASGFTFHKYGMHWVRQAPGKGLEWVALISDDGMRKYHSDSMWGRVTISRDNSK
NTLYLQFSSLKVEDTAMFFCAREAGGPIWHDDVKY(TYS)DFNDGYYNYHYMDVWGKGTTVTVSSASTKGPSVFPLAPSS
KSTSGGTAALGCLVKDYFPEPVTVSWNSGALTSGVHTFPAVLQSSGLYSLSSVVTVPSSSLGTQTYICNVNHKPSNTKVD
KRVEPKSCD
;
B,D,F,H,J,L
#
# COMPACT_ATOMS: atom_id res chain seq x y z
N SER A 2 39.57 -14.48 -19.69
CA SER A 2 41.01 -14.20 -19.66
C SER A 2 41.37 -13.12 -20.70
N ALA A 3 42.49 -12.40 -20.47
CA ALA A 3 42.93 -11.33 -21.38
C ALA A 3 44.40 -10.97 -21.17
N LEU A 4 45.12 -10.69 -22.28
CA LEU A 4 46.51 -10.22 -22.18
C LEU A 4 46.44 -8.77 -21.67
N THR A 5 47.51 -8.30 -21.03
CA THR A 5 47.53 -6.97 -20.40
C THR A 5 48.26 -5.93 -21.23
N GLN A 6 47.58 -4.83 -21.54
CA GLN A 6 48.08 -3.70 -22.32
C GLN A 6 47.80 -2.36 -21.60
N PRO A 7 48.65 -1.31 -21.78
CA PRO A 7 48.31 0.01 -21.20
C PRO A 7 47.06 0.57 -21.90
N ALA A 8 46.19 1.28 -21.19
CA ALA A 8 44.97 1.81 -21.79
C ALA A 8 45.21 2.90 -22.83
N SER A 9 46.22 3.74 -22.62
CA SER A 9 46.52 4.89 -23.47
C SER A 9 48.02 5.07 -23.66
N VAL A 10 48.43 5.36 -24.89
CA VAL A 10 49.81 5.67 -25.26
C VAL A 10 49.68 6.83 -26.24
N SER A 11 50.47 7.89 -26.06
CA SER A 11 50.42 9.05 -26.96
C SER A 11 51.81 9.61 -27.27
N GLY A 12 51.88 10.36 -28.36
CA GLY A 12 53.12 10.95 -28.81
C GLY A 12 52.85 11.97 -29.88
N SER A 13 53.85 12.79 -30.15
CA SER A 13 53.79 13.83 -31.16
C SER A 13 54.14 13.23 -32.52
N PRO A 14 53.70 13.83 -33.66
CA PRO A 14 54.14 13.31 -34.97
C PRO A 14 55.67 13.25 -35.08
N GLY A 15 56.17 12.14 -35.61
CA GLY A 15 57.59 11.91 -35.78
C GLY A 15 58.24 11.17 -34.63
N GLN A 16 57.61 11.20 -33.45
CA GLN A 16 58.11 10.52 -32.25
C GLN A 16 58.01 9.00 -32.38
N THR A 17 58.70 8.26 -31.49
CA THR A 17 58.62 6.80 -31.44
C THR A 17 57.96 6.34 -30.13
N ILE A 18 56.89 5.54 -30.24
CA ILE A 18 56.12 5.06 -29.09
C ILE A 18 56.13 3.54 -29.02
N THR A 19 55.94 2.97 -27.82
CA THR A 19 55.95 1.51 -27.59
C THR A 19 54.74 1.10 -26.76
N ILE A 20 54.13 -0.04 -27.17
CA ILE A 20 52.95 -0.64 -26.54
C ILE A 20 53.38 -2.01 -26.02
N SER A 21 53.22 -2.25 -24.72
CA SER A 21 53.54 -3.52 -24.09
C SER A 21 52.32 -4.42 -24.03
N CYS A 22 52.56 -5.72 -23.97
CA CYS A 22 51.53 -6.74 -23.95
C CYS A 22 52.00 -7.89 -23.05
N ASN A 23 51.47 -7.93 -21.81
CA ASN A 23 51.84 -8.94 -20.84
C ASN A 23 50.95 -10.17 -20.86
N GLY A 24 51.59 -11.31 -21.04
CA GLY A 24 50.93 -12.61 -21.04
C GLY A 24 51.55 -13.59 -20.08
N THR A 25 51.42 -14.89 -20.38
CA THR A 25 51.95 -15.97 -19.57
C THR A 25 52.68 -17.01 -20.43
N SER A 26 53.21 -18.06 -19.78
CA SER A 26 53.93 -19.18 -20.39
C SER A 26 53.01 -20.07 -21.25
N SER A 27 51.69 -19.96 -21.08
CA SER A 27 50.74 -20.76 -21.85
C SER A 27 50.26 -19.99 -23.09
N ASP A 28 50.81 -18.78 -23.32
CA ASP A 28 50.47 -17.95 -24.48
C ASP A 28 51.68 -17.18 -25.08
N VAL A 29 51.91 -15.91 -24.65
CA VAL A 29 53.00 -15.04 -25.10
C VAL A 29 54.38 -15.70 -24.87
N GLY A 30 54.60 -16.18 -23.64
CA GLY A 30 55.84 -16.85 -23.27
C GLY A 30 55.99 -18.26 -23.82
N GLY A 31 54.89 -18.85 -24.27
CA GLY A 31 54.86 -20.21 -24.78
C GLY A 31 55.16 -20.41 -26.24
N PHE A 32 54.85 -19.42 -27.08
CA PHE A 32 55.02 -19.51 -28.54
C PHE A 32 55.56 -18.19 -29.10
N ASP A 33 56.08 -18.25 -30.34
CA ASP A 33 56.46 -17.05 -31.08
C ASP A 33 55.30 -16.75 -32.06
N SER A 34 54.06 -16.64 -31.54
CA SER A 34 52.83 -16.45 -32.31
C SER A 34 52.00 -15.24 -31.84
N VAL A 35 52.69 -14.09 -31.65
CA VAL A 35 52.11 -12.84 -31.22
C VAL A 35 51.82 -11.97 -32.43
N SER A 36 50.56 -11.53 -32.59
CA SER A 36 50.15 -10.67 -33.66
C SER A 36 49.51 -9.38 -33.13
N TRP A 37 49.59 -8.30 -33.92
CA TRP A 37 49.06 -7.01 -33.55
C TRP A 37 48.09 -6.53 -34.60
N TYR A 38 47.01 -5.91 -34.11
CA TYR A 38 45.90 -5.42 -34.93
C TYR A 38 45.61 -3.99 -34.62
N GLN A 39 45.39 -3.21 -35.67
CA GLN A 39 45.04 -1.80 -35.57
C GLN A 39 43.57 -1.65 -35.92
N GLN A 40 42.84 -0.86 -35.11
CA GLN A 40 41.43 -0.60 -35.40
C GLN A 40 41.14 0.91 -35.41
N SER A 41 40.89 1.43 -36.63
CA SER A 41 40.58 2.84 -36.86
C SER A 41 39.06 2.99 -36.76
N PRO A 42 38.55 4.17 -36.31
CA PRO A 42 37.09 4.31 -36.16
C PRO A 42 36.30 4.07 -37.46
N GLY A 43 35.30 3.21 -37.38
CA GLY A 43 34.49 2.83 -38.54
C GLY A 43 35.16 1.85 -39.49
N LYS A 44 36.35 1.37 -39.12
CA LYS A 44 37.10 0.45 -39.98
C LYS A 44 37.31 -0.92 -39.33
N ALA A 45 37.40 -1.95 -40.19
CA ALA A 45 37.65 -3.35 -39.81
C ALA A 45 39.03 -3.43 -39.21
N PRO A 46 39.34 -4.29 -38.23
CA PRO A 46 40.76 -4.37 -37.77
C PRO A 46 41.71 -4.84 -38.89
N LYS A 47 42.97 -4.46 -38.82
CA LYS A 47 43.97 -4.88 -39.79
C LYS A 47 45.25 -5.37 -39.08
N VAL A 48 45.84 -6.50 -39.55
CA VAL A 48 47.12 -7.03 -39.04
C VAL A 48 48.22 -6.08 -39.36
N MET A 49 49.05 -5.82 -38.35
CA MET A 49 50.19 -4.95 -38.45
C MET A 49 51.49 -5.75 -38.38
N VAL A 50 51.55 -6.71 -37.43
CA VAL A 50 52.69 -7.55 -37.09
C VAL A 50 52.15 -8.94 -36.74
N PHE A 51 52.90 -10.02 -37.10
CA PHE A 51 52.57 -11.43 -36.79
C PHE A 51 53.85 -12.15 -36.43
N ASP A 52 53.72 -13.31 -35.74
CA ASP A 52 54.88 -14.15 -35.34
C ASP A 52 56.00 -13.30 -34.71
N VAL A 53 55.59 -12.46 -33.75
CA VAL A 53 56.39 -11.53 -32.97
C VAL A 53 56.91 -10.30 -33.73
N SER A 54 57.78 -10.51 -34.73
CA SER A 54 58.46 -9.43 -35.44
C SER A 54 58.22 -9.30 -36.95
N HIS A 55 57.35 -10.11 -37.52
CA HIS A 55 57.08 -10.08 -38.96
C HIS A 55 55.97 -9.17 -39.39
N ARG A 56 56.16 -8.49 -40.54
CA ARG A 56 55.19 -7.57 -41.12
C ARG A 56 54.54 -8.18 -42.35
N PRO A 57 53.21 -8.08 -42.47
CA PRO A 57 52.56 -8.53 -43.70
C PRO A 57 52.89 -7.59 -44.87
N SER A 58 52.52 -7.98 -46.11
CA SER A 58 52.74 -7.12 -47.29
C SER A 58 51.89 -5.85 -47.22
N GLY A 59 52.52 -4.71 -47.50
CA GLY A 59 51.86 -3.41 -47.47
C GLY A 59 51.94 -2.67 -46.16
N ILE A 60 52.49 -3.31 -45.10
CA ILE A 60 52.64 -2.66 -43.79
C ILE A 60 54.00 -1.94 -43.69
N SER A 61 53.94 -0.66 -43.31
CA SER A 61 55.08 0.24 -43.16
C SER A 61 56.17 -0.31 -42.24
N ASN A 62 57.43 -0.06 -42.58
CA ASN A 62 58.64 -0.45 -41.85
C ASN A 62 58.72 0.25 -40.46
N ARG A 63 57.85 1.23 -40.23
CA ARG A 63 57.78 2.00 -38.98
C ARG A 63 57.20 1.19 -37.82
N PHE A 64 56.46 0.10 -38.15
CA PHE A 64 55.87 -0.84 -37.20
C PHE A 64 56.81 -2.01 -37.01
N SER A 65 57.26 -2.20 -35.76
CA SER A 65 58.14 -3.31 -35.42
C SER A 65 57.65 -4.01 -34.15
N GLY A 66 57.86 -5.31 -34.11
CA GLY A 66 57.45 -6.14 -32.98
C GLY A 66 58.62 -6.82 -32.31
N SER A 67 58.51 -7.04 -31.01
CA SER A 67 59.55 -7.63 -30.17
C SER A 67 58.92 -8.41 -29.02
N LYS A 68 59.67 -9.36 -28.43
CA LYS A 68 59.23 -10.18 -27.30
C LYS A 68 60.38 -10.48 -26.34
N SER A 69 60.10 -10.45 -25.02
CA SER A 69 61.04 -10.78 -23.96
C SER A 69 60.25 -11.48 -22.85
N GLY A 70 60.48 -12.79 -22.70
CA GLY A 70 59.78 -13.63 -21.74
C GLY A 70 58.30 -13.70 -22.05
N ASN A 71 57.47 -13.24 -21.10
CA ASN A 71 56.01 -13.21 -21.18
C ASN A 71 55.48 -11.85 -21.68
N THR A 72 56.38 -10.97 -22.16
CA THR A 72 56.03 -9.63 -22.63
C THR A 72 56.36 -9.44 -24.09
N ALA A 73 55.38 -8.91 -24.85
CA ALA A 73 55.52 -8.56 -26.25
C ALA A 73 55.40 -7.03 -26.38
N SER A 74 56.06 -6.46 -27.39
CA SER A 74 56.05 -5.03 -27.61
C SER A 74 55.82 -4.68 -29.07
N LEU A 75 55.03 -3.62 -29.31
CA LEU A 75 54.83 -3.07 -30.63
C LEU A 75 55.40 -1.66 -30.60
N THR A 76 56.36 -1.38 -31.50
CA THR A 76 56.98 -0.08 -31.59
C THR A 76 56.55 0.60 -32.89
N ILE A 77 56.20 1.88 -32.78
CA ILE A 77 55.82 2.70 -33.93
C ILE A 77 56.81 3.85 -33.98
N SER A 78 57.65 3.87 -35.02
CA SER A 78 58.62 4.95 -35.22
C SER A 78 58.02 5.98 -36.17
N GLY A 79 58.47 7.23 -36.08
CA GLY A 79 57.97 8.31 -36.92
C GLY A 79 56.46 8.38 -36.95
N LEU A 80 55.84 8.50 -35.75
CA LEU A 80 54.40 8.54 -35.51
C LEU A 80 53.69 9.40 -36.54
N HIS A 81 52.64 8.86 -37.17
CA HIS A 81 51.86 9.57 -38.17
C HIS A 81 50.39 9.66 -37.72
N ILE A 82 49.69 10.73 -38.14
CA ILE A 82 48.28 11.06 -37.93
C ILE A 82 47.37 9.83 -38.22
N GLU A 83 47.72 9.04 -39.23
CA GLU A 83 46.98 7.86 -39.69
C GLU A 83 47.25 6.61 -38.85
N ASP A 84 48.12 6.69 -37.84
CA ASP A 84 48.42 5.58 -36.92
C ASP A 84 47.46 5.60 -35.71
N GLU A 85 46.68 6.68 -35.54
CA GLU A 85 45.69 6.83 -34.47
C GLU A 85 44.65 5.71 -34.55
N GLY A 86 44.36 5.12 -33.41
CA GLY A 86 43.36 4.08 -33.25
C GLY A 86 43.66 3.21 -32.05
N ASP A 87 42.97 2.08 -31.98
CA ASP A 87 43.12 1.10 -30.92
C ASP A 87 43.94 -0.05 -31.43
N TYR A 88 44.93 -0.45 -30.63
CA TYR A 88 45.86 -1.52 -30.97
C TYR A 88 45.69 -2.71 -30.06
N PHE A 89 45.50 -3.90 -30.65
CA PHE A 89 45.30 -5.13 -29.89
C PHE A 89 46.34 -6.19 -30.17
N CYS A 90 46.91 -6.74 -29.13
CA CYS A 90 47.83 -7.85 -29.27
C CYS A 90 47.03 -9.10 -29.14
N SER A 91 47.48 -10.14 -29.81
CA SER A 91 46.83 -11.41 -29.75
C SER A 91 47.91 -12.50 -29.67
N SER A 92 47.56 -13.62 -29.07
CA SER A 92 48.44 -14.75 -28.99
C SER A 92 47.70 -16.07 -29.11
N LEU A 93 48.41 -17.06 -29.63
CA LEU A 93 47.98 -18.45 -29.66
C LEU A 93 48.15 -18.99 -28.20
N THR A 94 47.23 -19.87 -27.77
CA THR A 94 47.19 -20.52 -26.45
C THR A 94 47.66 -21.96 -26.60
N ASP A 95 48.15 -22.58 -25.51
CA ASP A 95 48.58 -23.98 -25.48
C ASP A 95 47.39 -24.95 -25.69
N ARG A 96 46.15 -24.41 -25.69
CA ARG A 96 44.87 -25.10 -25.91
C ARG A 96 44.35 -24.90 -27.34
N SER A 97 45.16 -24.24 -28.19
CA SER A 97 44.88 -23.90 -29.59
C SER A 97 43.80 -22.81 -29.75
N HIS A 98 43.59 -22.06 -28.68
CA HIS A 98 42.71 -20.90 -28.61
C HIS A 98 43.53 -19.65 -29.04
N ARG A 99 42.85 -18.50 -29.11
CA ARG A 99 43.45 -17.19 -29.36
C ARG A 99 43.04 -16.33 -28.17
N ILE A 100 43.97 -15.56 -27.63
CA ILE A 100 43.72 -14.64 -26.51
C ILE A 100 44.10 -13.25 -27.02
N PHE A 101 43.24 -12.25 -26.80
CA PHE A 101 43.53 -10.86 -27.15
C PHE A 101 43.83 -10.05 -25.90
N GLY A 102 44.52 -8.94 -26.09
CA GLY A 102 44.82 -7.98 -25.05
C GLY A 102 43.63 -7.06 -24.91
N GLY A 103 43.66 -6.20 -23.90
CA GLY A 103 42.57 -5.26 -23.64
C GLY A 103 42.47 -4.11 -24.63
N GLY A 104 43.58 -3.78 -25.27
CA GLY A 104 43.65 -2.69 -26.23
C GLY A 104 44.33 -1.45 -25.70
N THR A 105 44.94 -0.68 -26.62
CA THR A 105 45.63 0.57 -26.30
C THR A 105 45.16 1.61 -27.27
N LYS A 106 44.64 2.74 -26.75
CA LYS A 106 44.25 3.85 -27.61
C LYS A 106 45.56 4.62 -27.88
N VAL A 107 45.90 4.79 -29.15
CA VAL A 107 47.08 5.49 -29.60
C VAL A 107 46.59 6.83 -30.13
N THR A 108 47.07 7.91 -29.48
CA THR A 108 46.75 9.28 -29.86
C THR A 108 48.02 9.92 -30.40
N VAL A 109 47.90 10.62 -31.53
CA VAL A 109 48.98 11.34 -32.17
C VAL A 109 48.57 12.76 -31.88
N LEU A 110 49.19 13.35 -30.82
CA LEU A 110 48.90 14.69 -30.31
C LEU A 110 48.84 15.80 -31.34
N GLY A 111 47.66 16.37 -31.52
CA GLY A 111 47.41 17.46 -32.47
C GLY A 111 47.00 18.76 -31.84
N GLN A 112 46.98 18.79 -30.51
CA GLN A 112 46.66 19.94 -29.69
C GLN A 112 47.22 19.70 -28.29
N PRO A 113 47.36 20.75 -27.42
CA PRO A 113 47.92 20.50 -26.08
C PRO A 113 46.98 19.65 -25.22
N LYS A 114 47.57 18.79 -24.39
CA LYS A 114 46.87 17.92 -23.47
C LYS A 114 46.08 18.80 -22.49
N ALA A 115 44.84 18.37 -22.17
CA ALA A 115 43.96 19.07 -21.25
C ALA A 115 43.41 18.10 -20.25
N ALA A 116 43.40 18.48 -18.98
CA ALA A 116 42.83 17.66 -17.92
C ALA A 116 41.34 17.86 -17.96
N PRO A 117 40.54 16.90 -17.46
CA PRO A 117 39.09 17.07 -17.53
C PRO A 117 38.51 18.04 -16.52
N SER A 118 37.35 18.59 -16.87
CA SER A 118 36.51 19.41 -15.99
C SER A 118 35.44 18.41 -15.54
N VAL A 119 35.31 18.21 -14.23
CA VAL A 119 34.38 17.25 -13.64
C VAL A 119 33.23 17.99 -12.91
N THR A 120 31.99 17.72 -13.31
CA THR A 120 30.80 18.26 -12.68
C THR A 120 29.97 17.05 -12.20
N LEU A 121 29.72 16.99 -10.91
CA LEU A 121 28.96 15.92 -10.30
C LEU A 121 27.60 16.45 -9.84
N PHE A 122 26.52 15.88 -10.38
CA PHE A 122 25.15 16.24 -10.03
C PHE A 122 24.54 15.23 -9.11
N PRO A 123 23.96 15.66 -7.98
CA PRO A 123 23.27 14.69 -7.11
C PRO A 123 21.89 14.34 -7.73
N PRO A 124 21.13 13.33 -7.23
CA PRO A 124 19.79 13.12 -7.78
C PRO A 124 18.93 14.37 -7.58
N SER A 125 18.12 14.75 -8.59
CA SER A 125 17.20 15.89 -8.48
C SER A 125 16.04 15.45 -7.57
N SER A 126 15.35 16.43 -6.95
CA SER A 126 14.18 16.16 -6.11
C SER A 126 13.04 15.55 -6.93
N GLU A 127 12.97 15.89 -8.24
CA GLU A 127 11.98 15.34 -9.18
C GLU A 127 12.20 13.84 -9.33
N GLU A 128 13.47 13.40 -9.47
CA GLU A 128 13.79 11.98 -9.61
C GLU A 128 13.52 11.21 -8.33
N LEU A 129 13.91 11.78 -7.18
CA LEU A 129 13.69 11.17 -5.88
C LEU A 129 12.21 10.93 -5.62
N GLN A 130 11.35 11.87 -6.07
CA GLN A 130 9.89 11.75 -5.96
C GLN A 130 9.32 10.70 -6.93
N ALA A 131 10.10 10.31 -7.94
CA ALA A 131 9.72 9.26 -8.91
C ALA A 131 10.25 7.88 -8.42
N ASN A 132 10.77 7.83 -7.17
CA ASN A 132 11.35 6.66 -6.51
C ASN A 132 12.57 6.10 -7.25
N LYS A 133 13.38 7.02 -7.80
CA LYS A 133 14.62 6.70 -8.51
C LYS A 133 15.65 7.69 -8.04
N ALA A 134 16.93 7.36 -8.21
CA ALA A 134 18.06 8.22 -7.86
C ALA A 134 19.23 7.90 -8.77
N THR A 135 19.81 8.96 -9.39
CA THR A 135 20.95 8.86 -10.26
C THR A 135 21.88 10.00 -9.99
N LEU A 136 23.15 9.67 -9.72
CA LEU A 136 24.26 10.60 -9.57
C LEU A 136 24.89 10.69 -10.95
N VAL A 137 25.06 11.89 -11.48
CA VAL A 137 25.53 12.12 -12.84
C VAL A 137 26.87 12.84 -12.78
N CYS A 138 27.90 12.19 -13.29
CA CYS A 138 29.24 12.74 -13.32
C CYS A 138 29.60 13.12 -14.76
N LEU A 139 29.78 14.44 -15.04
CA LEU A 139 30.12 14.87 -16.39
C LEU A 139 31.55 15.26 -16.45
N ILE A 140 32.30 14.60 -17.36
CA ILE A 140 33.72 14.72 -17.61
C ILE A 140 33.93 15.34 -18.99
N SER A 141 34.49 16.53 -19.04
CA SER A 141 34.59 17.20 -20.33
C SER A 141 35.89 17.91 -20.54
N ASP A 142 36.12 18.27 -21.81
CA ASP A 142 37.27 19.04 -22.31
C ASP A 142 38.62 18.43 -22.02
N PHE A 143 38.72 17.11 -22.00
CA PHE A 143 40.02 16.48 -21.76
C PHE A 143 40.66 16.00 -23.07
N TYR A 144 41.97 15.87 -23.08
CA TYR A 144 42.71 15.40 -24.24
C TYR A 144 44.05 14.81 -23.76
N PRO A 145 44.42 13.57 -24.13
CA PRO A 145 43.72 12.59 -25.00
C PRO A 145 42.41 12.03 -24.45
N GLY A 146 41.61 11.43 -25.33
CA GLY A 146 40.33 10.84 -24.98
C GLY A 146 40.35 9.50 -24.28
N ALA A 147 40.95 9.49 -23.07
CA ALA A 147 41.03 8.31 -22.21
C ALA A 147 41.04 8.75 -20.77
N VAL A 148 40.08 8.28 -19.96
CA VAL A 148 39.96 8.54 -18.52
C VAL A 148 39.54 7.27 -17.79
N THR A 149 39.81 7.22 -16.49
CA THR A 149 39.35 6.18 -15.59
C THR A 149 38.38 6.83 -14.59
N VAL A 150 37.15 6.29 -14.46
CA VAL A 150 36.14 6.80 -13.53
C VAL A 150 35.86 5.81 -12.40
N ALA A 151 36.00 6.26 -11.16
CA ALA A 151 35.74 5.45 -9.97
C ALA A 151 34.76 6.16 -9.03
N TRP A 152 33.82 5.39 -8.45
CA TRP A 152 32.83 5.90 -7.52
C TRP A 152 33.09 5.40 -6.12
N LYS A 153 32.77 6.22 -5.13
CA LYS A 153 32.88 5.89 -3.71
C LYS A 153 31.60 6.31 -2.99
N ALA A 154 31.09 5.45 -2.09
CA ALA A 154 29.95 5.70 -1.19
C ALA A 154 30.70 5.86 0.12
N ASP A 155 30.69 7.10 0.66
CA ASP A 155 31.45 7.53 1.84
C ASP A 155 32.92 7.50 1.38
N SER A 156 33.74 6.60 1.93
CA SER A 156 35.13 6.44 1.52
C SER A 156 35.37 5.10 0.80
N SER A 157 34.43 4.15 0.94
CA SER A 157 34.49 2.83 0.33
C SER A 157 34.06 2.84 -1.14
N PRO A 158 34.75 2.10 -2.03
CA PRO A 158 34.38 2.13 -3.45
C PRO A 158 33.13 1.33 -3.79
N VAL A 159 32.43 1.75 -4.86
CA VAL A 159 31.21 1.11 -5.33
C VAL A 159 31.26 0.78 -6.82
N LYS A 160 31.16 -0.51 -7.14
CA LYS A 160 31.19 -0.98 -8.53
C LYS A 160 29.78 -1.33 -9.06
N ALA A 161 28.83 -1.63 -8.14
CA ALA A 161 27.46 -1.92 -8.53
C ALA A 161 26.72 -0.64 -8.92
N GLY A 162 25.93 -0.72 -9.98
CA GLY A 162 25.11 0.37 -10.49
C GLY A 162 25.81 1.46 -11.26
N VAL A 163 27.08 1.23 -11.67
CA VAL A 163 27.91 2.17 -12.41
C VAL A 163 27.88 1.90 -13.91
N GLU A 164 27.64 2.96 -14.70
CA GLU A 164 27.58 2.95 -16.17
C GLU A 164 28.33 4.18 -16.63
N THR A 165 29.41 3.98 -17.39
CA THR A 165 30.30 5.01 -17.93
C THR A 165 30.30 4.95 -19.46
N THR A 166 30.26 6.10 -20.16
CA THR A 166 30.31 6.16 -21.61
C THR A 166 31.78 6.15 -22.05
N THR A 167 32.03 5.83 -23.31
CA THR A 167 33.34 5.86 -23.91
C THR A 167 33.52 7.32 -24.37
N PRO A 168 34.68 7.94 -24.13
CA PRO A 168 34.86 9.34 -24.56
C PRO A 168 34.57 9.55 -26.04
N SER A 169 33.92 10.66 -26.39
CA SER A 169 33.62 11.04 -27.78
C SER A 169 34.03 12.48 -28.00
N LYS A 170 34.39 12.88 -29.24
CA LYS A 170 34.78 14.29 -29.47
C LYS A 170 33.65 15.30 -29.21
N GLN A 171 33.94 16.40 -28.53
CA GLN A 171 32.91 17.37 -28.16
C GLN A 171 32.82 18.60 -29.07
N SER A 172 32.90 18.37 -30.41
CA SER A 172 32.84 19.37 -31.47
C SER A 172 34.12 20.20 -31.57
N ASN A 173 34.65 20.73 -30.43
CA ASN A 173 35.89 21.51 -30.34
C ASN A 173 37.15 20.64 -30.26
N ASN A 174 37.04 19.42 -30.79
CA ASN A 174 38.09 18.42 -30.86
C ASN A 174 38.57 17.83 -29.55
N LYS A 175 38.08 18.31 -28.40
CA LYS A 175 38.42 17.72 -27.10
C LYS A 175 37.40 16.57 -26.85
N TYR A 176 37.68 15.65 -25.91
CA TYR A 176 36.75 14.55 -25.63
C TYR A 176 35.96 14.77 -24.35
N ALA A 177 34.74 14.24 -24.29
CA ALA A 177 33.82 14.26 -23.16
C ALA A 177 33.32 12.87 -22.86
N ALA A 178 32.99 12.61 -21.59
CA ALA A 178 32.45 11.33 -21.14
C ALA A 178 31.53 11.58 -19.96
N SER A 179 30.71 10.59 -19.63
CA SER A 179 29.81 10.70 -18.52
C SER A 179 29.70 9.37 -17.79
N SER A 180 29.49 9.42 -16.47
CA SER A 180 29.36 8.23 -15.65
C SER A 180 28.17 8.41 -14.72
N TYR A 181 27.39 7.33 -14.53
CA TYR A 181 26.18 7.36 -13.73
C TYR A 181 26.25 6.33 -12.66
N LEU A 182 25.77 6.69 -11.46
CA LEU A 182 25.64 5.79 -10.33
C LEU A 182 24.15 5.76 -9.98
N SER A 183 23.50 4.63 -10.31
CA SER A 183 22.10 4.43 -10.03
C SER A 183 21.92 3.84 -8.65
N LEU A 184 21.03 4.45 -7.86
CA LEU A 184 20.72 4.06 -6.49
C LEU A 184 19.22 4.09 -6.28
N THR A 185 18.77 3.53 -5.17
CA THR A 185 17.38 3.63 -4.72
C THR A 185 17.38 4.95 -3.89
N PRO A 186 16.25 5.67 -3.72
CA PRO A 186 16.28 6.89 -2.87
C PRO A 186 16.76 6.62 -1.43
N GLU A 187 16.54 5.38 -0.96
CA GLU A 187 16.92 4.88 0.37
C GLU A 187 18.44 4.74 0.52
N GLN A 188 19.13 4.17 -0.48
CA GLN A 188 20.59 4.02 -0.47
C GLN A 188 21.26 5.39 -0.42
N TRP A 189 20.73 6.34 -1.20
CA TRP A 189 21.21 7.72 -1.33
C TRP A 189 21.19 8.43 0.01
N LYS A 190 20.13 8.24 0.78
CA LYS A 190 19.98 8.87 2.09
C LYS A 190 20.71 8.09 3.21
N SER A 191 21.08 6.81 2.96
CA SER A 191 21.79 5.94 3.92
C SER A 191 23.30 6.23 4.08
N HIS A 192 23.96 6.88 3.11
CA HIS A 192 25.39 7.19 3.20
C HIS A 192 25.61 8.72 3.31
N LYS A 193 26.68 9.16 4.00
CA LYS A 193 26.97 10.57 4.29
C LYS A 193 27.46 11.36 3.08
N SER A 194 28.17 10.70 2.16
CA SER A 194 28.65 11.32 0.94
C SER A 194 28.82 10.28 -0.18
N TYR A 195 28.97 10.78 -1.40
CA TYR A 195 29.23 10.04 -2.62
C TYR A 195 30.29 10.80 -3.41
N SER A 196 31.26 10.09 -4.00
CA SER A 196 32.33 10.70 -4.79
C SER A 196 32.51 10.11 -6.17
N CYS A 197 32.84 10.97 -7.14
CA CYS A 197 33.18 10.63 -8.51
C CYS A 197 34.67 11.02 -8.63
N GLN A 198 35.52 10.03 -8.86
CA GLN A 198 36.97 10.18 -8.98
C GLN A 198 37.41 9.92 -10.45
N VAL A 199 37.97 10.93 -11.10
CA VAL A 199 38.38 10.82 -12.50
C VAL A 199 39.90 10.92 -12.61
N THR A 200 40.50 9.94 -13.27
CA THR A 200 41.94 9.87 -13.49
C THR A 200 42.24 10.07 -14.96
N HIS A 201 43.12 11.02 -15.26
CA HIS A 201 43.55 11.35 -16.63
C HIS A 201 45.04 11.65 -16.59
N GLU A 202 45.84 10.90 -17.38
CA GLU A 202 47.28 11.10 -17.50
C GLU A 202 47.97 11.11 -16.11
N GLY A 203 47.62 10.12 -15.27
CA GLY A 203 48.16 9.96 -13.93
C GLY A 203 47.67 10.96 -12.88
N SER A 204 46.99 12.05 -13.30
CA SER A 204 46.45 13.05 -12.37
C SER A 204 44.98 12.75 -12.07
N THR A 205 44.52 13.10 -10.86
CA THR A 205 43.16 12.80 -10.42
C THR A 205 42.37 13.99 -9.88
N VAL A 206 41.08 14.05 -10.24
CA VAL A 206 40.09 15.02 -9.76
C VAL A 206 39.01 14.22 -9.02
N GLU A 207 38.64 14.65 -7.81
CA GLU A 207 37.55 14.00 -7.09
C GLU A 207 36.54 15.04 -6.61
N LYS A 208 35.26 14.90 -6.99
CA LYS A 208 34.19 15.77 -6.53
C LYS A 208 33.32 14.95 -5.61
N THR A 209 32.77 15.59 -4.58
CA THR A 209 31.93 14.95 -3.59
C THR A 209 30.60 15.67 -3.44
N VAL A 210 29.50 14.89 -3.32
CA VAL A 210 28.15 15.37 -3.05
C VAL A 210 27.59 14.67 -1.81
N ALA A 211 26.75 15.36 -1.05
CA ALA A 211 26.16 14.77 0.14
C ALA A 211 24.65 14.92 0.12
N PRO A 212 23.89 13.94 0.67
CA PRO A 212 22.44 14.13 0.81
C PRO A 212 22.15 15.33 1.75
N THR A 213 21.77 16.45 1.14
CA THR A 213 21.48 17.73 1.79
C THR A 213 20.14 18.27 1.27
N GLU B 2 40.03 -9.84 -51.25
CA GLU B 2 39.44 -10.84 -50.35
C GLU B 2 38.54 -10.07 -49.43
N GLN B 3 37.30 -10.54 -49.29
CA GLN B 3 36.29 -9.85 -48.50
C GLN B 3 35.55 -10.80 -47.60
N LEU B 4 35.02 -10.27 -46.50
CA LEU B 4 34.19 -10.96 -45.54
C LEU B 4 33.02 -10.04 -45.17
N VAL B 5 31.77 -10.49 -45.44
CA VAL B 5 30.57 -9.70 -45.16
C VAL B 5 29.61 -10.37 -44.17
N GLU B 6 29.50 -9.77 -42.94
CA GLU B 6 28.65 -10.30 -41.88
C GLU B 6 27.23 -9.82 -41.98
N SER B 7 26.27 -10.66 -41.56
CA SER B 7 24.83 -10.39 -41.55
C SER B 7 24.14 -11.17 -40.41
N GLY B 8 22.88 -10.86 -40.17
CA GLY B 8 22.08 -11.50 -39.14
C GLY B 8 21.87 -10.70 -37.88
N GLY B 9 22.74 -9.72 -37.63
CA GLY B 9 22.64 -8.88 -36.44
C GLY B 9 21.43 -7.95 -36.44
N GLY B 10 21.13 -7.43 -35.25
CA GLY B 10 20.05 -6.49 -34.99
C GLY B 10 19.63 -6.52 -33.53
N VAL B 11 18.37 -6.06 -33.26
CA VAL B 11 17.79 -6.08 -31.91
C VAL B 11 17.05 -7.38 -31.71
N VAL B 12 17.46 -8.16 -30.72
CA VAL B 12 16.84 -9.45 -30.39
C VAL B 12 16.56 -9.50 -28.90
N GLN B 13 15.53 -10.25 -28.52
CA GLN B 13 15.08 -10.39 -27.14
C GLN B 13 15.86 -11.48 -26.37
N PRO B 14 16.17 -11.30 -25.06
CA PRO B 14 16.91 -12.33 -24.31
C PRO B 14 16.19 -13.67 -24.19
N GLY B 15 16.95 -14.75 -24.16
CA GLY B 15 16.43 -16.11 -24.09
C GLY B 15 16.10 -16.69 -25.45
N GLY B 16 16.28 -15.86 -26.49
CA GLY B 16 16.02 -16.28 -27.86
C GLY B 16 17.24 -16.83 -28.57
N SER B 17 17.01 -17.43 -29.74
CA SER B 17 18.05 -17.99 -30.60
C SER B 17 18.40 -17.01 -31.73
N LEU B 18 19.67 -17.05 -32.21
CA LEU B 18 20.12 -16.15 -33.27
C LEU B 18 21.22 -16.75 -34.07
N ARG B 19 21.10 -16.68 -35.39
CA ARG B 19 22.12 -17.15 -36.31
C ARG B 19 22.73 -15.99 -37.08
N LEU B 20 24.08 -15.84 -36.94
CA LEU B 20 24.89 -14.88 -37.65
C LEU B 20 25.54 -15.60 -38.83
N SER B 21 25.75 -14.89 -39.95
CA SER B 21 26.35 -15.43 -41.17
C SER B 21 27.50 -14.53 -41.60
N CYS B 22 28.39 -15.07 -42.40
CA CYS B 22 29.53 -14.34 -42.92
C CYS B 22 29.86 -14.97 -44.24
N LEU B 23 29.66 -14.23 -45.33
CA LEU B 23 29.90 -14.62 -46.70
C LEU B 23 31.29 -14.13 -47.13
N ALA B 24 32.10 -15.06 -47.58
CA ALA B 24 33.46 -14.81 -48.08
C ALA B 24 33.49 -14.70 -49.59
N SER B 25 34.42 -13.87 -50.11
CA SER B 25 34.66 -13.69 -51.54
C SER B 25 36.12 -13.29 -51.81
N GLY B 26 36.63 -13.60 -53.02
CA GLY B 26 37.98 -13.26 -53.43
C GLY B 26 39.10 -14.18 -52.99
N PHE B 27 38.76 -15.36 -52.45
CA PHE B 27 39.68 -16.41 -52.01
C PHE B 27 38.97 -17.78 -51.95
N THR B 28 39.73 -18.89 -51.93
CA THR B 28 39.11 -20.21 -51.85
C THR B 28 38.84 -20.61 -50.37
N PHE B 29 37.65 -20.25 -49.91
CA PHE B 29 37.10 -20.40 -48.57
C PHE B 29 37.43 -21.70 -47.83
N HIS B 30 37.24 -22.85 -48.46
CA HIS B 30 37.46 -24.15 -47.83
C HIS B 30 38.92 -24.46 -47.45
N LYS B 31 39.89 -23.72 -48.02
CA LYS B 31 41.30 -23.91 -47.73
C LYS B 31 41.74 -23.25 -46.41
N TYR B 32 40.87 -22.42 -45.81
CA TYR B 32 41.22 -21.66 -44.61
C TYR B 32 40.38 -21.88 -43.37
N GLY B 33 41.02 -21.68 -42.22
CA GLY B 33 40.36 -21.66 -40.92
C GLY B 33 39.67 -20.32 -40.75
N MET B 34 38.60 -20.27 -39.97
CA MET B 34 37.84 -19.06 -39.80
C MET B 34 37.49 -18.84 -38.33
N HIS B 35 37.50 -17.58 -37.90
CA HIS B 35 37.21 -17.20 -36.53
C HIS B 35 36.00 -16.26 -36.43
N TRP B 36 35.48 -16.17 -35.21
CA TRP B 36 34.49 -15.20 -34.79
C TRP B 36 35.15 -14.48 -33.62
N VAL B 37 35.13 -13.16 -33.66
CA VAL B 37 35.71 -12.27 -32.66
C VAL B 37 34.57 -11.27 -32.29
N ARG B 38 34.34 -11.03 -31.00
CA ARG B 38 33.32 -10.08 -30.58
C ARG B 38 33.97 -8.86 -29.93
N GLN B 39 33.22 -7.78 -29.88
CA GLN B 39 33.64 -6.55 -29.26
C GLN B 39 32.40 -5.93 -28.58
N ALA B 40 32.31 -6.06 -27.23
CA ALA B 40 31.23 -5.46 -26.40
C ALA B 40 31.41 -3.91 -26.42
N PRO B 41 30.32 -3.09 -26.31
CA PRO B 41 30.47 -1.61 -26.43
C PRO B 41 31.51 -0.94 -25.54
N GLY B 42 32.39 -0.19 -26.22
CA GLY B 42 33.53 0.50 -25.63
C GLY B 42 34.59 -0.43 -25.09
N LYS B 43 34.50 -1.74 -25.41
CA LYS B 43 35.43 -2.76 -24.91
C LYS B 43 36.37 -3.28 -25.99
N GLY B 44 37.31 -4.14 -25.58
CA GLY B 44 38.30 -4.69 -26.50
C GLY B 44 37.84 -5.88 -27.32
N LEU B 45 38.72 -6.35 -28.22
CA LEU B 45 38.44 -7.50 -29.09
C LEU B 45 38.53 -8.76 -28.26
N GLU B 46 37.57 -9.67 -28.43
CA GLU B 46 37.51 -10.88 -27.64
C GLU B 46 37.23 -12.06 -28.57
N TRP B 47 38.16 -13.00 -28.65
CA TRP B 47 38.08 -14.19 -29.47
C TRP B 47 36.90 -15.07 -28.99
N VAL B 48 36.06 -15.53 -29.94
CA VAL B 48 34.88 -16.33 -29.63
C VAL B 48 35.13 -17.80 -29.99
N ALA B 49 35.50 -18.08 -31.26
CA ALA B 49 35.66 -19.45 -31.73
C ALA B 49 36.43 -19.53 -33.03
N LEU B 50 36.94 -20.71 -33.33
CA LEU B 50 37.69 -21.03 -34.54
C LEU B 50 37.16 -22.35 -35.05
N ILE B 51 37.02 -22.46 -36.38
CA ILE B 51 36.61 -23.67 -37.11
C ILE B 51 37.67 -23.96 -38.17
N SER B 52 38.07 -25.23 -38.28
CA SER B 52 39.06 -25.65 -39.27
C SER B 52 38.49 -25.57 -40.68
N ASP B 53 39.37 -25.53 -41.68
CA ASP B 53 39.02 -25.50 -43.09
C ASP B 53 37.90 -26.48 -43.48
N ASP B 54 37.99 -27.74 -42.99
CA ASP B 54 37.04 -28.84 -43.26
C ASP B 54 35.81 -28.83 -42.36
N GLY B 55 35.83 -28.00 -41.33
CA GLY B 55 34.73 -27.89 -40.38
C GLY B 55 34.71 -29.00 -39.35
N MET B 56 35.80 -29.78 -39.27
CA MET B 56 35.90 -30.93 -38.36
C MET B 56 36.47 -30.60 -36.99
N ARG B 57 37.31 -29.54 -36.88
CA ARG B 57 37.89 -29.11 -35.62
C ARG B 57 37.31 -27.73 -35.25
N LYS B 58 36.67 -27.64 -34.08
CA LYS B 58 36.05 -26.45 -33.56
C LYS B 58 36.60 -26.15 -32.17
N TYR B 59 36.89 -24.84 -31.90
CA TYR B 59 37.40 -24.40 -30.59
C TYR B 59 36.58 -23.24 -30.15
N HIS B 60 36.17 -23.21 -28.90
CA HIS B 60 35.35 -22.10 -28.38
C HIS B 60 35.98 -21.55 -27.13
N SER B 61 35.83 -20.24 -26.88
CA SER B 61 36.37 -19.64 -25.66
C SER B 61 35.58 -20.16 -24.45
N ASP B 62 36.17 -20.08 -23.26
CA ASP B 62 35.48 -20.56 -22.07
C ASP B 62 34.28 -19.68 -21.72
N SER B 63 34.33 -18.38 -22.07
CA SER B 63 33.25 -17.42 -21.84
C SER B 63 32.04 -17.65 -22.75
N MET B 64 32.25 -18.36 -23.86
CA MET B 64 31.21 -18.62 -24.87
C MET B 64 30.79 -20.07 -24.99
N TRP B 65 31.63 -21.01 -24.52
CA TRP B 65 31.30 -22.44 -24.54
C TRP B 65 29.93 -22.66 -23.87
N GLY B 66 29.07 -23.40 -24.55
CA GLY B 66 27.71 -23.70 -24.10
C GLY B 66 26.66 -22.75 -24.62
N ARG B 67 27.08 -21.52 -24.96
CA ARG B 67 26.19 -20.48 -25.50
C ARG B 67 26.16 -20.46 -27.04
N VAL B 68 27.34 -20.55 -27.66
CA VAL B 68 27.46 -20.45 -29.10
C VAL B 68 27.99 -21.72 -29.79
N THR B 69 27.62 -21.87 -31.08
CA THR B 69 28.08 -22.96 -31.93
C THR B 69 28.56 -22.38 -33.25
N ILE B 70 29.78 -22.76 -33.66
CA ILE B 70 30.42 -22.34 -34.92
C ILE B 70 30.20 -23.46 -35.96
N SER B 71 29.91 -23.08 -37.22
CA SER B 71 29.71 -24.00 -38.36
C SER B 71 30.09 -23.28 -39.66
N ARG B 72 30.22 -24.03 -40.75
CA ARG B 72 30.55 -23.48 -42.07
C ARG B 72 29.96 -24.30 -43.19
N ASP B 73 29.67 -23.69 -44.34
CA ASP B 73 29.15 -24.39 -45.52
C ASP B 73 30.12 -24.07 -46.66
N ASN B 74 31.09 -24.94 -46.85
CA ASN B 74 32.13 -24.80 -47.86
C ASN B 74 31.63 -24.77 -49.30
N SER B 75 30.35 -25.13 -49.52
CA SER B 75 29.69 -25.10 -50.85
C SER B 75 29.07 -23.73 -51.09
N LYS B 76 28.74 -22.98 -50.00
CA LYS B 76 28.12 -21.66 -50.05
C LYS B 76 29.05 -20.53 -49.60
N ASN B 77 30.35 -20.82 -49.33
CA ASN B 77 31.37 -19.82 -48.90
C ASN B 77 30.94 -19.00 -47.67
N THR B 78 30.24 -19.67 -46.73
CA THR B 78 29.64 -19.06 -45.55
C THR B 78 30.07 -19.65 -44.24
N LEU B 79 30.18 -18.80 -43.24
CA LEU B 79 30.56 -19.11 -41.88
C LEU B 79 29.36 -18.82 -41.05
N TYR B 80 29.14 -19.57 -39.99
CA TYR B 80 28.01 -19.27 -39.12
C TYR B 80 28.36 -19.24 -37.65
N LEU B 81 27.53 -18.57 -36.87
CA LEU B 81 27.60 -18.55 -35.42
C LEU B 81 26.16 -18.63 -34.95
N GLN B 82 25.83 -19.72 -34.22
CA GLN B 82 24.48 -19.96 -33.73
C GLN B 82 24.40 -19.74 -32.22
N PHE B 83 23.43 -18.93 -31.79
CA PHE B 83 23.14 -18.63 -30.39
C PHE B 83 21.89 -19.36 -29.95
N SER B 84 21.94 -19.95 -28.78
CA SER B 84 20.82 -20.59 -28.10
C SER B 84 20.71 -19.67 -26.90
N SER B 85 19.47 -19.41 -26.42
CA SER B 85 19.21 -18.56 -25.25
C SER B 85 20.20 -17.36 -25.07
N LEU B 86 19.94 -16.25 -25.79
CA LEU B 86 20.73 -15.02 -25.71
C LEU B 86 20.58 -14.37 -24.33
N LYS B 87 21.62 -13.67 -23.88
CA LYS B 87 21.66 -12.96 -22.61
C LYS B 87 21.97 -11.48 -22.88
N VAL B 88 21.42 -10.57 -22.05
CA VAL B 88 21.61 -9.10 -22.21
C VAL B 88 23.09 -8.69 -22.30
N GLU B 89 23.98 -9.52 -21.73
CA GLU B 89 25.44 -9.33 -21.72
C GLU B 89 26.11 -9.76 -23.05
N ASP B 90 25.36 -10.45 -23.95
CA ASP B 90 25.86 -10.90 -25.26
C ASP B 90 25.95 -9.77 -26.29
N THR B 91 25.43 -8.57 -25.92
CA THR B 91 25.40 -7.36 -26.74
C THR B 91 26.85 -7.04 -27.14
N ALA B 92 27.11 -7.03 -28.45
CA ALA B 92 28.43 -6.81 -29.02
C ALA B 92 28.36 -6.74 -30.53
N MET B 93 29.46 -6.29 -31.10
CA MET B 93 29.75 -6.33 -32.51
C MET B 93 30.44 -7.71 -32.69
N PHE B 94 30.06 -8.43 -33.73
CA PHE B 94 30.61 -9.73 -34.10
C PHE B 94 31.38 -9.64 -35.40
N PHE B 95 32.69 -9.87 -35.34
CA PHE B 95 33.59 -9.82 -36.48
C PHE B 95 33.94 -11.21 -36.95
N CYS B 96 34.01 -11.35 -38.24
CA CYS B 96 34.37 -12.55 -38.98
C CYS B 96 35.79 -12.32 -39.44
N ALA B 97 36.69 -13.23 -39.09
CA ALA B 97 38.09 -13.08 -39.44
C ALA B 97 38.62 -14.40 -40.01
N ARG B 98 39.33 -14.32 -41.09
CA ARG B 98 39.98 -15.46 -41.72
C ARG B 98 41.30 -15.74 -40.96
N GLU B 99 41.63 -17.03 -40.71
CA GLU B 99 42.90 -17.45 -40.15
C GLU B 99 43.84 -17.55 -41.34
N ALA B 100 45.00 -16.83 -41.27
CA ALA B 100 45.99 -16.83 -42.34
C ALA B 100 46.56 -18.24 -42.48
N GLY B 101 46.80 -18.67 -43.69
CA GLY B 101 47.32 -20.01 -43.95
C GLY B 101 47.90 -20.22 -45.34
N GLY B 102 48.59 -21.34 -45.47
CA GLY B 102 49.19 -21.79 -46.73
C GLY B 102 50.20 -22.89 -46.50
N PRO B 103 51.08 -23.13 -47.51
CA PRO B 103 52.10 -24.17 -47.35
C PRO B 103 53.24 -23.72 -46.43
N ILE B 104 53.99 -24.69 -45.90
CA ILE B 104 55.17 -24.40 -45.08
C ILE B 104 56.36 -24.55 -46.05
N TRP B 105 57.26 -23.57 -46.04
CA TRP B 105 58.43 -23.60 -46.91
C TRP B 105 59.67 -24.15 -46.18
N HIS B 106 60.42 -25.03 -46.86
CA HIS B 106 61.67 -25.61 -46.34
C HIS B 106 62.64 -25.93 -47.47
N ASP B 107 63.73 -25.14 -47.54
CA ASP B 107 64.78 -25.19 -48.56
C ASP B 107 64.18 -24.92 -49.97
N ASP B 108 63.35 -23.85 -50.07
CA ASP B 108 62.63 -23.41 -51.28
C ASP B 108 61.68 -24.49 -51.87
N VAL B 109 61.06 -25.28 -50.97
CA VAL B 109 60.11 -26.36 -51.28
C VAL B 109 58.81 -26.11 -50.49
N LYS B 110 57.67 -26.07 -51.19
CA LYS B 110 56.35 -25.87 -50.62
C LYS B 110 55.82 -27.18 -50.00
N TYR B 111 55.47 -27.17 -48.71
CA TYR B 111 54.94 -28.35 -48.04
C TYR B 111 53.49 -28.12 -47.59
N ASP B 113 49.67 -29.88 -46.03
CA ASP B 113 49.19 -30.86 -45.07
C ASP B 113 48.48 -31.94 -45.90
N PHE B 114 47.99 -33.02 -45.25
CA PHE B 114 47.24 -34.11 -45.90
C PHE B 114 46.08 -33.53 -46.68
N ASN B 115 45.80 -34.13 -47.85
CA ASN B 115 44.72 -33.70 -48.75
C ASN B 115 44.80 -32.22 -49.16
N ASP B 116 46.01 -31.79 -49.61
CA ASP B 116 46.38 -30.43 -50.08
C ASP B 116 46.09 -29.30 -49.09
N GLY B 117 45.85 -29.65 -47.83
CA GLY B 117 45.52 -28.70 -46.80
C GLY B 117 46.60 -27.67 -46.51
N TYR B 118 46.15 -26.53 -46.00
CA TYR B 118 47.00 -25.46 -45.59
C TYR B 118 47.32 -25.61 -44.12
N TYR B 119 48.46 -25.03 -43.75
CA TYR B 119 48.90 -24.96 -42.37
C TYR B 119 48.46 -23.55 -41.89
N ASN B 120 48.04 -23.40 -40.62
CA ASN B 120 47.68 -22.11 -40.01
C ASN B 120 48.93 -21.31 -39.73
N TYR B 121 48.86 -20.00 -39.98
CA TYR B 121 49.97 -19.07 -39.80
C TYR B 121 49.92 -18.32 -38.47
N HIS B 122 48.85 -18.51 -37.69
CA HIS B 122 48.61 -17.93 -36.36
C HIS B 122 48.46 -16.40 -36.31
N TYR B 123 47.68 -15.87 -37.25
CA TYR B 123 47.28 -14.47 -37.35
C TYR B 123 46.05 -14.37 -38.24
N MET B 124 45.23 -13.34 -38.01
CA MET B 124 43.98 -13.12 -38.74
C MET B 124 44.23 -12.04 -39.78
N ASP B 125 44.29 -12.44 -41.06
CA ASP B 125 44.69 -11.55 -42.17
C ASP B 125 43.60 -10.80 -42.91
N VAL B 126 42.34 -11.29 -42.83
CA VAL B 126 41.19 -10.69 -43.47
C VAL B 126 40.14 -10.58 -42.39
N TRP B 127 39.51 -9.43 -42.29
CA TRP B 127 38.48 -9.11 -41.32
C TRP B 127 37.29 -8.48 -42.04
N GLY B 128 36.12 -8.73 -41.50
CA GLY B 128 34.90 -8.09 -41.96
C GLY B 128 34.67 -6.83 -41.13
N LYS B 129 33.65 -6.03 -41.50
CA LYS B 129 33.28 -4.79 -40.80
C LYS B 129 32.42 -5.02 -39.57
N GLY B 130 31.94 -6.22 -39.39
CA GLY B 130 31.14 -6.60 -38.21
C GLY B 130 29.64 -6.47 -38.40
N THR B 131 28.91 -7.23 -37.59
CA THR B 131 27.45 -7.22 -37.45
C THR B 131 27.14 -7.07 -35.96
N THR B 132 26.26 -6.13 -35.63
CA THR B 132 25.96 -5.82 -34.24
C THR B 132 24.73 -6.56 -33.71
N VAL B 133 24.87 -7.16 -32.51
CA VAL B 133 23.81 -7.88 -31.81
C VAL B 133 23.46 -7.09 -30.55
N THR B 134 22.18 -6.63 -30.43
CA THR B 134 21.72 -5.86 -29.24
C THR B 134 20.63 -6.64 -28.59
N VAL B 135 20.93 -7.22 -27.42
CA VAL B 135 20.00 -8.05 -26.67
C VAL B 135 19.22 -7.17 -25.70
N SER B 136 17.90 -6.97 -25.95
CA SER B 136 17.00 -6.17 -25.11
C SER B 136 15.57 -6.64 -25.18
N SER B 137 14.94 -6.73 -24.01
CA SER B 137 13.56 -7.17 -23.80
C SER B 137 12.54 -6.02 -23.98
N ALA B 138 13.04 -4.78 -24.02
CA ALA B 138 12.27 -3.55 -24.13
C ALA B 138 11.52 -3.35 -25.43
N SER B 139 10.42 -2.58 -25.33
CA SER B 139 9.49 -2.17 -26.39
C SER B 139 9.54 -0.65 -26.43
N THR B 140 8.90 0.01 -27.42
CA THR B 140 8.96 1.47 -27.50
C THR B 140 8.50 2.13 -26.21
N LYS B 141 9.33 3.01 -25.69
CA LYS B 141 9.11 3.72 -24.44
C LYS B 141 9.67 5.11 -24.56
N GLY B 142 8.94 6.08 -24.05
CA GLY B 142 9.33 7.47 -24.07
C GLY B 142 10.23 7.78 -22.88
N PRO B 143 11.05 8.83 -22.93
CA PRO B 143 11.94 9.10 -21.80
C PRO B 143 11.29 9.83 -20.64
N SER B 144 11.97 9.79 -19.50
CA SER B 144 11.68 10.58 -18.33
C SER B 144 12.79 11.63 -18.37
N VAL B 145 12.45 12.90 -18.25
CA VAL B 145 13.41 14.00 -18.32
C VAL B 145 13.53 14.68 -16.95
N PHE B 146 14.75 14.74 -16.42
CA PHE B 146 15.03 15.35 -15.12
C PHE B 146 16.01 16.48 -15.26
N PRO B 147 15.87 17.57 -14.51
CA PRO B 147 16.84 18.66 -14.66
C PRO B 147 18.13 18.38 -13.90
N LEU B 148 19.27 18.77 -14.48
CA LEU B 148 20.57 18.75 -13.82
C LEU B 148 20.84 20.21 -13.54
N ALA B 149 20.25 20.72 -12.45
CA ALA B 149 20.26 22.12 -12.03
C ALA B 149 21.65 22.75 -11.80
N PRO B 150 21.86 24.00 -12.28
CA PRO B 150 23.12 24.68 -11.99
C PRO B 150 23.13 25.13 -10.52
N SER B 151 24.34 25.18 -9.93
CA SER B 151 24.61 25.57 -8.57
C SER B 151 26.04 26.06 -8.53
N SER B 152 26.57 26.38 -7.32
CA SER B 152 27.95 26.83 -7.15
C SER B 152 28.93 25.72 -7.67
N LYS B 153 28.62 24.43 -7.35
CA LYS B 153 29.32 23.21 -7.72
C LYS B 153 29.51 23.02 -9.23
N SER B 154 28.66 23.68 -10.05
CA SER B 154 28.70 23.61 -11.52
C SER B 154 29.13 24.93 -12.19
N THR B 155 29.48 25.94 -11.35
CA THR B 155 29.91 27.27 -11.77
C THR B 155 31.44 27.37 -11.74
N SER B 156 32.04 27.57 -12.93
CA SER B 156 33.48 27.67 -13.16
C SER B 156 33.93 29.11 -13.38
N GLY B 157 33.68 29.92 -12.36
CA GLY B 157 34.01 31.34 -12.38
C GLY B 157 32.97 32.13 -13.12
N GLY B 158 33.31 32.48 -14.37
CA GLY B 158 32.44 33.24 -15.27
C GLY B 158 31.20 32.53 -15.74
N THR B 159 31.35 31.26 -16.14
CA THR B 159 30.24 30.44 -16.64
C THR B 159 29.72 29.42 -15.62
N ALA B 160 28.62 28.74 -15.98
CA ALA B 160 27.93 27.71 -15.22
C ALA B 160 27.42 26.60 -16.14
N ALA B 161 27.54 25.34 -15.69
CA ALA B 161 27.07 24.16 -16.40
C ALA B 161 25.69 23.72 -15.87
N LEU B 162 24.77 23.38 -16.80
CA LEU B 162 23.44 22.87 -16.49
C LEU B 162 23.06 21.86 -17.55
N GLY B 163 22.18 20.92 -17.21
CA GLY B 163 21.78 19.93 -18.18
C GLY B 163 20.43 19.29 -17.99
N CYS B 164 20.19 18.22 -18.73
CA CYS B 164 18.98 17.43 -18.73
C CYS B 164 19.34 15.97 -18.71
N LEU B 165 18.80 15.22 -17.74
CA LEU B 165 18.97 13.78 -17.69
C LEU B 165 17.76 13.17 -18.43
N VAL B 166 18.03 12.43 -19.52
CA VAL B 166 16.99 11.82 -20.37
C VAL B 166 17.01 10.31 -20.09
N LYS B 167 16.22 9.88 -19.11
CA LYS B 167 16.18 8.51 -18.58
C LYS B 167 15.15 7.57 -19.16
N ASP B 168 15.52 6.26 -19.16
CA ASP B 168 14.74 5.08 -19.54
C ASP B 168 13.88 5.17 -20.81
N TYR B 169 14.53 5.25 -21.97
CA TYR B 169 13.83 5.28 -23.25
C TYR B 169 14.25 4.12 -24.16
N PHE B 170 13.46 3.89 -25.23
CA PHE B 170 13.66 2.85 -26.22
C PHE B 170 12.83 3.11 -27.49
N PRO B 171 13.36 2.92 -28.72
CA PRO B 171 14.74 2.55 -29.09
C PRO B 171 15.65 3.77 -29.11
N GLU B 172 16.90 3.58 -29.56
CA GLU B 172 18.01 4.55 -29.54
C GLU B 172 17.88 6.04 -29.94
N PRO B 173 17.25 6.47 -31.04
CA PRO B 173 17.32 7.91 -31.38
C PRO B 173 16.54 8.94 -30.55
N VAL B 174 17.29 9.64 -29.65
CA VAL B 174 16.84 10.77 -28.82
C VAL B 174 17.65 11.97 -29.28
N THR B 175 16.99 13.10 -29.47
CA THR B 175 17.56 14.38 -29.89
C THR B 175 17.29 15.42 -28.81
N VAL B 176 18.33 16.20 -28.47
CA VAL B 176 18.22 17.26 -27.46
C VAL B 176 18.71 18.58 -28.05
N SER B 177 17.90 19.62 -27.91
CA SER B 177 18.20 20.97 -28.33
C SER B 177 17.99 21.86 -27.11
N TRP B 178 18.52 23.10 -27.14
CA TRP B 178 18.39 24.01 -26.02
C TRP B 178 17.84 25.36 -26.49
N ASN B 179 16.83 25.86 -25.76
CA ASN B 179 16.07 27.10 -26.02
C ASN B 179 15.50 27.17 -27.42
N SER B 180 14.98 26.02 -27.90
CA SER B 180 14.39 25.81 -29.22
C SER B 180 15.37 25.98 -30.38
N GLY B 181 16.66 25.80 -30.09
CA GLY B 181 17.72 25.91 -31.10
C GLY B 181 18.49 27.21 -31.00
N ALA B 182 17.97 28.19 -30.24
CA ALA B 182 18.58 29.50 -29.99
C ALA B 182 19.91 29.42 -29.23
N LEU B 183 20.12 28.31 -28.52
CA LEU B 183 21.34 28.02 -27.77
C LEU B 183 21.97 26.76 -28.42
N THR B 184 23.18 26.91 -28.99
CA THR B 184 23.97 25.84 -29.64
C THR B 184 25.43 25.87 -29.15
N SER B 185 25.86 27.07 -28.67
CA SER B 185 27.19 27.34 -28.13
C SER B 185 27.31 26.81 -26.71
N GLY B 186 28.18 25.82 -26.53
CA GLY B 186 28.45 25.18 -25.24
C GLY B 186 27.68 23.89 -24.99
N VAL B 187 26.84 23.50 -25.98
CA VAL B 187 25.98 22.31 -25.94
C VAL B 187 26.76 21.02 -26.25
N HIS B 188 26.61 19.97 -25.40
CA HIS B 188 27.14 18.63 -25.63
C HIS B 188 26.13 17.60 -25.16
N THR B 189 25.76 16.73 -26.08
CA THR B 189 24.86 15.64 -25.84
C THR B 189 25.69 14.34 -25.83
N PHE B 190 25.74 13.67 -24.69
CA PHE B 190 26.55 12.49 -24.50
C PHE B 190 25.93 11.28 -25.13
N PRO B 191 26.74 10.28 -25.56
CA PRO B 191 26.15 9.05 -26.12
C PRO B 191 25.31 8.33 -25.08
N ALA B 192 24.29 7.61 -25.54
CA ALA B 192 23.43 6.86 -24.66
C ALA B 192 24.08 5.60 -24.11
N VAL B 193 23.61 5.20 -22.95
CA VAL B 193 24.09 4.01 -22.28
C VAL B 193 22.95 3.00 -22.25
N LEU B 194 23.25 1.69 -22.34
CA LEU B 194 22.25 0.62 -22.35
C LEU B 194 22.29 -0.19 -21.05
N GLN B 195 21.46 0.25 -20.10
CA GLN B 195 21.34 -0.28 -18.76
C GLN B 195 20.90 -1.73 -18.73
N SER B 196 21.07 -2.38 -17.58
CA SER B 196 20.66 -3.76 -17.31
C SER B 196 19.17 -3.98 -17.62
N SER B 197 18.36 -2.89 -17.56
CA SER B 197 16.92 -2.86 -17.82
C SER B 197 16.58 -3.24 -19.28
N GLY B 198 17.45 -2.81 -20.19
CA GLY B 198 17.29 -2.99 -21.63
C GLY B 198 16.91 -1.68 -22.26
N LEU B 199 16.87 -0.59 -21.43
CA LEU B 199 16.51 0.78 -21.82
C LEU B 199 17.74 1.65 -21.81
N TYR B 200 17.70 2.70 -22.65
CA TYR B 200 18.75 3.69 -22.80
C TYR B 200 18.52 4.90 -21.87
N SER B 201 19.61 5.61 -21.55
CA SER B 201 19.66 6.84 -20.78
C SER B 201 20.79 7.66 -21.37
N LEU B 202 20.62 8.97 -21.35
CA LEU B 202 21.51 9.93 -21.96
C LEU B 202 21.46 11.26 -21.15
N SER B 203 22.49 12.11 -21.33
CA SER B 203 22.57 13.44 -20.72
C SER B 203 22.97 14.46 -21.76
N SER B 204 22.47 15.69 -21.63
CA SER B 204 22.82 16.81 -22.49
C SER B 204 23.14 17.97 -21.59
N VAL B 205 24.31 18.58 -21.77
CA VAL B 205 24.75 19.74 -20.99
C VAL B 205 25.03 20.99 -21.80
N VAL B 206 24.85 22.16 -21.16
CA VAL B 206 25.10 23.49 -21.72
C VAL B 206 25.78 24.46 -20.72
N THR B 207 26.85 25.19 -21.18
CA THR B 207 27.57 26.20 -20.39
C THR B 207 27.05 27.59 -20.72
N VAL B 208 26.58 28.31 -19.70
CA VAL B 208 25.95 29.65 -19.81
C VAL B 208 26.65 30.70 -18.87
N PRO B 209 26.46 32.04 -19.07
CA PRO B 209 27.06 33.00 -18.11
C PRO B 209 26.33 32.96 -16.77
N SER B 210 27.09 32.98 -15.66
CA SER B 210 26.58 32.94 -14.27
C SER B 210 25.64 34.08 -13.93
N SER B 211 25.83 35.22 -14.64
CA SER B 211 25.05 36.45 -14.56
C SER B 211 23.58 36.22 -14.97
N SER B 212 23.38 35.36 -16.01
CA SER B 212 22.09 35.03 -16.60
C SER B 212 21.20 34.18 -15.70
N LEU B 213 21.81 33.38 -14.79
CA LEU B 213 21.13 32.55 -13.79
C LEU B 213 20.33 33.52 -12.92
N GLY B 214 19.03 33.40 -12.94
CA GLY B 214 18.17 34.33 -12.20
C GLY B 214 17.39 35.23 -13.13
N THR B 215 17.94 35.52 -14.33
CA THR B 215 17.32 36.36 -15.36
C THR B 215 16.89 35.55 -16.62
N GLN B 216 17.84 34.85 -17.29
CA GLN B 216 17.54 34.03 -18.47
C GLN B 216 16.91 32.67 -18.15
N THR B 217 15.91 32.25 -18.97
CA THR B 217 15.28 30.94 -18.78
C THR B 217 15.95 29.94 -19.73
N TYR B 218 16.29 28.75 -19.19
CA TYR B 218 16.92 27.68 -19.99
C TYR B 218 16.00 26.47 -20.04
N ILE B 219 15.70 26.00 -21.27
CA ILE B 219 14.81 24.88 -21.55
C ILE B 219 15.45 23.86 -22.49
N CYS B 220 15.45 22.57 -22.11
CA CYS B 220 15.93 21.55 -23.04
C CYS B 220 14.74 20.96 -23.78
N ASN B 221 14.93 20.80 -25.06
CA ASN B 221 13.90 20.26 -25.91
C ASN B 221 14.34 18.87 -26.32
N VAL B 222 13.75 17.88 -25.68
CA VAL B 222 14.03 16.46 -25.89
C VAL B 222 13.03 15.90 -26.89
N ASN B 223 13.55 15.14 -27.87
CA ASN B 223 12.84 14.54 -28.97
C ASN B 223 13.03 13.03 -29.04
N HIS B 224 11.92 12.29 -29.00
CA HIS B 224 11.94 10.86 -29.12
C HIS B 224 10.93 10.53 -30.20
N LYS B 225 11.37 10.68 -31.48
CA LYS B 225 10.56 10.40 -32.67
C LYS B 225 10.02 8.94 -32.67
N PRO B 226 10.78 7.90 -32.22
CA PRO B 226 10.20 6.53 -32.18
C PRO B 226 8.96 6.32 -31.30
N SER B 227 8.77 7.12 -30.22
CA SER B 227 7.61 7.04 -29.31
C SER B 227 6.68 8.24 -29.48
N ASN B 228 7.07 9.17 -30.40
CA ASN B 228 6.37 10.43 -30.74
C ASN B 228 6.21 11.36 -29.54
N THR B 229 7.22 11.32 -28.63
CA THR B 229 7.28 12.08 -27.39
C THR B 229 8.26 13.25 -27.55
N LYS B 230 7.81 14.43 -27.14
CA LYS B 230 8.60 15.64 -27.10
C LYS B 230 8.44 16.18 -25.69
N VAL B 231 9.55 16.44 -25.02
CA VAL B 231 9.55 16.98 -23.65
C VAL B 231 10.36 18.26 -23.63
N ASP B 232 9.75 19.36 -23.14
CA ASP B 232 10.41 20.65 -23.00
C ASP B 232 10.46 20.94 -21.52
N LYS B 233 11.68 20.85 -20.95
CA LYS B 233 11.91 21.01 -19.53
C LYS B 233 12.79 22.23 -19.22
N ARG B 234 12.35 23.13 -18.32
CA ARG B 234 13.14 24.28 -17.88
C ARG B 234 13.99 23.95 -16.66
N VAL B 235 15.32 23.88 -16.87
CA VAL B 235 16.34 23.67 -15.86
C VAL B 235 16.65 25.04 -15.24
N GLU B 236 16.23 25.25 -13.99
CA GLU B 236 16.48 26.47 -13.23
C GLU B 236 17.29 26.13 -11.97
N PRO B 237 18.10 27.06 -11.42
CA PRO B 237 18.89 26.75 -10.20
C PRO B 237 18.05 26.48 -8.96
N LYS B 238 18.51 25.57 -8.09
CA LYS B 238 17.81 25.20 -6.85
C LYS B 238 18.29 26.02 -5.66
N SER B 239 17.65 25.84 -4.46
CA SER B 239 18.01 26.54 -3.22
C SER B 239 18.81 25.69 -2.21
N SER C 2 41.45 26.19 24.46
CA SER C 2 40.06 25.79 24.17
C SER C 2 39.15 26.95 23.66
N ALA C 3 39.44 27.50 22.45
CA ALA C 3 38.67 28.58 21.81
C ALA C 3 37.16 28.24 21.53
N LEU C 4 36.35 29.24 21.10
CA LEU C 4 34.92 29.00 20.82
C LEU C 4 34.77 28.65 19.36
N THR C 5 33.76 27.82 19.01
CA THR C 5 33.56 27.38 17.63
C THR C 5 32.49 28.11 16.86
N GLN C 6 32.91 28.72 15.72
CA GLN C 6 32.07 29.48 14.80
C GLN C 6 32.14 28.96 13.34
N PRO C 7 31.06 29.07 12.50
CA PRO C 7 31.21 28.68 11.08
C PRO C 7 32.14 29.66 10.39
N ALA C 8 32.97 29.20 9.47
CA ALA C 8 33.93 30.06 8.79
C ALA C 8 33.26 31.13 7.91
N SER C 9 32.11 30.79 7.29
CA SER C 9 31.40 31.67 6.37
C SER C 9 29.90 31.56 6.51
N VAL C 10 29.24 32.72 6.50
CA VAL C 10 27.77 32.83 6.53
C VAL C 10 27.45 33.92 5.51
N SER C 11 26.51 33.64 4.59
CA SER C 11 26.12 34.63 3.57
C SER C 11 24.62 34.71 3.31
N GLY C 12 24.21 35.81 2.70
CA GLY C 12 22.81 36.06 2.37
C GLY C 12 22.68 37.24 1.44
N SER C 13 21.49 37.39 0.83
CA SER C 13 21.18 38.48 -0.08
C SER C 13 20.73 39.70 0.73
N PRO C 14 20.84 40.94 0.19
CA PRO C 14 20.34 42.11 0.94
C PRO C 14 18.88 41.95 1.37
N GLY C 15 18.59 42.28 2.63
CA GLY C 15 17.26 42.20 3.19
C GLY C 15 16.95 40.89 3.91
N GLN C 16 17.72 39.84 3.59
CA GLN C 16 17.56 38.51 4.18
C GLN C 16 17.99 38.51 5.66
N THR C 17 17.65 37.44 6.40
CA THR C 17 18.05 37.28 7.79
C THR C 17 19.00 36.08 7.91
N ILE C 18 20.16 36.29 8.53
CA ILE C 18 21.20 35.27 8.70
C ILE C 18 21.53 35.06 10.19
N THR C 19 22.06 33.87 10.56
CA THR C 19 22.42 33.53 11.94
C THR C 19 23.83 32.94 12.03
N ILE C 20 24.59 33.37 13.06
CA ILE C 20 25.97 32.94 13.34
C ILE C 20 25.94 32.23 14.68
N SER C 21 26.36 30.96 14.70
CA SER C 21 26.42 30.16 15.91
C SER C 21 27.80 30.24 16.55
N CYS C 22 27.86 30.02 17.85
CA CYS C 22 29.06 30.10 18.64
C CYS C 22 28.99 29.01 19.70
N ASN C 23 29.62 27.87 19.44
CA ASN C 23 29.56 26.76 20.37
C ASN C 23 30.75 26.82 21.34
N GLY C 24 30.43 26.80 22.62
CA GLY C 24 31.35 26.77 23.77
C GLY C 24 31.11 25.58 24.66
N THR C 25 31.52 25.67 25.94
CA THR C 25 31.37 24.59 26.93
C THR C 25 30.65 25.11 28.17
N SER C 26 30.41 24.21 29.14
CA SER C 26 29.70 24.52 30.38
C SER C 26 30.55 25.27 31.44
N SER C 27 31.68 25.91 31.03
CA SER C 27 32.56 26.70 31.90
C SER C 27 32.78 28.12 31.35
N ASP C 28 32.19 28.41 30.18
CA ASP C 28 32.28 29.70 29.52
C ASP C 28 30.93 30.19 28.95
N VAL C 29 30.50 29.70 27.76
CA VAL C 29 29.21 30.07 27.14
C VAL C 29 28.06 29.51 27.99
N GLY C 30 28.13 28.21 28.28
CA GLY C 30 27.14 27.49 29.09
C GLY C 30 27.15 27.86 30.56
N GLY C 31 28.36 28.09 31.12
CA GLY C 31 28.55 28.44 32.52
C GLY C 31 27.95 29.77 32.90
N PHE C 32 28.58 30.85 32.42
CA PHE C 32 28.15 32.22 32.64
C PHE C 32 27.04 32.57 31.62
N ASP C 33 26.81 33.87 31.36
CA ASP C 33 25.83 34.42 30.42
C ASP C 33 26.36 35.77 29.92
N SER C 34 27.71 35.92 29.87
CA SER C 34 28.39 37.14 29.45
C SER C 34 29.14 36.90 28.10
N VAL C 35 28.33 36.67 27.05
CA VAL C 35 28.72 36.45 25.66
C VAL C 35 28.60 37.79 24.92
N SER C 36 29.69 38.18 24.26
CA SER C 36 29.74 39.41 23.48
C SER C 36 30.14 39.14 22.06
N TRP C 37 29.67 40.02 21.15
CA TRP C 37 29.95 39.90 19.72
C TRP C 37 30.62 41.12 19.21
N TYR C 38 31.62 40.90 18.35
CA TYR C 38 32.44 41.95 17.79
C TYR C 38 32.45 41.87 16.28
N GLN C 39 32.31 43.04 15.62
CA GLN C 39 32.34 43.15 14.18
C GLN C 39 33.68 43.77 13.79
N GLN C 40 34.33 43.20 12.77
CA GLN C 40 35.59 43.72 12.27
C GLN C 40 35.51 43.93 10.76
N SER C 41 35.49 45.21 10.35
CA SER C 41 35.47 45.61 8.95
C SER C 41 36.91 45.71 8.48
N PRO C 42 37.21 45.44 7.18
CA PRO C 42 38.64 45.40 6.76
C PRO C 42 39.39 46.70 7.00
N GLY C 43 40.52 46.58 7.70
CA GLY C 43 41.36 47.72 8.09
C GLY C 43 40.82 48.56 9.24
N LYS C 44 39.71 48.09 9.87
CA LYS C 44 39.12 48.79 10.99
C LYS C 44 39.24 47.99 12.30
N ALA C 45 39.28 48.70 13.45
CA ALA C 45 39.37 48.12 14.80
C ALA C 45 38.07 47.37 15.08
N PRO C 46 38.06 46.29 15.91
CA PRO C 46 36.78 45.62 16.20
C PRO C 46 35.81 46.53 16.99
N LYS C 47 34.50 46.28 16.89
CA LYS C 47 33.49 47.04 17.63
C LYS C 47 32.43 46.11 18.19
N VAL C 48 32.02 46.38 19.46
CA VAL C 48 30.97 45.60 20.15
C VAL C 48 29.63 45.83 19.46
N MET C 49 28.94 44.71 19.19
CA MET C 49 27.62 44.68 18.59
C MET C 49 26.57 44.28 19.61
N VAL C 50 26.89 43.26 20.42
CA VAL C 50 26.04 42.66 21.45
C VAL C 50 26.93 42.28 22.65
N PHE C 51 26.37 42.31 23.88
CA PHE C 51 27.05 41.95 25.13
C PHE C 51 26.05 41.31 26.08
N ASP C 52 26.53 40.53 27.07
CA ASP C 52 25.68 39.84 28.04
C ASP C 52 24.51 39.09 27.36
N VAL C 53 24.87 38.33 26.31
CA VAL C 53 23.98 37.52 25.47
C VAL C 53 23.08 38.29 24.52
N SER C 54 22.11 39.06 25.06
CA SER C 54 21.10 39.75 24.24
C SER C 54 21.15 41.28 24.20
N HIS C 55 21.98 41.92 25.04
CA HIS C 55 22.03 43.37 25.12
C HIS C 55 22.81 44.05 24.02
N ARG C 56 22.26 45.15 23.50
CA ARG C 56 22.88 45.97 22.47
C ARG C 56 23.44 47.24 23.08
N PRO C 57 24.68 47.65 22.73
CA PRO C 57 25.18 48.95 23.22
C PRO C 57 24.42 50.09 22.54
N SER C 58 24.55 51.34 23.04
CA SER C 58 23.88 52.48 22.44
C SER C 58 24.44 52.75 21.05
N GLY C 59 23.55 53.00 20.10
CA GLY C 59 23.92 53.26 18.71
C GLY C 59 23.91 52.04 17.80
N ILE C 60 23.77 50.83 18.38
CA ILE C 60 23.73 49.59 17.59
C ILE C 60 22.30 49.27 17.13
N SER C 61 22.14 49.06 15.81
CA SER C 61 20.91 48.74 15.11
C SER C 61 20.15 47.57 15.74
N ASN C 62 18.82 47.68 15.74
CA ASN C 62 17.87 46.69 16.25
C ASN C 62 17.89 45.40 15.41
N ARG C 63 18.56 45.44 14.24
CA ARG C 63 18.70 44.33 13.30
C ARG C 63 19.63 43.22 13.83
N PHE C 64 20.50 43.58 14.80
CA PHE C 64 21.45 42.68 15.46
C PHE C 64 20.78 42.18 16.74
N SER C 65 20.46 40.87 16.77
CA SER C 65 19.79 40.17 17.88
C SER C 65 20.81 39.23 18.55
N GLY C 66 20.63 38.95 19.84
CA GLY C 66 21.51 38.07 20.61
C GLY C 66 20.78 36.97 21.37
N SER C 67 21.21 35.70 21.20
CA SER C 67 20.53 34.57 21.84
C SER C 67 21.50 33.51 22.35
N LYS C 68 21.05 32.67 23.31
CA LYS C 68 21.81 31.56 23.90
C LYS C 68 20.90 30.37 24.26
N SER C 69 21.38 29.15 24.01
CA SER C 69 20.72 27.89 24.34
C SER C 69 21.82 26.87 24.71
N GLY C 70 21.91 26.57 26.01
CA GLY C 70 22.92 25.69 26.57
C GLY C 70 24.32 26.26 26.40
N ASN C 71 25.17 25.52 25.66
CA ASN C 71 26.56 25.88 25.36
C ASN C 71 26.69 26.62 24.02
N THR C 72 25.55 26.99 23.40
CA THR C 72 25.54 27.66 22.09
C THR C 72 24.95 29.05 22.17
N ALA C 73 25.66 30.02 21.59
CA ALA C 73 25.24 31.42 21.47
C ALA C 73 25.00 31.71 19.99
N SER C 74 24.07 32.63 19.70
CA SER C 74 23.75 32.99 18.32
C SER C 74 23.64 34.47 18.13
N LEU C 75 24.14 34.95 16.99
CA LEU C 75 23.99 36.34 16.58
C LEU C 75 23.15 36.32 15.30
N THR C 76 22.02 37.02 15.33
CA THR C 76 21.11 37.10 14.20
C THR C 76 21.17 38.50 13.61
N ILE C 77 21.28 38.58 12.27
CA ILE C 77 21.27 39.84 11.55
C ILE C 77 20.06 39.82 10.63
N SER C 78 19.08 40.68 10.91
CA SER C 78 17.88 40.79 10.08
C SER C 78 18.07 41.93 9.10
N GLY C 79 17.38 41.87 7.95
CA GLY C 79 17.48 42.89 6.91
C GLY C 79 18.91 43.23 6.52
N LEU C 80 19.68 42.18 6.13
CA LEU C 80 21.09 42.20 5.76
C LEU C 80 21.42 43.41 4.89
N HIS C 81 22.46 44.17 5.29
CA HIS C 81 22.90 45.36 4.57
C HIS C 81 24.38 45.20 4.18
N ILE C 82 24.83 45.78 3.03
CA ILE C 82 26.23 45.67 2.61
C ILE C 82 27.23 46.19 3.62
N GLU C 83 26.81 47.11 4.50
CA GLU C 83 27.66 47.66 5.55
C GLU C 83 27.82 46.67 6.74
N ASP C 84 27.13 45.50 6.69
CA ASP C 84 27.24 44.46 7.72
C ASP C 84 28.37 43.48 7.38
N GLU C 85 28.90 43.55 6.14
CA GLU C 85 30.01 42.72 5.67
C GLU C 85 31.24 42.91 6.56
N GLY C 86 31.82 41.78 6.97
CA GLY C 86 33.02 41.74 7.81
C GLY C 86 33.10 40.45 8.56
N ASP C 87 34.07 40.39 9.49
CA ASP C 87 34.29 39.24 10.35
C ASP C 87 33.67 39.46 11.71
N TYR C 88 32.93 38.47 12.19
CA TYR C 88 32.24 38.52 13.46
C TYR C 88 32.82 37.53 14.45
N PHE C 89 33.15 38.01 15.66
CA PHE C 89 33.77 37.20 16.71
C PHE C 89 32.96 37.18 17.96
N CYS C 90 32.72 35.97 18.48
CA CYS C 90 32.03 35.81 19.75
C CYS C 90 33.09 35.67 20.82
N SER C 91 32.80 36.19 22.01
CA SER C 91 33.71 36.15 23.14
C SER C 91 32.94 35.76 24.38
N SER C 92 33.61 35.11 25.35
CA SER C 92 33.01 34.70 26.60
C SER C 92 33.98 34.76 27.76
N LEU C 93 33.40 34.95 28.96
CA LEU C 93 34.06 34.94 30.25
C LEU C 93 34.30 33.44 30.62
N THR C 94 35.45 33.13 31.24
CA THR C 94 35.87 31.77 31.65
C THR C 94 35.69 31.64 33.17
N ASP C 95 35.54 30.40 33.65
CA ASP C 95 35.44 30.06 35.08
C ASP C 95 36.75 30.40 35.85
N ARG C 96 37.82 30.75 35.11
CA ARG C 96 39.13 31.13 35.67
C ARG C 96 39.33 32.67 35.67
N SER C 97 38.33 33.42 35.14
CA SER C 97 38.30 34.88 34.98
C SER C 97 39.06 35.35 33.74
N HIS C 98 39.26 34.43 32.77
CA HIS C 98 39.92 34.67 31.47
C HIS C 98 38.82 35.06 30.47
N ARG C 99 39.21 35.40 29.23
CA ARG C 99 38.31 35.70 28.13
C ARG C 99 38.68 34.75 27.00
N ILE C 100 37.68 34.12 26.37
CA ILE C 100 37.89 33.22 25.24
C ILE C 100 37.17 33.81 24.03
N PHE C 101 37.83 33.86 22.86
CA PHE C 101 37.21 34.32 21.60
C PHE C 101 36.92 33.14 20.68
N GLY C 102 35.95 33.33 19.78
CA GLY C 102 35.62 32.36 18.74
C GLY C 102 36.59 32.53 17.59
N GLY C 103 36.55 31.61 16.62
CA GLY C 103 37.45 31.65 15.47
C GLY C 103 37.16 32.75 14.46
N GLY C 104 35.90 33.20 14.43
CA GLY C 104 35.43 34.23 13.50
C GLY C 104 34.60 33.69 12.37
N THR C 105 33.67 34.52 11.87
CA THR C 105 32.79 34.22 10.74
C THR C 105 32.84 35.35 9.75
N LYS C 106 33.15 35.05 8.48
CA LYS C 106 33.12 36.09 7.44
C LYS C 106 31.64 36.15 7.01
N VAL C 107 31.06 37.35 7.12
CA VAL C 107 29.69 37.60 6.71
C VAL C 107 29.75 38.30 5.36
N THR C 108 29.16 37.67 4.34
CA THR C 108 29.11 38.17 2.97
C THR C 108 27.69 38.51 2.61
N VAL C 109 27.49 39.69 2.03
CA VAL C 109 26.19 40.15 1.57
C VAL C 109 26.34 40.02 0.06
N LEU C 110 25.79 38.92 -0.48
CA LEU C 110 25.91 38.51 -1.88
C LEU C 110 25.60 39.60 -2.91
N GLY C 111 26.64 39.94 -3.68
CA GLY C 111 26.57 40.97 -4.71
C GLY C 111 26.76 40.44 -6.12
N GLN C 112 26.96 39.14 -6.23
CA GLN C 112 27.17 38.42 -7.49
C GLN C 112 26.87 36.93 -7.26
N PRO C 113 26.71 36.08 -8.32
CA PRO C 113 26.42 34.67 -8.07
C PRO C 113 27.59 33.95 -7.42
N LYS C 114 27.27 32.98 -6.52
CA LYS C 114 28.25 32.16 -5.85
C LYS C 114 28.97 31.32 -6.91
N ALA C 115 30.26 31.07 -6.70
CA ALA C 115 31.07 30.23 -7.58
C ALA C 115 31.95 29.32 -6.75
N ALA C 116 32.03 28.05 -7.11
CA ALA C 116 32.94 27.09 -6.46
C ALA C 116 34.34 27.39 -7.00
N PRO C 117 35.39 27.07 -6.23
CA PRO C 117 36.75 27.38 -6.71
C PRO C 117 37.28 26.44 -7.79
N SER C 118 38.20 26.97 -8.59
CA SER C 118 38.96 26.23 -9.61
C SER C 118 40.28 25.99 -8.88
N VAL C 119 40.67 24.73 -8.76
CA VAL C 119 41.89 24.35 -8.03
C VAL C 119 43.00 23.87 -9.03
N THR C 120 44.18 24.47 -8.98
CA THR C 120 45.33 24.07 -9.78
C THR C 120 46.46 23.71 -8.80
N LEU C 121 46.93 22.47 -8.86
CA LEU C 121 48.00 21.98 -8.01
C LEU C 121 49.28 21.77 -8.82
N PHE C 122 50.35 22.44 -8.43
CA PHE C 122 51.65 22.36 -9.08
C PHE C 122 52.58 21.52 -8.25
N PRO C 123 53.24 20.52 -8.85
CA PRO C 123 54.25 19.77 -8.09
C PRO C 123 55.55 20.59 -7.99
N PRO C 124 56.56 20.21 -7.16
CA PRO C 124 57.80 20.98 -7.16
C PRO C 124 58.43 20.95 -8.55
N SER C 125 59.01 22.09 -8.99
CA SER C 125 59.71 22.18 -10.26
C SER C 125 61.06 21.45 -10.08
N SER C 126 61.63 20.96 -11.22
CA SER C 126 62.93 20.28 -11.21
C SER C 126 64.04 21.24 -10.77
N GLU C 127 63.88 22.55 -11.03
CA GLU C 127 64.81 23.61 -10.61
C GLU C 127 64.88 23.65 -9.08
N GLU C 128 63.70 23.61 -8.41
CA GLU C 128 63.63 23.63 -6.96
C GLU C 128 64.20 22.37 -6.33
N LEU C 129 63.87 21.21 -6.90
CA LEU C 129 64.36 19.92 -6.42
C LEU C 129 65.88 19.86 -6.45
N GLN C 130 66.49 20.46 -7.50
CA GLN C 130 67.94 20.54 -7.64
C GLN C 130 68.56 21.52 -6.65
N ALA C 131 67.75 22.41 -6.06
CA ALA C 131 68.18 23.39 -5.04
C ALA C 131 67.94 22.81 -3.63
N ASN C 132 67.60 21.51 -3.57
CA ASN C 132 67.35 20.72 -2.35
C ASN C 132 66.18 21.25 -1.54
N LYS C 133 65.14 21.68 -2.26
CA LYS C 133 63.90 22.21 -1.69
C LYS C 133 62.77 21.64 -2.52
N ALA C 134 61.57 21.60 -1.97
CA ALA C 134 60.38 21.12 -2.64
C ALA C 134 59.16 21.83 -2.06
N THR C 135 58.35 22.41 -2.95
CA THR C 135 57.12 23.13 -2.62
C THR C 135 56.04 22.75 -3.59
N LEU C 136 54.93 22.27 -3.03
CA LEU C 136 53.70 21.97 -3.76
C LEU C 136 52.88 23.23 -3.63
N VAL C 137 52.40 23.75 -4.76
CA VAL C 137 51.66 25.01 -4.83
C VAL C 137 50.23 24.72 -5.25
N CYS C 138 49.28 25.03 -4.39
CA CYS C 138 47.86 24.85 -4.68
C CYS C 138 47.20 26.20 -4.91
N LEU C 139 46.75 26.48 -6.14
CA LEU C 139 46.08 27.75 -6.43
C LEU C 139 44.59 27.57 -6.52
N ILE C 140 43.87 28.34 -5.71
CA ILE C 140 42.41 28.32 -5.56
C ILE C 140 41.84 29.63 -6.11
N SER C 141 41.02 29.56 -7.16
CA SER C 141 40.59 30.81 -7.78
C SER C 141 39.15 30.84 -8.19
N ASP C 142 38.64 32.07 -8.49
CA ASP C 142 37.28 32.37 -8.96
C ASP C 142 36.18 31.89 -8.05
N PHE C 143 36.40 31.89 -6.74
CA PHE C 143 35.33 31.47 -5.83
C PHE C 143 34.65 32.66 -5.19
N TYR C 144 33.43 32.42 -4.76
CA TYR C 144 32.61 33.41 -4.10
C TYR C 144 31.52 32.73 -3.31
N PRO C 145 31.37 33.00 -1.99
CA PRO C 145 32.11 33.94 -1.14
C PRO C 145 33.59 33.58 -0.90
N GLY C 146 34.37 34.58 -0.53
CA GLY C 146 35.79 34.47 -0.24
C GLY C 146 36.17 33.77 1.06
N ALA C 147 35.75 32.50 1.22
CA ALA C 147 36.12 31.64 2.34
C ALA C 147 36.21 30.21 1.85
N VAL C 148 37.35 29.56 2.10
CA VAL C 148 37.62 28.15 1.78
C VAL C 148 38.42 27.50 2.89
N THR C 149 38.38 26.17 2.98
CA THR C 149 39.19 25.38 3.88
C THR C 149 40.11 24.53 3.01
N VAL C 150 41.42 24.57 3.31
CA VAL C 150 42.43 23.81 2.54
C VAL C 150 43.10 22.73 3.39
N ALA C 151 43.08 21.49 2.92
CA ALA C 151 43.69 20.36 3.60
C ALA C 151 44.59 19.58 2.65
N TRP C 152 45.74 19.13 3.17
CA TRP C 152 46.73 18.41 2.40
C TRP C 152 46.82 16.97 2.86
N LYS C 153 47.15 16.06 1.92
CA LYS C 153 47.32 14.64 2.18
C LYS C 153 48.56 14.13 1.48
N ALA C 154 49.36 13.32 2.17
CA ALA C 154 50.56 12.60 1.65
C ALA C 154 50.01 11.18 1.55
N ASP C 155 49.86 10.69 0.30
CA ASP C 155 49.21 9.43 -0.07
C ASP C 155 47.72 9.64 0.31
N SER C 156 47.21 8.93 1.34
CA SER C 156 45.83 9.09 1.81
C SER C 156 45.76 9.74 3.21
N SER C 157 46.90 9.75 3.95
CA SER C 157 47.02 10.33 5.28
C SER C 157 47.19 11.86 5.26
N PRO C 158 46.53 12.60 6.17
CA PRO C 158 46.66 14.07 6.15
C PRO C 158 47.97 14.59 6.70
N VAL C 159 48.41 15.76 6.22
CA VAL C 159 49.65 16.42 6.63
C VAL C 159 49.43 17.87 7.04
N LYS C 160 49.64 18.19 8.33
CA LYS C 160 49.43 19.56 8.83
C LYS C 160 50.72 20.38 8.97
N ALA C 161 51.86 19.70 9.10
CA ALA C 161 53.15 20.38 9.20
C ALA C 161 53.60 20.85 7.81
N GLY C 162 54.23 22.01 7.77
CA GLY C 162 54.75 22.63 6.55
C GLY C 162 53.73 23.28 5.63
N VAL C 163 52.50 23.48 6.11
CA VAL C 163 51.39 24.06 5.37
C VAL C 163 51.24 25.55 5.68
N GLU C 164 51.16 26.37 4.64
CA GLU C 164 50.94 27.82 4.72
C GLU C 164 49.87 28.19 3.67
N THR C 165 48.75 28.77 4.09
CA THR C 165 47.61 29.17 3.25
C THR C 165 47.35 30.67 3.40
N THR C 166 47.07 31.39 2.28
CA THR C 166 46.76 32.83 2.28
C THR C 166 45.29 33.04 2.58
N THR C 167 44.94 34.28 2.94
CA THR C 167 43.57 34.69 3.20
C THR C 167 43.02 35.10 1.84
N PRO C 168 41.79 34.68 1.46
CA PRO C 168 41.27 35.06 0.14
C PRO C 168 41.31 36.56 -0.15
N SER C 169 41.70 36.96 -1.36
CA SER C 169 41.79 38.36 -1.82
C SER C 169 41.03 38.50 -3.14
N LYS C 170 40.47 39.70 -3.50
CA LYS C 170 39.77 39.84 -4.80
C LYS C 170 40.70 39.77 -6.02
N GLN C 171 40.25 39.11 -7.07
CA GLN C 171 41.09 38.90 -8.26
C GLN C 171 40.76 39.78 -9.49
N SER C 172 40.53 41.11 -9.28
CA SER C 172 40.21 42.08 -10.37
C SER C 172 38.80 41.91 -11.00
N ASN C 173 38.33 40.65 -11.11
CA ASN C 173 37.00 40.31 -11.62
C ASN C 173 36.03 40.09 -10.44
N ASN C 174 36.23 40.86 -9.33
CA ASN C 174 35.42 40.86 -8.09
C ASN C 174 35.35 39.52 -7.31
N LYS C 175 35.65 38.36 -7.97
CA LYS C 175 35.66 37.03 -7.34
C LYS C 175 36.95 36.85 -6.54
N TYR C 176 37.03 35.80 -5.72
CA TYR C 176 38.18 35.58 -4.85
C TYR C 176 39.14 34.50 -5.26
N ALA C 177 40.37 34.63 -4.72
CA ALA C 177 41.46 33.70 -4.95
C ALA C 177 42.26 33.52 -3.69
N ALA C 178 42.87 32.35 -3.51
CA ALA C 178 43.75 32.03 -2.39
C ALA C 178 44.78 31.02 -2.86
N SER C 179 45.81 30.81 -2.05
CA SER C 179 46.86 29.85 -2.35
C SER C 179 47.34 29.15 -1.11
N SER C 180 47.77 27.89 -1.25
CA SER C 180 48.28 27.09 -0.15
C SER C 180 49.55 26.40 -0.58
N TYR C 181 50.54 26.31 0.31
CA TYR C 181 51.83 25.73 0.02
C TYR C 181 52.14 24.64 0.99
N LEU C 182 52.70 23.55 0.49
CA LEU C 182 53.17 22.44 1.29
C LEU C 182 54.66 22.32 1.03
N SER C 183 55.48 22.72 2.01
CA SER C 183 56.93 22.63 1.95
C SER C 183 57.39 21.28 2.43
N LEU C 184 58.22 20.61 1.63
CA LEU C 184 58.77 19.29 1.90
C LEU C 184 60.26 19.30 1.58
N THR C 185 60.96 18.22 2.00
CA THR C 185 62.35 17.99 1.61
C THR C 185 62.23 17.22 0.28
N PRO C 186 63.22 17.22 -0.65
CA PRO C 186 63.07 16.44 -1.89
C PRO C 186 62.87 14.93 -1.63
N GLU C 187 63.37 14.45 -0.46
CA GLU C 187 63.29 13.07 0.01
C GLU C 187 61.86 12.68 0.38
N GLN C 188 61.15 13.55 1.13
CA GLN C 188 59.75 13.33 1.53
C GLN C 188 58.88 13.22 0.28
N TRP C 189 59.11 14.12 -0.71
CA TRP C 189 58.40 14.21 -1.98
C TRP C 189 58.48 12.90 -2.78
N LYS C 190 59.67 12.29 -2.82
CA LYS C 190 59.89 11.05 -3.55
C LYS C 190 59.48 9.80 -2.74
N SER C 191 59.30 9.95 -1.40
CA SER C 191 58.92 8.86 -0.48
C SER C 191 57.47 8.38 -0.61
N HIS C 192 56.55 9.26 -1.05
CA HIS C 192 55.14 8.90 -1.21
C HIS C 192 54.73 8.77 -2.67
N LYS C 193 53.69 7.98 -2.91
CA LYS C 193 53.16 7.73 -4.24
C LYS C 193 52.39 8.92 -4.78
N SER C 194 51.75 9.72 -3.89
CA SER C 194 50.97 10.90 -4.28
C SER C 194 50.85 11.92 -3.16
N TYR C 195 50.40 13.11 -3.54
CA TYR C 195 50.10 14.27 -2.69
C TYR C 195 48.81 14.88 -3.16
N SER C 196 47.93 15.31 -2.23
CA SER C 196 46.64 15.93 -2.55
C SER C 196 46.40 17.23 -1.85
N CYS C 197 45.70 18.14 -2.55
CA CYS C 197 45.24 19.42 -2.07
C CYS C 197 43.71 19.29 -2.12
N GLN C 198 43.07 19.36 -0.96
CA GLN C 198 41.62 19.24 -0.79
C GLN C 198 41.01 20.60 -0.38
N VAL C 199 40.13 21.15 -1.22
CA VAL C 199 39.55 22.45 -0.97
C VAL C 199 38.06 22.34 -0.73
N THR C 200 37.61 22.88 0.40
CA THR C 200 36.20 22.88 0.77
C THR C 200 35.63 24.30 0.68
N HIS C 201 34.52 24.45 -0.04
CA HIS C 201 33.81 25.72 -0.24
C HIS C 201 32.33 25.46 -0.26
N GLU C 202 31.57 26.11 0.67
CA GLU C 202 30.10 26.00 0.78
C GLU C 202 29.67 24.51 0.94
N GLY C 203 30.37 23.78 1.82
CA GLY C 203 30.12 22.37 2.08
C GLY C 203 30.55 21.38 1.00
N SER C 204 30.88 21.87 -0.24
CA SER C 204 31.33 21.02 -1.35
C SER C 204 32.85 20.98 -1.42
N THR C 205 33.42 19.87 -1.91
CA THR C 205 34.86 19.65 -1.95
C THR C 205 35.42 19.26 -3.33
N VAL C 206 36.61 19.78 -3.64
CA VAL C 206 37.41 19.48 -4.84
C VAL C 206 38.75 18.97 -4.31
N GLU C 207 39.25 17.86 -4.86
CA GLU C 207 40.55 17.34 -4.51
C GLU C 207 41.39 17.07 -5.78
N LYS C 208 42.58 17.67 -5.88
CA LYS C 208 43.49 17.42 -6.98
C LYS C 208 44.66 16.65 -6.43
N THR C 209 45.22 15.72 -7.24
CA THR C 209 46.33 14.85 -6.85
C THR C 209 47.48 14.93 -7.85
N VAL C 210 48.72 15.00 -7.34
CA VAL C 210 49.97 14.98 -8.11
C VAL C 210 50.84 13.85 -7.59
N ALA C 211 51.64 13.28 -8.49
CA ALA C 211 52.52 12.18 -8.15
C ALA C 211 53.94 12.45 -8.59
N PRO C 212 54.96 12.00 -7.81
CA PRO C 212 56.35 12.13 -8.28
C PRO C 212 56.60 11.32 -9.58
N THR C 213 57.10 11.99 -10.65
CA THR C 213 57.35 11.38 -11.97
C THR C 213 58.81 11.58 -12.43
N GLU D 2 36.53 58.97 23.58
CA GLU D 2 37.46 58.07 24.27
C GLU D 2 38.23 57.26 23.23
N GLN D 3 39.57 57.38 23.25
CA GLN D 3 40.55 56.82 22.30
C GLN D 3 41.60 55.97 23.00
N LEU D 4 42.19 55.06 22.22
CA LEU D 4 43.28 54.20 22.65
C LEU D 4 44.29 54.15 21.49
N VAL D 5 45.54 54.61 21.72
CA VAL D 5 46.58 54.62 20.68
C VAL D 5 47.81 53.76 21.04
N GLU D 6 47.98 52.64 20.30
CA GLU D 6 49.10 51.70 20.49
C GLU D 6 50.36 52.14 19.78
N SER D 7 51.51 51.82 20.37
CA SER D 7 52.84 52.12 19.81
C SER D 7 53.85 51.05 20.27
N GLY D 8 55.04 51.06 19.68
CA GLY D 8 56.11 50.14 20.03
C GLY D 8 56.36 49.03 19.03
N GLY D 9 55.36 48.72 18.20
CA GLY D 9 55.44 47.70 17.18
C GLY D 9 56.45 47.99 16.06
N GLY D 10 56.83 46.92 15.36
CA GLY D 10 57.80 46.93 14.26
C GLY D 10 58.42 45.57 14.02
N VAL D 11 59.55 45.53 13.28
CA VAL D 11 60.27 44.29 13.01
C VAL D 11 61.30 44.05 14.12
N VAL D 12 61.18 42.90 14.82
CA VAL D 12 62.04 42.53 15.93
C VAL D 12 62.63 41.15 15.75
N GLN D 13 63.87 40.95 16.23
CA GLN D 13 64.58 39.67 16.13
C GLN D 13 64.19 38.70 17.25
N PRO D 14 64.02 37.37 16.97
CA PRO D 14 63.64 36.43 18.04
C PRO D 14 64.63 36.31 19.18
N GLY D 15 64.10 36.06 20.37
CA GLY D 15 64.87 35.94 21.61
C GLY D 15 65.12 37.28 22.25
N GLY D 16 64.62 38.34 21.62
CA GLY D 16 64.75 39.71 22.10
C GLY D 16 63.57 40.16 22.92
N SER D 17 63.74 41.31 23.59
CA SER D 17 62.73 41.95 24.42
C SER D 17 62.00 43.07 23.67
N LEU D 18 60.73 43.34 24.02
CA LEU D 18 59.92 44.35 23.37
C LEU D 18 58.85 44.86 24.28
N ARG D 19 58.74 46.19 24.36
CA ARG D 19 57.70 46.84 25.14
C ARG D 19 56.72 47.56 24.22
N LEU D 20 55.44 47.19 24.33
CA LEU D 20 54.33 47.84 23.62
C LEU D 20 53.68 48.80 24.63
N SER D 21 53.17 49.93 24.14
CA SER D 21 52.48 50.93 24.94
C SER D 21 51.11 51.22 24.34
N CYS D 22 50.22 51.76 25.14
CA CYS D 22 48.90 52.15 24.69
C CYS D 22 48.49 53.35 25.55
N LEU D 23 48.36 54.52 24.91
CA LEU D 23 47.96 55.78 25.55
C LEU D 23 46.46 55.96 25.40
N ALA D 24 45.79 56.16 26.53
CA ALA D 24 44.36 56.37 26.61
C ALA D 24 44.02 57.86 26.74
N SER D 25 42.92 58.30 26.08
CA SER D 25 42.42 59.69 26.07
C SER D 25 40.88 59.73 25.96
N GLY D 26 40.25 60.72 26.61
CA GLY D 26 38.81 60.90 26.58
C GLY D 26 37.98 60.13 27.61
N PHE D 27 38.65 59.62 28.66
CA PHE D 27 38.03 58.89 29.79
C PHE D 27 39.00 58.84 30.98
N THR D 28 38.47 58.58 32.19
CA THR D 28 39.31 58.49 33.39
C THR D 28 39.91 57.09 33.53
N PHE D 29 41.09 56.91 32.90
CA PHE D 29 41.89 55.69 32.78
C PHE D 29 41.98 54.80 34.01
N HIS D 30 42.31 55.41 35.16
CA HIS D 30 42.50 54.73 36.43
C HIS D 30 41.28 54.01 37.05
N LYS D 31 40.07 54.18 36.47
CA LYS D 31 38.87 53.52 37.02
C LYS D 31 38.35 52.35 36.15
N TYR D 32 39.14 51.99 35.10
CA TYR D 32 38.84 50.88 34.17
C TYR D 32 39.92 49.84 34.05
N GLY D 33 39.47 48.59 33.92
CA GLY D 33 40.33 47.45 33.62
C GLY D 33 40.75 47.55 32.16
N MET D 34 41.91 47.01 31.82
CA MET D 34 42.44 47.09 30.45
C MET D 34 42.94 45.73 29.95
N HIS D 35 42.73 45.45 28.67
CA HIS D 35 43.16 44.20 28.03
C HIS D 35 44.14 44.41 26.90
N TRP D 36 44.81 43.31 26.53
CA TRP D 36 45.64 43.18 25.36
C TRP D 36 45.05 42.00 24.59
N VAL D 37 44.74 42.21 23.30
CA VAL D 37 44.15 41.21 22.39
C VAL D 37 44.99 41.14 21.10
N ARG D 38 45.56 39.98 20.77
CA ARG D 38 46.40 39.86 19.58
C ARG D 38 45.62 39.26 18.41
N GLN D 39 46.11 39.51 17.20
CA GLN D 39 45.57 38.93 16.00
C GLN D 39 46.75 38.56 15.06
N ALA D 40 47.09 37.25 14.98
CA ALA D 40 48.14 36.72 14.09
C ALA D 40 47.64 36.87 12.62
N PRO D 41 48.52 37.12 11.60
CA PRO D 41 48.00 37.40 10.25
C PRO D 41 47.04 36.37 9.63
N GLY D 42 45.90 36.90 9.19
CA GLY D 42 44.80 36.12 8.63
C GLY D 42 44.11 35.24 9.66
N LYS D 43 44.40 35.45 10.96
CA LYS D 43 43.81 34.68 12.04
C LYS D 43 42.82 35.51 12.86
N GLY D 44 42.17 34.86 13.81
CA GLY D 44 41.19 35.51 14.67
C GLY D 44 41.77 36.28 15.83
N LEU D 45 40.88 36.93 16.60
CA LEU D 45 41.25 37.67 17.79
C LEU D 45 41.58 36.66 18.89
N GLU D 46 42.64 36.92 19.64
CA GLU D 46 43.09 36.04 20.70
C GLU D 46 43.42 36.88 21.93
N TRP D 47 42.70 36.65 23.04
CA TRP D 47 42.91 37.36 24.31
C TRP D 47 44.28 37.01 24.89
N VAL D 48 45.04 38.05 25.28
CA VAL D 48 46.39 37.94 25.85
C VAL D 48 46.38 38.13 27.40
N ALA D 49 45.93 39.32 27.90
CA ALA D 49 45.93 39.66 29.33
C ALA D 49 45.00 40.77 29.76
N LEU D 50 44.63 40.76 31.03
CA LEU D 50 43.78 41.76 31.65
C LEU D 50 44.46 42.26 32.93
N ILE D 51 44.42 43.57 33.17
CA ILE D 51 44.95 44.23 34.36
C ILE D 51 43.82 45.05 34.99
N SER D 52 43.69 44.95 36.31
CA SER D 52 42.70 45.69 37.09
C SER D 52 42.97 47.21 37.03
N ASP D 53 41.94 48.02 37.35
CA ASP D 53 41.99 49.48 37.40
C ASP D 53 43.20 50.02 38.19
N ASP D 54 43.48 49.38 39.33
CA ASP D 54 44.57 49.72 40.25
C ASP D 54 45.94 49.10 39.88
N GLY D 55 45.92 48.16 38.95
CA GLY D 55 47.12 47.49 38.47
C GLY D 55 47.65 46.37 39.35
N MET D 56 46.86 45.96 40.36
CA MET D 56 47.26 44.90 41.30
C MET D 56 46.99 43.51 40.71
N ARG D 57 45.71 43.24 40.34
CA ARG D 57 45.28 41.96 39.77
C ARG D 57 45.59 41.90 38.28
N LYS D 58 46.37 40.88 37.88
CA LYS D 58 46.75 40.62 36.48
C LYS D 58 46.35 39.19 36.09
N TYR D 59 45.80 39.00 34.87
CA TYR D 59 45.40 37.68 34.39
C TYR D 59 46.01 37.50 33.02
N HIS D 60 46.59 36.35 32.76
CA HIS D 60 47.23 36.09 31.48
C HIS D 60 46.71 34.78 30.92
N SER D 61 46.62 34.67 29.58
CA SER D 61 46.20 33.43 28.91
C SER D 61 47.27 32.34 29.16
N ASP D 62 46.92 31.08 28.95
CA ASP D 62 47.86 30.00 29.17
C ASP D 62 49.00 30.02 28.15
N SER D 63 48.70 30.45 26.93
CA SER D 63 49.64 30.55 25.80
C SER D 63 50.68 31.66 26.01
N MET D 64 50.33 32.69 26.83
CA MET D 64 51.16 33.85 27.08
C MET D 64 51.81 33.90 28.45
N TRP D 65 51.25 33.16 29.43
CA TRP D 65 51.79 33.13 30.78
C TRP D 65 53.26 32.80 30.78
N GLY D 66 54.04 33.63 31.49
CA GLY D 66 55.48 33.47 31.64
C GLY D 66 56.33 34.10 30.56
N ARG D 67 55.70 34.51 29.43
CA ARG D 67 56.30 35.12 28.24
C ARG D 67 56.07 36.63 28.17
N VAL D 68 54.86 37.04 28.53
CA VAL D 68 54.47 38.45 28.49
C VAL D 68 54.08 38.97 29.87
N THR D 69 54.25 40.28 30.07
CA THR D 69 53.88 40.94 31.32
C THR D 69 53.04 42.16 31.01
N ILE D 70 51.87 42.28 31.66
CA ILE D 70 50.96 43.43 31.54
C ILE D 70 51.21 44.39 32.72
N SER D 71 51.21 45.71 32.48
CA SER D 71 51.41 46.76 33.49
C SER D 71 50.71 48.04 33.05
N ARG D 72 50.56 49.00 33.98
CA ARG D 72 49.91 50.27 33.68
C ARG D 72 50.47 51.42 34.51
N ASP D 73 50.40 52.64 33.91
CA ASP D 73 50.82 53.89 34.53
C ASP D 73 49.58 54.78 34.62
N ASN D 74 48.90 54.73 35.79
CA ASN D 74 47.71 55.53 35.99
C ASN D 74 47.97 57.04 36.03
N SER D 75 49.25 57.44 36.17
CA SER D 75 49.69 58.84 36.19
C SER D 75 49.97 59.33 34.78
N LYS D 76 50.30 58.39 33.86
CA LYS D 76 50.60 58.70 32.46
C LYS D 76 49.54 58.21 31.46
N ASN D 77 48.39 57.67 31.97
CA ASN D 77 47.26 57.14 31.17
C ASN D 77 47.72 56.08 30.12
N THR D 78 48.70 55.25 30.51
CA THR D 78 49.33 54.27 29.64
C THR D 78 49.22 52.83 30.13
N LEU D 79 48.98 51.90 29.19
CA LEU D 79 48.92 50.44 29.38
C LEU D 79 50.14 49.87 28.67
N TYR D 80 50.83 48.92 29.30
CA TYR D 80 52.01 48.30 28.68
C TYR D 80 51.88 46.80 28.54
N LEU D 81 52.68 46.25 27.63
CA LEU D 81 52.85 44.82 27.40
C LEU D 81 54.33 44.63 27.14
N GLN D 82 54.99 43.88 28.04
CA GLN D 82 56.42 43.63 27.97
C GLN D 82 56.70 42.18 27.53
N PHE D 83 57.55 42.03 26.51
CA PHE D 83 57.99 40.75 26.00
C PHE D 83 59.42 40.52 26.38
N SER D 84 59.68 39.34 26.83
CA SER D 84 61.01 38.89 27.12
C SER D 84 61.06 37.83 26.06
N SER D 85 62.27 37.45 25.64
CA SER D 85 62.49 36.42 24.62
C SER D 85 61.33 36.19 23.60
N LEU D 86 61.27 37.03 22.55
CA LEU D 86 60.27 36.93 21.47
C LEU D 86 60.50 35.67 20.66
N LYS D 87 59.42 35.12 20.09
CA LYS D 87 59.46 33.93 19.23
C LYS D 87 58.82 34.29 17.89
N VAL D 88 59.30 33.69 16.78
CA VAL D 88 58.78 33.95 15.41
C VAL D 88 57.25 33.79 15.30
N GLU D 89 56.67 32.97 16.18
CA GLU D 89 55.23 32.71 16.27
C GLU D 89 54.46 33.85 16.99
N ASP D 90 55.18 34.81 17.63
CA ASP D 90 54.58 35.96 18.33
C ASP D 90 54.12 37.08 17.36
N THR D 91 54.45 36.94 16.06
CA THR D 91 54.08 37.85 14.98
C THR D 91 52.57 38.01 14.96
N ALA D 92 52.09 39.25 15.17
CA ALA D 92 50.67 39.59 15.25
C ALA D 92 50.45 41.08 15.36
N MET D 93 49.18 41.46 15.22
CA MET D 93 48.68 42.80 15.48
C MET D 93 48.24 42.76 16.97
N PHE D 94 48.69 43.73 17.75
CA PHE D 94 48.33 43.83 19.15
C PHE D 94 47.34 44.96 19.38
N PHE D 95 46.14 44.61 19.85
CA PHE D 95 45.08 45.57 20.17
C PHE D 95 44.98 45.80 21.66
N CYS D 96 44.73 47.05 21.99
CA CYS D 96 44.52 47.58 23.31
C CYS D 96 43.01 47.78 23.43
N ALA D 97 42.41 47.19 24.46
CA ALA D 97 40.98 47.24 24.65
C ALA D 97 40.59 47.55 26.09
N ARG D 98 39.62 48.45 26.26
CA ARG D 98 39.14 48.81 27.57
C ARG D 98 38.09 47.82 28.03
N GLU D 99 38.18 47.41 29.31
CA GLU D 99 37.15 46.58 29.91
C GLU D 99 36.04 47.52 30.34
N ALA D 100 34.80 47.32 29.84
CA ALA D 100 33.66 48.14 30.21
C ALA D 100 33.41 48.03 31.71
N GLY D 101 33.17 49.18 32.35
CA GLY D 101 32.97 49.29 33.79
C GLY D 101 31.82 50.17 34.23
N GLY D 102 31.46 50.05 35.50
CA GLY D 102 30.37 50.82 36.09
C GLY D 102 29.69 50.13 37.26
N PRO D 103 28.53 50.66 37.70
CA PRO D 103 27.81 50.02 38.81
C PRO D 103 26.77 48.97 38.37
N ILE D 104 26.29 48.17 39.32
CA ILE D 104 25.27 47.14 39.08
C ILE D 104 24.01 47.55 39.84
N TRP D 105 23.17 48.35 39.16
CA TRP D 105 21.93 48.97 39.63
C TRP D 105 20.95 47.96 40.23
N HIS D 106 20.29 48.34 41.34
CA HIS D 106 19.23 47.55 41.96
C HIS D 106 18.22 48.45 42.65
N ASP D 107 17.05 48.61 42.01
CA ASP D 107 15.93 49.46 42.44
C ASP D 107 16.38 50.92 42.63
N ASP D 108 17.00 51.47 41.56
CA ASP D 108 17.53 52.83 41.42
C ASP D 108 18.73 53.13 42.36
N VAL D 109 19.51 52.11 42.72
CA VAL D 109 20.67 52.32 43.58
C VAL D 109 21.92 51.78 42.90
N LYS D 110 22.92 52.66 42.65
CA LYS D 110 24.22 52.33 42.02
C LYS D 110 25.04 51.54 43.05
N TYR D 111 25.59 50.38 42.64
CA TYR D 111 26.41 49.57 43.52
C TYR D 111 27.86 49.60 43.07
N ASP D 113 32.10 48.73 43.87
CA ASP D 113 32.89 47.67 44.48
C ASP D 113 33.67 48.28 45.63
N PHE D 114 34.43 47.45 46.38
CA PHE D 114 35.30 47.85 47.47
C PHE D 114 36.34 48.83 46.94
N ASN D 115 36.82 49.73 47.80
CA ASN D 115 37.81 50.77 47.45
C ASN D 115 37.23 51.72 46.37
N ASP D 116 35.91 52.03 46.41
CA ASP D 116 35.16 52.90 45.46
C ASP D 116 35.43 52.50 43.97
N GLY D 117 35.48 51.19 43.73
CA GLY D 117 35.79 50.61 42.42
C GLY D 117 34.62 50.31 41.50
N TYR D 118 34.92 50.36 40.17
CA TYR D 118 33.95 50.06 39.13
C TYR D 118 33.80 48.51 39.06
N TYR D 119 32.61 48.01 38.69
CA TYR D 119 32.40 46.57 38.52
C TYR D 119 32.59 46.25 37.02
N ASN D 120 33.37 45.20 36.67
CA ASN D 120 33.55 44.83 35.26
C ASN D 120 32.20 44.43 34.64
N TYR D 121 31.93 44.90 33.40
CA TYR D 121 30.70 44.64 32.66
C TYR D 121 30.81 43.47 31.67
N HIS D 122 32.02 42.87 31.56
CA HIS D 122 32.37 41.71 30.73
C HIS D 122 32.19 41.90 29.24
N TYR D 123 32.72 43.01 28.74
CA TYR D 123 32.79 43.37 27.33
C TYR D 123 33.82 44.46 27.16
N MET D 124 34.44 44.53 25.98
CA MET D 124 35.47 45.51 25.66
C MET D 124 34.80 46.59 24.81
N ASP D 125 34.52 47.73 25.43
CA ASP D 125 33.80 48.83 24.79
C ASP D 125 34.62 49.72 23.85
N VAL D 126 35.90 50.00 24.21
CA VAL D 126 36.81 50.89 23.47
C VAL D 126 37.99 50.06 23.00
N TRP D 127 38.33 50.23 21.72
CA TRP D 127 39.42 49.53 21.06
C TRP D 127 40.33 50.49 20.34
N GLY D 128 41.61 50.13 20.28
CA GLY D 128 42.61 50.87 19.54
C GLY D 128 42.72 50.29 18.14
N LYS D 129 43.48 50.98 17.26
CA LYS D 129 43.73 50.60 15.87
C LYS D 129 44.76 49.44 15.70
N GLY D 130 45.48 49.14 16.78
CA GLY D 130 46.49 48.08 16.81
C GLY D 130 47.89 48.52 16.42
N THR D 131 48.90 47.81 16.94
CA THR D 131 50.31 47.95 16.62
C THR D 131 50.81 46.60 16.20
N THR D 132 51.47 46.54 15.04
CA THR D 132 51.93 45.27 14.48
C THR D 132 53.36 44.91 14.86
N VAL D 133 53.52 43.67 15.32
CA VAL D 133 54.81 43.10 15.73
C VAL D 133 55.22 42.02 14.71
N THR D 134 56.36 42.22 14.02
CA THR D 134 56.87 41.26 13.05
C THR D 134 58.13 40.65 13.62
N VAL D 135 58.09 39.35 13.98
CA VAL D 135 59.27 38.70 14.54
C VAL D 135 59.98 37.92 13.48
N SER D 136 61.21 38.34 13.18
CA SER D 136 62.04 37.71 12.16
C SER D 136 63.52 37.99 12.37
N SER D 137 64.31 36.95 12.18
CA SER D 137 65.77 36.95 12.32
C SER D 137 66.45 37.39 11.01
N ALA D 138 65.69 37.42 9.92
CA ALA D 138 66.15 37.76 8.59
C ALA D 138 66.58 39.23 8.43
N SER D 139 67.47 39.47 7.47
CA SER D 139 67.93 40.78 7.02
C SER D 139 67.56 40.82 5.53
N THR D 140 67.81 41.95 4.83
CA THR D 140 67.49 42.06 3.40
C THR D 140 68.09 40.88 2.63
N LYS D 141 67.20 40.08 1.99
CA LYS D 141 67.49 38.87 1.20
C LYS D 141 66.55 38.77 -0.01
N GLY D 142 67.15 38.74 -1.21
CA GLY D 142 66.47 38.65 -2.49
C GLY D 142 65.76 37.32 -2.71
N PRO D 143 64.72 37.27 -3.56
CA PRO D 143 64.00 36.00 -3.76
C PRO D 143 64.66 35.00 -4.69
N SER D 144 64.20 33.76 -4.60
CA SER D 144 64.50 32.67 -5.50
C SER D 144 63.22 32.55 -6.31
N VAL D 145 63.34 32.52 -7.64
CA VAL D 145 62.20 32.45 -8.55
C VAL D 145 62.18 31.10 -9.28
N PHE D 146 61.06 30.37 -9.16
CA PHE D 146 60.88 29.07 -9.78
C PHE D 146 59.68 29.08 -10.68
N PRO D 147 59.72 28.38 -11.83
CA PRO D 147 58.56 28.41 -12.70
C PRO D 147 57.47 27.44 -12.23
N LEU D 148 56.21 27.85 -12.41
CA LEU D 148 55.06 26.99 -12.17
C LEU D 148 54.58 26.70 -13.60
N ALA D 149 55.22 25.70 -14.24
CA ALA D 149 55.02 25.30 -15.65
C ALA D 149 53.60 24.88 -16.01
N PRO D 150 53.08 25.30 -17.18
CA PRO D 150 51.78 24.81 -17.60
C PRO D 150 51.90 23.36 -18.11
N SER D 151 50.84 22.59 -17.94
CA SER D 151 50.74 21.17 -18.32
C SER D 151 49.25 20.86 -18.43
N SER D 152 48.91 19.59 -18.66
CA SER D 152 47.53 19.14 -18.77
C SER D 152 46.78 19.48 -17.47
N LYS D 153 47.43 19.20 -16.31
CA LYS D 153 46.96 19.44 -14.93
C LYS D 153 46.57 20.93 -14.64
N SER D 154 47.07 21.90 -15.44
CA SER D 154 46.79 23.33 -15.28
C SER D 154 45.97 23.92 -16.44
N THR D 155 45.53 23.04 -17.37
CA THR D 155 44.74 23.38 -18.55
C THR D 155 43.25 23.02 -18.33
N SER D 156 42.34 24.01 -18.50
CA SER D 156 40.88 23.85 -18.37
C SER D 156 40.21 24.39 -19.63
N GLY D 157 39.71 23.47 -20.44
CA GLY D 157 39.11 23.84 -21.70
C GLY D 157 40.18 24.40 -22.59
N GLY D 158 39.95 25.61 -23.06
CA GLY D 158 40.86 26.32 -23.95
C GLY D 158 41.91 27.17 -23.28
N THR D 159 41.84 27.26 -21.95
CA THR D 159 42.79 28.07 -21.20
C THR D 159 43.74 27.22 -20.34
N ALA D 160 44.91 27.79 -20.07
CA ALA D 160 45.95 27.17 -19.28
C ALA D 160 46.52 28.16 -18.26
N ALA D 161 46.78 27.66 -17.04
CA ALA D 161 47.37 28.46 -15.99
C ALA D 161 48.88 28.18 -15.90
N LEU D 162 49.66 29.25 -15.71
CA LEU D 162 51.10 29.18 -15.49
C LEU D 162 51.47 30.31 -14.51
N GLY D 163 52.57 30.14 -13.81
CA GLY D 163 52.99 31.16 -12.87
C GLY D 163 54.45 31.16 -12.51
N CYS D 164 54.76 31.91 -11.45
CA CYS D 164 56.08 32.07 -10.89
C CYS D 164 56.01 31.96 -9.42
N LEU D 165 56.83 31.08 -8.83
CA LEU D 165 56.95 30.93 -7.39
C LEU D 165 58.12 31.83 -6.95
N VAL D 166 57.83 32.83 -6.11
CA VAL D 166 58.81 33.81 -5.64
C VAL D 166 59.09 33.47 -4.15
N LYS D 167 60.11 32.64 -3.93
CA LYS D 167 60.47 32.08 -2.63
C LYS D 167 61.60 32.77 -1.84
N ASP D 168 61.49 32.67 -0.51
CA ASP D 168 62.43 33.11 0.52
C ASP D 168 63.08 34.51 0.37
N TYR D 169 62.24 35.56 0.48
CA TYR D 169 62.70 36.94 0.41
C TYR D 169 62.39 37.72 1.70
N PHE D 170 63.10 38.87 1.88
CA PHE D 170 62.92 39.78 3.01
C PHE D 170 63.44 41.18 2.70
N PRO D 171 62.71 42.27 3.04
CA PRO D 171 61.36 42.34 3.62
C PRO D 171 60.27 42.38 2.53
N GLU D 172 59.00 42.45 2.96
CA GLU D 172 57.73 42.35 2.23
C GLU D 172 57.55 42.79 0.76
N PRO D 173 57.81 44.02 0.35
CA PRO D 173 57.43 44.37 -1.03
C PRO D 173 58.17 43.73 -2.21
N VAL D 174 57.49 42.75 -2.86
CA VAL D 174 57.89 42.06 -4.11
C VAL D 174 56.82 42.44 -5.11
N THR D 175 57.23 42.81 -6.33
CA THR D 175 56.38 43.19 -7.44
C THR D 175 56.57 42.18 -8.59
N VAL D 176 55.46 41.75 -9.22
CA VAL D 176 55.52 40.81 -10.35
C VAL D 176 54.71 41.35 -11.50
N SER D 177 55.31 41.37 -12.70
CA SER D 177 54.68 41.77 -13.94
C SER D 177 54.87 40.60 -14.93
N TRP D 178 54.12 40.59 -16.03
CA TRP D 178 54.21 39.53 -17.04
C TRP D 178 54.43 40.11 -18.44
N ASN D 179 55.43 39.57 -19.15
CA ASN D 179 55.87 39.98 -20.48
C ASN D 179 56.21 41.45 -20.58
N SER D 180 56.86 41.96 -19.53
CA SER D 180 57.29 43.35 -19.34
C SER D 180 56.13 44.36 -19.25
N GLY D 181 54.96 43.88 -18.85
CA GLY D 181 53.76 44.68 -18.70
C GLY D 181 52.76 44.50 -19.84
N ALA D 182 53.20 43.87 -20.96
CA ALA D 182 52.42 43.58 -22.16
C ALA D 182 51.26 42.61 -21.90
N LEU D 183 51.35 41.83 -20.81
CA LEU D 183 50.34 40.89 -20.37
C LEU D 183 49.84 41.36 -19.02
N THR D 184 48.53 41.71 -18.93
CA THR D 184 47.87 42.19 -17.70
C THR D 184 46.55 41.46 -17.47
N SER D 185 45.95 40.97 -18.57
CA SER D 185 44.69 40.22 -18.55
C SER D 185 44.93 38.77 -18.13
N GLY D 186 44.32 38.39 -17.02
CA GLY D 186 44.42 37.06 -16.45
C GLY D 186 45.43 36.93 -15.33
N VAL D 187 46.17 38.03 -15.05
CA VAL D 187 47.23 38.11 -14.04
C VAL D 187 46.65 38.26 -12.62
N HIS D 188 47.15 37.43 -11.67
CA HIS D 188 46.85 37.51 -10.26
C HIS D 188 48.09 37.20 -9.46
N THR D 189 48.49 38.19 -8.65
CA THR D 189 49.62 38.05 -7.76
C THR D 189 49.02 37.94 -6.38
N PHE D 190 49.28 36.79 -5.75
CA PHE D 190 48.75 36.50 -4.44
C PHE D 190 49.50 37.22 -3.35
N PRO D 191 48.84 37.57 -2.22
CA PRO D 191 49.60 38.17 -1.10
C PRO D 191 50.62 37.16 -0.57
N ALA D 192 51.69 37.68 0.01
CA ALA D 192 52.74 36.84 0.55
C ALA D 192 52.35 36.12 1.82
N VAL D 193 52.98 34.94 1.97
CA VAL D 193 52.90 34.03 3.10
C VAL D 193 54.22 34.16 3.86
N LEU D 194 54.15 34.39 5.19
CA LEU D 194 55.35 34.49 6.02
C LEU D 194 55.56 33.12 6.69
N GLN D 195 56.74 32.55 6.47
CA GLN D 195 57.12 31.23 6.94
C GLN D 195 57.81 31.30 8.29
N SER D 196 57.97 30.12 8.94
CA SER D 196 58.65 29.94 10.22
C SER D 196 60.11 30.43 10.17
N SER D 197 60.68 30.47 8.95
CA SER D 197 62.04 30.93 8.67
C SER D 197 62.26 32.40 9.00
N GLY D 198 61.20 33.20 8.81
CA GLY D 198 61.21 34.64 8.97
C GLY D 198 61.27 35.33 7.62
N LEU D 199 61.17 34.52 6.53
CA LEU D 199 61.20 34.95 5.13
C LEU D 199 59.83 34.76 4.52
N TYR D 200 59.50 35.58 3.52
CA TYR D 200 58.22 35.51 2.84
C TYR D 200 58.35 34.72 1.54
N SER D 201 57.18 34.31 1.00
CA SER D 201 57.01 33.64 -0.29
C SER D 201 55.69 34.06 -0.89
N LEU D 202 55.65 34.11 -2.21
CA LEU D 202 54.51 34.61 -2.93
C LEU D 202 54.43 33.89 -4.28
N SER D 203 53.24 33.93 -4.92
CA SER D 203 53.02 33.35 -6.23
C SER D 203 52.30 34.36 -7.12
N SER D 204 52.59 34.33 -8.41
CA SER D 204 51.91 35.15 -9.40
C SER D 204 51.51 34.23 -10.53
N VAL D 205 50.23 34.22 -10.87
CA VAL D 205 49.71 33.40 -11.95
C VAL D 205 49.04 34.16 -13.08
N VAL D 206 49.05 33.55 -14.27
CA VAL D 206 48.41 34.07 -15.45
C VAL D 206 47.72 32.94 -16.24
N THR D 207 46.54 33.26 -16.82
CA THR D 207 45.75 32.37 -17.65
C THR D 207 45.91 32.82 -19.10
N VAL D 208 46.36 31.89 -19.95
CA VAL D 208 46.64 32.10 -21.36
C VAL D 208 45.90 31.05 -22.25
N PRO D 209 45.72 31.28 -23.59
CA PRO D 209 45.10 30.23 -24.42
C PRO D 209 46.08 29.07 -24.63
N SER D 210 45.58 27.82 -24.53
CA SER D 210 46.34 26.56 -24.66
C SER D 210 47.06 26.44 -26.00
N SER D 211 46.50 27.08 -27.03
CA SER D 211 47.02 27.17 -28.40
C SER D 211 48.36 27.90 -28.45
N SER D 212 48.54 28.93 -27.60
CA SER D 212 49.74 29.78 -27.52
C SER D 212 50.96 29.08 -26.92
N LEU D 213 50.72 28.08 -26.05
CA LEU D 213 51.74 27.25 -25.41
C LEU D 213 52.50 26.58 -26.56
N GLY D 214 53.77 26.88 -26.69
CA GLY D 214 54.54 26.31 -27.78
C GLY D 214 54.88 27.33 -28.85
N THR D 215 54.06 28.40 -28.96
CA THR D 215 54.28 29.51 -29.89
C THR D 215 54.66 30.82 -29.15
N GLN D 216 53.80 31.30 -28.24
CA GLN D 216 54.04 32.53 -27.44
C GLN D 216 54.90 32.28 -26.18
N THR D 217 55.93 33.13 -25.97
CA THR D 217 56.81 33.03 -24.80
C THR D 217 56.25 33.83 -23.64
N TYR D 218 56.26 33.23 -22.43
CA TYR D 218 55.77 33.89 -21.22
C TYR D 218 56.90 34.05 -20.21
N ILE D 219 57.12 35.30 -19.74
CA ILE D 219 58.18 35.68 -18.81
C ILE D 219 57.62 36.51 -17.66
N CYS D 220 57.95 36.11 -16.43
CA CYS D 220 57.54 36.91 -15.28
C CYS D 220 58.69 37.79 -14.88
N ASN D 221 58.36 39.03 -14.60
CA ASN D 221 59.35 40.01 -14.21
C ASN D 221 59.12 40.31 -12.74
N VAL D 222 59.97 39.72 -11.90
CA VAL D 222 59.93 39.86 -10.45
C VAL D 222 60.90 40.96 -10.02
N ASN D 223 60.44 41.85 -9.13
CA ASN D 223 61.23 42.96 -8.64
C ASN D 223 61.12 43.04 -7.13
N HIS D 224 62.26 43.00 -6.46
CA HIS D 224 62.34 43.14 -5.02
C HIS D 224 63.21 44.34 -4.77
N LYS D 225 62.55 45.55 -4.85
CA LYS D 225 63.15 46.87 -4.64
C LYS D 225 63.97 46.95 -3.35
N PRO D 226 63.58 46.35 -2.18
CA PRO D 226 64.44 46.43 -0.98
C PRO D 226 65.88 45.86 -1.10
N SER D 227 66.12 44.85 -1.97
CA SER D 227 67.43 44.22 -2.18
C SER D 227 68.01 44.58 -3.56
N ASN D 228 67.23 45.37 -4.34
CA ASN D 228 67.52 45.84 -5.70
C ASN D 228 67.76 44.66 -6.68
N THR D 229 66.98 43.57 -6.47
CA THR D 229 67.02 42.33 -7.25
C THR D 229 65.87 42.30 -8.24
N LYS D 230 66.19 42.03 -9.51
CA LYS D 230 65.23 41.88 -10.59
C LYS D 230 65.49 40.52 -11.19
N VAL D 231 64.43 39.73 -11.35
CA VAL D 231 64.53 38.39 -11.92
C VAL D 231 63.49 38.27 -13.04
N ASP D 232 63.95 37.91 -14.25
CA ASP D 232 63.09 37.68 -15.41
C ASP D 232 63.18 36.20 -15.73
N LYS D 233 62.09 35.46 -15.48
CA LYS D 233 62.04 34.03 -15.65
C LYS D 233 61.06 33.61 -16.75
N ARG D 234 61.52 32.81 -17.72
CA ARG D 234 60.66 32.29 -18.79
C ARG D 234 59.97 31.01 -18.34
N VAL D 235 58.63 31.01 -18.39
CA VAL D 235 57.83 29.86 -17.99
C VAL D 235 57.38 29.10 -19.23
N GLU D 236 57.90 27.90 -19.41
CA GLU D 236 57.56 27.10 -20.57
C GLU D 236 57.08 25.70 -20.16
N PRO D 237 56.21 25.05 -20.94
CA PRO D 237 55.70 23.72 -20.55
C PRO D 237 56.78 22.63 -20.54
N LYS D 238 56.61 21.61 -19.68
CA LYS D 238 57.57 20.50 -19.58
C LYS D 238 57.24 19.33 -20.57
N SER D 239 58.14 18.29 -20.62
CA SER D 239 58.02 17.06 -21.41
C SER D 239 58.24 15.84 -20.51
N ALA E 3 21.68 1.82 36.93
CA ALA E 3 20.60 2.25 36.04
C ALA E 3 20.12 3.66 36.35
N LEU E 4 19.82 4.44 35.31
CA LEU E 4 19.30 5.79 35.48
C LEU E 4 17.86 5.69 36.00
N THR E 5 17.40 6.72 36.73
CA THR E 5 16.08 6.70 37.36
C THR E 5 15.04 7.52 36.60
N GLN E 6 13.93 6.86 36.24
CA GLN E 6 12.80 7.43 35.50
C GLN E 6 11.46 7.19 36.21
N PRO E 7 10.43 8.05 36.06
CA PRO E 7 9.11 7.70 36.65
C PRO E 7 8.52 6.55 35.84
N ALA E 8 7.83 5.57 36.48
CA ALA E 8 7.26 4.43 35.76
C ALA E 8 6.15 4.84 34.80
N SER E 9 5.38 5.91 35.11
CA SER E 9 4.25 6.32 34.29
C SER E 9 4.14 7.83 34.20
N VAL E 10 3.97 8.31 32.95
CA VAL E 10 3.71 9.72 32.65
C VAL E 10 2.53 9.75 31.69
N SER E 11 1.51 10.54 32.01
CA SER E 11 0.31 10.57 31.18
C SER E 11 -0.26 11.97 30.99
N GLY E 12 -1.14 12.05 30.04
CA GLY E 12 -1.84 13.28 29.77
C GLY E 12 -2.98 13.05 28.82
N SER E 13 -3.78 14.08 28.64
CA SER E 13 -4.88 14.09 27.70
C SER E 13 -4.31 14.56 26.32
N PRO E 14 -5.01 14.28 25.19
CA PRO E 14 -4.49 14.72 23.87
C PRO E 14 -4.27 16.23 23.85
N GLY E 15 -3.15 16.64 23.25
CA GLY E 15 -2.79 18.05 23.12
C GLY E 15 -1.98 18.61 24.29
N GLN E 16 -1.97 17.90 25.41
CA GLN E 16 -1.24 18.32 26.61
C GLN E 16 0.27 18.21 26.39
N THR E 17 1.05 18.91 27.24
CA THR E 17 2.51 18.81 27.21
C THR E 17 3.00 18.09 28.47
N ILE E 18 3.75 17.01 28.28
CA ILE E 18 4.22 16.16 29.36
C ILE E 18 5.74 16.13 29.37
N THR E 19 6.34 15.86 30.54
CA THR E 19 7.78 15.80 30.73
C THR E 19 8.19 14.50 31.44
N ILE E 20 9.30 13.89 30.99
CA ILE E 20 9.86 12.66 31.52
C ILE E 20 11.23 13.01 32.06
N SER E 21 11.45 12.75 33.34
CA SER E 21 12.73 13.03 33.99
C SER E 21 13.61 11.76 34.00
N CYS E 22 14.91 11.97 34.05
CA CYS E 22 15.89 10.91 34.02
C CYS E 22 17.05 11.30 34.93
N ASN E 23 17.10 10.70 36.13
CA ASN E 23 18.10 11.01 37.14
C ASN E 23 19.31 10.11 37.08
N GLY E 24 20.46 10.77 36.91
CA GLY E 24 21.75 10.12 36.89
C GLY E 24 22.73 10.71 37.89
N THR E 25 24.03 10.59 37.57
CA THR E 25 25.14 11.07 38.41
C THR E 25 26.18 11.82 37.59
N SER E 26 27.25 12.28 38.27
CA SER E 26 28.37 13.01 37.69
C SER E 26 29.24 12.12 36.79
N SER E 27 29.10 10.81 36.92
CA SER E 27 29.87 9.88 36.10
C SER E 27 29.12 9.48 34.82
N ASP E 28 27.91 10.05 34.62
CA ASP E 28 27.08 9.78 33.46
C ASP E 28 26.35 11.01 32.91
N VAL E 29 25.07 11.23 33.34
CA VAL E 29 24.21 12.36 32.93
C VAL E 29 24.87 13.70 33.23
N GLY E 30 25.36 13.86 34.48
CA GLY E 30 26.05 15.07 34.91
C GLY E 30 27.44 15.24 34.37
N GLY E 31 28.04 14.16 33.87
CA GLY E 31 29.39 14.16 33.34
C GLY E 31 29.56 14.54 31.89
N PHE E 32 28.56 14.26 31.04
CA PHE E 32 28.63 14.49 29.60
C PHE E 32 27.33 15.01 29.05
N ASP E 33 27.38 15.58 27.84
CA ASP E 33 26.20 16.03 27.09
C ASP E 33 25.93 14.95 26.02
N SER E 34 25.83 13.69 26.48
CA SER E 34 25.62 12.50 25.65
C SER E 34 24.40 11.66 26.10
N VAL E 35 23.27 12.33 26.30
CA VAL E 35 22.00 11.75 26.71
C VAL E 35 21.12 11.54 25.48
N SER E 36 20.65 10.32 25.30
CA SER E 36 19.76 9.98 24.20
C SER E 36 18.48 9.35 24.71
N TRP E 37 17.40 9.50 23.93
CA TRP E 37 16.08 8.99 24.26
C TRP E 37 15.58 8.06 23.19
N TYR E 38 14.97 6.95 23.64
CA TYR E 38 14.45 5.92 22.77
C TYR E 38 12.99 5.64 23.06
N GLN E 39 12.20 5.47 22.00
CA GLN E 39 10.78 5.14 22.09
C GLN E 39 10.61 3.66 21.69
N GLN E 40 9.82 2.88 22.44
CA GLN E 40 9.55 1.49 22.07
C GLN E 40 8.04 1.24 22.12
N SER E 41 7.41 1.06 20.97
CA SER E 41 5.99 0.76 20.77
C SER E 41 5.79 -0.73 21.04
N PRO E 42 4.58 -1.17 21.49
CA PRO E 42 4.41 -2.60 21.82
C PRO E 42 4.66 -3.56 20.64
N GLY E 43 5.53 -4.53 20.89
CA GLY E 43 5.95 -5.51 19.90
C GLY E 43 6.99 -4.99 18.91
N LYS E 44 7.44 -3.74 19.11
CA LYS E 44 8.43 -3.12 18.23
C LYS E 44 9.80 -2.86 18.89
N ALA E 45 10.84 -2.83 18.06
CA ALA E 45 12.23 -2.56 18.44
C ALA E 45 12.32 -1.08 18.83
N PRO E 46 13.28 -0.65 19.67
CA PRO E 46 13.37 0.79 19.99
C PRO E 46 13.77 1.69 18.80
N LYS E 47 13.45 2.99 18.89
CA LYS E 47 13.73 4.05 17.88
C LYS E 47 14.31 5.29 18.60
N VAL E 48 15.47 5.83 18.15
CA VAL E 48 16.06 7.06 18.73
C VAL E 48 15.20 8.33 18.39
N MET E 49 14.81 9.11 19.45
CA MET E 49 13.97 10.32 19.40
C MET E 49 14.80 11.61 19.54
N VAL E 50 15.79 11.58 20.45
CA VAL E 50 16.66 12.69 20.83
C VAL E 50 18.05 12.12 21.14
N PHE E 51 19.13 12.90 20.89
CA PHE E 51 20.52 12.53 21.16
C PHE E 51 21.30 13.75 21.56
N ASP E 52 22.46 13.58 22.23
CA ASP E 52 23.30 14.71 22.70
C ASP E 52 22.47 15.80 23.41
N VAL E 53 21.63 15.35 24.35
CA VAL E 53 20.73 16.13 25.19
C VAL E 53 19.51 16.71 24.44
N SER E 54 19.75 17.62 23.48
CA SER E 54 18.68 18.38 22.81
C SER E 54 18.53 18.24 21.30
N HIS E 55 19.32 17.37 20.67
CA HIS E 55 19.27 17.19 19.22
C HIS E 55 18.31 16.12 18.78
N ARG E 56 17.58 16.41 17.69
CA ARG E 56 16.62 15.52 17.07
C ARG E 56 17.18 14.92 15.79
N PRO E 57 17.05 13.58 15.59
CA PRO E 57 17.45 12.99 14.31
C PRO E 57 16.49 13.45 13.21
N SER E 58 16.84 13.19 11.93
CA SER E 58 15.99 13.54 10.79
C SER E 58 14.68 12.75 10.85
N GLY E 59 13.56 13.45 10.66
CA GLY E 59 12.24 12.81 10.65
C GLY E 59 11.52 12.81 11.98
N ILE E 60 12.19 13.25 13.06
CA ILE E 60 11.57 13.33 14.39
C ILE E 60 10.91 14.70 14.59
N SER E 61 9.62 14.68 14.96
CA SER E 61 8.78 15.85 15.18
C SER E 61 9.37 16.84 16.16
N ASN E 62 9.13 18.13 15.91
CA ASN E 62 9.57 19.26 16.73
C ASN E 62 8.88 19.27 18.12
N ARG E 63 7.84 18.41 18.29
CA ARG E 63 7.07 18.25 19.53
C ARG E 63 7.89 17.55 20.63
N PHE E 64 8.96 16.83 20.23
CA PHE E 64 9.91 16.13 21.11
C PHE E 64 11.11 17.04 21.36
N SER E 65 11.36 17.41 22.59
CA SER E 65 12.50 18.24 22.93
C SER E 65 13.20 17.69 24.16
N GLY E 66 14.53 17.79 24.16
CA GLY E 66 15.36 17.32 25.25
C GLY E 66 16.08 18.43 25.97
N SER E 67 16.28 18.26 27.27
CA SER E 67 16.89 19.22 28.17
C SER E 67 17.67 18.52 29.28
N LYS E 68 18.63 19.23 29.89
CA LYS E 68 19.44 18.72 31.02
C LYS E 68 19.71 19.84 32.06
N SER E 69 19.67 19.50 33.34
CA SER E 69 19.99 20.38 34.47
C SER E 69 20.68 19.53 35.55
N GLY E 70 22.00 19.73 35.68
CA GLY E 70 22.83 18.98 36.60
C GLY E 70 22.90 17.52 36.21
N ASN E 71 22.45 16.65 37.12
CA ASN E 71 22.40 15.19 36.98
C ASN E 71 21.04 14.68 36.45
N THR E 72 20.17 15.61 36.04
CA THR E 72 18.82 15.28 35.55
C THR E 72 18.63 15.69 34.11
N ALA E 73 18.10 14.77 33.30
CA ALA E 73 17.77 14.98 31.89
C ALA E 73 16.25 14.90 31.77
N SER E 74 15.70 15.65 30.80
CA SER E 74 14.26 15.69 30.58
C SER E 74 13.89 15.56 29.10
N LEU E 75 12.82 14.82 28.82
CA LEU E 75 12.25 14.70 27.49
C LEU E 75 10.85 15.29 27.59
N THR E 76 10.59 16.31 26.78
CA THR E 76 9.30 16.97 26.75
C THR E 76 8.58 16.62 25.46
N ILE E 77 7.28 16.26 25.59
CA ILE E 77 6.42 15.95 24.44
C ILE E 77 5.27 16.98 24.46
N SER E 78 5.24 17.85 23.45
CA SER E 78 4.18 18.85 23.35
C SER E 78 3.10 18.31 22.42
N GLY E 79 1.87 18.75 22.61
CA GLY E 79 0.73 18.33 21.81
C GLY E 79 0.59 16.83 21.73
N LEU E 80 0.49 16.17 22.90
CA LEU E 80 0.36 14.72 23.09
C LEU E 80 -0.60 14.07 22.06
N HIS E 81 -0.10 13.03 21.37
CA HIS E 81 -0.83 12.32 20.30
C HIS E 81 -0.86 10.85 20.65
N ILE E 82 -1.94 10.12 20.25
CA ILE E 82 -2.03 8.67 20.55
C ILE E 82 -0.90 7.84 19.97
N GLU E 83 -0.22 8.33 18.92
CA GLU E 83 0.90 7.62 18.34
C GLU E 83 2.19 7.81 19.15
N ASP E 84 2.16 8.64 20.21
CA ASP E 84 3.30 8.86 21.10
C ASP E 84 3.32 7.81 22.24
N GLU E 85 2.21 7.06 22.40
CA GLU E 85 2.06 6.00 23.40
C GLU E 85 3.12 4.91 23.22
N GLY E 86 3.76 4.57 24.33
CA GLY E 86 4.79 3.54 24.41
C GLY E 86 5.70 3.78 25.58
N ASP E 87 6.84 3.05 25.63
CA ASP E 87 7.84 3.15 26.68
C ASP E 87 9.01 3.97 26.19
N TYR E 88 9.46 4.88 27.00
CA TYR E 88 10.56 5.78 26.69
C TYR E 88 11.75 5.55 27.61
N PHE E 89 12.93 5.39 27.01
CA PHE E 89 14.16 5.12 27.76
C PHE E 89 15.23 6.18 27.52
N CYS E 90 15.74 6.77 28.59
CA CYS E 90 16.86 7.69 28.49
C CYS E 90 18.10 6.86 28.48
N SER E 91 19.19 7.44 28.03
CA SER E 91 20.43 6.70 28.00
C SER E 91 21.55 7.66 28.18
N SER E 92 22.70 7.19 28.70
CA SER E 92 23.86 8.03 28.83
C SER E 92 25.19 7.28 28.66
N LEU E 93 26.22 8.03 28.24
CA LEU E 93 27.60 7.58 28.14
C LEU E 93 28.13 7.68 29.57
N THR E 94 29.01 6.76 29.96
CA THR E 94 29.65 6.65 31.29
C THR E 94 31.11 7.14 31.17
N ASP E 95 31.72 7.55 32.30
CA ASP E 95 33.11 7.96 32.37
C ASP E 95 34.09 6.78 32.12
N ARG E 96 33.52 5.55 32.04
CA ARG E 96 34.20 4.29 31.77
C ARG E 96 34.04 3.84 30.32
N SER E 97 33.38 4.69 29.50
CA SER E 97 33.05 4.47 28.09
C SER E 97 31.95 3.44 27.88
N HIS E 98 31.16 3.19 28.93
CA HIS E 98 30.01 2.29 28.93
C HIS E 98 28.77 3.10 28.56
N ARG E 99 27.62 2.41 28.43
CA ARG E 99 26.31 3.01 28.19
C ARG E 99 25.39 2.59 29.30
N ILE E 100 24.55 3.51 29.76
CA ILE E 100 23.61 3.19 30.81
C ILE E 100 22.23 3.68 30.48
N PHE E 101 21.26 2.78 30.58
CA PHE E 101 19.86 3.06 30.31
C PHE E 101 19.08 3.33 31.59
N GLY E 102 17.97 4.04 31.45
CA GLY E 102 17.04 4.30 32.55
C GLY E 102 16.09 3.13 32.59
N GLY E 103 15.26 3.07 33.64
CA GLY E 103 14.30 1.99 33.83
C GLY E 103 13.13 1.97 32.85
N GLY E 104 12.82 3.12 32.22
CA GLY E 104 11.71 3.28 31.29
C GLY E 104 10.50 3.98 31.87
N THR E 105 9.75 4.68 31.00
CA THR E 105 8.52 5.39 31.38
C THR E 105 7.43 5.01 30.39
N LYS E 106 6.29 4.52 30.89
CA LYS E 106 5.16 4.23 30.03
C LYS E 106 4.45 5.57 29.84
N VAL E 107 4.30 5.99 28.59
CA VAL E 107 3.61 7.22 28.21
C VAL E 107 2.21 6.84 27.73
N THR E 108 1.18 7.34 28.42
CA THR E 108 -0.23 7.03 28.15
C THR E 108 -0.98 8.28 27.78
N VAL E 109 -1.89 8.15 26.81
CA VAL E 109 -2.83 9.18 26.37
C VAL E 109 -4.15 8.74 27.03
N LEU E 110 -4.48 9.37 28.18
CA LEU E 110 -5.63 9.04 28.99
C LEU E 110 -6.98 8.86 28.29
N GLY E 111 -7.53 7.63 28.43
CA GLY E 111 -8.83 7.21 27.88
C GLY E 111 -9.91 7.03 28.94
N GLN E 112 -9.53 7.24 30.19
CA GLN E 112 -10.33 7.20 31.42
C GLN E 112 -9.49 7.92 32.48
N PRO E 113 -10.05 8.42 33.57
CA PRO E 113 -9.18 9.15 34.53
C PRO E 113 -8.24 8.21 35.24
N LYS E 114 -7.09 8.73 35.65
CA LYS E 114 -6.10 7.94 36.39
C LYS E 114 -6.76 7.37 37.67
N ALA E 115 -6.31 6.16 38.06
CA ALA E 115 -6.75 5.50 39.30
C ALA E 115 -5.47 5.10 40.05
N ALA E 116 -5.33 5.51 41.33
CA ALA E 116 -4.14 5.24 42.13
C ALA E 116 -4.21 3.80 42.58
N PRO E 117 -3.09 3.11 42.89
CA PRO E 117 -3.22 1.71 43.34
C PRO E 117 -3.65 1.51 44.77
N SER E 118 -4.26 0.35 45.03
CA SER E 118 -4.62 -0.14 46.38
C SER E 118 -3.51 -1.12 46.69
N VAL E 119 -2.81 -0.98 47.81
CA VAL E 119 -1.66 -1.85 48.19
C VAL E 119 -1.94 -2.71 49.45
N THR E 120 -1.77 -4.04 49.35
CA THR E 120 -1.92 -4.95 50.49
C THR E 120 -0.61 -5.71 50.69
N LEU E 121 0.02 -5.58 51.87
CA LEU E 121 1.28 -6.27 52.17
C LEU E 121 1.09 -7.35 53.24
N PHE E 122 1.43 -8.60 52.89
CA PHE E 122 1.37 -9.75 53.78
C PHE E 122 2.77 -10.13 54.26
N PRO E 123 2.96 -10.35 55.57
CA PRO E 123 4.27 -10.83 56.06
C PRO E 123 4.39 -12.34 55.83
N PRO E 124 5.58 -12.99 56.03
CA PRO E 124 5.62 -14.45 55.92
C PRO E 124 4.69 -15.09 56.95
N SER E 125 4.00 -16.16 56.56
CA SER E 125 3.15 -16.91 57.47
C SER E 125 4.06 -17.73 58.37
N SER E 126 3.57 -18.10 59.59
CA SER E 126 4.31 -18.91 60.54
C SER E 126 4.55 -20.30 59.98
N GLU E 127 3.64 -20.77 59.09
CA GLU E 127 3.79 -22.08 58.42
C GLU E 127 5.00 -22.07 57.52
N GLU E 128 5.20 -20.97 56.76
CA GLU E 128 6.34 -20.82 55.87
C GLU E 128 7.65 -20.71 56.65
N LEU E 129 7.66 -19.93 57.74
CA LEU E 129 8.83 -19.74 58.59
C LEU E 129 9.30 -21.06 59.16
N GLN E 130 8.36 -21.94 59.51
CA GLN E 130 8.64 -23.29 60.03
C GLN E 130 9.14 -24.22 58.94
N ALA E 131 8.93 -23.86 57.66
CA ALA E 131 9.43 -24.62 56.51
C ALA E 131 10.79 -24.07 56.05
N ASN E 132 11.40 -23.16 56.88
CA ASN E 132 12.69 -22.51 56.65
C ASN E 132 12.69 -21.65 55.38
N LYS E 133 11.56 -20.98 55.13
CA LYS E 133 11.38 -20.08 53.98
C LYS E 133 10.64 -18.86 54.51
N ALA E 134 10.76 -17.74 53.78
CA ALA E 134 10.08 -16.50 54.14
C ALA E 134 9.83 -15.70 52.86
N THR E 135 8.57 -15.26 52.67
CA THR E 135 8.12 -14.49 51.52
C THR E 135 7.15 -13.41 51.98
N LEU E 136 7.47 -12.16 51.61
CA LEU E 136 6.66 -10.98 51.83
C LEU E 136 5.92 -10.79 50.50
N VAL E 137 4.59 -10.63 50.57
CA VAL E 137 3.72 -10.56 49.41
C VAL E 137 3.03 -9.20 49.37
N CYS E 138 3.32 -8.44 48.31
CA CYS E 138 2.76 -7.11 48.09
C CYS E 138 1.77 -7.14 46.93
N LEU E 139 0.48 -6.94 47.18
CA LEU E 139 -0.50 -6.94 46.10
C LEU E 139 -0.94 -5.52 45.77
N ILE E 140 -0.75 -5.14 44.48
CA ILE E 140 -1.05 -3.81 43.93
C ILE E 140 -2.22 -3.91 42.94
N SER E 141 -3.31 -3.21 43.22
CA SER E 141 -4.47 -3.35 42.34
C SER E 141 -5.20 -2.07 42.00
N ASP E 142 -6.04 -2.16 40.96
CA ASP E 142 -6.91 -1.10 40.47
C ASP E 142 -6.27 0.21 40.07
N PHE E 143 -5.11 0.22 39.43
CA PHE E 143 -4.45 1.45 38.99
C PHE E 143 -4.55 1.63 37.45
N TYR E 144 -4.46 2.88 36.96
CA TYR E 144 -4.44 3.32 35.57
C TYR E 144 -3.64 4.63 35.55
N PRO E 145 -2.59 4.81 34.70
CA PRO E 145 -2.05 3.88 33.67
C PRO E 145 -1.40 2.61 34.27
N GLY E 146 -1.27 1.55 33.46
CA GLY E 146 -0.68 0.28 33.86
C GLY E 146 0.83 0.28 34.00
N ALA E 147 1.37 1.09 34.92
CA ALA E 147 2.80 1.19 35.21
C ALA E 147 3.01 1.79 36.61
N VAL E 148 3.78 1.07 37.44
CA VAL E 148 4.14 1.44 38.80
C VAL E 148 5.62 1.15 39.05
N THR E 149 6.20 1.80 40.05
CA THR E 149 7.51 1.45 40.55
C THR E 149 7.37 0.84 41.97
N VAL E 150 7.90 -0.38 42.16
CA VAL E 150 7.84 -1.10 43.43
C VAL E 150 9.24 -1.19 44.04
N ALA E 151 9.38 -0.63 45.24
CA ALA E 151 10.64 -0.62 45.96
C ALA E 151 10.44 -1.27 47.32
N TRP E 152 11.40 -2.13 47.71
CA TRP E 152 11.40 -2.80 49.02
C TRP E 152 12.48 -2.23 49.90
N LYS E 153 12.19 -2.11 51.18
CA LYS E 153 13.13 -1.60 52.17
C LYS E 153 13.16 -2.54 53.35
N ALA E 154 14.37 -2.83 53.86
CA ALA E 154 14.64 -3.61 55.06
C ALA E 154 15.03 -2.50 56.02
N ASP E 155 14.17 -2.27 57.04
CA ASP E 155 14.26 -1.16 57.99
C ASP E 155 14.03 0.10 57.14
N SER E 156 15.06 0.95 56.93
CA SER E 156 14.98 2.17 56.11
C SER E 156 15.79 2.04 54.80
N SER E 157 16.75 1.11 54.77
CA SER E 157 17.64 0.83 53.64
C SER E 157 16.96 -0.02 52.54
N PRO E 158 17.16 0.30 51.24
CA PRO E 158 16.51 -0.49 50.18
C PRO E 158 17.13 -1.85 49.94
N VAL E 159 16.31 -2.79 49.45
CA VAL E 159 16.74 -4.15 49.14
C VAL E 159 16.35 -4.57 47.72
N LYS E 160 17.36 -4.84 46.86
CA LYS E 160 17.12 -5.23 45.46
C LYS E 160 17.26 -6.75 45.21
N ALA E 161 17.99 -7.43 46.10
CA ALA E 161 18.15 -8.86 45.97
C ALA E 161 16.87 -9.57 46.46
N GLY E 162 16.49 -10.65 45.77
CA GLY E 162 15.32 -11.47 46.10
C GLY E 162 13.96 -10.91 45.76
N VAL E 163 13.92 -9.81 44.96
CA VAL E 163 12.70 -9.12 44.55
C VAL E 163 12.25 -9.59 43.16
N GLU E 164 10.96 -9.95 43.04
CA GLU E 164 10.30 -10.41 41.82
C GLU E 164 8.96 -9.69 41.76
N THR E 165 8.78 -8.86 40.72
CA THR E 165 7.60 -8.05 40.46
C THR E 165 7.02 -8.45 39.10
N THR E 166 5.68 -8.59 39.01
CA THR E 166 5.00 -8.95 37.75
C THR E 166 4.80 -7.68 36.91
N THR E 167 4.57 -7.87 35.62
CA THR E 167 4.24 -6.84 34.67
C THR E 167 2.74 -6.56 34.90
N PRO E 168 2.30 -5.29 34.97
CA PRO E 168 0.86 -5.06 35.22
C PRO E 168 -0.01 -5.68 34.13
N SER E 169 -1.14 -6.30 34.50
CA SER E 169 -2.05 -6.90 33.54
C SER E 169 -3.44 -6.28 33.75
N LYS E 170 -4.07 -5.96 32.61
CA LYS E 170 -5.38 -5.33 32.50
C LYS E 170 -6.44 -6.21 33.08
N GLN E 171 -7.24 -5.68 34.00
CA GLN E 171 -8.34 -6.41 34.60
C GLN E 171 -9.58 -6.22 33.70
N SER E 172 -10.67 -6.91 34.03
CA SER E 172 -12.00 -6.89 33.39
C SER E 172 -12.65 -5.48 33.38
N ASN E 173 -12.26 -4.61 34.34
CA ASN E 173 -12.73 -3.22 34.48
C ASN E 173 -11.79 -2.23 33.78
N ASN E 174 -10.77 -2.74 33.04
CA ASN E 174 -9.77 -1.95 32.28
C ASN E 174 -8.77 -1.21 33.18
N LYS E 175 -8.84 -1.45 34.48
CA LYS E 175 -7.85 -0.92 35.40
C LYS E 175 -6.77 -2.04 35.52
N TYR E 176 -5.60 -1.80 36.15
CA TYR E 176 -4.49 -2.76 36.18
C TYR E 176 -4.16 -3.33 37.55
N ALA E 177 -3.48 -4.49 37.59
CA ALA E 177 -3.00 -5.14 38.83
C ALA E 177 -1.62 -5.70 38.65
N ALA E 178 -0.83 -5.69 39.74
CA ALA E 178 0.53 -6.23 39.77
C ALA E 178 0.81 -6.82 41.19
N SER E 179 1.91 -7.56 41.29
CA SER E 179 2.30 -8.15 42.58
C SER E 179 3.81 -8.22 42.63
N SER E 180 4.38 -8.03 43.82
CA SER E 180 5.82 -8.07 44.04
C SER E 180 6.10 -8.93 45.29
N TYR E 181 7.14 -9.74 45.22
CA TYR E 181 7.53 -10.69 46.26
C TYR E 181 8.96 -10.47 46.67
N LEU E 182 9.20 -10.50 47.96
CA LEU E 182 10.53 -10.39 48.54
C LEU E 182 10.79 -11.69 49.28
N SER E 183 11.67 -12.52 48.71
CA SER E 183 12.08 -13.77 49.27
C SER E 183 13.28 -13.55 50.19
N LEU E 184 13.19 -14.09 51.40
CA LEU E 184 14.21 -13.96 52.43
C LEU E 184 14.40 -15.32 53.10
N THR E 185 15.47 -15.41 53.91
CA THR E 185 15.70 -16.57 54.75
C THR E 185 14.94 -16.20 56.05
N PRO E 186 14.48 -17.16 56.91
CA PRO E 186 13.80 -16.76 58.16
C PRO E 186 14.69 -15.90 59.06
N GLU E 187 16.03 -16.03 58.94
CA GLU E 187 17.06 -15.32 59.68
C GLU E 187 17.10 -13.84 59.29
N GLN E 188 17.08 -13.53 57.97
CA GLN E 188 17.07 -12.16 57.46
C GLN E 188 15.83 -11.42 57.98
N TRP E 189 14.66 -12.09 57.91
CA TRP E 189 13.35 -11.59 58.33
C TRP E 189 13.33 -11.15 59.80
N LYS E 190 13.96 -11.94 60.67
CA LYS E 190 14.02 -11.66 62.10
C LYS E 190 15.18 -10.69 62.46
N SER E 191 16.14 -10.47 61.53
CA SER E 191 17.29 -9.59 61.72
C SER E 191 16.96 -8.09 61.71
N HIS E 192 15.87 -7.70 61.03
CA HIS E 192 15.46 -6.29 60.92
C HIS E 192 14.20 -5.99 61.73
N LYS E 193 14.02 -4.72 62.12
CA LYS E 193 12.86 -4.24 62.87
C LYS E 193 11.59 -4.16 61.99
N SER E 194 11.75 -3.89 60.68
CA SER E 194 10.63 -3.80 59.74
C SER E 194 11.06 -4.05 58.33
N TYR E 195 10.05 -4.21 57.46
CA TYR E 195 10.13 -4.35 56.01
C TYR E 195 9.02 -3.53 55.37
N SER E 196 9.33 -2.85 54.26
CA SER E 196 8.36 -2.02 53.55
C SER E 196 8.25 -2.32 52.09
N CYS E 197 7.04 -2.19 51.56
CA CYS E 197 6.72 -2.28 50.12
C CYS E 197 6.25 -0.86 49.80
N GLN E 198 7.01 -0.17 48.93
CA GLN E 198 6.75 1.20 48.50
C GLN E 198 6.32 1.22 47.03
N VAL E 199 5.09 1.70 46.76
CA VAL E 199 4.59 1.72 45.39
C VAL E 199 4.39 3.16 44.90
N THR E 200 5.07 3.50 43.80
CA THR E 200 4.96 4.83 43.18
C THR E 200 4.17 4.75 41.88
N HIS E 201 3.15 5.59 41.74
CA HIS E 201 2.27 5.65 40.57
C HIS E 201 1.94 7.07 40.32
N GLU E 202 2.38 7.56 39.17
CA GLU E 202 2.15 8.93 38.76
C GLU E 202 2.47 9.96 39.88
N GLY E 203 3.72 9.90 40.34
CA GLY E 203 4.25 10.80 41.38
C GLY E 203 3.73 10.64 42.80
N SER E 204 2.63 9.87 42.98
CA SER E 204 2.08 9.58 44.31
C SER E 204 2.62 8.25 44.82
N THR E 205 2.85 8.17 46.14
CA THR E 205 3.44 6.98 46.78
C THR E 205 2.64 6.43 47.97
N VAL E 206 2.52 5.11 48.01
CA VAL E 206 1.90 4.36 49.11
C VAL E 206 2.96 3.41 49.66
N GLU E 207 3.18 3.43 50.95
CA GLU E 207 4.13 2.54 51.60
C GLU E 207 3.44 1.80 52.75
N LYS E 208 3.45 0.49 52.72
CA LYS E 208 2.91 -0.34 53.79
C LYS E 208 4.12 -0.97 54.46
N THR E 209 4.06 -1.13 55.80
CA THR E 209 5.14 -1.69 56.61
C THR E 209 4.64 -2.85 57.45
N VAL E 210 5.47 -3.88 57.55
CA VAL E 210 5.26 -5.08 58.37
C VAL E 210 6.47 -5.32 59.23
N ALA E 211 6.25 -5.79 60.43
CA ALA E 211 7.33 -6.07 61.38
C ALA E 211 7.30 -7.53 61.84
N PRO E 212 8.46 -8.24 61.92
CA PRO E 212 8.44 -9.62 62.44
C PRO E 212 7.79 -9.77 63.84
N THR E 213 7.93 -8.74 64.66
CA THR E 213 7.38 -8.69 66.00
C THR E 213 5.88 -8.38 65.97
N GLU F 2 18.87 0.65 6.00
CA GLU F 2 19.68 0.07 7.07
C GLU F 2 18.87 -0.97 7.81
N GLN F 3 19.37 -2.22 7.89
CA GLN F 3 18.70 -3.33 8.59
C GLN F 3 19.67 -4.14 9.43
N LEU F 4 19.15 -4.73 10.50
CA LEU F 4 19.90 -5.59 11.40
C LEU F 4 19.02 -6.81 11.74
N VAL F 5 19.46 -8.04 11.38
CA VAL F 5 18.68 -9.26 11.67
C VAL F 5 19.38 -10.25 12.61
N GLU F 6 18.82 -10.40 13.85
CA GLU F 6 19.33 -11.30 14.88
C GLU F 6 18.83 -12.73 14.72
N SER F 7 19.69 -13.71 15.09
CA SER F 7 19.42 -15.15 15.07
C SER F 7 20.19 -15.84 16.19
N GLY F 8 19.83 -17.10 16.46
CA GLY F 8 20.50 -17.89 17.47
C GLY F 8 19.73 -18.14 18.75
N GLY F 9 18.76 -17.28 19.04
CA GLY F 9 17.91 -17.38 20.22
C GLY F 9 17.04 -18.62 20.30
N GLY F 10 16.62 -18.96 21.52
CA GLY F 10 15.79 -20.11 21.84
C GLY F 10 15.82 -20.49 23.31
N VAL F 11 15.33 -21.70 23.64
CA VAL F 11 15.31 -22.22 25.01
C VAL F 11 16.61 -22.96 25.28
N VAL F 12 17.36 -22.49 26.29
CA VAL F 12 18.64 -23.04 26.67
C VAL F 12 18.68 -23.35 28.15
N GLN F 13 19.39 -24.43 28.52
CA GLN F 13 19.57 -24.85 29.91
C GLN F 13 20.71 -24.08 30.60
N PRO F 14 20.57 -23.69 31.90
CA PRO F 14 21.64 -22.94 32.57
C PRO F 14 22.98 -23.65 32.65
N GLY F 15 24.05 -22.87 32.61
CA GLY F 15 25.43 -23.36 32.65
C GLY F 15 25.93 -23.75 31.27
N GLY F 16 25.07 -23.61 30.26
CA GLY F 16 25.41 -23.91 28.88
C GLY F 16 25.95 -22.71 28.12
N SER F 17 26.52 -22.98 26.94
CA SER F 17 27.06 -21.98 26.04
C SER F 17 26.07 -21.64 24.92
N LEU F 18 26.13 -20.41 24.38
CA LEU F 18 25.22 -19.97 23.31
C LEU F 18 25.81 -18.87 22.48
N ARG F 19 25.71 -18.99 21.14
CA ARG F 19 26.17 -17.97 20.21
C ARG F 19 25.00 -17.30 19.49
N LEU F 20 24.92 -15.98 19.60
CA LEU F 20 23.94 -15.16 18.90
C LEU F 20 24.65 -14.49 17.72
N SER F 21 23.92 -14.25 16.62
CA SER F 21 24.44 -13.59 15.42
C SER F 21 23.53 -12.42 15.05
N CYS F 22 24.04 -11.45 14.30
CA CYS F 22 23.33 -10.27 13.79
C CYS F 22 23.95 -9.94 12.43
N LEU F 23 23.16 -10.11 11.37
CA LEU F 23 23.53 -9.78 9.98
C LEU F 23 23.03 -8.38 9.65
N ALA F 24 23.97 -7.52 9.22
CA ALA F 24 23.71 -6.13 8.84
C ALA F 24 23.59 -6.00 7.33
N SER F 25 22.74 -5.05 6.86
CA SER F 25 22.55 -4.73 5.44
C SER F 25 22.10 -3.27 5.26
N GLY F 26 22.36 -2.71 4.07
CA GLY F 26 21.97 -1.34 3.75
C GLY F 26 22.85 -0.22 4.27
N PHE F 27 24.08 -0.56 4.73
CA PHE F 27 25.09 0.39 5.22
C PHE F 27 26.47 -0.27 5.23
N THR F 28 27.54 0.54 5.26
CA THR F 28 28.89 -0.01 5.27
C THR F 28 29.31 -0.43 6.70
N PHE F 29 28.99 -1.68 7.06
CA PHE F 29 29.21 -2.34 8.36
C PHE F 29 30.55 -2.05 9.08
N HIS F 30 31.68 -2.17 8.35
CA HIS F 30 33.06 -2.03 8.84
C HIS F 30 33.47 -0.67 9.43
N LYS F 31 32.68 0.38 9.18
CA LYS F 31 32.96 1.75 9.64
C LYS F 31 32.25 2.14 10.93
N TYR F 32 31.26 1.30 11.37
CA TYR F 32 30.45 1.56 12.57
C TYR F 32 30.70 0.62 13.74
N GLY F 33 30.59 1.19 14.93
CA GLY F 33 30.62 0.46 16.17
C GLY F 33 29.27 -0.22 16.33
N MET F 34 29.25 -1.34 17.05
CA MET F 34 28.03 -2.13 17.20
C MET F 34 27.81 -2.53 18.66
N HIS F 35 26.54 -2.54 19.08
CA HIS F 35 26.17 -2.91 20.44
C HIS F 35 25.26 -4.13 20.52
N TRP F 36 25.18 -4.67 21.74
CA TRP F 36 24.23 -5.68 22.15
C TRP F 36 23.53 -5.06 23.35
N VAL F 37 22.20 -5.03 23.30
CA VAL F 37 21.32 -4.49 24.34
C VAL F 37 20.33 -5.62 24.66
N ARG F 38 20.11 -5.90 25.92
CA ARG F 38 19.14 -6.91 26.29
C ARG F 38 17.90 -6.28 26.96
N GLN F 39 16.78 -7.01 26.96
CA GLN F 39 15.54 -6.60 27.60
C GLN F 39 14.86 -7.78 28.25
N ALA F 40 14.96 -7.89 29.60
CA ALA F 40 14.27 -8.98 30.30
C ALA F 40 12.79 -8.71 30.10
N PRO F 41 11.94 -9.75 29.97
CA PRO F 41 10.51 -9.49 29.65
C PRO F 41 9.73 -8.56 30.61
N GLY F 42 9.10 -7.55 30.02
CA GLY F 42 8.36 -6.53 30.75
C GLY F 42 9.24 -5.58 31.56
N LYS F 43 10.58 -5.67 31.33
CA LYS F 43 11.55 -4.83 32.03
C LYS F 43 12.18 -3.80 31.08
N GLY F 44 13.19 -3.10 31.56
CA GLY F 44 13.84 -2.05 30.79
C GLY F 44 14.98 -2.54 29.93
N LEU F 45 15.45 -1.67 29.01
CA LEU F 45 16.58 -1.92 28.13
C LEU F 45 17.85 -1.90 28.99
N GLU F 46 18.77 -2.80 28.70
CA GLU F 46 20.00 -2.92 29.46
C GLU F 46 21.16 -3.17 28.51
N TRP F 47 22.15 -2.26 28.51
CA TRP F 47 23.35 -2.33 27.70
C TRP F 47 24.20 -3.52 28.08
N VAL F 48 24.63 -4.32 27.09
CA VAL F 48 25.46 -5.51 27.29
C VAL F 48 26.94 -5.24 26.92
N ALA F 49 27.22 -4.83 25.69
CA ALA F 49 28.57 -4.62 25.22
C ALA F 49 28.59 -3.76 23.95
N LEU F 50 29.78 -3.27 23.58
CA LEU F 50 30.07 -2.48 22.40
C LEU F 50 31.42 -2.94 21.83
N ILE F 51 31.48 -3.06 20.50
CA ILE F 51 32.69 -3.39 19.74
C ILE F 51 32.97 -2.27 18.72
N SER F 52 34.25 -1.86 18.59
CA SER F 52 34.66 -0.83 17.65
C SER F 52 34.55 -1.36 16.21
N ASP F 53 34.53 -0.43 15.25
CA ASP F 53 34.44 -0.68 13.82
C ASP F 53 35.41 -1.78 13.34
N ASP F 54 36.68 -1.71 13.79
CA ASP F 54 37.76 -2.64 13.43
C ASP F 54 37.77 -3.93 14.28
N GLY F 55 36.97 -3.96 15.34
CA GLY F 55 36.87 -5.10 16.25
C GLY F 55 38.00 -5.18 17.26
N MET F 56 38.80 -4.09 17.37
CA MET F 56 39.96 -4.02 18.25
C MET F 56 39.65 -3.54 19.66
N ARG F 57 38.61 -2.70 19.82
CA ARG F 57 38.19 -2.16 21.11
C ARG F 57 36.82 -2.72 21.55
N LYS F 58 36.79 -3.48 22.65
CA LYS F 58 35.57 -4.10 23.20
C LYS F 58 35.29 -3.58 24.60
N TYR F 59 34.01 -3.30 24.91
CA TYR F 59 33.59 -2.84 26.23
C TYR F 59 32.42 -3.70 26.65
N HIS F 60 32.40 -4.15 27.89
CA HIS F 60 31.32 -4.99 28.38
C HIS F 60 30.82 -4.43 29.68
N SER F 61 29.50 -4.62 29.97
CA SER F 61 28.90 -4.16 31.23
C SER F 61 29.47 -4.99 32.37
N ASP F 62 29.40 -4.49 33.60
CA ASP F 62 29.95 -5.24 34.71
C ASP F 62 29.12 -6.50 35.00
N SER F 63 27.82 -6.46 34.70
CA SER F 63 26.87 -7.57 34.89
C SER F 63 27.14 -8.73 33.91
N MET F 64 27.82 -8.45 32.78
CA MET F 64 28.10 -9.40 31.72
C MET F 64 29.57 -9.75 31.56
N TRP F 65 30.49 -8.90 32.05
CA TRP F 65 31.94 -9.12 31.95
C TRP F 65 32.33 -10.49 32.48
N GLY F 66 33.14 -11.17 31.68
CA GLY F 66 33.65 -12.50 31.98
C GLY F 66 32.77 -13.64 31.49
N ARG F 67 31.46 -13.36 31.28
CA ARG F 67 30.45 -14.32 30.83
C ARG F 67 30.11 -14.24 29.35
N VAL F 68 30.12 -13.03 28.77
CA VAL F 68 29.83 -12.83 27.35
C VAL F 68 31.05 -12.31 26.61
N THR F 69 31.15 -12.63 25.31
CA THR F 69 32.20 -12.16 24.43
C THR F 69 31.57 -11.61 23.15
N ILE F 70 31.89 -10.36 22.81
CA ILE F 70 31.43 -9.68 21.61
C ILE F 70 32.53 -9.81 20.53
N SER F 71 32.13 -10.05 19.27
CA SER F 71 33.02 -10.18 18.11
C SER F 71 32.31 -9.79 16.84
N ARG F 72 33.05 -9.58 15.76
CA ARG F 72 32.47 -9.20 14.45
C ARG F 72 33.30 -9.73 13.29
N ASP F 73 32.64 -9.99 12.16
CA ASP F 73 33.30 -10.46 10.93
C ASP F 73 32.95 -9.44 9.85
N ASN F 74 33.83 -8.46 9.69
CA ASN F 74 33.63 -7.37 8.74
C ASN F 74 33.57 -7.82 7.27
N SER F 75 33.96 -9.08 6.98
CA SER F 75 33.90 -9.66 5.64
C SER F 75 32.52 -10.29 5.39
N LYS F 76 31.81 -10.69 6.47
CA LYS F 76 30.49 -11.31 6.42
C LYS F 76 29.35 -10.41 6.94
N ASN F 77 29.64 -9.12 7.29
CA ASN F 77 28.68 -8.12 7.79
C ASN F 77 27.89 -8.63 9.02
N THR F 78 28.58 -9.37 9.90
CA THR F 78 28.00 -10.03 11.05
C THR F 78 28.61 -9.62 12.38
N LEU F 79 27.75 -9.52 13.39
CA LEU F 79 28.07 -9.20 14.78
C LEU F 79 27.71 -10.44 15.60
N TYR F 80 28.56 -10.80 16.57
CA TYR F 80 28.30 -11.97 17.40
C TYR F 80 28.30 -11.64 18.88
N LEU F 81 27.66 -12.52 19.67
CA LEU F 81 27.66 -12.50 21.11
C LEU F 81 27.74 -13.95 21.54
N GLN F 82 28.83 -14.32 22.22
CA GLN F 82 29.07 -15.67 22.70
C GLN F 82 28.88 -15.75 24.21
N PHE F 83 28.06 -16.69 24.66
CA PHE F 83 27.82 -16.96 26.08
C PHE F 83 28.58 -18.22 26.52
N SER F 84 29.23 -18.15 27.71
CA SER F 84 29.93 -19.23 28.44
C SER F 84 29.27 -19.30 29.83
N SER F 85 28.59 -20.41 30.10
CA SER F 85 27.81 -20.63 31.32
C SER F 85 26.62 -19.64 31.50
N LEU F 86 25.48 -19.93 30.83
CA LEU F 86 24.23 -19.15 30.92
C LEU F 86 23.64 -19.28 32.34
N LYS F 87 22.94 -18.23 32.78
CA LYS F 87 22.27 -18.19 34.09
C LYS F 87 20.78 -17.92 33.86
N VAL F 88 19.90 -18.47 34.73
CA VAL F 88 18.42 -18.31 34.65
C VAL F 88 17.97 -16.86 34.52
N GLU F 89 18.78 -15.95 35.05
CA GLU F 89 18.59 -14.51 35.03
C GLU F 89 18.96 -13.89 33.67
N ASP F 90 19.62 -14.64 32.76
CA ASP F 90 20.03 -14.16 31.42
C ASP F 90 18.88 -14.14 30.42
N THR F 91 17.69 -14.67 30.82
CA THR F 91 16.46 -14.70 30.02
C THR F 91 16.11 -13.27 29.61
N ALA F 92 16.13 -13.02 28.29
CA ALA F 92 15.87 -11.69 27.71
C ALA F 92 15.82 -11.75 26.23
N MET F 93 15.42 -10.62 25.66
CA MET F 93 15.43 -10.37 24.24
C MET F 93 16.76 -9.66 24.02
N PHE F 94 17.51 -10.13 23.04
CA PHE F 94 18.79 -9.55 22.69
C PHE F 94 18.66 -8.73 21.42
N PHE F 95 18.90 -7.43 21.55
CA PHE F 95 18.84 -6.50 20.43
C PHE F 95 20.23 -6.16 19.98
N CYS F 96 20.35 -6.07 18.68
CA CYS F 96 21.53 -5.67 17.95
C CYS F 96 21.26 -4.20 17.57
N ALA F 97 22.15 -3.29 17.99
CA ALA F 97 22.02 -1.88 17.70
C ALA F 97 23.31 -1.30 17.14
N ARG F 98 23.17 -0.39 16.18
CA ARG F 98 24.31 0.27 15.57
C ARG F 98 24.66 1.53 16.34
N GLU F 99 25.96 1.73 16.58
CA GLU F 99 26.43 2.96 17.18
C GLU F 99 26.51 4.00 16.06
N ALA F 100 25.78 5.12 16.20
CA ALA F 100 25.79 6.19 15.21
C ALA F 100 27.19 6.76 15.12
N GLY F 101 27.62 7.09 13.92
CA GLY F 101 28.97 7.60 13.70
C GLY F 101 29.18 8.28 12.39
N GLY F 102 30.33 8.94 12.30
CA GLY F 102 30.81 9.66 11.12
C GLY F 102 31.93 10.62 11.47
N PRO F 103 32.20 11.61 10.60
CA PRO F 103 33.26 12.59 10.94
C PRO F 103 32.81 13.60 11.98
N ILE F 104 33.75 14.26 12.65
CA ILE F 104 33.45 15.35 13.59
C ILE F 104 33.60 16.64 12.78
N TRP F 105 32.62 17.54 12.88
CA TRP F 105 32.65 18.82 12.19
C TRP F 105 33.19 19.94 13.11
N HIS F 106 34.12 20.78 12.62
CA HIS F 106 34.69 21.88 13.40
C HIS F 106 35.12 23.05 12.50
N ASP F 107 34.40 24.19 12.60
CA ASP F 107 34.59 25.41 11.79
C ASP F 107 34.45 25.13 10.28
N ASP F 108 33.34 24.50 9.85
CA ASP F 108 33.02 24.11 8.45
C ASP F 108 34.09 23.13 7.89
N VAL F 109 34.57 22.18 8.73
CA VAL F 109 35.58 21.18 8.37
C VAL F 109 35.24 19.83 8.98
N LYS F 110 35.22 18.76 8.16
CA LYS F 110 35.02 17.38 8.63
C LYS F 110 36.37 16.87 9.15
N TYR F 111 36.33 16.05 10.19
CA TYR F 111 37.49 15.43 10.79
C TYR F 111 37.25 13.94 11.00
N ASP F 113 38.78 9.93 12.21
CA ASP F 113 39.56 9.24 13.24
C ASP F 113 40.88 8.75 12.65
N PHE F 114 41.94 8.66 13.49
CA PHE F 114 43.29 8.20 13.09
C PHE F 114 43.22 7.02 12.13
N ASN F 115 43.85 7.20 10.97
CA ASN F 115 43.85 6.27 9.84
C ASN F 115 42.47 6.25 9.09
N ASP F 116 41.85 7.46 9.06
CA ASP F 116 40.62 7.85 8.36
C ASP F 116 39.34 7.06 8.59
N GLY F 117 38.92 7.02 9.86
CA GLY F 117 37.71 6.34 10.33
C GLY F 117 36.64 7.22 10.97
N TYR F 118 35.54 6.61 11.38
CA TYR F 118 34.42 7.33 11.99
C TYR F 118 34.56 7.48 13.48
N TYR F 119 34.01 8.58 14.00
CA TYR F 119 33.92 8.85 15.42
C TYR F 119 32.52 8.46 15.85
N ASN F 120 32.37 8.02 17.11
CA ASN F 120 31.08 7.67 17.69
C ASN F 120 30.28 8.91 18.04
N TYR F 121 28.96 8.85 17.81
CA TYR F 121 28.04 9.95 18.07
C TYR F 121 27.27 9.81 19.40
N HIS F 122 27.49 8.70 20.11
CA HIS F 122 26.92 8.35 21.42
C HIS F 122 25.39 8.17 21.46
N TYR F 123 24.87 7.48 20.44
CA TYR F 123 23.46 7.09 20.29
C TYR F 123 23.36 5.95 19.31
N MET F 124 22.32 5.12 19.47
CA MET F 124 22.06 3.93 18.65
C MET F 124 20.98 4.26 17.65
N ASP F 125 21.38 4.40 16.38
CA ASP F 125 20.49 4.85 15.31
C ASP F 125 19.73 3.77 14.53
N VAL F 126 20.22 2.51 14.53
CA VAL F 126 19.61 1.39 13.82
C VAL F 126 19.50 0.28 14.84
N TRP F 127 18.34 -0.37 14.90
CA TRP F 127 18.03 -1.45 15.82
C TRP F 127 17.43 -2.63 15.05
N GLY F 128 17.69 -3.84 15.53
CA GLY F 128 17.10 -5.05 15.00
C GLY F 128 15.83 -5.37 15.76
N LYS F 129 15.08 -6.40 15.34
CA LYS F 129 13.81 -6.86 15.94
C LYS F 129 14.01 -7.68 17.22
N GLY F 130 15.23 -8.09 17.49
CA GLY F 130 15.58 -8.89 18.66
C GLY F 130 15.46 -10.39 18.45
N THR F 131 16.27 -11.16 19.21
CA THR F 131 16.25 -12.61 19.30
C THR F 131 16.12 -12.94 20.77
N THR F 132 15.15 -13.79 21.10
CA THR F 132 14.84 -14.13 22.47
C THR F 132 15.56 -15.35 23.00
N VAL F 133 16.19 -15.20 24.17
CA VAL F 133 16.94 -16.26 24.89
C VAL F 133 16.15 -16.62 26.17
N THR F 134 15.69 -17.86 26.27
CA THR F 134 14.95 -18.33 27.45
C THR F 134 15.85 -19.32 28.16
N VAL F 135 16.37 -18.93 29.34
CA VAL F 135 17.26 -19.83 30.11
C VAL F 135 16.45 -20.53 31.18
N SER F 136 16.28 -21.89 31.05
CA SER F 136 15.52 -22.74 31.98
C SER F 136 15.89 -24.21 31.91
N SER F 137 15.83 -24.90 33.07
CA SER F 137 16.07 -26.34 33.17
C SER F 137 14.75 -27.06 32.82
N ALA F 138 13.60 -26.36 33.11
CA ALA F 138 12.20 -26.73 32.82
C ALA F 138 11.67 -28.02 33.49
N SER F 139 12.18 -28.32 34.70
CA SER F 139 11.76 -29.50 35.45
C SER F 139 10.53 -29.18 36.30
N THR F 140 9.44 -29.98 36.13
CA THR F 140 8.14 -29.90 36.83
C THR F 140 8.35 -29.78 38.33
N LYS F 141 7.61 -28.88 38.95
CA LYS F 141 7.61 -28.57 40.38
C LYS F 141 6.17 -28.38 40.80
N GLY F 142 5.70 -29.15 41.79
CA GLY F 142 4.42 -28.90 42.43
C GLY F 142 4.56 -27.67 43.32
N PRO F 143 3.47 -26.94 43.63
CA PRO F 143 3.64 -25.75 44.46
C PRO F 143 3.78 -26.04 45.93
N SER F 144 4.23 -25.03 46.65
CA SER F 144 4.24 -24.97 48.10
C SER F 144 3.08 -23.99 48.33
N VAL F 145 2.10 -24.35 49.15
CA VAL F 145 0.97 -23.49 49.48
C VAL F 145 1.06 -22.99 50.92
N PHE F 146 1.05 -21.65 51.11
CA PHE F 146 1.14 -21.05 52.47
C PHE F 146 -0.06 -20.18 52.74
N PRO F 147 -0.61 -20.17 53.98
CA PRO F 147 -1.77 -19.30 54.26
C PRO F 147 -1.36 -17.85 54.42
N LEU F 148 -2.16 -16.95 53.90
CA LEU F 148 -2.01 -15.49 54.09
C LEU F 148 -3.12 -15.12 55.09
N ALA F 149 -2.81 -15.20 56.39
CA ALA F 149 -3.79 -14.92 57.46
C ALA F 149 -4.49 -13.56 57.31
N PRO F 150 -5.75 -13.47 57.79
CA PRO F 150 -6.51 -12.20 57.66
C PRO F 150 -5.93 -10.90 58.23
N SER F 151 -5.91 -9.84 57.35
CA SER F 151 -5.54 -8.47 57.69
C SER F 151 -6.65 -7.53 57.24
N SER F 152 -7.09 -6.66 58.18
CA SER F 152 -8.13 -5.63 58.00
C SER F 152 -7.50 -4.29 57.61
N LYS F 153 -6.15 -4.17 57.68
CA LYS F 153 -5.39 -2.93 57.36
C LYS F 153 -5.66 -2.27 55.99
N SER F 154 -5.80 -3.07 54.93
CA SER F 154 -5.98 -2.61 53.52
C SER F 154 -7.44 -2.69 52.98
N THR F 155 -8.43 -3.14 53.82
CA THR F 155 -9.81 -3.29 53.35
C THR F 155 -10.85 -2.26 53.94
N SER F 156 -12.06 -2.21 53.34
CA SER F 156 -13.17 -1.35 53.80
C SER F 156 -13.96 -2.15 54.83
N GLY F 157 -15.18 -1.72 55.15
CA GLY F 157 -16.02 -2.40 56.13
C GLY F 157 -15.30 -2.39 57.46
N GLY F 158 -15.45 -3.42 58.32
CA GLY F 158 -16.33 -4.58 58.20
C GLY F 158 -15.76 -5.77 57.46
N THR F 159 -14.81 -5.54 56.54
CA THR F 159 -14.22 -6.60 55.75
C THR F 159 -12.77 -6.94 56.13
N ALA F 160 -12.35 -8.19 55.78
CA ALA F 160 -11.01 -8.72 56.00
C ALA F 160 -10.54 -9.42 54.74
N ALA F 161 -9.23 -9.26 54.38
CA ALA F 161 -8.59 -9.97 53.27
C ALA F 161 -7.73 -11.11 53.76
N LEU F 162 -7.98 -12.30 53.24
CA LEU F 162 -7.20 -13.50 53.51
C LEU F 162 -6.87 -14.16 52.17
N GLY F 163 -5.80 -14.93 52.14
CA GLY F 163 -5.44 -15.60 50.91
C GLY F 163 -4.59 -16.84 51.04
N CYS F 164 -4.03 -17.24 49.90
CA CYS F 164 -3.15 -18.40 49.77
C CYS F 164 -1.99 -18.01 48.89
N LEU F 165 -0.78 -18.19 49.41
CA LEU F 165 0.43 -17.98 48.63
C LEU F 165 0.79 -19.33 47.97
N VAL F 166 0.78 -19.39 46.63
CA VAL F 166 1.07 -20.61 45.86
C VAL F 166 2.48 -20.45 45.25
N LYS F 167 3.50 -20.87 45.97
CA LYS F 167 4.91 -20.69 45.62
C LYS F 167 5.61 -21.82 44.88
N ASP F 168 6.61 -21.41 44.06
CA ASP F 168 7.56 -22.25 43.32
C ASP F 168 7.03 -23.49 42.56
N TYR F 169 6.20 -23.25 41.53
CA TYR F 169 5.65 -24.30 40.70
C TYR F 169 6.14 -24.15 39.24
N PHE F 170 6.23 -25.24 38.47
CA PHE F 170 6.77 -25.04 37.13
C PHE F 170 5.80 -24.91 35.94
N PRO F 171 5.15 -25.93 35.34
CA PRO F 171 4.27 -25.58 34.19
C PRO F 171 3.12 -24.69 34.74
N GLU F 172 2.92 -23.53 34.10
CA GLU F 172 2.01 -22.45 34.43
C GLU F 172 0.59 -22.71 34.90
N PRO F 173 -0.18 -23.67 34.35
CA PRO F 173 -1.56 -23.81 34.88
C PRO F 173 -1.71 -24.32 36.34
N VAL F 174 -1.97 -23.34 37.25
CA VAL F 174 -2.36 -23.52 38.65
C VAL F 174 -3.75 -22.95 38.71
N THR F 175 -4.67 -23.69 39.35
CA THR F 175 -6.06 -23.30 39.54
C THR F 175 -6.32 -23.12 41.02
N VAL F 176 -6.91 -21.98 41.41
CA VAL F 176 -7.29 -21.71 42.82
C VAL F 176 -8.77 -21.42 42.90
N SER F 177 -9.45 -22.15 43.78
CA SER F 177 -10.86 -22.00 44.08
C SER F 177 -10.98 -21.80 45.59
N TRP F 178 -12.12 -21.30 46.06
CA TRP F 178 -12.32 -21.07 47.50
C TRP F 178 -13.60 -21.74 47.96
N ASN F 179 -13.49 -22.51 49.07
CA ASN F 179 -14.56 -23.29 49.72
C ASN F 179 -15.24 -24.24 48.74
N SER F 180 -14.44 -24.88 47.88
CA SER F 180 -14.83 -25.85 46.85
C SER F 180 -15.72 -25.26 45.74
N GLY F 181 -15.61 -23.93 45.54
CA GLY F 181 -16.35 -23.18 44.53
C GLY F 181 -17.51 -22.40 45.09
N ALA F 182 -17.90 -22.70 46.35
CA ALA F 182 -19.00 -22.08 47.11
C ALA F 182 -18.75 -20.61 47.43
N LEU F 183 -17.49 -20.17 47.35
CA LEU F 183 -17.08 -18.79 47.55
C LEU F 183 -16.49 -18.31 46.21
N THR F 184 -17.12 -17.28 45.60
CA THR F 184 -16.73 -16.66 44.33
C THR F 184 -16.71 -15.13 44.42
N SER F 185 -17.54 -14.57 45.33
CA SER F 185 -17.64 -13.12 45.55
C SER F 185 -16.50 -12.62 46.45
N GLY F 186 -15.68 -11.72 45.86
CA GLY F 186 -14.53 -11.12 46.52
C GLY F 186 -13.23 -11.82 46.22
N VAL F 187 -13.28 -12.91 45.41
CA VAL F 187 -12.15 -13.73 45.01
C VAL F 187 -11.34 -13.03 43.96
N HIS F 188 -10.05 -12.88 44.26
CA HIS F 188 -9.05 -12.29 43.36
C HIS F 188 -7.81 -13.15 43.27
N THR F 189 -7.58 -13.87 42.10
CA THR F 189 -6.39 -14.67 41.84
C THR F 189 -5.52 -13.81 40.93
N PHE F 190 -4.33 -13.43 41.44
CA PHE F 190 -3.40 -12.56 40.74
C PHE F 190 -2.63 -13.34 39.73
N PRO F 191 -2.20 -12.73 38.58
CA PRO F 191 -1.37 -13.49 37.64
C PRO F 191 -0.04 -13.88 38.29
N ALA F 192 0.52 -14.98 37.85
CA ALA F 192 1.77 -15.50 38.35
C ALA F 192 2.98 -14.61 37.94
N VAL F 193 4.00 -14.53 38.82
CA VAL F 193 5.32 -13.95 38.54
C VAL F 193 6.25 -15.12 38.09
N LEU F 194 7.00 -14.96 36.97
CA LEU F 194 8.01 -15.93 36.60
C LEU F 194 9.24 -15.30 37.22
N GLN F 195 9.77 -15.98 38.25
CA GLN F 195 10.91 -15.51 39.03
C GLN F 195 12.25 -15.75 38.28
N SER F 196 13.37 -15.19 38.83
CA SER F 196 14.73 -15.31 38.29
C SER F 196 15.15 -16.77 38.23
N SER F 197 14.66 -17.61 39.17
CA SER F 197 14.94 -19.03 39.29
C SER F 197 14.36 -19.91 38.15
N GLY F 198 13.36 -19.41 37.45
CA GLY F 198 12.63 -20.12 36.40
C GLY F 198 11.28 -20.69 36.86
N LEU F 199 10.93 -20.50 38.17
CA LEU F 199 9.68 -20.99 38.73
C LEU F 199 8.62 -19.91 38.88
N TYR F 200 7.35 -20.34 38.92
CA TYR F 200 6.16 -19.50 39.09
C TYR F 200 5.68 -19.47 40.52
N SER F 201 5.11 -18.33 40.94
CA SER F 201 4.58 -18.01 42.29
C SER F 201 3.37 -17.07 42.06
N LEU F 202 2.24 -17.41 42.65
CA LEU F 202 0.96 -16.72 42.48
C LEU F 202 0.29 -16.56 43.84
N SER F 203 -0.65 -15.59 43.95
CA SER F 203 -1.45 -15.34 45.16
C SER F 203 -2.91 -15.25 44.80
N SER F 204 -3.77 -15.80 45.70
CA SER F 204 -5.21 -15.76 45.53
C SER F 204 -5.77 -15.24 46.81
N VAL F 205 -6.55 -14.16 46.73
CA VAL F 205 -7.15 -13.53 47.89
C VAL F 205 -8.66 -13.45 47.83
N VAL F 206 -9.27 -13.41 49.03
CA VAL F 206 -10.69 -13.26 49.19
C VAL F 206 -11.00 -12.27 50.32
N THR F 207 -12.02 -11.43 50.11
CA THR F 207 -12.52 -10.45 51.08
C THR F 207 -13.81 -10.99 51.65
N VAL F 208 -13.80 -11.16 52.99
CA VAL F 208 -14.89 -11.75 53.78
C VAL F 208 -15.31 -10.81 54.93
N PRO F 209 -16.54 -10.93 55.50
CA PRO F 209 -16.89 -10.07 56.65
C PRO F 209 -16.08 -10.51 57.89
N SER F 210 -15.54 -9.53 58.66
CA SER F 210 -14.76 -9.72 59.89
C SER F 210 -15.52 -10.51 60.98
N SER F 211 -16.84 -10.45 60.92
CA SER F 211 -17.80 -11.11 61.80
C SER F 211 -17.76 -12.62 61.63
N SER F 212 -17.51 -13.08 60.38
CA SER F 212 -17.45 -14.49 60.01
C SER F 212 -16.18 -15.20 60.50
N LEU F 213 -15.10 -14.45 60.73
CA LEU F 213 -13.79 -14.95 61.13
C LEU F 213 -13.72 -16.08 62.15
N GLY F 214 -14.47 -16.03 63.25
CA GLY F 214 -14.48 -17.12 64.24
C GLY F 214 -15.54 -18.19 63.99
N THR F 215 -16.47 -17.94 63.06
CA THR F 215 -17.59 -18.81 62.69
C THR F 215 -17.36 -19.58 61.35
N GLN F 216 -17.17 -18.86 60.20
CA GLN F 216 -16.92 -19.52 58.90
C GLN F 216 -15.48 -19.99 58.68
N THR F 217 -15.36 -21.21 58.13
CA THR F 217 -14.06 -21.77 57.77
C THR F 217 -13.78 -21.39 56.32
N TYR F 218 -12.55 -20.93 56.04
CA TYR F 218 -12.14 -20.59 54.69
C TYR F 218 -11.00 -21.50 54.24
N ILE F 219 -11.18 -22.18 53.10
CA ILE F 219 -10.24 -23.13 52.52
C ILE F 219 -9.97 -22.83 51.02
N CYS F 220 -8.69 -22.72 50.63
CA CYS F 220 -8.36 -22.54 49.24
C CYS F 220 -8.04 -23.90 48.65
N ASN F 221 -8.56 -24.11 47.47
CA ASN F 221 -8.35 -25.36 46.78
C ASN F 221 -7.45 -25.07 45.60
N VAL F 222 -6.18 -25.45 45.74
CA VAL F 222 -5.14 -25.27 44.76
C VAL F 222 -4.98 -26.56 43.95
N ASN F 223 -4.99 -26.44 42.61
CA ASN F 223 -4.80 -27.58 41.73
C ASN F 223 -3.74 -27.31 40.72
N HIS F 224 -2.71 -28.14 40.71
CA HIS F 224 -1.61 -28.05 39.74
C HIS F 224 -1.61 -29.36 38.96
N LYS F 225 -2.52 -29.44 37.97
CA LYS F 225 -2.70 -30.58 37.07
C LYS F 225 -1.38 -31.07 36.44
N PRO F 226 -0.40 -30.19 36.03
CA PRO F 226 0.86 -30.73 35.46
C PRO F 226 1.70 -31.65 36.36
N SER F 227 1.65 -31.50 37.69
CA SER F 227 2.40 -32.33 38.66
C SER F 227 1.47 -33.27 39.43
N ASN F 228 0.16 -33.19 39.13
CA ASN F 228 -0.94 -33.95 39.75
C ASN F 228 -1.06 -33.72 41.26
N THR F 229 -0.79 -32.47 41.67
CA THR F 229 -0.81 -32.00 43.07
C THR F 229 -2.08 -31.20 43.33
N LYS F 230 -2.77 -31.56 44.41
CA LYS F 230 -3.96 -30.86 44.88
C LYS F 230 -3.70 -30.53 46.35
N VAL F 231 -3.88 -29.26 46.70
CA VAL F 231 -3.66 -28.81 48.06
C VAL F 231 -4.90 -28.02 48.51
N ASP F 232 -5.50 -28.43 49.63
CA ASP F 232 -6.64 -27.75 50.25
C ASP F 232 -6.14 -27.20 51.56
N LYS F 233 -6.00 -25.89 51.63
CA LYS F 233 -5.42 -25.18 52.78
C LYS F 233 -6.42 -24.34 53.54
N ARG F 234 -6.49 -24.55 54.90
CA ARG F 234 -7.37 -23.80 55.80
C ARG F 234 -6.70 -22.50 56.20
N VAL F 235 -7.36 -21.38 55.88
CA VAL F 235 -6.83 -20.09 56.27
C VAL F 235 -7.57 -19.62 57.51
N GLU F 236 -6.80 -19.60 58.61
CA GLU F 236 -7.21 -19.29 59.95
C GLU F 236 -6.62 -17.94 60.45
N PRO F 237 -7.38 -17.14 61.26
CA PRO F 237 -6.78 -15.94 61.88
C PRO F 237 -5.52 -16.22 62.70
N LYS F 238 -4.52 -15.32 62.61
CA LYS F 238 -3.23 -15.43 63.29
C LYS F 238 -3.25 -14.88 64.70
N SER G 2 -19.82 -35.11 -30.66
CA SER G 2 -18.38 -35.29 -30.81
C SER G 2 -17.88 -34.51 -32.05
N ALA G 3 -17.49 -33.24 -31.85
CA ALA G 3 -17.04 -32.33 -32.91
C ALA G 3 -15.56 -31.98 -32.78
N LEU G 4 -14.86 -31.73 -33.92
CA LEU G 4 -13.47 -31.28 -33.86
C LEU G 4 -13.51 -29.81 -33.37
N THR G 5 -12.42 -29.33 -32.74
CA THR G 5 -12.39 -28.00 -32.14
C THR G 5 -11.67 -26.96 -33.00
N GLN G 6 -12.38 -25.88 -33.32
CA GLN G 6 -11.90 -24.75 -34.12
C GLN G 6 -12.15 -23.39 -33.42
N PRO G 7 -11.31 -22.33 -33.64
CA PRO G 7 -11.64 -21.02 -33.07
C PRO G 7 -12.90 -20.48 -33.75
N ALA G 8 -13.77 -19.78 -33.04
CA ALA G 8 -14.99 -19.25 -33.62
C ALA G 8 -14.77 -18.17 -34.68
N SER G 9 -13.74 -17.34 -34.51
CA SER G 9 -13.45 -16.20 -35.40
C SER G 9 -11.96 -16.01 -35.62
N VAL G 10 -11.57 -15.74 -36.85
CA VAL G 10 -10.20 -15.42 -37.24
C VAL G 10 -10.36 -14.26 -38.24
N SER G 11 -9.58 -13.21 -38.10
CA SER G 11 -9.63 -12.07 -39.03
C SER G 11 -8.26 -11.52 -39.38
N GLY G 12 -8.19 -10.82 -40.50
CA GLY G 12 -6.96 -10.20 -40.97
C GLY G 12 -7.23 -9.20 -42.05
N SER G 13 -6.24 -8.38 -42.35
CA SER G 13 -6.33 -7.34 -43.38
C SER G 13 -6.00 -7.96 -44.75
N PRO G 14 -6.47 -7.38 -45.89
CA PRO G 14 -6.05 -7.90 -47.21
C PRO G 14 -4.53 -7.99 -47.34
N GLY G 15 -4.06 -9.11 -47.86
CA GLY G 15 -2.64 -9.37 -48.07
C GLY G 15 -1.96 -10.10 -46.92
N GLN G 16 -2.55 -10.02 -45.72
CA GLN G 16 -2.01 -10.68 -44.53
C GLN G 16 -2.11 -12.19 -44.62
N THR G 17 -1.41 -12.91 -43.72
CA THR G 17 -1.47 -14.38 -43.64
C THR G 17 -2.09 -14.79 -42.31
N ILE G 18 -3.17 -15.61 -42.36
CA ILE G 18 -3.91 -16.07 -41.18
C ILE G 18 -3.92 -17.58 -41.09
N THR G 19 -4.10 -18.14 -39.86
CA THR G 19 -4.09 -19.59 -39.60
C THR G 19 -5.28 -20.02 -38.76
N ILE G 20 -5.91 -21.15 -39.15
CA ILE G 20 -7.05 -21.76 -38.48
C ILE G 20 -6.62 -23.11 -37.95
N SER G 21 -6.78 -23.34 -36.64
CA SER G 21 -6.45 -24.62 -36.00
C SER G 21 -7.67 -25.50 -35.91
N CYS G 22 -7.42 -26.81 -35.85
CA CYS G 22 -8.46 -27.84 -35.78
C CYS G 22 -7.99 -28.97 -34.87
N ASN G 23 -8.51 -29.00 -33.64
CA ASN G 23 -8.12 -30.01 -32.64
C ASN G 23 -9.03 -31.23 -32.62
N GLY G 24 -8.41 -32.39 -32.82
CA GLY G 24 -9.06 -33.69 -32.79
C GLY G 24 -8.42 -34.67 -31.83
N THR G 25 -8.56 -35.98 -32.12
CA THR G 25 -8.02 -37.06 -31.30
C THR G 25 -7.30 -38.11 -32.17
N SER G 26 -6.77 -39.17 -31.52
CA SER G 26 -6.06 -40.28 -32.14
C SER G 26 -6.99 -41.17 -32.99
N SER G 27 -8.32 -41.08 -32.76
CA SER G 27 -9.29 -41.88 -33.50
C SER G 27 -9.77 -41.12 -34.76
N ASP G 28 -9.24 -39.92 -35.01
CA ASP G 28 -9.60 -39.07 -36.16
C ASP G 28 -8.41 -38.31 -36.79
N VAL G 29 -8.16 -37.04 -36.36
CA VAL G 29 -7.07 -36.18 -36.84
C VAL G 29 -5.69 -36.83 -36.64
N GLY G 30 -5.44 -37.31 -35.41
CA GLY G 30 -4.19 -37.97 -35.05
C GLY G 30 -4.05 -39.38 -35.61
N GLY G 31 -5.17 -39.98 -36.03
CA GLY G 31 -5.20 -41.35 -36.53
C GLY G 31 -4.93 -41.55 -38.01
N PHE G 32 -5.26 -40.55 -38.83
CA PHE G 32 -5.11 -40.66 -40.27
C PHE G 32 -4.60 -39.34 -40.86
N ASP G 33 -4.09 -39.40 -42.09
CA ASP G 33 -3.71 -38.21 -42.85
C ASP G 33 -4.88 -37.93 -43.84
N SER G 34 -6.12 -37.83 -43.28
CA SER G 34 -7.35 -37.65 -44.04
C SER G 34 -8.18 -36.44 -43.57
N VAL G 35 -7.48 -35.30 -43.41
CA VAL G 35 -8.06 -34.03 -42.99
C VAL G 35 -8.37 -33.18 -44.21
N SER G 36 -9.62 -32.72 -44.31
CA SER G 36 -10.05 -31.87 -45.40
C SER G 36 -10.66 -30.57 -44.86
N TRP G 37 -10.60 -29.52 -45.68
CA TRP G 37 -11.11 -28.21 -45.31
C TRP G 37 -12.11 -27.75 -46.32
N TYR G 38 -13.18 -27.14 -45.82
CA TYR G 38 -14.30 -26.66 -46.61
C TYR G 38 -14.59 -25.24 -46.34
N GLN G 39 -14.85 -24.48 -47.40
CA GLN G 39 -15.18 -23.08 -47.32
C GLN G 39 -16.66 -22.93 -47.63
N GLN G 40 -17.39 -22.14 -46.84
CA GLN G 40 -18.80 -21.85 -47.09
C GLN G 40 -19.06 -20.35 -47.12
N SER G 41 -19.34 -19.83 -48.31
CA SER G 41 -19.66 -18.43 -48.54
C SER G 41 -21.18 -18.29 -48.42
N PRO G 42 -21.70 -17.13 -47.96
CA PRO G 42 -23.17 -17.00 -47.80
C PRO G 42 -23.94 -17.22 -49.12
N GLY G 43 -24.95 -18.09 -49.04
CA GLY G 43 -25.77 -18.47 -50.19
C GLY G 43 -25.08 -19.43 -51.16
N LYS G 44 -23.90 -19.92 -50.78
CA LYS G 44 -23.15 -20.86 -51.60
C LYS G 44 -22.99 -22.23 -50.91
N ALA G 45 -22.93 -23.29 -51.74
CA ALA G 45 -22.71 -24.67 -51.26
C ALA G 45 -21.28 -24.76 -50.70
N PRO G 46 -20.94 -25.60 -49.72
CA PRO G 46 -19.53 -25.68 -49.30
C PRO G 46 -18.62 -26.18 -50.43
N LYS G 47 -17.33 -25.83 -50.40
CA LYS G 47 -16.37 -26.30 -51.38
C LYS G 47 -15.08 -26.73 -50.73
N VAL G 48 -14.47 -27.85 -51.20
CA VAL G 48 -13.19 -28.36 -50.73
C VAL G 48 -12.10 -27.40 -51.09
N MET G 49 -11.28 -27.11 -50.11
CA MET G 49 -10.13 -26.23 -50.28
C MET G 49 -8.83 -27.03 -50.22
N VAL G 50 -8.77 -27.98 -49.28
CA VAL G 50 -7.63 -28.82 -48.99
C VAL G 50 -8.16 -30.22 -48.63
N PHE G 51 -7.38 -31.29 -48.93
CA PHE G 51 -7.68 -32.69 -48.60
C PHE G 51 -6.40 -33.41 -48.25
N ASP G 52 -6.50 -34.55 -47.53
CA ASP G 52 -5.33 -35.39 -47.13
C ASP G 52 -4.21 -34.53 -46.53
N VAL G 53 -4.62 -33.68 -45.60
CA VAL G 53 -3.80 -32.73 -44.83
C VAL G 53 -3.29 -31.51 -45.62
N SER G 54 -2.47 -31.73 -46.65
CA SER G 54 -1.78 -30.66 -47.37
C SER G 54 -2.03 -30.55 -48.88
N HIS G 55 -2.93 -31.37 -49.43
CA HIS G 55 -3.20 -31.36 -50.87
C HIS G 55 -4.34 -30.46 -51.27
N ARG G 56 -4.18 -29.81 -52.42
CA ARG G 56 -5.15 -28.90 -52.99
C ARG G 56 -5.83 -29.52 -54.20
N PRO G 57 -7.16 -29.43 -54.30
CA PRO G 57 -7.84 -29.90 -55.51
C PRO G 57 -7.50 -28.97 -56.69
N SER G 58 -7.84 -29.38 -57.93
CA SER G 58 -7.59 -28.53 -59.10
C SER G 58 -8.45 -27.25 -59.05
N GLY G 59 -7.83 -26.13 -59.36
CA GLY G 59 -8.49 -24.83 -59.34
C GLY G 59 -8.42 -24.08 -58.04
N ILE G 60 -7.89 -24.71 -56.98
CA ILE G 60 -7.72 -24.05 -55.68
C ILE G 60 -6.36 -23.34 -55.61
N SER G 61 -6.42 -22.06 -55.23
CA SER G 61 -5.27 -21.18 -55.12
C SER G 61 -4.16 -21.74 -54.20
N ASN G 62 -2.90 -21.50 -54.59
CA ASN G 62 -1.67 -21.85 -53.86
C ASN G 62 -1.56 -21.10 -52.51
N ARG G 63 -2.44 -20.12 -52.29
CA ARG G 63 -2.51 -19.32 -51.06
C ARG G 63 -3.07 -20.11 -49.86
N PHE G 64 -3.79 -21.20 -50.15
CA PHE G 64 -4.37 -22.12 -49.17
C PHE G 64 -3.42 -23.28 -48.96
N SER G 65 -2.93 -23.43 -47.72
CA SER G 65 -2.04 -24.54 -47.40
C SER G 65 -2.49 -25.23 -46.11
N GLY G 66 -2.29 -26.54 -46.07
CA GLY G 66 -2.68 -27.35 -44.92
C GLY G 66 -1.49 -28.01 -44.26
N SER G 67 -1.59 -28.23 -42.95
CA SER G 67 -0.56 -28.83 -42.11
C SER G 67 -1.19 -29.61 -40.96
N LYS G 68 -0.41 -30.53 -40.36
CA LYS G 68 -0.82 -31.36 -39.21
C LYS G 68 0.34 -31.64 -38.27
N SER G 69 0.08 -31.58 -36.94
CA SER G 69 1.03 -31.90 -35.87
C SER G 69 0.25 -32.56 -34.73
N GLY G 70 0.47 -33.88 -34.57
CA GLY G 70 -0.22 -34.70 -33.60
C GLY G 70 -1.71 -34.79 -33.90
N ASN G 71 -2.52 -34.32 -32.94
CA ASN G 71 -3.99 -34.29 -33.00
C ASN G 71 -4.51 -32.94 -33.51
N THR G 72 -3.62 -32.07 -34.02
CA THR G 72 -3.98 -30.73 -34.50
C THR G 72 -3.67 -30.56 -35.98
N ALA G 73 -4.64 -30.02 -36.72
CA ALA G 73 -4.52 -29.69 -38.15
C ALA G 73 -4.64 -28.17 -38.28
N SER G 74 -3.99 -27.61 -39.31
CA SER G 74 -4.01 -26.16 -39.55
C SER G 74 -4.23 -25.83 -40.99
N LEU G 75 -5.02 -24.76 -41.25
CA LEU G 75 -5.25 -24.23 -42.57
C LEU G 75 -4.69 -22.82 -42.57
N THR G 76 -3.77 -22.56 -43.49
CA THR G 76 -3.14 -21.24 -43.61
C THR G 76 -3.60 -20.59 -44.90
N ILE G 77 -3.97 -19.32 -44.82
CA ILE G 77 -4.36 -18.52 -45.97
C ILE G 77 -3.35 -17.38 -46.08
N SER G 78 -2.55 -17.38 -47.13
CA SER G 78 -1.58 -16.31 -47.37
C SER G 78 -2.20 -15.29 -48.33
N GLY G 79 -1.78 -14.05 -48.26
CA GLY G 79 -2.31 -13.00 -49.13
C GLY G 79 -3.82 -12.92 -49.13
N LEU G 80 -4.41 -12.78 -47.91
CA LEU G 80 -5.84 -12.70 -47.65
C LEU G 80 -6.56 -11.85 -48.69
N HIS G 81 -7.63 -12.38 -49.29
CA HIS G 81 -8.44 -11.67 -50.28
C HIS G 81 -9.90 -11.59 -49.81
N ILE G 82 -10.68 -10.54 -50.17
CA ILE G 82 -12.10 -10.44 -49.75
C ILE G 82 -12.97 -11.61 -50.15
N GLU G 83 -12.57 -12.31 -51.21
CA GLU G 83 -13.29 -13.49 -51.69
C GLU G 83 -13.01 -14.73 -50.82
N ASP G 84 -12.12 -14.61 -49.80
CA ASP G 84 -11.80 -15.68 -48.85
C ASP G 84 -12.72 -15.63 -47.62
N GLU G 85 -13.50 -14.57 -47.47
CA GLU G 85 -14.48 -14.40 -46.39
C GLU G 85 -15.52 -15.52 -46.43
N GLY G 86 -15.82 -16.08 -45.27
CA GLY G 86 -16.79 -17.14 -45.09
C GLY G 86 -16.46 -18.00 -43.89
N ASP G 87 -17.19 -19.11 -43.75
CA ASP G 87 -17.00 -20.08 -42.69
C ASP G 87 -16.20 -21.26 -43.18
N TYR G 88 -15.19 -21.63 -42.43
CA TYR G 88 -14.27 -22.71 -42.76
C TYR G 88 -14.41 -23.89 -41.82
N PHE G 89 -14.59 -25.08 -42.38
CA PHE G 89 -14.78 -26.29 -41.60
C PHE G 89 -13.73 -27.35 -41.87
N CYS G 90 -13.14 -27.87 -40.82
CA CYS G 90 -12.24 -29.00 -40.97
C CYS G 90 -13.05 -30.27 -40.83
N SER G 91 -12.63 -31.31 -41.51
CA SER G 91 -13.31 -32.58 -41.43
C SER G 91 -12.24 -33.65 -41.35
N SER G 92 -12.58 -34.77 -40.70
CA SER G 92 -11.70 -35.91 -40.63
C SER G 92 -12.44 -37.22 -40.75
N LEU G 93 -11.71 -38.24 -41.23
CA LEU G 93 -12.15 -39.63 -41.29
C LEU G 93 -11.97 -40.15 -39.85
N THR G 94 -12.87 -41.05 -39.40
CA THR G 94 -12.89 -41.69 -38.07
C THR G 94 -12.42 -43.12 -38.21
N ASP G 95 -11.92 -43.72 -37.11
CA ASP G 95 -11.50 -45.15 -37.06
C ASP G 95 -12.69 -46.12 -37.26
N ARG G 96 -13.94 -45.59 -37.25
CA ARG G 96 -15.21 -46.28 -37.44
C ARG G 96 -15.74 -46.11 -38.87
N SER G 97 -14.96 -45.43 -39.73
CA SER G 97 -15.27 -45.11 -41.13
C SER G 97 -16.34 -44.02 -41.27
N HIS G 98 -16.51 -43.24 -40.21
CA HIS G 98 -17.42 -42.09 -40.13
C HIS G 98 -16.62 -40.84 -40.59
N ARG G 99 -17.28 -39.69 -40.63
CA ARG G 99 -16.69 -38.38 -40.89
C ARG G 99 -17.07 -37.50 -39.69
N ILE G 100 -16.12 -36.73 -39.19
CA ILE G 100 -16.33 -35.78 -38.08
C ILE G 100 -15.98 -34.40 -38.62
N PHE G 101 -16.84 -33.40 -38.39
CA PHE G 101 -16.57 -32.00 -38.77
C PHE G 101 -16.23 -31.17 -37.53
N GLY G 102 -15.54 -30.06 -37.75
CA GLY G 102 -15.21 -29.09 -36.72
C GLY G 102 -16.38 -28.16 -36.58
N GLY G 103 -16.30 -27.26 -35.60
CA GLY G 103 -17.38 -26.32 -35.30
C GLY G 103 -17.54 -25.22 -36.32
N GLY G 104 -16.43 -24.88 -36.98
CA GLY G 104 -16.38 -23.81 -37.96
C GLY G 104 -15.70 -22.55 -37.47
N THR G 105 -15.10 -21.79 -38.41
CA THR G 105 -14.41 -20.54 -38.12
C THR G 105 -14.89 -19.51 -39.10
N LYS G 106 -15.39 -18.35 -38.60
CA LYS G 106 -15.79 -17.27 -39.48
C LYS G 106 -14.50 -16.52 -39.78
N VAL G 107 -14.19 -16.38 -41.07
CA VAL G 107 -13.00 -15.68 -41.54
C VAL G 107 -13.51 -14.34 -42.07
N THR G 108 -13.01 -13.26 -41.48
CA THR G 108 -13.35 -11.89 -41.85
C THR G 108 -12.09 -11.24 -42.44
N VAL G 109 -12.24 -10.58 -43.59
CA VAL G 109 -11.18 -9.86 -44.25
C VAL G 109 -11.57 -8.44 -43.95
N LEU G 110 -10.92 -7.85 -42.96
CA LEU G 110 -11.18 -6.50 -42.44
C LEU G 110 -11.26 -5.41 -43.53
N GLY G 111 -12.44 -4.83 -43.67
CA GLY G 111 -12.73 -3.78 -44.65
C GLY G 111 -13.09 -2.46 -44.02
N GLN G 112 -13.03 -2.40 -42.68
CA GLN G 112 -13.33 -1.23 -41.89
C GLN G 112 -12.74 -1.44 -40.50
N PRO G 113 -12.58 -0.39 -39.65
CA PRO G 113 -12.00 -0.62 -38.32
C PRO G 113 -12.92 -1.46 -37.44
N LYS G 114 -12.32 -2.30 -36.59
CA LYS G 114 -13.02 -3.13 -35.64
C LYS G 114 -13.76 -2.24 -34.67
N ALA G 115 -14.98 -2.63 -34.29
CA ALA G 115 -15.82 -1.90 -33.36
C ALA G 115 -16.35 -2.88 -32.33
N ALA G 116 -16.29 -2.53 -31.05
CA ALA G 116 -16.84 -3.34 -29.96
C ALA G 116 -18.34 -3.12 -29.97
N PRO G 117 -19.14 -4.11 -29.49
CA PRO G 117 -20.60 -3.93 -29.52
C PRO G 117 -21.14 -2.97 -28.48
N SER G 118 -22.34 -2.41 -28.81
CA SER G 118 -23.15 -1.58 -27.93
C SER G 118 -24.18 -2.56 -27.44
N VAL G 119 -24.32 -2.73 -26.11
CA VAL G 119 -25.24 -3.68 -25.51
C VAL G 119 -26.39 -2.94 -24.77
N THR G 120 -27.65 -3.23 -25.15
CA THR G 120 -28.82 -2.65 -24.50
C THR G 120 -29.64 -3.82 -23.99
N LEU G 121 -29.86 -3.86 -22.68
CA LEU G 121 -30.62 -4.91 -22.04
C LEU G 121 -31.97 -4.38 -21.57
N PHE G 122 -33.07 -4.98 -22.07
CA PHE G 122 -34.42 -4.60 -21.70
C PHE G 122 -35.01 -5.60 -20.73
N PRO G 123 -35.55 -5.15 -19.59
CA PRO G 123 -36.20 -6.10 -18.68
C PRO G 123 -37.59 -6.48 -19.24
N PRO G 124 -38.33 -7.49 -18.70
CA PRO G 124 -39.68 -7.71 -19.20
C PRO G 124 -40.54 -6.47 -19.00
N SER G 125 -41.39 -6.13 -19.99
CA SER G 125 -42.32 -5.01 -19.90
C SER G 125 -43.45 -5.40 -18.97
N SER G 126 -44.12 -4.42 -18.34
CA SER G 126 -45.26 -4.69 -17.45
C SER G 126 -46.44 -5.33 -18.22
N GLU G 127 -46.55 -5.02 -19.52
CA GLU G 127 -47.56 -5.61 -20.40
C GLU G 127 -47.33 -7.12 -20.53
N GLU G 128 -46.07 -7.55 -20.68
CA GLU G 128 -45.72 -8.97 -20.79
C GLU G 128 -45.94 -9.70 -19.51
N LEU G 129 -45.53 -9.09 -18.38
CA LEU G 129 -45.70 -9.66 -17.05
C LEU G 129 -47.16 -9.92 -16.75
N GLN G 130 -48.05 -9.01 -17.19
CA GLN G 130 -49.50 -9.16 -17.04
C GLN G 130 -50.07 -10.24 -17.97
N ALA G 131 -49.31 -10.67 -18.97
CA ALA G 131 -49.71 -11.73 -19.89
C ALA G 131 -49.13 -13.08 -19.40
N ASN G 132 -48.58 -13.09 -18.16
CA ASN G 132 -47.97 -14.23 -17.48
C ASN G 132 -46.77 -14.79 -18.24
N LYS G 133 -46.00 -13.88 -18.83
CA LYS G 133 -44.79 -14.21 -19.58
C LYS G 133 -43.74 -13.18 -19.18
N ALA G 134 -42.48 -13.52 -19.40
CA ALA G 134 -41.36 -12.64 -19.10
C ALA G 134 -40.21 -12.97 -20.04
N THR G 135 -39.69 -11.94 -20.70
CA THR G 135 -38.59 -12.04 -21.62
C THR G 135 -37.65 -10.88 -21.42
N LEU G 136 -36.38 -11.20 -21.20
CA LEU G 136 -35.28 -10.24 -21.12
C LEU G 136 -34.72 -10.20 -22.53
N VAL G 137 -34.59 -9.00 -23.09
CA VAL G 137 -34.15 -8.77 -24.45
C VAL G 137 -32.78 -8.06 -24.42
N CYS G 138 -31.77 -8.71 -24.97
CA CYS G 138 -30.43 -8.16 -25.04
C CYS G 138 -30.10 -7.80 -26.47
N LEU G 139 -29.92 -6.50 -26.78
CA LEU G 139 -29.60 -6.08 -28.14
C LEU G 139 -28.16 -5.69 -28.24
N ILE G 140 -27.46 -6.36 -29.19
CA ILE G 140 -26.03 -6.24 -29.45
C ILE G 140 -25.88 -5.63 -30.81
N SER G 141 -25.24 -4.48 -30.88
CA SER G 141 -25.16 -3.82 -32.17
C SER G 141 -23.84 -3.16 -32.45
N ASP G 142 -23.70 -2.71 -33.72
CA ASP G 142 -22.57 -1.94 -34.22
C ASP G 142 -21.21 -2.56 -33.98
N PHE G 143 -21.15 -3.90 -34.02
CA PHE G 143 -19.89 -4.59 -33.80
C PHE G 143 -19.24 -5.04 -35.12
N TYR G 144 -17.91 -5.20 -35.09
CA TYR G 144 -17.15 -5.65 -36.24
C TYR G 144 -15.82 -6.23 -35.77
N PRO G 145 -15.46 -7.48 -36.11
CA PRO G 145 -16.19 -8.47 -36.95
C PRO G 145 -17.48 -9.01 -36.34
N GLY G 146 -18.31 -9.61 -37.22
CA GLY G 146 -19.60 -10.18 -36.89
C GLY G 146 -19.57 -11.52 -36.19
N ALA G 147 -18.94 -11.57 -35.03
CA ALA G 147 -18.87 -12.75 -34.17
C ALA G 147 -18.79 -12.32 -32.71
N VAL G 148 -19.73 -12.79 -31.88
CA VAL G 148 -19.82 -12.53 -30.45
C VAL G 148 -20.24 -13.79 -29.70
N THR G 149 -19.95 -13.84 -28.41
CA THR G 149 -20.41 -14.87 -27.49
C THR G 149 -21.34 -14.17 -26.46
N VAL G 150 -22.56 -14.71 -26.27
CA VAL G 150 -23.55 -14.16 -25.35
C VAL G 150 -23.82 -15.13 -24.23
N ALA G 151 -23.67 -14.68 -22.99
CA ALA G 151 -23.88 -15.47 -21.78
C ALA G 151 -24.80 -14.73 -20.81
N TRP G 152 -25.73 -15.44 -20.18
CA TRP G 152 -26.68 -14.89 -19.21
C TRP G 152 -26.40 -15.36 -17.83
N LYS G 153 -26.67 -14.50 -16.84
CA LYS G 153 -26.51 -14.78 -15.42
C LYS G 153 -27.75 -14.33 -14.65
N ALA G 154 -28.21 -15.16 -13.71
CA ALA G 154 -29.30 -14.89 -12.75
C ALA G 154 -28.51 -14.72 -11.45
N ASP G 155 -28.50 -13.51 -10.89
CA ASP G 155 -27.65 -13.13 -9.74
C ASP G 155 -26.22 -13.10 -10.32
N SER G 156 -25.36 -13.97 -9.82
CA SER G 156 -23.98 -14.14 -10.28
C SER G 156 -23.82 -15.50 -10.98
N SER G 157 -24.78 -16.43 -10.79
CA SER G 157 -24.77 -17.77 -11.38
C SER G 157 -25.24 -17.77 -12.83
N PRO G 158 -24.58 -18.55 -13.72
CA PRO G 158 -25.01 -18.56 -15.13
C PRO G 158 -26.28 -19.35 -15.39
N VAL G 159 -27.02 -18.95 -16.43
CA VAL G 159 -28.27 -19.58 -16.84
C VAL G 159 -28.28 -19.96 -18.30
N LYS G 160 -28.35 -21.28 -18.57
CA LYS G 160 -28.31 -21.82 -19.95
C LYS G 160 -29.70 -22.16 -20.50
N ALA G 161 -30.65 -22.46 -19.59
CA ALA G 161 -32.01 -22.79 -19.95
C ALA G 161 -32.78 -21.51 -20.35
N GLY G 162 -33.59 -21.61 -21.39
CA GLY G 162 -34.43 -20.52 -21.88
C GLY G 162 -33.76 -19.44 -22.69
N VAL G 163 -32.51 -19.67 -23.12
CA VAL G 163 -31.70 -18.73 -23.90
C VAL G 163 -31.80 -19.04 -25.41
N GLU G 164 -32.07 -17.98 -26.21
CA GLU G 164 -32.17 -18.03 -27.66
C GLU G 164 -31.44 -16.78 -28.19
N THR G 165 -30.39 -16.98 -28.99
CA THR G 165 -29.54 -15.95 -29.56
C THR G 165 -29.56 -16.04 -31.10
N THR G 166 -29.59 -14.88 -31.79
CA THR G 166 -29.57 -14.84 -33.25
C THR G 166 -28.13 -14.86 -33.73
N THR G 167 -27.93 -15.19 -35.01
CA THR G 167 -26.62 -15.16 -35.63
C THR G 167 -26.45 -13.71 -36.10
N PRO G 168 -25.28 -13.06 -35.88
CA PRO G 168 -25.11 -11.68 -36.33
C PRO G 168 -25.46 -11.49 -37.81
N SER G 169 -26.09 -10.35 -38.13
CA SER G 169 -26.45 -9.95 -39.50
C SER G 169 -26.02 -8.52 -39.71
N LYS G 170 -25.75 -8.09 -40.97
CA LYS G 170 -25.32 -6.71 -41.19
C LYS G 170 -26.40 -5.65 -40.91
N GLN G 171 -26.02 -4.51 -40.36
CA GLN G 171 -27.02 -3.51 -40.03
C GLN G 171 -26.96 -2.29 -40.87
N SER G 172 -27.18 -2.51 -42.17
CA SER G 172 -27.22 -1.46 -43.19
C SER G 172 -25.90 -0.69 -43.34
N ASN G 173 -25.29 -0.23 -42.22
CA ASN G 173 -24.02 0.52 -42.18
C ASN G 173 -22.79 -0.41 -42.16
N ASN G 174 -22.98 -1.63 -42.66
CA ASN G 174 -21.96 -2.67 -42.75
C ASN G 174 -21.43 -3.24 -41.44
N LYS G 175 -21.83 -2.67 -40.29
CA LYS G 175 -21.47 -3.27 -39.01
C LYS G 175 -22.52 -4.35 -38.73
N TYR G 176 -22.29 -5.23 -37.77
CA TYR G 176 -23.19 -6.31 -37.43
C TYR G 176 -24.03 -6.00 -36.17
N ALA G 177 -25.11 -6.79 -35.97
CA ALA G 177 -26.00 -6.73 -34.83
C ALA G 177 -26.54 -8.10 -34.62
N ALA G 178 -26.89 -8.39 -33.38
CA ALA G 178 -27.44 -9.66 -32.91
C ALA G 178 -28.33 -9.39 -31.71
N SER G 179 -29.13 -10.39 -31.34
CA SER G 179 -30.01 -10.27 -30.20
C SER G 179 -30.09 -11.59 -29.46
N SER G 180 -30.29 -11.53 -28.14
CA SER G 180 -30.41 -12.71 -27.31
C SER G 180 -31.56 -12.51 -26.38
N TYR G 181 -32.32 -13.58 -26.11
CA TYR G 181 -33.51 -13.57 -25.28
C TYR G 181 -33.39 -14.58 -24.20
N LEU G 182 -33.82 -14.21 -22.99
CA LEU G 182 -33.90 -15.08 -21.83
C LEU G 182 -35.36 -15.10 -21.42
N SER G 183 -36.02 -16.23 -21.68
CA SER G 183 -37.41 -16.46 -21.32
C SER G 183 -37.50 -17.00 -19.91
N LEU G 184 -38.36 -16.38 -19.10
CA LEU G 184 -38.60 -16.74 -17.71
C LEU G 184 -40.10 -16.71 -17.43
N THR G 185 -40.50 -17.26 -16.29
CA THR G 185 -41.87 -17.14 -15.80
C THR G 185 -41.85 -15.82 -15.02
N PRO G 186 -42.98 -15.10 -14.81
CA PRO G 186 -42.93 -13.86 -14.01
C PRO G 186 -42.39 -14.08 -12.58
N GLU G 187 -42.57 -15.31 -12.07
CA GLU G 187 -42.15 -15.76 -10.73
C GLU G 187 -40.62 -15.87 -10.62
N GLN G 188 -39.96 -16.48 -11.63
CA GLN G 188 -38.51 -16.61 -11.67
C GLN G 188 -37.86 -15.21 -11.69
N TRP G 189 -38.42 -14.29 -12.49
CA TRP G 189 -37.98 -12.91 -12.67
C TRP G 189 -37.96 -12.14 -11.35
N LYS G 190 -39.00 -12.33 -10.53
CA LYS G 190 -39.12 -11.65 -9.25
C LYS G 190 -38.33 -12.38 -8.12
N SER G 191 -37.94 -13.65 -8.35
CA SER G 191 -37.19 -14.49 -7.38
C SER G 191 -35.68 -14.15 -7.27
N HIS G 192 -35.09 -13.49 -8.29
CA HIS G 192 -33.66 -13.13 -8.28
C HIS G 192 -33.41 -11.59 -8.16
N LYS G 193 -32.29 -11.22 -7.52
CA LYS G 193 -31.96 -9.81 -7.28
C LYS G 193 -31.55 -9.08 -8.56
N SER G 194 -30.92 -9.80 -9.50
CA SER G 194 -30.51 -9.25 -10.79
C SER G 194 -30.39 -10.29 -11.86
N TYR G 195 -30.29 -9.83 -13.11
CA TYR G 195 -30.09 -10.61 -14.32
C TYR G 195 -29.08 -9.87 -15.18
N SER G 196 -28.16 -10.59 -15.83
CA SER G 196 -27.13 -9.96 -16.64
C SER G 196 -26.94 -10.63 -17.99
N CYS G 197 -26.66 -9.82 -18.99
CA CYS G 197 -26.36 -10.23 -20.34
C CYS G 197 -24.87 -9.87 -20.52
N GLN G 198 -24.03 -10.87 -20.78
CA GLN G 198 -22.59 -10.73 -20.92
C GLN G 198 -22.18 -11.01 -22.38
N VAL G 199 -21.63 -10.01 -23.04
CA VAL G 199 -21.25 -10.14 -24.45
C VAL G 199 -19.74 -10.06 -24.61
N THR G 200 -19.17 -11.08 -25.27
CA THR G 200 -17.73 -11.17 -25.52
C THR G 200 -17.47 -10.97 -26.99
N HIS G 201 -16.57 -10.04 -27.31
CA HIS G 201 -16.19 -9.69 -28.67
C HIS G 201 -14.70 -9.36 -28.67
N GLU G 202 -13.92 -10.11 -29.49
CA GLU G 202 -12.47 -9.93 -29.63
C GLU G 202 -11.76 -10.04 -28.27
N GLY G 203 -12.13 -11.05 -27.48
CA GLY G 203 -11.56 -11.27 -26.15
C GLY G 203 -12.01 -10.32 -25.05
N SER G 204 -12.61 -9.17 -25.42
CA SER G 204 -13.10 -8.18 -24.44
C SER G 204 -14.58 -8.41 -24.13
N THR G 205 -15.03 -8.02 -22.93
CA THR G 205 -16.39 -8.24 -22.48
C THR G 205 -17.13 -7.00 -21.95
N VAL G 206 -18.42 -6.89 -22.30
CA VAL G 206 -19.37 -5.90 -21.80
C VAL G 206 -20.48 -6.69 -21.07
N GLU G 207 -20.86 -6.26 -19.88
CA GLU G 207 -21.93 -6.91 -19.13
C GLU G 207 -22.89 -5.84 -18.66
N LYS G 208 -24.18 -5.97 -19.00
CA LYS G 208 -25.24 -5.08 -18.51
C LYS G 208 -26.08 -5.87 -17.53
N THR G 209 -26.59 -5.20 -16.50
CA THR G 209 -27.39 -5.79 -15.43
C THR G 209 -28.70 -5.03 -15.24
N VAL G 210 -29.81 -5.79 -15.10
CA VAL G 210 -31.14 -5.27 -14.80
C VAL G 210 -31.65 -5.95 -13.54
N ALA G 211 -32.47 -5.24 -12.78
CA ALA G 211 -33.03 -5.78 -11.55
C ALA G 211 -34.55 -5.63 -11.53
N PRO G 212 -35.29 -6.59 -10.92
CA PRO G 212 -36.74 -6.40 -10.77
C PRO G 212 -37.07 -5.13 -9.93
N THR G 213 -37.72 -4.13 -10.56
CA THR G 213 -38.02 -2.82 -9.97
C THR G 213 -39.51 -2.60 -9.65
N GLU H 2 -20.43 -31.21 -62.70
CA GLU H 2 -21.02 -32.20 -61.82
C GLU H 2 -21.93 -31.43 -60.92
N GLN H 3 -23.17 -31.91 -60.77
CA GLN H 3 -24.18 -31.22 -59.96
C GLN H 3 -24.90 -32.17 -59.04
N LEU H 4 -25.41 -31.63 -57.92
CA LEU H 4 -26.24 -32.33 -56.94
C LEU H 4 -27.41 -31.41 -56.55
N VAL H 5 -28.66 -31.85 -56.83
CA VAL H 5 -29.85 -31.06 -56.52
C VAL H 5 -30.80 -31.72 -55.52
N GLU H 6 -30.89 -31.12 -54.31
CA GLU H 6 -31.73 -31.62 -53.22
C GLU H 6 -33.16 -31.16 -53.31
N SER H 7 -34.08 -32.00 -52.85
CA SER H 7 -35.52 -31.76 -52.82
C SER H 7 -36.18 -32.51 -51.65
N GLY H 8 -37.44 -32.17 -51.37
CA GLY H 8 -38.22 -32.80 -50.31
C GLY H 8 -38.37 -32.00 -49.04
N GLY H 9 -37.51 -31.02 -48.82
CA GLY H 9 -37.56 -30.15 -47.64
C GLY H 9 -38.77 -29.22 -47.61
N GLY H 10 -39.07 -28.74 -46.41
CA GLY H 10 -40.18 -27.85 -46.13
C GLY H 10 -40.57 -27.88 -44.66
N VAL H 11 -41.80 -27.38 -44.35
CA VAL H 11 -42.31 -27.34 -42.98
C VAL H 11 -43.08 -28.64 -42.69
N VAL H 12 -42.61 -29.39 -41.69
CA VAL H 12 -43.17 -30.68 -41.30
C VAL H 12 -43.50 -30.72 -39.82
N GLN H 13 -44.52 -31.49 -39.45
CA GLN H 13 -44.96 -31.60 -38.06
C GLN H 13 -44.16 -32.67 -37.31
N PRO H 14 -43.80 -32.47 -36.02
CA PRO H 14 -43.03 -33.50 -35.28
C PRO H 14 -43.75 -34.84 -35.13
N GLY H 15 -42.96 -35.91 -35.12
CA GLY H 15 -43.44 -37.28 -35.03
C GLY H 15 -43.83 -37.86 -36.36
N GLY H 16 -43.69 -37.06 -37.41
CA GLY H 16 -43.99 -37.45 -38.78
C GLY H 16 -42.80 -38.01 -39.53
N SER H 17 -43.07 -38.60 -40.70
CA SER H 17 -42.07 -39.17 -41.59
C SER H 17 -41.73 -38.19 -42.73
N LEU H 18 -40.49 -38.25 -43.25
CA LEU H 18 -40.05 -37.37 -44.33
C LEU H 18 -38.95 -38.00 -45.16
N ARG H 19 -39.11 -37.93 -46.48
CA ARG H 19 -38.11 -38.42 -47.40
C ARG H 19 -37.50 -37.26 -48.19
N LEU H 20 -36.17 -37.12 -48.09
CA LEU H 20 -35.36 -36.18 -48.85
C LEU H 20 -34.76 -36.90 -50.04
N SER H 21 -34.58 -36.20 -51.18
CA SER H 21 -33.99 -36.75 -52.39
C SER H 21 -32.85 -35.86 -52.85
N CYS H 22 -31.97 -36.41 -53.67
CA CYS H 22 -30.85 -35.67 -54.23
C CYS H 22 -30.56 -36.31 -55.58
N LEU H 23 -30.77 -35.57 -56.66
CA LEU H 23 -30.53 -35.96 -58.04
C LEU H 23 -29.14 -35.50 -58.48
N ALA H 24 -28.34 -36.43 -58.97
CA ALA H 24 -26.98 -36.18 -59.44
C ALA H 24 -26.95 -36.08 -60.96
N SER H 25 -26.04 -35.25 -61.50
CA SER H 25 -25.79 -35.09 -62.95
C SER H 25 -24.34 -34.68 -63.21
N GLY H 26 -23.84 -34.96 -64.43
CA GLY H 26 -22.48 -34.61 -64.86
C GLY H 26 -21.37 -35.54 -64.42
N PHE H 27 -21.72 -36.71 -63.89
CA PHE H 27 -20.78 -37.77 -63.46
C PHE H 27 -21.49 -39.15 -63.38
N THR H 28 -20.72 -40.24 -63.37
CA THR H 28 -21.30 -41.58 -63.28
C THR H 28 -21.58 -41.97 -61.81
N PHE H 29 -22.80 -41.64 -61.36
CA PHE H 29 -23.35 -41.79 -60.00
C PHE H 29 -22.99 -43.08 -59.25
N HIS H 30 -23.17 -44.24 -59.89
CA HIS H 30 -22.93 -45.54 -59.24
C HIS H 30 -21.45 -45.81 -58.86
N LYS H 31 -20.50 -45.05 -59.40
CA LYS H 31 -19.09 -45.24 -59.11
C LYS H 31 -18.63 -44.56 -57.82
N TYR H 32 -19.49 -43.74 -57.21
CA TYR H 32 -19.12 -42.94 -56.05
C TYR H 32 -20.01 -43.14 -54.82
N GLY H 33 -19.35 -42.99 -53.67
CA GLY H 33 -19.99 -42.97 -52.37
C GLY H 33 -20.66 -41.62 -52.21
N MET H 34 -21.73 -41.58 -51.41
CA MET H 34 -22.50 -40.36 -51.24
C MET H 34 -22.82 -40.14 -49.77
N HIS H 35 -22.81 -38.89 -49.34
CA HIS H 35 -23.07 -38.48 -47.97
C HIS H 35 -24.27 -37.54 -47.85
N TRP H 36 -24.75 -37.43 -46.60
CA TRP H 36 -25.74 -36.46 -46.19
C TRP H 36 -25.07 -35.72 -45.03
N VAL H 37 -25.06 -34.41 -45.10
CA VAL H 37 -24.48 -33.51 -44.10
C VAL H 37 -25.61 -32.50 -43.72
N ARG H 38 -25.82 -32.24 -42.44
CA ARG H 38 -26.83 -31.29 -42.00
C ARG H 38 -26.18 -30.07 -41.37
N GLN H 39 -26.92 -28.98 -41.33
CA GLN H 39 -26.49 -27.74 -40.70
C GLN H 39 -27.71 -27.11 -39.99
N ALA H 40 -27.76 -27.25 -38.65
CA ALA H 40 -28.80 -26.66 -37.79
C ALA H 40 -28.64 -25.11 -37.79
N PRO H 41 -29.73 -24.32 -37.60
CA PRO H 41 -29.63 -22.84 -37.68
C PRO H 41 -28.54 -22.15 -36.85
N GLY H 42 -27.70 -21.39 -37.55
CA GLY H 42 -26.54 -20.70 -37.00
C GLY H 42 -25.46 -21.64 -36.48
N LYS H 43 -25.55 -22.95 -36.83
CA LYS H 43 -24.59 -23.96 -36.37
C LYS H 43 -23.68 -24.47 -37.47
N GLY H 44 -22.74 -25.33 -37.10
CA GLY H 44 -21.77 -25.91 -38.02
C GLY H 44 -22.27 -27.09 -38.83
N LEU H 45 -21.42 -27.54 -39.78
CA LEU H 45 -21.72 -28.70 -40.63
C LEU H 45 -21.59 -29.97 -39.78
N GLU H 46 -22.56 -30.86 -39.93
CA GLU H 46 -22.61 -32.08 -39.15
C GLU H 46 -22.89 -33.25 -40.06
N TRP H 47 -21.95 -34.21 -40.12
CA TRP H 47 -22.06 -35.41 -40.94
C TRP H 47 -23.24 -36.27 -40.45
N VAL H 48 -24.09 -36.74 -41.37
CA VAL H 48 -25.26 -37.54 -41.04
C VAL H 48 -25.02 -39.01 -41.38
N ALA H 49 -24.68 -39.30 -42.66
CA ALA H 49 -24.50 -40.68 -43.13
C ALA H 49 -23.76 -40.78 -44.45
N LEU H 50 -23.24 -41.96 -44.75
CA LEU H 50 -22.52 -42.28 -45.96
C LEU H 50 -23.04 -43.61 -46.46
N ILE H 51 -23.10 -43.75 -47.80
CA ILE H 51 -23.54 -44.94 -48.54
C ILE H 51 -22.56 -45.30 -49.66
N SER H 52 -22.15 -46.54 -49.71
CA SER H 52 -21.21 -46.97 -50.74
C SER H 52 -21.83 -46.90 -52.12
N ASP H 53 -20.97 -46.86 -53.12
CA ASP H 53 -21.32 -46.83 -54.54
C ASP H 53 -22.44 -47.83 -54.92
N ASP H 54 -22.33 -49.09 -54.43
CA ASP H 54 -23.29 -50.19 -54.67
C ASP H 54 -24.52 -50.17 -53.75
N GLY H 55 -24.48 -49.33 -52.70
CA GLY H 55 -25.56 -49.22 -51.75
C GLY H 55 -25.58 -50.32 -50.71
N MET H 56 -24.47 -51.09 -50.62
CA MET H 56 -24.34 -52.23 -49.72
C MET H 56 -23.77 -51.87 -48.35
N ARG H 57 -22.93 -50.81 -48.27
CA ARG H 57 -22.33 -50.35 -47.01
C ARG H 57 -22.90 -48.98 -46.65
N LYS H 58 -23.54 -48.89 -45.47
CA LYS H 58 -24.15 -47.68 -44.93
C LYS H 58 -23.57 -47.37 -43.54
N TYR H 59 -23.27 -46.08 -43.28
CA TYR H 59 -22.73 -45.62 -42.00
C TYR H 59 -23.53 -44.44 -41.53
N HIS H 60 -23.91 -44.39 -40.28
CA HIS H 60 -24.74 -43.31 -39.76
C HIS H 60 -24.10 -42.74 -38.53
N SER H 61 -24.24 -41.42 -38.29
CA SER H 61 -23.67 -40.82 -37.09
C SER H 61 -24.44 -41.31 -35.85
N ASP H 62 -23.84 -41.23 -34.68
CA ASP H 62 -24.49 -41.68 -33.46
C ASP H 62 -25.68 -40.78 -33.08
N SER H 63 -25.63 -39.50 -33.47
CA SER H 63 -26.70 -38.53 -33.22
C SER H 63 -27.92 -38.74 -34.11
N MET H 64 -27.76 -39.50 -35.21
CA MET H 64 -28.82 -39.75 -36.19
C MET H 64 -29.26 -41.20 -36.28
N TRP H 65 -28.41 -42.15 -35.80
CA TRP H 65 -28.74 -43.57 -35.79
C TRP H 65 -30.10 -43.77 -35.08
N GLY H 66 -30.98 -44.51 -35.73
CA GLY H 66 -32.31 -44.78 -35.21
C GLY H 66 -33.38 -43.87 -35.78
N ARG H 67 -32.99 -42.65 -36.12
CA ARG H 67 -33.91 -41.67 -36.70
C ARG H 67 -33.92 -41.70 -38.25
N VAL H 68 -32.73 -41.76 -38.88
CA VAL H 68 -32.63 -41.68 -40.32
C VAL H 68 -32.13 -42.97 -41.01
N THR H 69 -32.49 -43.12 -42.29
CA THR H 69 -32.07 -44.21 -43.15
C THR H 69 -31.60 -43.64 -44.48
N ILE H 70 -30.39 -44.02 -44.92
CA ILE H 70 -29.79 -43.62 -46.20
C ILE H 70 -30.04 -44.73 -47.24
N SER H 71 -30.33 -44.37 -48.50
CA SER H 71 -30.54 -45.29 -49.62
C SER H 71 -30.19 -44.61 -50.95
N ARG H 72 -30.09 -45.37 -52.06
CA ARG H 72 -29.78 -44.83 -53.38
C ARG H 72 -30.40 -45.65 -54.49
N ASP H 73 -30.70 -45.03 -55.64
CA ASP H 73 -31.25 -45.74 -56.81
C ASP H 73 -30.30 -45.43 -57.97
N ASN H 74 -29.34 -46.31 -58.17
CA ASN H 74 -28.31 -46.16 -59.18
C ASN H 74 -28.83 -46.14 -60.63
N SER H 75 -30.11 -46.51 -60.84
CA SER H 75 -30.78 -46.47 -62.14
C SER H 75 -31.42 -45.07 -62.39
N LYS H 76 -31.72 -44.35 -61.29
CA LYS H 76 -32.35 -43.02 -61.32
C LYS H 76 -31.41 -41.90 -60.89
N ASN H 77 -30.10 -42.18 -60.62
CA ASN H 77 -29.07 -41.20 -60.22
C ASN H 77 -29.49 -40.36 -58.99
N THR H 78 -30.18 -41.02 -58.04
CA THR H 78 -30.75 -40.39 -56.86
C THR H 78 -30.28 -40.99 -55.52
N LEU H 79 -30.07 -40.11 -54.54
CA LEU H 79 -29.68 -40.41 -53.17
C LEU H 79 -30.88 -40.08 -52.34
N TYR H 80 -31.15 -40.87 -51.28
CA TYR H 80 -32.27 -40.58 -50.38
C TYR H 80 -31.89 -40.54 -48.90
N LEU H 81 -32.71 -39.87 -48.11
CA LEU H 81 -32.61 -39.84 -46.65
C LEU H 81 -34.04 -39.91 -46.16
N GLN H 82 -34.36 -40.98 -45.42
CA GLN H 82 -35.70 -41.22 -44.88
C GLN H 82 -35.76 -40.99 -43.37
N PHE H 83 -36.72 -40.16 -42.93
CA PHE H 83 -36.97 -39.87 -41.52
C PHE H 83 -38.24 -40.60 -41.07
N SER H 84 -38.15 -41.20 -39.90
CA SER H 84 -39.24 -41.80 -39.16
C SER H 84 -39.30 -40.85 -37.97
N SER H 85 -40.50 -40.59 -37.45
CA SER H 85 -40.71 -39.72 -36.28
C SER H 85 -39.73 -38.53 -36.13
N LEU H 86 -40.02 -37.42 -36.84
CA LEU H 86 -39.24 -36.18 -36.79
C LEU H 86 -39.35 -35.53 -35.41
N LYS H 87 -38.30 -34.83 -34.98
CA LYS H 87 -38.23 -34.10 -33.71
C LYS H 87 -37.95 -32.64 -34.01
N VAL H 88 -38.50 -31.71 -33.19
CA VAL H 88 -38.33 -30.25 -33.38
C VAL H 88 -36.86 -29.81 -33.51
N GLU H 89 -35.94 -30.61 -32.94
CA GLU H 89 -34.49 -30.40 -32.98
C GLU H 89 -33.84 -30.88 -34.31
N ASP H 90 -34.60 -31.60 -35.18
CA ASP H 90 -34.13 -32.07 -36.49
C ASP H 90 -34.09 -30.95 -37.56
N THR H 91 -34.61 -29.76 -37.20
CA THR H 91 -34.67 -28.56 -38.03
C THR H 91 -33.24 -28.22 -38.44
N ALA H 92 -32.99 -28.23 -39.75
CA ALA H 92 -31.67 -27.98 -40.34
C ALA H 92 -31.75 -27.93 -41.85
N MET H 93 -30.63 -27.48 -42.44
CA MET H 93 -30.37 -27.54 -43.88
C MET H 93 -29.69 -28.90 -44.09
N PHE H 94 -30.17 -29.66 -45.07
CA PHE H 94 -29.61 -30.95 -45.45
C PHE H 94 -28.86 -30.84 -46.76
N PHE H 95 -27.56 -31.09 -46.72
CA PHE H 95 -26.70 -31.06 -47.90
C PHE H 95 -26.37 -32.46 -48.34
N CYS H 96 -26.30 -32.61 -49.63
CA CYS H 96 -25.96 -33.83 -50.37
C CYS H 96 -24.54 -33.60 -50.85
N ALA H 97 -23.65 -34.47 -50.48
CA ALA H 97 -22.25 -34.36 -50.87
C ALA H 97 -21.72 -35.66 -51.48
N ARG H 98 -20.87 -35.53 -52.50
CA ARG H 98 -20.24 -36.70 -53.12
C ARG H 98 -18.94 -37.04 -52.41
N GLU H 99 -18.69 -38.33 -52.18
CA GLU H 99 -17.42 -38.78 -51.66
C GLU H 99 -16.46 -38.88 -52.84
N ALA H 100 -15.33 -38.13 -52.80
CA ALA H 100 -14.33 -38.17 -53.87
C ALA H 100 -13.76 -39.58 -53.99
N GLY H 101 -13.53 -40.03 -55.20
CA GLY H 101 -13.00 -41.36 -55.44
C GLY H 101 -12.44 -41.60 -56.82
N GLY H 102 -11.76 -42.72 -56.97
CA GLY H 102 -11.16 -43.18 -58.21
C GLY H 102 -10.14 -44.27 -57.97
N PRO H 103 -9.25 -44.51 -58.95
CA PRO H 103 -8.23 -45.54 -58.76
C PRO H 103 -7.10 -45.09 -57.83
N ILE H 104 -6.36 -46.04 -57.27
CA ILE H 104 -5.18 -45.77 -56.45
C ILE H 104 -4.00 -45.93 -57.38
N TRP H 105 -3.09 -44.96 -57.36
CA TRP H 105 -1.90 -44.99 -58.19
C TRP H 105 -0.70 -45.54 -57.43
N HIS H 106 0.05 -46.45 -58.05
CA HIS H 106 1.27 -47.04 -57.48
C HIS H 106 2.29 -47.37 -58.57
N ASP H 107 3.40 -46.59 -58.61
CA ASP H 107 4.48 -46.65 -59.60
C ASP H 107 3.91 -46.36 -61.01
N ASP H 108 3.09 -45.29 -61.13
CA ASP H 108 2.40 -44.82 -62.36
C ASP H 108 1.48 -45.89 -63.00
N VAL H 109 0.81 -46.70 -62.13
CA VAL H 109 -0.13 -47.78 -62.48
C VAL H 109 -1.46 -47.54 -61.72
N LYS H 110 -2.59 -47.50 -62.45
CA LYS H 110 -3.93 -47.30 -61.93
C LYS H 110 -4.47 -48.60 -61.31
N TYR H 111 -4.85 -48.57 -60.02
CA TYR H 111 -5.40 -49.74 -59.35
C TYR H 111 -6.85 -49.50 -58.92
N ASP H 113 -10.69 -51.26 -57.39
CA ASP H 113 -11.16 -52.25 -56.42
C ASP H 113 -11.87 -53.35 -57.23
N PHE H 114 -12.40 -54.41 -56.56
CA PHE H 114 -13.15 -55.48 -57.21
C PHE H 114 -14.31 -54.92 -58.00
N ASN H 115 -14.56 -55.51 -59.16
CA ASN H 115 -15.61 -55.11 -60.10
C ASN H 115 -15.52 -53.64 -60.57
N ASP H 116 -14.29 -53.18 -60.93
CA ASP H 116 -13.96 -51.82 -61.42
C ASP H 116 -14.28 -50.70 -60.45
N GLY H 117 -14.48 -51.06 -59.21
CA GLY H 117 -14.83 -50.11 -58.17
C GLY H 117 -13.74 -49.10 -57.88
N TYR H 118 -14.18 -47.92 -57.43
CA TYR H 118 -13.34 -46.83 -57.01
C TYR H 118 -13.01 -46.97 -55.54
N TYR H 119 -11.87 -46.40 -55.18
CA TYR H 119 -11.42 -46.30 -53.81
C TYR H 119 -11.82 -44.87 -53.35
N ASN H 120 -12.21 -44.70 -52.07
CA ASN H 120 -12.58 -43.41 -51.50
C ASN H 120 -11.34 -42.59 -51.24
N TYR H 121 -11.44 -41.28 -51.47
CA TYR H 121 -10.31 -40.35 -51.31
C TYR H 121 -10.38 -39.58 -49.98
N HIS H 122 -11.45 -39.77 -49.20
CA HIS H 122 -11.70 -39.15 -47.89
C HIS H 122 -11.87 -37.64 -47.85
N TYR H 123 -12.65 -37.13 -48.81
CA TYR H 123 -13.05 -35.74 -48.93
C TYR H 123 -14.29 -35.66 -49.79
N MET H 124 -15.12 -34.63 -49.58
CA MET H 124 -16.36 -34.42 -50.32
C MET H 124 -16.11 -33.34 -51.35
N ASP H 125 -16.05 -33.75 -52.63
CA ASP H 125 -15.68 -32.87 -53.75
C ASP H 125 -16.79 -32.12 -54.47
N VAL H 126 -18.03 -32.63 -54.37
CA VAL H 126 -19.20 -32.04 -55.00
C VAL H 126 -20.26 -31.91 -53.92
N TRP H 127 -20.87 -30.74 -53.83
CA TRP H 127 -21.90 -30.40 -52.85
C TRP H 127 -23.09 -29.78 -53.54
N GLY H 128 -24.25 -30.03 -52.97
CA GLY H 128 -25.49 -29.42 -53.41
C GLY H 128 -25.73 -28.16 -52.60
N LYS H 129 -26.74 -27.37 -52.97
CA LYS H 129 -27.08 -26.10 -52.28
C LYS H 129 -27.91 -26.29 -51.02
N GLY H 130 -28.39 -27.50 -50.80
CA GLY H 130 -29.15 -27.86 -49.60
C GLY H 130 -30.65 -27.74 -49.74
N THR H 131 -31.37 -28.51 -48.94
CA THR H 131 -32.83 -28.51 -48.78
C THR H 131 -33.11 -28.31 -47.28
N THR H 132 -33.94 -27.33 -46.95
CA THR H 132 -34.22 -27.02 -45.55
C THR H 132 -35.44 -27.74 -44.97
N VAL H 133 -35.27 -28.36 -43.78
CA VAL H 133 -36.32 -29.08 -43.06
C VAL H 133 -36.69 -28.29 -41.80
N THR H 134 -37.96 -27.79 -41.73
CA THR H 134 -38.44 -27.02 -40.58
C THR H 134 -39.46 -27.86 -39.81
N VAL H 135 -39.11 -28.33 -38.58
CA VAL H 135 -40.05 -29.15 -37.80
C VAL H 135 -40.81 -28.29 -36.80
N SER H 136 -42.13 -28.12 -37.01
CA SER H 136 -43.03 -27.33 -36.14
C SER H 136 -44.45 -27.81 -36.20
N SER H 137 -45.07 -27.89 -35.02
CA SER H 137 -46.44 -28.33 -34.79
C SER H 137 -47.45 -27.19 -34.96
N ALA H 138 -46.95 -25.93 -34.95
CA ALA H 138 -47.72 -24.69 -35.05
C ALA H 138 -48.47 -24.48 -36.36
N SER H 139 -49.58 -23.73 -36.25
CA SER H 139 -50.53 -23.31 -37.29
C SER H 139 -50.50 -21.80 -37.34
N THR H 140 -51.14 -21.17 -38.34
CA THR H 140 -51.12 -19.71 -38.46
C THR H 140 -51.53 -19.03 -37.17
N LYS H 141 -50.63 -18.18 -36.67
CA LYS H 141 -50.77 -17.45 -35.42
C LYS H 141 -50.23 -16.03 -35.58
N GLY H 142 -51.02 -15.07 -35.11
CA GLY H 142 -50.66 -13.66 -35.14
C GLY H 142 -49.71 -13.35 -33.98
N PRO H 143 -48.87 -12.31 -34.08
CA PRO H 143 -47.96 -12.03 -32.98
C PRO H 143 -48.59 -11.28 -31.81
N SER H 144 -47.87 -11.31 -30.68
CA SER H 144 -48.15 -10.51 -29.50
C SER H 144 -47.05 -9.47 -29.59
N VAL H 145 -47.41 -8.19 -29.50
CA VAL H 145 -46.46 -7.09 -29.61
C VAL H 145 -46.31 -6.38 -28.26
N PHE H 146 -45.06 -6.31 -27.75
CA PHE H 146 -44.75 -5.68 -26.46
C PHE H 146 -43.80 -4.57 -26.65
N PRO H 147 -43.94 -3.46 -25.90
CA PRO H 147 -42.98 -2.37 -26.07
C PRO H 147 -41.66 -2.62 -25.35
N LEU H 148 -40.56 -2.24 -25.98
CA LEU H 148 -39.24 -2.24 -25.37
C LEU H 148 -38.98 -0.74 -25.11
N ALA H 149 -39.57 -0.23 -24.01
CA ALA H 149 -39.52 1.17 -23.59
C ALA H 149 -38.12 1.80 -23.41
N PRO H 150 -37.95 3.04 -23.90
CA PRO H 150 -36.68 3.75 -23.66
C PRO H 150 -36.60 4.26 -22.21
N SER H 151 -35.36 4.34 -21.70
CA SER H 151 -35.04 4.75 -20.35
C SER H 151 -33.59 5.22 -20.34
N SER H 152 -33.03 5.55 -19.15
CA SER H 152 -31.64 5.97 -19.00
C SER H 152 -30.72 4.85 -19.53
N LYS H 153 -31.03 3.56 -19.17
CA LYS H 153 -30.30 2.34 -19.58
C LYS H 153 -30.13 2.18 -21.12
N SER H 154 -31.00 2.80 -21.91
CA SER H 154 -31.01 2.68 -23.36
C SER H 154 -30.62 3.98 -24.06
N THR H 155 -30.23 5.00 -23.25
CA THR H 155 -29.79 6.33 -23.68
C THR H 155 -28.26 6.48 -23.62
N SER H 156 -27.62 6.83 -24.76
CA SER H 156 -26.18 7.06 -24.83
C SER H 156 -25.96 8.51 -25.29
N GLY H 157 -25.88 9.40 -24.31
CA GLY H 157 -25.72 10.82 -24.57
C GLY H 157 -26.96 11.38 -25.24
N GLY H 158 -26.78 11.82 -26.49
CA GLY H 158 -27.84 12.44 -27.29
C GLY H 158 -28.91 11.53 -27.83
N THR H 159 -28.61 10.24 -27.96
CA THR H 159 -29.54 9.27 -28.53
C THR H 159 -30.07 8.25 -27.51
N ALA H 160 -31.25 7.69 -27.82
CA ALA H 160 -31.94 6.66 -27.05
C ALA H 160 -32.47 5.56 -27.96
N ALA H 161 -32.36 4.30 -27.49
CA ALA H 161 -32.86 3.11 -28.18
C ALA H 161 -34.23 2.72 -27.61
N LEU H 162 -35.16 2.38 -28.49
CA LEU H 162 -36.48 1.86 -28.14
C LEU H 162 -36.88 0.85 -29.22
N GLY H 163 -37.74 -0.09 -28.84
CA GLY H 163 -38.16 -1.10 -29.79
C GLY H 163 -39.50 -1.74 -29.54
N CYS H 164 -39.74 -2.84 -30.26
CA CYS H 164 -40.94 -3.65 -30.20
C CYS H 164 -40.56 -5.07 -30.17
N LEU H 165 -41.07 -5.82 -29.18
CA LEU H 165 -40.87 -7.25 -29.10
C LEU H 165 -42.10 -7.88 -29.79
N VAL H 166 -41.85 -8.64 -30.88
CA VAL H 166 -42.89 -9.27 -31.69
C VAL H 166 -42.85 -10.76 -31.38
N LYS H 167 -43.62 -11.19 -30.36
CA LYS H 167 -43.63 -12.55 -29.82
C LYS H 167 -44.68 -13.51 -30.36
N ASP H 168 -44.30 -14.81 -30.35
CA ASP H 168 -45.08 -15.99 -30.70
C ASP H 168 -45.99 -15.91 -31.93
N TYR H 169 -45.39 -15.87 -33.12
CA TYR H 169 -46.11 -15.86 -34.39
C TYR H 169 -45.71 -17.05 -35.27
N PHE H 170 -46.53 -17.34 -36.31
CA PHE H 170 -46.30 -18.40 -37.31
C PHE H 170 -47.15 -18.13 -38.55
N PRO H 171 -46.63 -18.28 -39.79
CA PRO H 171 -45.26 -18.62 -40.19
C PRO H 171 -44.32 -17.42 -40.19
N GLU H 172 -43.10 -17.61 -40.71
CA GLU H 172 -41.98 -16.65 -40.71
C GLU H 172 -42.16 -15.17 -41.13
N PRO H 173 -42.84 -14.78 -42.23
CA PRO H 173 -42.81 -13.35 -42.60
C PRO H 173 -43.60 -12.33 -41.76
N VAL H 174 -42.86 -11.59 -40.89
CA VAL H 174 -43.31 -10.46 -40.09
C VAL H 174 -42.51 -9.28 -40.60
N THR H 175 -43.19 -8.16 -40.82
CA THR H 175 -42.63 -6.89 -41.28
C THR H 175 -42.86 -5.81 -40.23
N VAL H 176 -41.82 -5.03 -39.93
CA VAL H 176 -41.90 -3.95 -38.93
C VAL H 176 -41.42 -2.65 -39.54
N SER H 177 -42.24 -1.61 -39.39
CA SER H 177 -41.96 -0.26 -39.84
C SER H 177 -42.13 0.64 -38.63
N TRP H 178 -41.62 1.88 -38.71
CA TRP H 178 -41.72 2.82 -37.60
C TRP H 178 -42.30 4.15 -38.07
N ASN H 179 -43.29 4.66 -37.32
CA ASN H 179 -44.05 5.89 -37.60
C ASN H 179 -44.64 5.94 -38.99
N SER H 180 -45.17 4.78 -39.44
CA SER H 180 -45.80 4.54 -40.75
C SER H 180 -44.83 4.65 -41.94
N GLY H 181 -43.53 4.50 -41.66
CA GLY H 181 -42.49 4.59 -42.69
C GLY H 181 -41.71 5.89 -42.63
N ALA H 182 -42.23 6.89 -41.88
CA ALA H 182 -41.61 8.21 -41.67
C ALA H 182 -40.25 8.13 -40.95
N LEU H 183 -40.01 7.03 -40.21
CA LEU H 183 -38.73 6.74 -39.58
C LEU H 183 -38.17 5.47 -40.20
N THR H 184 -36.96 5.61 -40.78
CA THR H 184 -36.18 4.56 -41.45
C THR H 184 -34.73 4.63 -40.95
N SER H 185 -34.31 5.82 -40.50
CA SER H 185 -32.96 6.11 -39.99
C SER H 185 -32.83 5.64 -38.55
N GLY H 186 -31.95 4.65 -38.36
CA GLY H 186 -31.65 4.04 -37.08
C GLY H 186 -32.41 2.76 -36.79
N VAL H 187 -33.27 2.34 -37.75
CA VAL H 187 -34.13 1.16 -37.67
C VAL H 187 -33.37 -0.13 -37.97
N HIS H 188 -33.48 -1.15 -37.08
CA HIS H 188 -32.94 -2.50 -37.29
C HIS H 188 -33.94 -3.52 -36.81
N THR H 189 -34.31 -4.40 -37.71
CA THR H 189 -35.20 -5.51 -37.44
C THR H 189 -34.36 -6.77 -37.45
N PHE H 190 -34.28 -7.43 -36.29
CA PHE H 190 -33.46 -8.59 -36.09
C PHE H 190 -34.07 -9.83 -36.69
N PRO H 191 -33.25 -10.84 -37.07
CA PRO H 191 -33.84 -12.08 -37.59
C PRO H 191 -34.64 -12.79 -36.50
N ALA H 192 -35.66 -13.54 -36.92
CA ALA H 192 -36.50 -14.29 -36.00
C ALA H 192 -35.82 -15.51 -35.42
N VAL H 193 -36.25 -15.86 -34.24
CA VAL H 193 -35.74 -17.02 -33.55
C VAL H 193 -36.86 -18.03 -33.48
N LEU H 194 -36.54 -19.30 -33.72
CA LEU H 194 -37.54 -20.36 -33.62
C LEU H 194 -37.38 -20.98 -32.23
N GLN H 195 -38.46 -20.95 -31.45
CA GLN H 195 -38.40 -21.40 -30.06
C GLN H 195 -38.84 -22.85 -29.87
N SER H 196 -38.41 -23.47 -28.76
CA SER H 196 -38.77 -24.84 -28.33
C SER H 196 -40.27 -25.12 -28.52
N SER H 197 -41.09 -24.05 -28.46
CA SER H 197 -42.54 -24.04 -28.67
C SER H 197 -42.86 -24.48 -30.12
N GLY H 198 -42.21 -23.84 -31.08
CA GLY H 198 -42.41 -24.08 -32.51
C GLY H 198 -42.87 -22.81 -33.19
N LEU H 199 -42.90 -21.70 -32.42
CA LEU H 199 -43.31 -20.35 -32.87
C LEU H 199 -42.09 -19.44 -33.03
N TYR H 200 -42.26 -18.34 -33.77
CA TYR H 200 -41.19 -17.35 -33.99
C TYR H 200 -41.35 -16.08 -33.13
N SER H 201 -40.24 -15.50 -32.74
CA SER H 201 -40.17 -14.22 -32.02
C SER H 201 -39.07 -13.41 -32.67
N LEU H 202 -39.26 -12.10 -32.67
CA LEU H 202 -38.39 -11.15 -33.33
C LEU H 202 -38.45 -9.81 -32.58
N SER H 203 -37.45 -8.95 -32.81
CA SER H 203 -37.37 -7.62 -32.23
C SER H 203 -37.00 -6.61 -33.31
N SER H 204 -37.49 -5.38 -33.18
CA SER H 204 -37.16 -4.29 -34.07
C SER H 204 -36.85 -3.12 -33.17
N VAL H 205 -35.68 -2.49 -33.39
CA VAL H 205 -35.25 -1.33 -32.64
C VAL H 205 -34.99 -0.10 -33.49
N VAL H 206 -35.11 1.08 -32.86
CA VAL H 206 -34.81 2.37 -33.45
C VAL H 206 -34.08 3.28 -32.45
N THR H 207 -33.13 4.10 -32.97
CA THR H 207 -32.39 5.11 -32.20
C THR H 207 -32.94 6.49 -32.54
N VAL H 208 -33.40 7.22 -31.51
CA VAL H 208 -34.04 8.54 -31.61
C VAL H 208 -33.34 9.59 -30.70
N PRO H 209 -33.53 10.94 -30.89
CA PRO H 209 -32.93 11.89 -29.95
C PRO H 209 -33.64 11.86 -28.60
N SER H 210 -32.85 11.89 -27.50
CA SER H 210 -33.32 11.85 -26.11
C SER H 210 -34.26 12.99 -25.75
N SER H 211 -34.10 14.12 -26.45
CA SER H 211 -34.89 15.34 -26.32
C SER H 211 -36.36 15.09 -26.72
N SER H 212 -36.58 14.25 -27.77
CA SER H 212 -37.89 13.91 -28.32
C SER H 212 -38.75 13.04 -27.40
N LEU H 213 -38.10 12.25 -26.52
CA LEU H 213 -38.77 11.41 -25.52
C LEU H 213 -39.55 12.38 -24.64
N GLY H 214 -40.85 12.24 -24.63
CA GLY H 214 -41.68 13.18 -23.85
C GLY H 214 -42.49 14.08 -24.76
N THR H 215 -41.99 14.34 -25.98
CA THR H 215 -42.66 15.17 -26.97
C THR H 215 -43.11 14.37 -28.21
N GLN H 216 -42.18 13.69 -28.92
CA GLN H 216 -42.47 12.86 -30.10
C GLN H 216 -43.07 11.51 -29.78
N THR H 217 -44.08 11.09 -30.57
CA THR H 217 -44.70 9.78 -30.36
C THR H 217 -44.05 8.78 -31.32
N TYR H 218 -43.69 7.60 -30.78
CA TYR H 218 -43.09 6.54 -31.59
C TYR H 218 -44.00 5.33 -31.59
N ILE H 219 -44.32 4.84 -32.80
CA ILE H 219 -45.22 3.72 -33.04
C ILE H 219 -44.59 2.72 -34.00
N CYS H 220 -44.56 1.44 -33.60
CA CYS H 220 -44.09 0.41 -34.51
C CYS H 220 -45.29 -0.20 -35.20
N ASN H 221 -45.15 -0.40 -36.49
CA ASN H 221 -46.20 -0.93 -37.29
C ASN H 221 -45.74 -2.32 -37.68
N VAL H 222 -46.32 -3.32 -37.01
CA VAL H 222 -46.03 -4.73 -37.23
C VAL H 222 -47.09 -5.28 -38.18
N ASN H 223 -46.63 -6.01 -39.22
CA ASN H 223 -47.51 -6.63 -40.20
C ASN H 223 -47.16 -8.09 -40.34
N HIS H 224 -48.15 -8.96 -40.09
CA HIS H 224 -48.01 -10.38 -40.25
C HIS H 224 -49.05 -10.79 -41.29
N LYS H 225 -48.70 -10.59 -42.58
CA LYS H 225 -49.52 -10.92 -43.76
C LYS H 225 -50.08 -12.36 -43.72
N PRO H 226 -49.33 -13.42 -43.27
CA PRO H 226 -49.93 -14.77 -43.20
C PRO H 226 -51.18 -14.94 -42.34
N SER H 227 -51.38 -14.14 -41.28
CA SER H 227 -52.56 -14.19 -40.38
C SER H 227 -53.48 -12.98 -40.58
N ASN H 228 -53.07 -12.06 -41.49
CA ASN H 228 -53.73 -10.81 -41.86
C ASN H 228 -53.89 -9.86 -40.64
N THR H 229 -52.88 -9.90 -39.74
CA THR H 229 -52.80 -9.13 -38.51
C THR H 229 -51.85 -7.95 -38.69
N LYS H 230 -52.31 -6.77 -38.29
CA LYS H 230 -51.53 -5.55 -38.27
C LYS H 230 -51.64 -5.01 -36.84
N VAL H 231 -50.51 -4.75 -36.22
CA VAL H 231 -50.46 -4.21 -34.86
C VAL H 231 -49.65 -2.92 -34.87
N ASP H 232 -50.27 -1.81 -34.40
CA ASP H 232 -49.62 -0.52 -34.30
C ASP H 232 -49.50 -0.20 -32.81
N LYS H 233 -48.27 -0.31 -32.28
CA LYS H 233 -48.01 -0.15 -30.87
C LYS H 233 -47.17 1.08 -30.60
N ARG H 234 -47.68 1.94 -29.71
CA ARG H 234 -46.97 3.12 -29.27
C ARG H 234 -46.00 2.78 -28.15
N VAL H 235 -44.73 3.09 -28.37
CA VAL H 235 -43.65 2.86 -27.39
C VAL H 235 -43.35 4.16 -26.71
N GLU H 236 -43.68 4.24 -25.42
CA GLU H 236 -43.40 5.45 -24.67
C GLU H 236 -42.55 5.10 -23.43
N PRO H 237 -41.71 6.05 -22.93
CA PRO H 237 -40.87 5.74 -21.73
C PRO H 237 -41.69 5.50 -20.48
N LYS H 238 -41.22 4.58 -19.62
CA LYS H 238 -41.96 4.23 -18.38
C LYS H 238 -41.45 5.02 -17.17
N SER H 239 -42.04 4.75 -15.97
CA SER H 239 -41.67 5.32 -14.66
C SER H 239 -41.13 4.24 -13.69
N SER I 2 -22.07 3.96 13.23
CA SER I 2 -21.12 5.08 13.23
C SER I 2 -21.47 6.07 12.11
N ALA I 3 -22.59 5.79 11.38
CA ALA I 3 -23.11 6.58 10.28
C ALA I 3 -24.53 6.09 9.91
N LEU I 4 -25.25 6.88 9.07
CA LEU I 4 -26.60 6.58 8.62
C LEU I 4 -26.63 6.24 7.12
N THR I 5 -27.64 5.46 6.69
CA THR I 5 -27.76 5.07 5.28
C THR I 5 -28.81 5.85 4.50
N GLN I 6 -28.35 6.51 3.41
CA GLN I 6 -29.14 7.34 2.49
C GLN I 6 -28.93 6.89 1.01
N PRO I 7 -29.95 7.03 0.11
CA PRO I 7 -29.71 6.71 -1.31
C PRO I 7 -28.71 7.71 -1.88
N ALA I 8 -27.81 7.28 -2.78
CA ALA I 8 -26.83 8.22 -3.33
C ALA I 8 -27.44 9.32 -4.23
N SER I 9 -28.54 9.02 -4.92
CA SER I 9 -29.20 9.94 -5.86
C SER I 9 -30.71 9.82 -5.83
N VAL I 10 -31.41 10.98 -5.82
CA VAL I 10 -32.87 11.08 -5.87
C VAL I 10 -33.15 12.21 -6.86
N SER I 11 -34.03 11.99 -7.84
CA SER I 11 -34.35 13.01 -8.82
C SER I 11 -35.82 13.09 -9.16
N GLY I 12 -36.22 14.21 -9.73
CA GLY I 12 -37.59 14.46 -10.13
C GLY I 12 -37.67 15.67 -11.04
N SER I 13 -38.80 15.84 -11.68
CA SER I 13 -39.08 16.95 -12.58
C SER I 13 -39.59 18.13 -11.75
N PRO I 14 -39.45 19.39 -12.24
CA PRO I 14 -40.00 20.52 -11.47
C PRO I 14 -41.50 20.34 -11.15
N GLY I 15 -41.87 20.64 -9.92
CA GLY I 15 -43.25 20.52 -9.45
C GLY I 15 -43.60 19.21 -8.76
N GLN I 16 -42.80 18.17 -8.98
CA GLN I 16 -42.96 16.83 -8.44
C GLN I 16 -42.48 16.75 -6.98
N THR I 17 -43.05 15.79 -6.22
CA THR I 17 -42.73 15.51 -4.84
C THR I 17 -41.73 14.34 -4.85
N ILE I 18 -40.65 14.44 -4.06
CA ILE I 18 -39.62 13.41 -3.91
C ILE I 18 -39.40 13.14 -2.43
N THR I 19 -38.96 11.91 -2.08
CA THR I 19 -38.65 11.50 -0.71
C THR I 19 -37.24 10.91 -0.59
N ILE I 20 -36.52 11.28 0.49
CA ILE I 20 -35.17 10.83 0.80
C ILE I 20 -35.28 10.06 2.09
N SER I 21 -34.86 8.79 2.07
CA SER I 21 -34.85 7.93 3.25
C SER I 21 -33.50 8.00 3.97
N CYS I 22 -33.52 7.71 5.26
CA CYS I 22 -32.35 7.74 6.12
C CYS I 22 -32.48 6.63 7.14
N ASN I 23 -31.75 5.53 6.92
CA ASN I 23 -31.80 4.39 7.81
C ASN I 23 -30.73 4.40 8.88
N GLY I 24 -31.20 4.33 10.11
CA GLY I 24 -30.36 4.24 11.30
C GLY I 24 -30.69 3.07 12.20
N THR I 25 -30.39 3.22 13.49
CA THR I 25 -30.62 2.20 14.52
C THR I 25 -31.33 2.76 15.77
N SER I 26 -31.55 1.87 16.75
CA SER I 26 -32.18 2.18 18.04
C SER I 26 -31.25 3.05 18.94
N SER I 27 -29.95 3.12 18.61
CA SER I 27 -29.00 3.93 19.39
C SER I 27 -28.86 5.35 18.79
N ASP I 28 -29.64 5.64 17.74
CA ASP I 28 -29.62 6.95 17.07
C ASP I 28 -31.00 7.41 16.58
N VAL I 29 -31.37 7.15 15.28
CA VAL I 29 -32.66 7.50 14.64
C VAL I 29 -33.85 6.92 15.44
N GLY I 30 -33.81 5.62 15.75
CA GLY I 30 -34.87 4.96 16.50
C GLY I 30 -34.85 5.27 17.99
N GLY I 31 -33.73 5.81 18.49
CA GLY I 31 -33.57 6.11 19.92
C GLY I 31 -34.05 7.47 20.40
N PHE I 32 -34.01 8.47 19.52
CA PHE I 32 -34.38 9.85 19.85
C PHE I 32 -35.19 10.49 18.75
N ASP I 33 -35.86 11.60 19.09
CA ASP I 33 -36.56 12.41 18.11
C ASP I 33 -35.62 13.62 17.78
N SER I 34 -34.34 13.35 17.44
CA SER I 34 -33.31 14.37 17.19
C SER I 34 -32.62 14.22 15.82
N VAL I 35 -33.44 14.08 14.77
CA VAL I 35 -33.01 13.94 13.38
C VAL I 35 -33.09 15.29 12.70
N SER I 36 -31.97 15.70 12.11
CA SER I 36 -31.89 16.96 11.38
C SER I 36 -31.42 16.71 9.93
N TRP I 37 -31.87 17.57 9.00
CA TRP I 37 -31.54 17.49 7.60
C TRP I 37 -30.83 18.78 7.22
N TYR I 38 -29.78 18.66 6.39
CA TYR I 38 -28.91 19.74 5.92
C TYR I 38 -28.83 19.73 4.42
N GLN I 39 -28.92 20.92 3.81
CA GLN I 39 -28.82 21.09 2.37
C GLN I 39 -27.47 21.74 2.09
N GLN I 40 -26.76 21.22 1.09
CA GLN I 40 -25.47 21.77 0.67
C GLN I 40 -25.44 22.04 -0.82
N SER I 41 -25.45 23.34 -1.18
CA SER I 41 -25.41 23.81 -2.56
C SER I 41 -23.93 23.95 -2.94
N PRO I 42 -23.56 23.72 -4.22
CA PRO I 42 -22.13 23.73 -4.59
C PRO I 42 -21.41 25.03 -4.27
N GLY I 43 -20.31 24.92 -3.51
CA GLY I 43 -19.53 26.07 -3.06
C GLY I 43 -20.16 26.87 -1.94
N LYS I 44 -21.28 26.37 -1.37
CA LYS I 44 -21.96 27.04 -0.27
C LYS I 44 -21.91 26.19 1.03
N ALA I 45 -21.99 26.88 2.18
CA ALA I 45 -22.00 26.29 3.52
C ALA I 45 -23.30 25.45 3.70
N PRO I 46 -23.31 24.36 4.48
CA PRO I 46 -24.58 23.64 4.69
C PRO I 46 -25.59 24.48 5.47
N LYS I 47 -26.88 24.16 5.32
CA LYS I 47 -27.94 24.85 6.04
C LYS I 47 -28.99 23.90 6.53
N VAL I 48 -29.47 24.06 7.78
CA VAL I 48 -30.53 23.25 8.37
C VAL I 48 -31.83 23.49 7.64
N MET I 49 -32.49 22.38 7.30
CA MET I 49 -33.79 22.37 6.62
C MET I 49 -34.91 21.93 7.56
N VAL I 50 -34.63 20.90 8.36
CA VAL I 50 -35.51 20.23 9.33
C VAL I 50 -34.66 19.86 10.55
N PHE I 51 -35.27 19.87 11.73
CA PHE I 51 -34.66 19.45 12.99
C PHE I 51 -35.72 18.76 13.85
N ASP I 52 -35.28 17.95 14.83
CA ASP I 52 -36.20 17.23 15.74
C ASP I 52 -37.31 16.51 14.97
N VAL I 53 -36.88 15.80 13.92
CA VAL I 53 -37.68 15.00 13.00
C VAL I 53 -38.50 15.78 11.98
N SER I 54 -39.50 16.55 12.47
CA SER I 54 -40.48 17.24 11.65
C SER I 54 -40.55 18.77 11.77
N HIS I 55 -39.65 19.41 12.52
CA HIS I 55 -39.67 20.85 12.69
C HIS I 55 -38.83 21.60 11.71
N ARG I 56 -39.36 22.74 11.22
CA ARG I 56 -38.68 23.61 10.27
C ARG I 56 -38.14 24.85 10.96
N PRO I 57 -36.87 25.24 10.70
CA PRO I 57 -36.38 26.51 11.27
C PRO I 57 -37.07 27.68 10.58
N SER I 58 -36.92 28.91 11.12
CA SER I 58 -37.54 30.09 10.51
C SER I 58 -36.89 30.40 9.17
N GLY I 59 -37.74 30.70 8.18
CA GLY I 59 -37.28 31.00 6.83
C GLY I 59 -37.27 29.83 5.87
N ILE I 60 -37.46 28.60 6.39
CA ILE I 60 -37.47 27.38 5.55
C ILE I 60 -38.88 27.10 5.01
N SER I 61 -38.97 26.95 3.68
CA SER I 61 -40.18 26.67 2.91
C SER I 61 -40.98 25.48 3.46
N ASN I 62 -42.30 25.59 3.38
CA ASN I 62 -43.29 24.61 3.82
C ASN I 62 -43.24 23.33 2.95
N ARG I 63 -42.50 23.39 1.81
CA ARG I 63 -42.31 22.30 0.85
C ARG I 63 -41.42 21.20 1.38
N PHE I 64 -40.60 21.53 2.40
CA PHE I 64 -39.69 20.61 3.08
C PHE I 64 -40.35 20.09 4.34
N SER I 65 -40.52 18.79 4.43
CA SER I 65 -41.13 18.18 5.60
C SER I 65 -40.34 16.94 5.99
N GLY I 66 -40.26 16.70 7.29
CA GLY I 66 -39.55 15.56 7.86
C GLY I 66 -40.50 14.61 8.55
N SER I 67 -40.15 13.34 8.52
CA SER I 67 -40.94 12.26 9.09
C SER I 67 -40.01 11.15 9.60
N LYS I 68 -40.51 10.31 10.52
CA LYS I 68 -39.79 9.16 11.10
C LYS I 68 -40.77 8.00 11.37
N SER I 69 -40.31 6.78 11.11
CA SER I 69 -41.01 5.51 11.37
C SER I 69 -39.96 4.47 11.75
N GLY I 70 -39.93 4.12 13.03
CA GLY I 70 -38.96 3.19 13.61
C GLY I 70 -37.57 3.76 13.53
N ASN I 71 -36.68 3.03 12.81
CA ASN I 71 -35.28 3.35 12.57
C ASN I 71 -35.05 4.11 11.24
N THR I 72 -36.14 4.52 10.58
CA THR I 72 -36.09 5.26 9.31
C THR I 72 -36.67 6.64 9.40
N ALA I 73 -35.91 7.62 8.90
CA ALA I 73 -36.28 9.03 8.83
C ALA I 73 -36.43 9.38 7.33
N SER I 74 -37.35 10.31 7.02
CA SER I 74 -37.61 10.72 5.65
C SER I 74 -37.69 12.22 5.51
N LEU I 75 -37.15 12.73 4.41
CA LEU I 75 -37.25 14.15 4.05
C LEU I 75 -38.02 14.20 2.75
N THR I 76 -39.13 14.93 2.77
CA THR I 76 -39.99 15.07 1.60
C THR I 76 -39.88 16.49 1.08
N ILE I 77 -39.70 16.60 -0.24
CA ILE I 77 -39.65 17.89 -0.93
C ILE I 77 -40.82 17.90 -1.91
N SER I 78 -41.82 18.75 -1.65
CA SER I 78 -42.97 18.87 -2.54
C SER I 78 -42.74 20.04 -3.48
N GLY I 79 -43.36 20.02 -4.66
CA GLY I 79 -43.22 21.08 -5.66
C GLY I 79 -41.77 21.41 -5.97
N LEU I 80 -40.99 20.37 -6.34
CA LEU I 80 -39.57 20.44 -6.64
C LEU I 80 -39.19 21.68 -7.42
N HIS I 81 -38.21 22.45 -6.94
CA HIS I 81 -37.73 23.67 -7.62
C HIS I 81 -36.23 23.55 -7.93
N ILE I 82 -35.73 24.18 -9.03
CA ILE I 82 -34.30 24.09 -9.39
C ILE I 82 -33.34 24.58 -8.31
N GLU I 83 -33.83 25.45 -7.41
CA GLU I 83 -33.05 25.95 -6.29
C GLU I 83 -32.94 24.94 -5.14
N ASP I 84 -33.61 23.78 -5.27
CA ASP I 84 -33.54 22.70 -4.28
C ASP I 84 -32.40 21.72 -4.59
N GLU I 85 -31.80 21.83 -5.79
CA GLU I 85 -30.65 21.01 -6.22
C GLU I 85 -29.46 21.17 -5.27
N GLY I 86 -28.91 20.04 -4.87
CA GLY I 86 -27.77 19.96 -3.97
C GLY I 86 -27.72 18.63 -3.27
N ASP I 87 -26.83 18.53 -2.27
CA ASP I 87 -26.66 17.34 -1.46
C ASP I 87 -27.35 17.52 -0.14
N TYR I 88 -28.12 16.51 0.25
CA TYR I 88 -28.91 16.50 1.48
C TYR I 88 -28.39 15.47 2.47
N PHE I 89 -28.09 15.91 3.68
CA PHE I 89 -27.55 15.02 4.72
C PHE I 89 -28.44 14.96 5.96
N CYS I 90 -28.81 13.74 6.39
CA CYS I 90 -29.52 13.53 7.64
C CYS I 90 -28.43 13.34 8.67
N SER I 91 -28.70 13.81 9.88
CA SER I 91 -27.82 13.70 11.00
C SER I 91 -28.70 13.30 12.17
N SER I 92 -28.12 12.58 13.14
CA SER I 92 -28.79 12.16 14.35
C SER I 92 -27.88 12.22 15.57
N LEU I 93 -28.50 12.38 16.73
CA LEU I 93 -27.87 12.34 18.04
C LEU I 93 -27.73 10.83 18.34
N THR I 94 -26.64 10.47 19.02
CA THR I 94 -26.29 9.09 19.41
C THR I 94 -26.52 8.95 20.91
N ASP I 95 -26.72 7.70 21.38
CA ASP I 95 -26.88 7.38 22.81
C ASP I 95 -25.57 7.66 23.62
N ARG I 96 -24.47 8.01 22.91
CA ARG I 96 -23.17 8.36 23.47
C ARG I 96 -22.93 9.89 23.44
N SER I 97 -23.96 10.65 23.02
CA SER I 97 -23.98 12.11 22.86
C SER I 97 -23.13 12.60 21.66
N HIS I 98 -22.90 11.69 20.72
CA HIS I 98 -22.19 11.95 19.48
C HIS I 98 -23.24 12.39 18.45
N ARG I 99 -22.77 12.83 17.27
CA ARG I 99 -23.58 13.20 16.15
C ARG I 99 -23.09 12.34 15.00
N ILE I 100 -24.02 11.83 14.21
CA ILE I 100 -23.78 10.90 13.12
C ILE I 100 -24.44 11.43 11.85
N PHE I 101 -23.72 11.41 10.76
CA PHE I 101 -24.30 11.87 9.53
C PHE I 101 -24.56 10.73 8.58
N GLY I 102 -25.49 10.95 7.66
CA GLY I 102 -25.79 9.99 6.60
C GLY I 102 -24.79 10.23 5.49
N GLY I 103 -24.78 9.35 4.49
CA GLY I 103 -23.83 9.50 3.36
C GLY I 103 -24.06 10.69 2.41
N GLY I 104 -25.29 11.17 2.38
CA GLY I 104 -25.69 12.24 1.51
C GLY I 104 -26.48 11.74 0.32
N THR I 105 -27.40 12.58 -0.16
CA THR I 105 -28.20 12.28 -1.33
C THR I 105 -28.08 13.46 -2.27
N LYS I 106 -27.67 13.22 -3.52
CA LYS I 106 -27.64 14.28 -4.51
C LYS I 106 -29.08 14.37 -5.02
N VAL I 107 -29.65 15.58 -4.94
CA VAL I 107 -30.99 15.86 -5.41
C VAL I 107 -30.83 16.61 -6.72
N THR I 108 -31.36 16.01 -7.80
CA THR I 108 -31.33 16.58 -9.14
C THR I 108 -32.75 16.94 -9.55
N VAL I 109 -32.94 18.15 -10.07
CA VAL I 109 -34.21 18.61 -10.60
C VAL I 109 -33.98 18.53 -12.10
N LEU I 110 -34.45 17.44 -12.72
CA LEU I 110 -34.25 17.10 -14.12
C LEU I 110 -34.52 18.22 -15.13
N GLY I 111 -33.43 18.64 -15.78
CA GLY I 111 -33.42 19.71 -16.78
C GLY I 111 -33.13 19.23 -18.19
N GLN I 112 -32.90 17.92 -18.35
CA GLN I 112 -32.61 17.25 -19.61
C GLN I 112 -32.91 15.75 -19.45
N PRO I 113 -32.97 14.94 -20.54
CA PRO I 113 -33.27 13.50 -20.37
C PRO I 113 -32.13 12.78 -19.68
N LYS I 114 -32.47 11.77 -18.86
CA LYS I 114 -31.49 10.94 -18.16
C LYS I 114 -30.69 10.16 -19.17
N ALA I 115 -29.42 9.94 -18.91
CA ALA I 115 -28.54 9.15 -19.77
C ALA I 115 -27.66 8.27 -18.92
N ALA I 116 -27.54 7.00 -19.27
CA ALA I 116 -26.65 6.05 -18.61
C ALA I 116 -25.21 6.40 -19.05
N PRO I 117 -24.20 6.08 -18.25
CA PRO I 117 -22.82 6.42 -18.67
C PRO I 117 -22.25 5.53 -19.78
N SER I 118 -21.32 6.11 -20.55
CA SER I 118 -20.50 5.43 -21.54
C SER I 118 -19.22 5.15 -20.79
N VAL I 119 -18.83 3.85 -20.70
CA VAL I 119 -17.66 3.40 -19.92
C VAL I 119 -16.55 2.93 -20.86
N THR I 120 -15.35 3.53 -20.72
CA THR I 120 -14.18 3.16 -21.51
C THR I 120 -13.11 2.77 -20.51
N LEU I 121 -12.65 1.52 -20.57
CA LEU I 121 -11.62 0.99 -19.68
C LEU I 121 -10.32 0.77 -20.47
N PHE I 122 -9.25 1.44 -20.04
CA PHE I 122 -7.94 1.34 -20.66
C PHE I 122 -7.04 0.47 -19.81
N PRO I 123 -6.39 -0.54 -20.41
CA PRO I 123 -5.41 -1.34 -19.64
C PRO I 123 -4.10 -0.53 -19.50
N PRO I 124 -3.13 -0.92 -18.65
CA PRO I 124 -1.87 -0.17 -18.61
C PRO I 124 -1.21 -0.19 -19.97
N SER I 125 -0.63 0.95 -20.40
CA SER I 125 0.12 1.02 -21.68
C SER I 125 1.46 0.29 -21.51
N SER I 126 2.05 -0.19 -22.62
CA SER I 126 3.35 -0.86 -22.59
C SER I 126 4.45 0.09 -22.11
N GLU I 127 4.30 1.41 -22.35
CA GLU I 127 5.21 2.46 -21.91
C GLU I 127 5.24 2.50 -20.40
N GLU I 128 4.06 2.44 -19.76
CA GLU I 128 3.94 2.47 -18.30
C GLU I 128 4.49 1.21 -17.67
N LEU I 129 4.17 0.03 -18.25
CA LEU I 129 4.64 -1.25 -17.77
C LEU I 129 6.16 -1.31 -17.76
N GLN I 130 6.81 -0.73 -18.79
CA GLN I 130 8.26 -0.65 -18.91
C GLN I 130 8.87 0.32 -17.89
N ALA I 131 8.04 1.23 -17.32
CA ALA I 131 8.46 2.19 -16.30
C ALA I 131 8.18 1.61 -14.89
N ASN I 132 7.85 0.28 -14.84
CA ASN I 132 7.55 -0.49 -13.63
C ASN I 132 6.37 0.05 -12.84
N LYS I 133 5.35 0.49 -13.58
CA LYS I 133 4.10 1.01 -13.03
C LYS I 133 2.99 0.45 -13.87
N ALA I 134 1.79 0.43 -13.33
CA ALA I 134 0.61 -0.06 -14.04
C ALA I 134 -0.62 0.66 -13.48
N THR I 135 -1.41 1.26 -14.38
CA THR I 135 -2.64 1.97 -14.07
C THR I 135 -3.71 1.61 -15.07
N LEU I 136 -4.84 1.15 -14.55
CA LEU I 136 -6.04 0.87 -15.30
C LEU I 136 -6.85 2.14 -15.17
N VAL I 137 -7.30 2.66 -16.30
CA VAL I 137 -8.03 3.93 -16.36
C VAL I 137 -9.45 3.67 -16.85
N CYS I 138 -10.41 3.97 -16.01
CA CYS I 138 -11.82 3.82 -16.31
C CYS I 138 -12.47 5.20 -16.54
N LEU I 139 -12.92 5.50 -17.75
CA LEU I 139 -13.55 6.78 -18.04
C LEU I 139 -15.02 6.60 -18.19
N ILE I 140 -15.76 7.35 -17.38
CA ILE I 140 -17.24 7.34 -17.29
C ILE I 140 -17.77 8.68 -17.82
N SER I 141 -18.52 8.65 -18.93
CA SER I 141 -18.96 9.93 -19.49
C SER I 141 -20.42 9.97 -19.91
N ASP I 142 -20.90 11.21 -20.20
CA ASP I 142 -22.26 11.50 -20.71
C ASP I 142 -23.40 11.00 -19.86
N PHE I 143 -23.27 11.11 -18.56
CA PHE I 143 -24.33 10.56 -17.76
C PHE I 143 -25.10 11.63 -17.05
N TYR I 144 -26.38 11.33 -16.79
CA TYR I 144 -27.26 12.24 -16.11
C TYR I 144 -28.39 11.50 -15.39
N PRO I 145 -28.61 11.71 -14.08
CA PRO I 145 -27.94 12.63 -13.13
C PRO I 145 -26.46 12.31 -12.82
N GLY I 146 -25.77 13.31 -12.29
CA GLY I 146 -24.35 13.25 -11.97
C GLY I 146 -23.96 12.55 -10.70
N ALA I 147 -24.31 11.25 -10.61
CA ALA I 147 -24.00 10.36 -9.48
C ALA I 147 -23.84 8.95 -9.99
N VAL I 148 -22.72 8.30 -9.66
CA VAL I 148 -22.40 6.92 -10.04
C VAL I 148 -21.64 6.26 -8.92
N THR I 149 -21.67 4.93 -8.87
CA THR I 149 -20.86 4.12 -7.97
C THR I 149 -19.87 3.30 -8.85
N VAL I 150 -18.57 3.37 -8.50
CA VAL I 150 -17.52 2.65 -9.24
C VAL I 150 -16.88 1.55 -8.39
N ALA I 151 -16.89 0.31 -8.88
CA ALA I 151 -16.28 -0.83 -8.21
C ALA I 151 -15.33 -1.58 -9.14
N TRP I 152 -14.19 -2.04 -8.60
CA TRP I 152 -13.18 -2.76 -9.35
C TRP I 152 -13.10 -4.21 -8.91
N LYS I 153 -12.77 -5.11 -9.85
CA LYS I 153 -12.60 -6.53 -9.58
C LYS I 153 -11.34 -7.03 -10.26
N ALA I 154 -10.56 -7.87 -9.56
CA ALA I 154 -9.37 -8.57 -10.06
C ALA I 154 -9.90 -9.97 -10.18
N ASP I 155 -10.01 -10.47 -11.44
CA ASP I 155 -10.68 -11.73 -11.84
C ASP I 155 -12.18 -11.52 -11.48
N SER I 156 -12.69 -12.23 -10.46
CA SER I 156 -14.08 -12.08 -10.00
C SER I 156 -14.18 -11.43 -8.63
N SER I 157 -13.07 -11.43 -7.87
CA SER I 157 -12.97 -10.86 -6.52
C SER I 157 -12.82 -9.35 -6.53
N PRO I 158 -13.51 -8.61 -5.62
CA PRO I 158 -13.38 -7.15 -5.63
C PRO I 158 -12.09 -6.63 -5.03
N VAL I 159 -11.63 -5.45 -5.50
CA VAL I 159 -10.39 -4.82 -5.06
C VAL I 159 -10.61 -3.38 -4.62
N LYS I 160 -10.39 -3.10 -3.33
CA LYS I 160 -10.59 -1.76 -2.75
C LYS I 160 -9.30 -0.95 -2.60
N ALA I 161 -8.17 -1.64 -2.50
CA ALA I 161 -6.88 -0.97 -2.38
C ALA I 161 -6.42 -0.47 -3.74
N GLY I 162 -5.81 0.70 -3.75
CA GLY I 162 -5.26 1.34 -4.95
C GLY I 162 -6.26 1.98 -5.89
N VAL I 163 -7.50 2.19 -5.39
CA VAL I 163 -8.60 2.77 -6.16
C VAL I 163 -8.74 4.25 -5.84
N GLU I 164 -8.85 5.10 -6.88
CA GLU I 164 -9.04 6.55 -6.78
C GLU I 164 -10.07 6.95 -7.84
N THR I 165 -11.19 7.55 -7.41
CA THR I 165 -12.31 7.99 -8.23
C THR I 165 -12.54 9.51 -8.10
N THR I 166 -12.85 10.22 -9.21
CA THR I 166 -13.16 11.64 -9.19
C THR I 166 -14.66 11.83 -8.91
N THR I 167 -15.03 13.03 -8.49
CA THR I 167 -16.41 13.44 -8.25
C THR I 167 -16.94 13.85 -9.63
N PRO I 168 -18.16 13.44 -10.04
CA PRO I 168 -18.67 13.86 -11.36
C PRO I 168 -18.63 15.37 -11.60
N SER I 169 -18.22 15.82 -12.79
CA SER I 169 -18.12 17.22 -13.18
C SER I 169 -18.80 17.40 -14.52
N LYS I 170 -19.34 18.61 -14.77
CA LYS I 170 -20.01 18.91 -16.03
C LYS I 170 -19.07 18.86 -17.24
N GLN I 171 -19.56 18.37 -18.37
CA GLN I 171 -18.69 18.24 -19.53
C GLN I 171 -19.10 19.16 -20.70
N SER I 172 -19.35 20.45 -20.38
CA SER I 172 -19.77 21.51 -21.33
C SER I 172 -21.19 21.26 -21.85
N ASN I 173 -21.45 20.02 -22.40
CA ASN I 173 -22.77 19.59 -22.87
C ASN I 173 -23.62 19.13 -21.67
N ASN I 174 -23.68 19.98 -20.62
CA ASN I 174 -24.41 19.85 -19.35
C ASN I 174 -24.48 18.46 -18.68
N LYS I 175 -24.13 17.39 -19.42
CA LYS I 175 -24.08 16.01 -18.91
C LYS I 175 -22.78 15.85 -18.09
N TYR I 176 -22.68 14.77 -17.33
CA TYR I 176 -21.56 14.54 -16.43
C TYR I 176 -20.53 13.51 -16.87
N ALA I 177 -19.34 13.62 -16.27
CA ALA I 177 -18.22 12.70 -16.51
C ALA I 177 -17.48 12.49 -15.24
N ALA I 178 -16.83 11.34 -15.11
CA ALA I 178 -16.02 10.97 -13.96
C ALA I 178 -14.96 10.00 -14.43
N SER I 179 -13.96 9.75 -13.59
CA SER I 179 -12.92 8.80 -13.88
C SER I 179 -12.47 8.06 -12.64
N SER I 180 -12.06 6.81 -12.85
CA SER I 180 -11.56 5.94 -11.80
C SER I 180 -10.22 5.28 -12.21
N TYR I 181 -9.32 5.13 -11.25
CA TYR I 181 -8.00 4.56 -11.50
C TYR I 181 -7.70 3.45 -10.52
N LEU I 182 -7.14 2.38 -11.04
CA LEU I 182 -6.69 1.24 -10.24
C LEU I 182 -5.20 1.12 -10.49
N SER I 183 -4.41 1.49 -9.47
CA SER I 183 -2.95 1.40 -9.50
C SER I 183 -2.52 0.02 -9.03
N LEU I 184 -1.68 -0.61 -9.85
CA LEU I 184 -1.12 -1.94 -9.59
C LEU I 184 0.37 -1.94 -9.85
N THR I 185 1.05 -3.01 -9.43
CA THR I 185 2.45 -3.24 -9.78
C THR I 185 2.37 -4.01 -11.13
N PRO I 186 3.37 -3.99 -12.04
CA PRO I 186 3.24 -4.77 -13.27
C PRO I 186 3.04 -6.27 -13.03
N GLU I 187 3.51 -6.77 -11.87
CA GLU I 187 3.42 -8.15 -11.40
C GLU I 187 1.97 -8.53 -11.06
N GLN I 188 1.25 -7.67 -10.33
CA GLN I 188 -0.15 -7.90 -9.96
C GLN I 188 -1.00 -7.99 -11.23
N TRP I 189 -0.76 -7.08 -12.19
CA TRP I 189 -1.44 -6.97 -13.49
C TRP I 189 -1.33 -8.27 -14.31
N LYS I 190 -0.16 -8.89 -14.31
CA LYS I 190 0.08 -10.12 -15.06
C LYS I 190 -0.35 -11.38 -14.26
N SER I 191 -0.56 -11.25 -12.93
CA SER I 191 -0.96 -12.35 -12.04
C SER I 191 -2.41 -12.82 -12.21
N HIS I 192 -3.31 -11.94 -12.67
CA HIS I 192 -4.72 -12.26 -12.85
C HIS I 192 -5.10 -12.38 -14.30
N LYS I 193 -6.14 -13.17 -14.58
CA LYS I 193 -6.64 -13.43 -15.93
C LYS I 193 -7.41 -12.22 -16.48
N SER I 194 -8.07 -11.42 -15.60
CA SER I 194 -8.81 -10.24 -16.01
C SER I 194 -8.95 -9.22 -14.86
N TYR I 195 -9.39 -8.01 -15.25
CA TYR I 195 -9.70 -6.89 -14.38
C TYR I 195 -10.97 -6.26 -14.90
N SER I 196 -11.86 -5.82 -13.97
CA SER I 196 -13.13 -5.18 -14.33
C SER I 196 -13.38 -3.85 -13.63
N CYS I 197 -14.04 -2.94 -14.35
CA CYS I 197 -14.51 -1.65 -13.86
C CYS I 197 -16.02 -1.76 -13.97
N GLN I 198 -16.71 -1.69 -12.84
CA GLN I 198 -18.16 -1.81 -12.72
C GLN I 198 -18.76 -0.47 -12.32
N VAL I 199 -19.61 0.06 -13.18
CA VAL I 199 -20.18 1.37 -12.99
C VAL I 199 -21.68 1.27 -12.86
N THR I 200 -22.22 1.72 -11.70
CA THR I 200 -23.65 1.69 -11.39
C THR I 200 -24.24 3.09 -11.44
N HIS I 201 -25.34 3.23 -12.21
CA HIS I 201 -26.06 4.50 -12.39
C HIS I 201 -27.54 4.21 -12.47
N GLU I 202 -28.34 4.86 -11.60
CA GLU I 202 -29.80 4.70 -11.54
C GLU I 202 -30.21 3.21 -11.33
N GLY I 203 -29.52 2.50 -10.44
CA GLY I 203 -29.78 1.07 -10.21
C GLY I 203 -29.31 0.11 -11.29
N SER I 204 -28.95 0.60 -12.48
CA SER I 204 -28.45 -0.25 -13.57
C SER I 204 -26.93 -0.25 -13.65
N THR I 205 -26.35 -1.36 -14.14
CA THR I 205 -24.89 -1.55 -14.14
C THR I 205 -24.26 -1.91 -15.48
N VAL I 206 -23.09 -1.30 -15.76
CA VAL I 206 -22.22 -1.53 -16.91
C VAL I 206 -20.89 -2.04 -16.33
N GLU I 207 -20.38 -3.15 -16.87
CA GLU I 207 -19.09 -3.68 -16.47
C GLU I 207 -18.24 -3.94 -17.71
N LYS I 208 -17.04 -3.33 -17.77
CA LYS I 208 -16.10 -3.58 -18.86
C LYS I 208 -14.96 -4.37 -18.27
N THR I 209 -14.40 -5.29 -19.07
CA THR I 209 -13.33 -6.19 -18.67
C THR I 209 -12.15 -6.13 -19.62
N VAL I 210 -10.93 -6.08 -19.07
CA VAL I 210 -9.67 -6.09 -19.80
C VAL I 210 -8.81 -7.24 -19.29
N ALA I 211 -8.02 -7.80 -20.17
CA ALA I 211 -7.16 -8.92 -19.82
C ALA I 211 -5.72 -8.66 -20.22
N PRO I 212 -4.73 -9.12 -19.41
CA PRO I 212 -3.32 -9.02 -19.83
C PRO I 212 -3.07 -9.82 -21.13
N THR I 213 -2.71 -9.11 -22.23
CA THR I 213 -2.47 -9.65 -23.58
C THR I 213 -0.99 -9.57 -23.98
N GLU J 2 -25.70 36.31 11.86
CA GLU J 2 -24.79 35.44 12.58
C GLU J 2 -23.87 34.84 11.53
N GLN J 3 -22.56 34.94 11.75
CA GLN J 3 -21.55 34.44 10.82
C GLN J 3 -20.48 33.63 11.50
N LEU J 4 -19.84 32.75 10.72
CA LEU J 4 -18.72 31.92 11.15
C LEU J 4 -17.69 31.92 10.02
N VAL J 5 -16.47 32.44 10.28
CA VAL J 5 -15.41 32.48 9.25
C VAL J 5 -14.17 31.65 9.64
N GLU J 6 -13.95 30.53 8.93
CA GLU J 6 -12.79 29.64 9.13
C GLU J 6 -11.52 30.14 8.44
N SER J 7 -10.37 29.85 9.05
CA SER J 7 -9.04 30.20 8.51
C SER J 7 -8.01 29.16 8.99
N GLY J 8 -6.80 29.21 8.44
CA GLY J 8 -5.72 28.30 8.81
C GLY J 8 -5.39 27.22 7.81
N GLY J 9 -6.37 26.89 6.97
CA GLY J 9 -6.23 25.88 5.94
C GLY J 9 -5.21 26.20 4.85
N GLY J 10 -4.76 25.15 4.17
CA GLY J 10 -3.77 25.20 3.09
C GLY J 10 -3.07 23.86 2.87
N VAL J 11 -1.91 23.90 2.17
CA VAL J 11 -1.10 22.71 1.89
C VAL J 11 -0.09 22.49 2.99
N VAL J 12 -0.15 21.34 3.64
CA VAL J 12 0.72 21.00 4.77
C VAL J 12 1.40 19.66 4.60
N GLN J 13 2.62 19.51 5.15
CA GLN J 13 3.40 18.27 5.11
C GLN J 13 2.97 17.26 6.20
N PRO J 14 2.89 15.94 5.91
CA PRO J 14 2.49 14.97 6.95
C PRO J 14 3.46 14.86 8.11
N GLY J 15 2.91 14.58 9.29
CA GLY J 15 3.65 14.47 10.54
C GLY J 15 3.81 15.82 11.23
N GLY J 16 3.30 16.87 10.58
CA GLY J 16 3.38 18.21 11.11
C GLY J 16 2.16 18.60 11.92
N SER J 17 2.24 19.75 12.59
CA SER J 17 1.14 20.30 13.38
C SER J 17 0.39 21.41 12.61
N LEU J 18 -0.91 21.58 12.89
CA LEU J 18 -1.73 22.59 12.24
C LEU J 18 -2.87 23.07 13.12
N ARG J 19 -3.04 24.39 13.23
CA ARG J 19 -4.14 24.99 13.97
C ARG J 19 -5.12 25.69 13.01
N LEU J 20 -6.39 25.30 13.11
CA LEU J 20 -7.51 25.86 12.35
C LEU J 20 -8.33 26.77 13.30
N SER J 21 -8.74 27.95 12.82
CA SER J 21 -9.48 28.96 13.59
C SER J 21 -10.84 29.23 12.98
N CYS J 22 -11.77 29.73 13.78
CA CYS J 22 -13.09 30.07 13.31
C CYS J 22 -13.56 31.25 14.15
N LEU J 23 -13.72 32.43 13.51
CA LEU J 23 -14.17 33.65 14.14
C LEU J 23 -15.66 33.80 13.97
N ALA J 24 -16.37 33.94 15.09
CA ALA J 24 -17.82 34.13 15.14
C ALA J 24 -18.19 35.61 15.29
N SER J 25 -19.31 36.00 14.68
CA SER J 25 -19.87 37.36 14.75
C SER J 25 -21.41 37.33 14.63
N GLY J 26 -22.06 38.34 15.19
CA GLY J 26 -23.51 38.48 15.13
C GLY J 26 -24.32 37.69 16.15
N PHE J 27 -23.65 37.11 17.16
CA PHE J 27 -24.30 36.36 18.26
C PHE J 27 -23.39 36.31 19.49
N THR J 28 -23.96 36.01 20.68
CA THR J 28 -23.15 35.91 21.89
C THR J 28 -22.49 34.53 22.01
N PHE J 29 -21.28 34.42 21.40
CA PHE J 29 -20.42 33.23 21.26
C PHE J 29 -20.33 32.32 22.46
N HIS J 30 -20.06 32.88 23.64
CA HIS J 30 -19.89 32.09 24.87
C HIS J 30 -21.15 31.34 25.36
N LYS J 31 -22.36 31.71 24.90
CA LYS J 31 -23.63 31.03 25.27
C LYS J 31 -23.90 29.69 24.50
N TYR J 32 -23.12 29.43 23.44
CA TYR J 32 -23.36 28.31 22.56
C TYR J 32 -22.24 27.31 22.47
N GLY J 33 -22.65 26.05 22.28
CA GLY J 33 -21.76 24.94 21.97
C GLY J 33 -21.35 25.10 20.53
N MET J 34 -20.16 24.58 20.20
CA MET J 34 -19.60 24.69 18.84
C MET J 34 -19.04 23.36 18.35
N HIS J 35 -19.20 23.08 17.06
CA HIS J 35 -18.71 21.84 16.45
C HIS J 35 -17.70 22.10 15.32
N TRP J 36 -16.98 21.04 14.96
CA TRP J 36 -16.12 20.96 13.80
C TRP J 36 -16.62 19.74 13.04
N VAL J 37 -16.86 19.94 11.75
CA VAL J 37 -17.38 18.93 10.82
C VAL J 37 -16.41 18.94 9.64
N ARG J 38 -15.94 17.76 9.23
CA ARG J 38 -15.05 17.70 8.06
C ARG J 38 -15.76 17.07 6.87
N GLN J 39 -15.23 17.35 5.68
CA GLN J 39 -15.73 16.75 4.46
C GLN J 39 -14.52 16.43 3.57
N ALA J 40 -14.12 15.14 3.49
CA ALA J 40 -13.01 14.67 2.64
C ALA J 40 -13.38 15.04 1.20
N PRO J 41 -12.55 15.85 0.43
CA PRO J 41 -13.00 16.28 -0.91
C PRO J 41 -13.54 15.08 -1.68
N GLY J 42 -14.81 15.23 -2.09
CA GLY J 42 -15.57 14.15 -2.72
C GLY J 42 -15.78 13.01 -1.74
N LYS J 43 -16.62 13.27 -0.70
CA LYS J 43 -17.12 12.42 0.41
C LYS J 43 -18.19 13.22 1.19
N GLY J 44 -18.85 12.54 2.13
CA GLY J 44 -19.90 13.14 2.95
C GLY J 44 -19.42 13.94 4.15
N LEU J 45 -20.37 14.59 4.85
CA LEU J 45 -20.09 15.34 6.08
C LEU J 45 -19.74 14.34 7.19
N GLU J 46 -18.69 14.65 7.96
CA GLU J 46 -18.24 13.79 9.05
C GLU J 46 -18.02 14.64 10.30
N TRP J 47 -18.77 14.34 11.38
CA TRP J 47 -18.65 15.05 12.67
C TRP J 47 -17.27 14.78 13.29
N VAL J 48 -16.58 15.85 13.73
CA VAL J 48 -15.26 15.74 14.33
C VAL J 48 -15.35 15.88 15.85
N ALA J 49 -15.91 16.99 16.35
CA ALA J 49 -15.93 17.26 17.77
C ALA J 49 -16.89 18.35 18.12
N LEU J 50 -17.23 18.41 19.42
CA LEU J 50 -18.11 19.40 20.02
C LEU J 50 -17.47 19.91 21.31
N ILE J 51 -17.53 21.22 21.54
CA ILE J 51 -17.03 21.88 22.76
C ILE J 51 -18.20 22.67 23.38
N SER J 52 -18.36 22.59 24.71
CA SER J 52 -19.40 23.30 25.45
C SER J 52 -19.13 24.80 25.42
N ASP J 53 -20.17 25.58 25.73
CA ASP J 53 -20.17 27.02 25.83
C ASP J 53 -18.95 27.59 26.64
N ASP J 54 -18.64 26.98 27.79
CA ASP J 54 -17.53 27.37 28.68
C ASP J 54 -16.17 26.78 28.31
N GLY J 55 -16.17 25.84 27.36
CA GLY J 55 -14.98 25.14 26.89
C GLY J 55 -14.49 24.04 27.81
N MET J 56 -15.32 23.65 28.80
CA MET J 56 -14.98 22.66 29.81
C MET J 56 -15.33 21.24 29.43
N ARG J 57 -16.37 21.03 28.60
CA ARG J 57 -16.83 19.71 28.14
C ARG J 57 -16.56 19.56 26.65
N LYS J 58 -15.75 18.54 26.29
CA LYS J 58 -15.34 18.26 24.91
C LYS J 58 -15.74 16.84 24.53
N TYR J 59 -16.45 16.66 23.39
CA TYR J 59 -16.85 15.36 22.82
C TYR J 59 -16.10 15.18 21.51
N HIS J 60 -15.43 14.05 21.33
CA HIS J 60 -14.65 13.78 20.12
C HIS J 60 -15.18 12.55 19.44
N SER J 61 -15.10 12.49 18.10
CA SER J 61 -15.48 11.25 17.39
C SER J 61 -14.37 10.19 17.69
N ASP J 62 -14.68 8.92 17.48
CA ASP J 62 -13.68 7.89 17.74
C ASP J 62 -12.54 7.93 16.75
N SER J 63 -12.82 8.36 15.51
CA SER J 63 -11.82 8.51 14.43
C SER J 63 -10.85 9.64 14.66
N MET J 64 -11.31 10.70 15.34
CA MET J 64 -10.54 11.91 15.65
C MET J 64 -9.85 11.89 17.03
N TRP J 65 -10.47 11.27 18.07
CA TRP J 65 -9.93 11.22 19.43
C TRP J 65 -8.45 10.88 19.45
N GLY J 66 -7.66 11.68 20.19
CA GLY J 66 -6.22 11.51 20.37
C GLY J 66 -5.37 12.16 19.31
N ARG J 67 -5.98 12.56 18.16
CA ARG J 67 -5.31 13.18 17.00
C ARG J 67 -5.56 14.66 16.88
N VAL J 68 -6.79 15.06 17.17
CA VAL J 68 -7.18 16.47 17.09
C VAL J 68 -7.62 16.97 18.45
N THR J 69 -7.49 18.26 18.69
CA THR J 69 -7.93 18.89 19.95
C THR J 69 -8.80 20.10 19.61
N ILE J 70 -9.99 20.16 20.22
CA ILE J 70 -10.93 21.27 20.09
C ILE J 70 -10.73 22.22 21.28
N SER J 71 -10.73 23.54 21.04
CA SER J 71 -10.60 24.60 22.07
C SER J 71 -11.35 25.86 21.64
N ARG J 72 -11.53 26.81 22.56
CA ARG J 72 -12.20 28.08 22.26
C ARG J 72 -11.69 29.20 23.14
N ASP J 73 -11.74 30.44 22.62
CA ASP J 73 -11.35 31.65 23.36
C ASP J 73 -12.57 32.56 23.34
N ASN J 74 -13.37 32.47 24.41
CA ASN J 74 -14.59 33.24 24.57
C ASN J 74 -14.39 34.76 24.65
N SER J 75 -13.13 35.20 24.82
CA SER J 75 -12.75 36.63 24.86
C SER J 75 -12.45 37.13 23.45
N LYS J 76 -12.08 36.22 22.54
CA LYS J 76 -11.75 36.55 21.16
C LYS J 76 -12.80 36.04 20.14
N ASN J 77 -13.94 35.45 20.61
CA ASN J 77 -15.04 34.91 19.78
C ASN J 77 -14.54 33.88 18.73
N THR J 78 -13.54 33.06 19.13
CA THR J 78 -12.86 32.11 18.26
C THR J 78 -12.92 30.67 18.74
N LEU J 79 -13.09 29.74 17.78
CA LEU J 79 -13.10 28.30 17.97
C LEU J 79 -11.85 27.77 17.28
N TYR J 80 -11.18 26.78 17.89
CA TYR J 80 -9.97 26.19 17.31
C TYR J 80 -10.04 24.70 17.14
N LEU J 81 -9.19 24.18 16.25
CA LEU J 81 -8.96 22.77 16.02
C LEU J 81 -7.48 22.62 15.81
N GLN J 82 -6.82 21.88 16.71
CA GLN J 82 -5.37 21.67 16.68
C GLN J 82 -5.01 20.25 16.26
N PHE J 83 -4.12 20.15 15.27
CA PHE J 83 -3.61 18.89 14.75
C PHE J 83 -2.16 18.71 15.21
N SER J 84 -1.86 17.52 15.69
CA SER J 84 -0.53 17.09 16.05
C SER J 84 -0.34 16.00 15.00
N SER J 85 0.89 15.81 14.53
CA SER J 85 1.17 14.80 13.50
C SER J 85 0.06 14.52 12.43
N LEU J 86 -0.02 15.38 11.40
CA LEU J 86 -0.99 15.28 10.29
C LEU J 86 -0.69 14.03 9.45
N LYS J 87 -1.75 13.49 8.83
CA LYS J 87 -1.65 12.31 7.99
C LYS J 87 -2.29 12.65 6.62
N VAL J 88 -1.76 12.07 5.53
CA VAL J 88 -2.25 12.32 4.16
C VAL J 88 -3.78 12.09 4.01
N GLU J 89 -4.35 11.23 4.87
CA GLU J 89 -5.77 10.91 4.94
C GLU J 89 -6.61 12.01 5.67
N ASP J 90 -5.95 13.01 6.29
CA ASP J 90 -6.63 14.12 6.98
C ASP J 90 -7.15 15.20 6.01
N THR J 91 -6.78 15.08 4.73
CA THR J 91 -7.16 16.01 3.64
C THR J 91 -8.69 16.11 3.59
N ALA J 92 -9.20 17.33 3.80
CA ALA J 92 -10.64 17.61 3.87
C ALA J 92 -10.91 19.08 3.98
N MET J 93 -12.20 19.42 3.79
CA MET J 93 -12.76 20.74 4.05
C MET J 93 -13.22 20.67 5.51
N PHE J 94 -12.84 21.67 6.31
CA PHE J 94 -13.24 21.76 7.71
C PHE J 94 -14.26 22.85 7.92
N PHE J 95 -15.46 22.46 8.36
CA PHE J 95 -16.55 23.39 8.63
C PHE J 95 -16.72 23.59 10.11
N CYS J 96 -17.00 24.82 10.45
CA CYS J 96 -17.27 25.32 11.78
C CYS J 96 -18.80 25.48 11.85
N ALA J 97 -19.41 24.83 12.86
CA ALA J 97 -20.87 24.86 13.02
C ALA J 97 -21.28 25.18 14.44
N ARG J 98 -22.35 25.98 14.59
CA ARG J 98 -22.88 26.31 15.91
C ARG J 98 -23.92 25.28 16.35
N GLU J 99 -23.86 24.85 17.62
CA GLU J 99 -24.88 23.98 18.18
C GLU J 99 -26.03 24.91 18.61
N ALA J 100 -27.24 24.67 18.06
CA ALA J 100 -28.43 25.45 18.39
C ALA J 100 -28.75 25.24 19.88
N GLY J 101 -29.16 26.31 20.54
CA GLY J 101 -29.46 26.23 21.95
C GLY J 101 -30.25 27.39 22.52
N GLY J 102 -30.67 27.20 23.75
CA GLY J 102 -31.41 28.17 24.53
C GLY J 102 -32.07 27.55 25.74
N PRO J 103 -33.06 28.23 26.34
CA PRO J 103 -33.74 27.63 27.50
C PRO J 103 -34.74 26.56 27.08
N ILE J 104 -35.13 25.69 28.04
CA ILE J 104 -36.16 24.68 27.81
C ILE J 104 -37.44 25.29 28.39
N TRP J 105 -38.54 25.26 27.62
CA TRP J 105 -39.81 25.81 28.08
C TRP J 105 -40.72 24.72 28.65
N HIS J 106 -41.38 25.01 29.79
CA HIS J 106 -42.34 24.10 30.42
C HIS J 106 -43.41 24.88 31.17
N ASP J 107 -44.63 24.88 30.58
CA ASP J 107 -45.83 25.60 31.05
C ASP J 107 -45.56 27.13 31.12
N ASP J 108 -45.03 27.69 30.00
CA ASP J 108 -44.66 29.11 29.81
C ASP J 108 -43.60 29.61 30.82
N VAL J 109 -42.67 28.71 31.21
CA VAL J 109 -41.58 29.00 32.14
C VAL J 109 -40.26 28.61 31.45
N LYS J 110 -39.32 29.57 31.37
CA LYS J 110 -37.99 29.41 30.77
C LYS J 110 -37.08 28.69 31.76
N TYR J 111 -36.50 27.56 31.35
CA TYR J 111 -35.58 26.83 32.22
C TYR J 111 -34.17 26.82 31.61
N ASP J 113 -29.81 26.04 32.27
CA ASP J 113 -28.90 25.09 32.90
C ASP J 113 -28.12 25.87 33.97
N PHE J 114 -27.20 25.18 34.69
CA PHE J 114 -26.37 25.80 35.73
C PHE J 114 -25.59 26.94 35.16
N ASN J 115 -25.39 27.99 35.99
CA ASN J 115 -24.69 29.24 35.68
C ASN J 115 -25.38 29.98 34.51
N ASP J 116 -26.75 29.93 34.47
CA ASP J 116 -27.65 30.52 33.46
C ASP J 116 -27.48 30.03 32.00
N GLY J 117 -26.73 28.92 31.83
CA GLY J 117 -26.40 28.28 30.58
C GLY J 117 -27.54 27.77 29.72
N TYR J 118 -27.27 27.65 28.40
CA TYR J 118 -28.23 27.15 27.44
C TYR J 118 -28.22 25.66 27.39
N TYR J 119 -29.37 25.07 27.00
CA TYR J 119 -29.51 23.64 26.71
C TYR J 119 -29.35 23.48 25.20
N ASN J 120 -28.77 22.36 24.79
CA ASN J 120 -28.55 22.04 23.37
C ASN J 120 -29.87 21.60 22.73
N TYR J 121 -30.09 22.04 21.49
CA TYR J 121 -31.31 21.72 20.74
C TYR J 121 -31.13 20.55 19.76
N HIS J 122 -29.89 20.02 19.67
CA HIS J 122 -29.49 18.87 18.84
C HIS J 122 -29.60 19.07 17.32
N TYR J 123 -29.13 20.25 16.86
CA TYR J 123 -29.01 20.61 15.45
C TYR J 123 -28.04 21.77 15.34
N MET J 124 -27.40 21.88 14.19
CA MET J 124 -26.40 22.89 13.88
C MET J 124 -27.08 23.97 13.02
N ASP J 125 -27.31 25.15 13.62
CA ASP J 125 -28.06 26.22 13.01
C ASP J 125 -27.29 27.25 12.19
N VAL J 126 -25.99 27.41 12.48
CA VAL J 126 -25.11 28.37 11.80
C VAL J 126 -23.91 27.58 11.36
N TRP J 127 -23.51 27.76 10.10
CA TRP J 127 -22.37 27.08 9.48
C TRP J 127 -21.49 28.10 8.77
N GLY J 128 -20.20 27.81 8.73
CA GLY J 128 -19.24 28.61 7.99
C GLY J 128 -19.07 28.04 6.60
N LYS J 129 -18.31 28.77 5.74
CA LYS J 129 -18.05 28.36 4.35
C LYS J 129 -16.96 27.27 4.21
N GLY J 130 -16.23 27.00 5.29
CA GLY J 130 -15.18 25.98 5.35
C GLY J 130 -13.79 26.48 4.98
N THR J 131 -12.78 25.78 5.50
CA THR J 131 -11.34 25.97 5.23
C THR J 131 -10.78 24.61 4.82
N THR J 132 -10.09 24.58 3.68
CA THR J 132 -9.55 23.33 3.15
C THR J 132 -8.11 23.01 3.57
N VAL J 133 -7.91 21.77 4.04
CA VAL J 133 -6.60 21.25 4.49
C VAL J 133 -6.12 20.19 3.49
N THR J 134 -4.97 20.43 2.82
CA THR J 134 -4.38 19.50 1.85
C THR J 134 -3.08 18.92 2.41
N VAL J 135 -3.05 17.60 2.65
CA VAL J 135 -1.85 16.96 3.22
C VAL J 135 -0.97 16.27 2.17
N SER J 136 0.26 16.83 1.95
CA SER J 136 1.24 16.31 0.98
C SER J 136 2.70 16.64 1.30
N SER J 137 3.53 15.60 1.18
CA SER J 137 4.99 15.63 1.42
C SER J 137 5.75 16.07 0.17
N ALA J 138 5.09 16.03 -0.99
CA ALA J 138 5.65 16.33 -2.30
C ALA J 138 6.17 17.75 -2.48
N SER J 139 7.11 17.89 -3.44
CA SER J 139 7.77 19.12 -3.90
C SER J 139 7.40 19.26 -5.38
N THR J 140 7.76 20.38 -6.04
CA THR J 140 7.44 20.54 -7.46
C THR J 140 8.00 19.35 -8.28
N LYS J 141 7.10 18.69 -9.03
CA LYS J 141 7.38 17.49 -9.83
C LYS J 141 6.60 17.56 -11.14
N GLY J 142 7.29 17.30 -12.25
CA GLY J 142 6.69 17.28 -13.57
C GLY J 142 5.94 15.99 -13.80
N PRO J 143 4.92 15.97 -14.67
CA PRO J 143 4.19 14.71 -14.91
C PRO J 143 4.89 13.73 -15.82
N SER J 144 4.40 12.50 -15.77
CA SER J 144 4.75 11.42 -16.67
C SER J 144 3.50 11.33 -17.53
N VAL J 145 3.67 11.34 -18.85
CA VAL J 145 2.56 11.28 -19.80
C VAL J 145 2.55 9.94 -20.54
N PHE J 146 1.43 9.21 -20.48
CA PHE J 146 1.26 7.91 -21.12
C PHE J 146 0.08 7.94 -22.06
N PRO J 147 0.16 7.25 -23.21
CA PRO J 147 -0.98 7.27 -24.14
C PRO J 147 -2.07 6.31 -23.72
N LEU J 148 -3.33 6.73 -23.92
CA LEU J 148 -4.48 5.86 -23.68
C LEU J 148 -4.96 5.56 -25.10
N ALA J 149 -4.33 4.54 -25.72
CA ALA J 149 -4.54 4.13 -27.11
C ALA J 149 -5.97 3.72 -27.51
N PRO J 150 -6.44 4.17 -28.68
CA PRO J 150 -7.74 3.70 -29.16
C PRO J 150 -7.62 2.26 -29.70
N SER J 151 -8.71 1.51 -29.61
CA SER J 151 -8.84 0.12 -30.04
C SER J 151 -10.35 -0.15 -30.25
N SER J 152 -10.71 -1.41 -30.54
CA SER J 152 -12.10 -1.82 -30.72
C SER J 152 -12.88 -1.54 -29.44
N LYS J 153 -12.28 -1.88 -28.27
CA LYS J 153 -12.80 -1.70 -26.91
C LYS J 153 -13.19 -0.23 -26.56
N SER J 154 -12.59 0.77 -27.26
CA SER J 154 -12.85 2.20 -27.05
C SER J 154 -13.64 2.85 -28.21
N THR J 155 -14.10 2.01 -29.17
CA THR J 155 -14.87 2.41 -30.35
C THR J 155 -16.38 2.12 -30.17
N SER J 156 -17.25 3.15 -30.34
CA SER J 156 -18.72 3.06 -30.30
C SER J 156 -19.29 3.64 -31.62
N GLY J 157 -19.80 2.74 -32.45
CA GLY J 157 -20.35 3.07 -33.75
C GLY J 157 -19.23 3.53 -34.68
N GLY J 158 -19.35 4.77 -35.11
CA GLY J 158 -18.38 5.38 -35.99
C GLY J 158 -17.34 6.18 -35.24
N THR J 159 -17.46 6.25 -33.90
CA THR J 159 -16.56 7.04 -33.07
C THR J 159 -15.69 6.26 -32.08
N ALA J 160 -14.47 6.76 -31.88
CA ALA J 160 -13.47 6.14 -31.01
C ALA J 160 -12.92 7.10 -29.97
N ALA J 161 -12.71 6.60 -28.73
CA ALA J 161 -12.14 7.35 -27.65
C ALA J 161 -10.63 7.06 -27.52
N LEU J 162 -9.85 8.12 -27.30
CA LEU J 162 -8.41 8.06 -27.04
C LEU J 162 -8.05 9.19 -26.05
N GLY J 163 -6.97 9.01 -25.33
CA GLY J 163 -6.57 10.03 -24.37
C GLY J 163 -5.11 10.04 -23.99
N CYS J 164 -4.82 10.79 -22.93
CA CYS J 164 -3.51 10.95 -22.33
C CYS J 164 -3.62 10.82 -20.85
N LEU J 165 -2.82 9.92 -20.26
CA LEU J 165 -2.74 9.76 -18.83
C LEU J 165 -1.58 10.66 -18.35
N VAL J 166 -1.90 11.65 -17.49
CA VAL J 166 -0.93 12.62 -16.97
C VAL J 166 -0.70 12.25 -15.50
N LYS J 167 0.31 11.40 -15.26
CA LYS J 167 0.64 10.82 -13.96
C LYS J 167 1.71 11.50 -13.12
N ASP J 168 1.55 11.38 -11.79
CA ASP J 168 2.45 11.82 -10.72
C ASP J 168 3.11 13.20 -10.83
N TYR J 169 2.28 14.26 -10.74
CA TYR J 169 2.76 15.64 -10.77
C TYR J 169 2.41 16.41 -9.49
N PHE J 170 3.05 17.59 -9.32
CA PHE J 170 2.84 18.48 -8.19
C PHE J 170 3.37 19.91 -8.45
N PRO J 171 2.67 21.00 -8.05
CA PRO J 171 1.32 21.06 -7.48
C PRO J 171 0.24 21.10 -8.56
N GLU J 172 -1.03 21.20 -8.14
CA GLU J 172 -2.26 21.10 -8.92
C GLU J 172 -2.41 21.58 -10.38
N PRO J 173 -2.03 22.78 -10.82
CA PRO J 173 -2.35 23.15 -12.21
C PRO J 173 -1.63 22.49 -13.39
N VAL J 174 -2.31 21.52 -14.04
CA VAL J 174 -1.88 20.84 -15.30
C VAL J 174 -2.92 21.23 -16.35
N THR J 175 -2.47 21.59 -17.55
CA THR J 175 -3.30 21.97 -18.70
C THR J 175 -3.08 20.99 -19.86
N VAL J 176 -4.18 20.57 -20.52
CA VAL J 176 -4.10 19.67 -21.68
C VAL J 176 -4.88 20.23 -22.86
N SER J 177 -4.24 20.24 -24.03
CA SER J 177 -4.84 20.64 -25.30
C SER J 177 -4.61 19.49 -26.28
N TRP J 178 -5.32 19.50 -27.42
CA TRP J 178 -5.19 18.43 -28.42
C TRP J 178 -4.93 19.02 -29.81
N ASN J 179 -3.92 18.47 -30.51
CA ASN J 179 -3.44 18.89 -31.84
C ASN J 179 -3.10 20.36 -31.90
N SER J 180 -2.47 20.86 -30.83
CA SER J 180 -2.03 22.25 -30.61
C SER J 180 -3.20 23.27 -30.55
N GLY J 181 -4.38 22.78 -30.18
CA GLY J 181 -5.58 23.59 -30.06
C GLY J 181 -6.56 23.41 -31.21
N ALA J 182 -6.09 22.80 -32.32
CA ALA J 182 -6.87 22.53 -33.54
C ALA J 182 -8.03 21.55 -33.32
N LEU J 183 -7.95 20.76 -32.23
CA LEU J 183 -8.98 19.82 -31.82
C LEU J 183 -9.50 20.28 -30.47
N THR J 184 -10.80 20.65 -30.40
CA THR J 184 -11.50 21.11 -29.18
C THR J 184 -12.85 20.40 -29.02
N SER J 185 -13.40 19.92 -30.15
CA SER J 185 -14.65 19.18 -30.21
C SER J 185 -14.46 17.71 -29.81
N GLY J 186 -15.11 17.33 -28.71
CA GLY J 186 -15.02 15.99 -28.16
C GLY J 186 -14.05 15.83 -27.01
N VAL J 187 -13.32 16.93 -26.68
CA VAL J 187 -12.29 17.00 -25.64
C VAL J 187 -12.90 17.12 -24.24
N HIS J 188 -12.42 16.30 -23.28
CA HIS J 188 -12.75 16.40 -21.87
C HIS J 188 -11.52 16.08 -21.03
N THR J 189 -11.15 17.05 -20.19
CA THR J 189 -10.04 16.93 -19.27
C THR J 189 -10.68 16.79 -17.89
N PHE J 190 -10.43 15.64 -17.25
CA PHE J 190 -10.99 15.32 -15.98
C PHE J 190 -10.27 16.02 -14.86
N PRO J 191 -10.98 16.37 -13.75
CA PRO J 191 -10.25 16.94 -12.59
C PRO J 191 -9.24 15.93 -12.03
N ALA J 192 -8.21 16.43 -11.38
CA ALA J 192 -7.18 15.58 -10.84
C ALA J 192 -7.60 14.80 -9.61
N VAL J 193 -6.93 13.68 -9.42
CA VAL J 193 -7.09 12.86 -8.25
C VAL J 193 -5.82 13.01 -7.40
N LEU J 194 -5.95 13.20 -6.09
CA LEU J 194 -4.77 13.28 -5.26
C LEU J 194 -4.60 11.88 -4.64
N GLN J 195 -3.47 11.25 -4.93
CA GLN J 195 -3.11 9.90 -4.50
C GLN J 195 -2.45 9.91 -3.14
N SER J 196 -2.33 8.70 -2.52
CA SER J 196 -1.67 8.48 -1.21
C SER J 196 -0.23 9.00 -1.19
N SER J 197 0.39 9.06 -2.38
CA SER J 197 1.75 9.52 -2.62
C SER J 197 1.96 10.98 -2.25
N GLY J 198 0.92 11.77 -2.48
CA GLY J 198 0.91 13.22 -2.29
C GLY J 198 1.02 13.93 -3.62
N LEU J 199 0.98 13.14 -4.72
CA LEU J 199 1.07 13.60 -6.12
C LEU J 199 -0.27 13.42 -6.78
N TYR J 200 -0.54 14.24 -7.80
CA TYR J 200 -1.79 14.20 -8.53
C TYR J 200 -1.62 13.44 -9.83
N SER J 201 -2.74 12.98 -10.39
CA SER J 201 -2.87 12.30 -11.66
C SER J 201 -4.18 12.76 -12.25
N LEU J 202 -4.20 12.85 -13.57
CA LEU J 202 -5.31 13.35 -14.31
C LEU J 202 -5.35 12.65 -15.70
N SER J 203 -6.51 12.71 -16.38
CA SER J 203 -6.69 12.17 -17.72
C SER J 203 -7.40 13.19 -18.59
N SER J 204 -7.10 13.18 -19.88
CA SER J 204 -7.74 14.00 -20.88
C SER J 204 -8.09 13.09 -22.03
N VAL J 205 -9.37 13.09 -22.43
CA VAL J 205 -9.87 12.28 -23.54
C VAL J 205 -10.49 13.06 -24.68
N VAL J 206 -10.46 12.45 -25.87
CA VAL J 206 -11.06 12.98 -27.07
C VAL J 206 -11.74 11.85 -27.88
N THR J 207 -12.87 12.18 -28.52
CA THR J 207 -13.63 11.29 -29.38
C THR J 207 -13.44 11.74 -30.83
N VAL J 208 -12.96 10.81 -31.67
CA VAL J 208 -12.65 11.03 -33.07
C VAL J 208 -13.35 9.99 -34.00
N PRO J 209 -13.48 10.22 -35.34
CA PRO J 209 -14.07 9.17 -36.20
C PRO J 209 -13.09 7.99 -36.37
N SER J 210 -13.62 6.75 -36.30
CA SER J 210 -12.85 5.49 -36.40
C SER J 210 -12.11 5.35 -37.73
N SER J 211 -12.64 6.03 -38.77
CA SER J 211 -12.07 6.10 -40.12
C SER J 211 -10.70 6.80 -40.12
N SER J 212 -10.54 7.84 -39.27
CA SER J 212 -9.32 8.65 -39.13
C SER J 212 -8.14 7.90 -38.48
N LEU J 213 -8.44 6.90 -37.63
CA LEU J 213 -7.46 6.04 -36.96
C LEU J 213 -6.72 5.33 -38.09
N GLY J 214 -5.43 5.55 -38.17
CA GLY J 214 -4.65 4.96 -39.25
C GLY J 214 -4.20 6.01 -40.24
N THR J 215 -4.97 7.11 -40.38
CA THR J 215 -4.66 8.24 -41.27
C THR J 215 -4.30 9.53 -40.49
N GLN J 216 -5.22 10.03 -39.62
CA GLN J 216 -5.01 11.24 -38.81
C GLN J 216 -4.12 11.02 -37.59
N THR J 217 -3.21 11.97 -37.32
CA THR J 217 -2.34 11.92 -36.14
C THR J 217 -2.96 12.73 -35.00
N TYR J 218 -3.00 12.13 -33.80
CA TYR J 218 -3.53 12.79 -32.61
C TYR J 218 -2.44 12.96 -31.56
N ILE J 219 -2.23 14.20 -31.09
CA ILE J 219 -1.20 14.59 -30.13
C ILE J 219 -1.79 15.41 -28.98
N CYS J 220 -1.50 15.01 -27.73
CA CYS J 220 -1.94 15.81 -26.60
C CYS J 220 -0.79 16.69 -26.16
N ASN J 221 -1.13 17.91 -25.86
CA ASN J 221 -0.16 18.90 -25.43
C ASN J 221 -0.43 19.20 -23.98
N VAL J 222 0.40 18.60 -23.11
CA VAL J 222 0.33 18.71 -21.67
C VAL J 222 1.28 19.83 -21.20
N ASN J 223 0.82 20.68 -20.29
CA ASN J 223 1.60 21.77 -19.73
C ASN J 223 1.45 21.83 -18.24
N HIS J 224 2.57 21.77 -17.53
CA HIS J 224 2.63 21.89 -16.08
C HIS J 224 3.50 23.07 -15.79
N LYS J 225 2.89 24.28 -15.88
CA LYS J 225 3.53 25.59 -15.65
C LYS J 225 4.31 25.65 -14.33
N PRO J 226 3.86 25.04 -13.17
CA PRO J 226 4.68 25.10 -11.96
C PRO J 226 6.11 24.49 -12.03
N SER J 227 6.35 23.47 -12.90
CA SER J 227 7.66 22.82 -13.08
C SER J 227 8.29 23.18 -14.43
N ASN J 228 7.56 24.00 -15.22
CA ASN J 228 7.92 24.49 -16.56
C ASN J 228 8.14 23.34 -17.57
N THR J 229 7.33 22.26 -17.40
CA THR J 229 7.37 21.06 -18.20
C THR J 229 6.23 21.06 -19.23
N LYS J 230 6.56 20.81 -20.50
CA LYS J 230 5.62 20.69 -21.59
C LYS J 230 5.89 19.35 -22.22
N VAL J 231 4.84 18.56 -22.41
CA VAL J 231 4.95 17.23 -23.03
C VAL J 231 3.95 17.13 -24.18
N ASP J 232 4.43 16.79 -25.38
CA ASP J 232 3.61 16.57 -26.56
C ASP J 232 3.71 15.09 -26.88
N LYS J 233 2.60 14.35 -26.66
CA LYS J 233 2.57 12.92 -26.86
C LYS J 233 1.62 12.51 -27.98
N ARG J 234 2.11 11.71 -28.94
CA ARG J 234 1.29 11.19 -30.03
C ARG J 234 0.58 9.92 -29.58
N VAL J 235 -0.76 9.90 -29.69
CA VAL J 235 -1.58 8.74 -29.34
C VAL J 235 -1.98 7.99 -30.58
N GLU J 236 -1.48 6.78 -30.74
CA GLU J 236 -1.79 5.99 -31.91
C GLU J 236 -2.30 4.59 -31.52
N PRO J 237 -3.16 3.95 -32.33
CA PRO J 237 -3.69 2.62 -31.97
C PRO J 237 -2.65 1.52 -31.93
N LYS J 238 -2.86 0.50 -31.08
CA LYS J 238 -1.96 -0.64 -30.92
C LYS J 238 -2.30 -1.83 -31.91
N SER J 239 -1.57 -2.96 -31.79
CA SER J 239 -1.79 -4.19 -32.59
C SER J 239 -2.44 -5.34 -31.78
N ALA K 3 -35.93 -18.61 25.64
CA ALA K 3 -37.10 -18.13 24.89
C ALA K 3 -37.48 -16.69 25.20
N LEU K 4 -37.75 -15.90 24.16
CA LEU K 4 -38.23 -14.53 24.33
C LEU K 4 -39.67 -14.61 24.87
N THR K 5 -40.12 -13.58 25.62
CA THR K 5 -41.42 -13.57 26.25
C THR K 5 -42.45 -12.78 25.48
N GLN K 6 -43.57 -13.44 25.13
CA GLN K 6 -44.69 -12.86 24.38
C GLN K 6 -46.02 -13.14 25.13
N PRO K 7 -47.06 -12.27 25.01
CA PRO K 7 -48.36 -12.61 25.64
C PRO K 7 -48.98 -13.76 24.86
N ALA K 8 -49.69 -14.69 25.52
CA ALA K 8 -50.29 -15.83 24.82
C ALA K 8 -51.40 -15.43 23.85
N SER K 9 -52.17 -14.40 24.17
CA SER K 9 -53.30 -13.98 23.34
C SER K 9 -53.43 -12.47 23.25
N VAL K 10 -53.63 -11.99 22.01
CA VAL K 10 -53.89 -10.58 21.70
C VAL K 10 -55.08 -10.55 20.74
N SER K 11 -56.11 -9.75 21.04
CA SER K 11 -57.30 -9.73 20.24
C SER K 11 -57.88 -8.34 20.04
N GLY K 12 -58.80 -8.24 19.11
CA GLY K 12 -59.48 -7.00 18.81
C GLY K 12 -60.67 -7.26 17.91
N SER K 13 -61.49 -6.24 17.75
CA SER K 13 -62.63 -6.29 16.84
C SER K 13 -62.12 -5.83 15.44
N PRO K 14 -62.84 -6.10 14.33
CA PRO K 14 -62.38 -5.61 13.00
C PRO K 14 -62.10 -4.10 12.98
N GLY K 15 -60.99 -3.73 12.33
CA GLY K 15 -60.56 -2.34 12.19
C GLY K 15 -59.67 -1.79 13.30
N GLN K 16 -59.60 -2.47 14.44
CA GLN K 16 -58.81 -1.97 15.55
C GLN K 16 -57.31 -2.09 15.36
N THR K 17 -56.56 -1.32 16.19
CA THR K 17 -55.12 -1.47 16.18
C THR K 17 -54.66 -2.24 17.41
N ILE K 18 -53.93 -3.33 17.20
CA ILE K 18 -53.46 -4.18 18.29
C ILE K 18 -51.92 -4.23 18.31
N THR K 19 -51.31 -4.48 19.48
CA THR K 19 -49.85 -4.55 19.65
C THR K 19 -49.43 -5.84 20.39
N ILE K 20 -48.35 -6.46 19.93
CA ILE K 20 -47.75 -7.69 20.47
C ILE K 20 -46.36 -7.35 20.98
N SER K 21 -46.11 -7.55 22.27
CA SER K 21 -44.82 -7.29 22.88
C SER K 21 -43.94 -8.56 22.88
N CYS K 22 -42.64 -8.33 22.93
CA CYS K 22 -41.65 -9.38 22.88
C CYS K 22 -40.48 -8.99 23.80
N ASN K 23 -40.42 -9.58 24.99
CA ASN K 23 -39.39 -9.27 25.99
C ASN K 23 -38.17 -10.18 25.94
N GLY K 24 -37.03 -9.53 25.76
CA GLY K 24 -35.73 -10.18 25.72
C GLY K 24 -34.73 -9.58 26.69
N THR K 25 -33.43 -9.70 26.35
CA THR K 25 -32.33 -9.17 27.16
C THR K 25 -31.32 -8.43 26.31
N SER K 26 -30.27 -7.91 26.97
CA SER K 26 -29.15 -7.18 26.37
C SER K 26 -28.27 -8.09 25.47
N SER K 27 -28.40 -9.41 25.62
CA SER K 27 -27.63 -10.36 24.82
C SER K 27 -28.40 -10.81 23.56
N ASP K 28 -29.61 -10.22 23.34
CA ASP K 28 -30.46 -10.53 22.19
C ASP K 28 -31.22 -9.32 21.65
N VAL K 29 -32.49 -9.09 22.09
CA VAL K 29 -33.35 -7.98 21.67
C VAL K 29 -32.69 -6.60 21.94
N GLY K 30 -32.18 -6.42 23.16
CA GLY K 30 -31.50 -5.20 23.57
C GLY K 30 -30.10 -5.04 23.01
N GLY K 31 -29.53 -6.12 22.53
CA GLY K 31 -28.18 -6.14 21.99
C GLY K 31 -28.02 -5.79 20.52
N PHE K 32 -29.04 -6.07 19.70
CA PHE K 32 -29.00 -5.88 18.25
C PHE K 32 -30.32 -5.33 17.73
N ASP K 33 -30.29 -4.78 16.52
CA ASP K 33 -31.48 -4.39 15.78
C ASP K 33 -31.78 -5.52 14.75
N SER K 34 -31.88 -6.76 15.23
CA SER K 34 -32.08 -7.98 14.42
C SER K 34 -33.28 -8.80 14.88
N VAL K 35 -34.41 -8.11 15.10
CA VAL K 35 -35.68 -8.68 15.53
C VAL K 35 -36.57 -8.86 14.31
N SER K 36 -37.06 -10.08 14.15
CA SER K 36 -37.94 -10.43 13.03
C SER K 36 -39.24 -11.02 13.56
N TRP K 37 -40.33 -10.88 12.80
CA TRP K 37 -41.65 -11.37 13.15
C TRP K 37 -42.18 -12.29 12.08
N TYR K 38 -42.78 -13.39 12.54
CA TYR K 38 -43.31 -14.45 11.69
C TYR K 38 -44.77 -14.72 12.00
N GLN K 39 -45.59 -14.88 10.96
CA GLN K 39 -47.01 -15.19 11.06
C GLN K 39 -47.20 -16.63 10.67
N GLN K 40 -48.00 -17.38 11.46
CA GLN K 40 -48.32 -18.77 11.16
C GLN K 40 -49.83 -18.99 11.17
N SER K 41 -50.38 -19.25 9.99
CA SER K 41 -51.80 -19.52 9.76
C SER K 41 -52.03 -21.02 9.97
N PRO K 42 -53.24 -21.44 10.40
CA PRO K 42 -53.47 -22.89 10.67
C PRO K 42 -53.17 -23.82 9.50
N GLY K 43 -52.30 -24.80 9.74
CA GLY K 43 -51.85 -25.77 8.75
C GLY K 43 -50.84 -25.25 7.77
N LYS K 44 -50.41 -23.98 7.93
CA LYS K 44 -49.49 -23.33 7.02
C LYS K 44 -48.10 -23.05 7.59
N ALA K 45 -47.09 -23.02 6.74
CA ALA K 45 -45.68 -22.72 7.04
C ALA K 45 -45.59 -21.26 7.59
N PRO K 46 -44.65 -20.94 8.49
CA PRO K 46 -44.51 -19.53 8.91
C PRO K 46 -44.01 -18.64 7.78
N LYS K 47 -44.32 -17.33 7.83
CA LYS K 47 -43.90 -16.32 6.85
C LYS K 47 -43.45 -15.03 7.55
N VAL K 48 -42.33 -14.45 7.08
CA VAL K 48 -41.77 -13.20 7.58
C VAL K 48 -42.72 -12.02 7.29
N MET K 49 -42.96 -11.23 8.35
CA MET K 49 -43.81 -10.06 8.31
C MET K 49 -42.98 -8.80 8.43
N VAL K 50 -41.99 -8.82 9.35
CA VAL K 50 -41.09 -7.70 9.69
C VAL K 50 -39.71 -8.27 10.01
N PHE K 51 -38.66 -7.50 9.74
CA PHE K 51 -37.26 -7.88 9.99
C PHE K 51 -36.47 -6.63 10.38
N ASP K 52 -35.32 -6.82 11.06
CA ASP K 52 -34.46 -5.72 11.52
C ASP K 52 -35.26 -4.62 12.21
N VAL K 53 -36.11 -5.07 13.18
CA VAL K 53 -37.02 -4.27 13.99
C VAL K 53 -38.24 -3.68 13.27
N SER K 54 -38.04 -2.80 12.28
CA SER K 54 -39.09 -2.03 11.63
C SER K 54 -39.24 -2.17 10.13
N HIS K 55 -38.45 -3.04 9.48
CA HIS K 55 -38.51 -3.21 8.05
C HIS K 55 -39.49 -4.29 7.61
N ARG K 56 -40.23 -4.01 6.52
CA ARG K 56 -41.19 -4.93 5.92
C ARG K 56 -40.64 -5.52 4.65
N PRO K 57 -40.76 -6.85 4.47
CA PRO K 57 -40.36 -7.46 3.18
C PRO K 57 -41.32 -6.99 2.08
N SER K 58 -40.97 -7.26 0.79
CA SER K 58 -41.82 -6.93 -0.36
C SER K 58 -43.13 -7.74 -0.27
N GLY K 59 -44.25 -7.07 -0.50
CA GLY K 59 -45.54 -7.74 -0.50
C GLY K 59 -46.29 -7.67 0.81
N ILE K 60 -45.61 -7.28 1.90
CA ILE K 60 -46.24 -7.18 3.22
C ILE K 60 -46.94 -5.81 3.40
N SER K 61 -48.23 -5.87 3.77
CA SER K 61 -49.11 -4.72 4.03
C SER K 61 -48.50 -3.72 5.02
N ASN K 62 -48.74 -2.42 4.76
CA ASN K 62 -48.31 -1.28 5.55
C ASN K 62 -48.96 -1.27 6.94
N ARG K 63 -49.97 -2.16 7.15
CA ARG K 63 -50.73 -2.29 8.41
C ARG K 63 -49.89 -2.95 9.50
N PHE K 64 -48.84 -3.67 9.11
CA PHE K 64 -47.88 -4.35 9.99
C PHE K 64 -46.66 -3.44 10.21
N SER K 65 -46.39 -3.08 11.45
CA SER K 65 -45.26 -2.22 11.77
C SER K 65 -44.53 -2.75 13.00
N GLY K 66 -43.23 -2.59 13.01
CA GLY K 66 -42.40 -3.07 14.12
C GLY K 66 -41.68 -1.95 14.83
N SER K 67 -41.42 -2.12 16.10
CA SER K 67 -40.78 -1.13 16.97
C SER K 67 -39.96 -1.83 18.07
N LYS K 68 -39.02 -1.10 18.69
CA LYS K 68 -38.17 -1.57 19.79
C LYS K 68 -37.88 -0.46 20.81
N SER K 69 -37.94 -0.80 22.10
CA SER K 69 -37.59 0.08 23.22
C SER K 69 -36.86 -0.76 24.28
N GLY K 70 -35.56 -0.54 24.41
CA GLY K 70 -34.69 -1.28 25.32
C GLY K 70 -34.62 -2.74 24.91
N ASN K 71 -35.05 -3.62 25.85
CA ASN K 71 -35.09 -5.08 25.71
C ASN K 71 -36.45 -5.60 25.21
N THR K 72 -37.32 -4.69 24.76
CA THR K 72 -38.67 -5.02 24.32
C THR K 72 -38.88 -4.63 22.88
N ALA K 73 -39.42 -5.55 22.09
CA ALA K 73 -39.80 -5.34 20.68
C ALA K 73 -41.34 -5.42 20.60
N SER K 74 -41.92 -4.69 19.63
CA SER K 74 -43.37 -4.65 19.44
C SER K 74 -43.78 -4.79 18.00
N LEU K 75 -44.85 -5.55 17.72
CA LEU K 75 -45.42 -5.70 16.40
C LEU K 75 -46.83 -5.12 16.50
N THR K 76 -47.10 -4.09 15.69
CA THR K 76 -48.39 -3.42 15.65
C THR K 76 -49.12 -3.80 14.36
N ILE K 77 -50.40 -4.15 14.50
CA ILE K 77 -51.28 -4.45 13.37
C ILE K 77 -52.40 -3.42 13.39
N SER K 78 -52.45 -2.56 12.38
CA SER K 78 -53.51 -1.57 12.25
C SER K 78 -54.62 -2.12 11.34
N GLY K 79 -55.85 -1.65 11.54
CA GLY K 79 -57.01 -2.07 10.76
C GLY K 79 -57.17 -3.57 10.74
N LEU K 80 -57.18 -4.19 11.89
CA LEU K 80 -57.25 -5.65 12.05
C LEU K 80 -58.33 -6.35 11.15
N HIS K 81 -57.86 -7.37 10.39
CA HIS K 81 -58.61 -8.11 9.38
C HIS K 81 -58.66 -9.59 9.73
N ILE K 82 -59.76 -10.30 9.39
CA ILE K 82 -59.86 -11.75 9.71
C ILE K 82 -58.75 -12.60 9.11
N GLU K 83 -58.12 -12.13 8.03
CA GLU K 83 -57.00 -12.86 7.42
C GLU K 83 -55.66 -12.66 8.20
N ASP K 84 -55.68 -11.83 9.28
CA ASP K 84 -54.50 -11.60 10.13
C ASP K 84 -54.46 -12.62 11.26
N GLU K 85 -55.57 -13.35 11.47
CA GLU K 85 -55.70 -14.38 12.51
C GLU K 85 -54.64 -15.48 12.33
N GLY K 86 -53.97 -15.80 13.42
CA GLY K 86 -52.92 -16.82 13.49
C GLY K 86 -51.97 -16.57 14.65
N ASP K 87 -50.88 -17.28 14.67
CA ASP K 87 -49.84 -17.18 15.70
C ASP K 87 -48.66 -16.39 15.20
N TYR K 88 -48.20 -15.47 16.03
CA TYR K 88 -47.13 -14.56 15.68
C TYR K 88 -45.90 -14.81 16.56
N PHE K 89 -44.74 -14.97 15.93
CA PHE K 89 -43.49 -15.25 16.65
C PHE K 89 -42.41 -14.22 16.42
N CYS K 90 -41.83 -13.70 17.48
CA CYS K 90 -40.69 -12.81 17.37
C CYS K 90 -39.45 -13.68 17.42
N SER K 91 -38.44 -13.21 16.77
CA SER K 91 -37.17 -13.89 16.76
C SER K 91 -36.05 -12.88 16.91
N SER K 92 -34.95 -13.29 17.54
CA SER K 92 -33.79 -12.44 17.68
C SER K 92 -32.48 -13.21 17.56
N LEU K 93 -31.47 -12.49 17.03
CA LEU K 93 -30.10 -12.90 16.96
C LEU K 93 -29.53 -12.76 18.42
N THR K 94 -28.63 -13.67 18.80
CA THR K 94 -27.96 -13.73 20.09
C THR K 94 -26.52 -13.24 19.93
N ASP K 95 -25.89 -12.81 21.04
CA ASP K 95 -24.48 -12.39 21.08
C ASP K 95 -23.51 -13.56 20.81
N ARG K 96 -24.06 -14.80 20.77
CA ARG K 96 -23.34 -16.04 20.50
C ARG K 96 -23.54 -16.51 19.06
N SER K 97 -24.23 -15.69 18.24
CA SER K 97 -24.59 -15.92 16.82
C SER K 97 -25.68 -16.99 16.67
N HIS K 98 -26.43 -17.22 17.75
CA HIS K 98 -27.56 -18.14 17.79
C HIS K 98 -28.81 -17.35 17.39
N ARG K 99 -29.89 -18.06 17.10
CA ARG K 99 -31.17 -17.48 16.80
C ARG K 99 -32.12 -18.00 17.87
N ILE K 100 -32.85 -17.09 18.48
CA ILE K 100 -33.82 -17.38 19.55
C ILE K 100 -35.23 -16.84 19.15
N PHE K 101 -36.31 -17.62 19.49
CA PHE K 101 -37.71 -17.33 19.21
C PHE K 101 -38.50 -17.05 20.46
N GLY K 102 -39.59 -16.30 20.30
CA GLY K 102 -40.53 -16.03 21.40
C GLY K 102 -41.48 -17.21 21.49
N GLY K 103 -42.30 -17.22 22.55
CA GLY K 103 -43.28 -18.29 22.78
C GLY K 103 -44.46 -18.30 21.82
N GLY K 104 -44.74 -17.17 21.18
CA GLY K 104 -45.88 -17.02 20.28
C GLY K 104 -47.09 -16.34 20.85
N THR K 105 -47.84 -15.66 20.00
CA THR K 105 -49.06 -14.95 20.38
C THR K 105 -50.18 -15.34 19.40
N LYS K 106 -51.32 -15.82 19.91
CA LYS K 106 -52.46 -16.10 19.05
C LYS K 106 -53.15 -14.74 18.88
N VAL K 107 -53.36 -14.34 17.62
CA VAL K 107 -54.06 -13.10 17.27
C VAL K 107 -55.46 -13.49 16.80
N THR K 108 -56.48 -13.00 17.50
CA THR K 108 -57.88 -13.32 17.25
C THR K 108 -58.65 -12.04 16.89
N VAL K 109 -59.56 -12.17 15.92
CA VAL K 109 -60.50 -11.14 15.50
C VAL K 109 -61.82 -11.58 16.17
N LEU K 110 -62.15 -10.93 17.29
CA LEU K 110 -63.30 -11.26 18.12
C LEU K 110 -64.65 -11.40 17.43
N GLY K 111 -65.20 -12.62 17.48
CA GLY K 111 -66.51 -13.00 16.96
C GLY K 111 -67.57 -13.24 18.02
N GLN K 112 -67.19 -13.06 19.27
CA GLN K 112 -68.01 -13.13 20.49
C GLN K 112 -67.19 -12.35 21.52
N PRO K 113 -67.70 -11.97 22.70
CA PRO K 113 -66.86 -11.20 23.64
C PRO K 113 -65.87 -12.06 24.39
N LYS K 114 -64.77 -11.47 24.87
CA LYS K 114 -63.73 -12.17 25.62
C LYS K 114 -64.32 -12.87 26.85
N ALA K 115 -63.83 -14.09 27.16
CA ALA K 115 -64.21 -14.88 28.34
C ALA K 115 -62.96 -15.24 29.08
N ALA K 116 -62.94 -14.91 30.34
CA ALA K 116 -61.85 -15.18 31.28
C ALA K 116 -61.90 -16.68 31.70
N PRO K 117 -60.75 -17.34 31.96
CA PRO K 117 -60.84 -18.72 32.44
C PRO K 117 -61.22 -18.89 33.92
N SER K 118 -61.87 -20.03 34.22
CA SER K 118 -62.20 -20.53 35.56
C SER K 118 -61.07 -21.53 35.82
N VAL K 119 -60.35 -21.41 36.92
CA VAL K 119 -59.21 -22.29 37.29
C VAL K 119 -59.50 -23.12 38.57
N THR K 120 -59.35 -24.44 38.47
CA THR K 120 -59.51 -25.38 39.60
C THR K 120 -58.21 -26.13 39.81
N LEU K 121 -57.61 -26.04 41.00
CA LEU K 121 -56.35 -26.69 41.33
C LEU K 121 -56.53 -27.78 42.36
N PHE K 122 -56.14 -29.01 42.00
CA PHE K 122 -56.20 -30.19 42.88
C PHE K 122 -54.81 -30.57 43.35
N PRO K 123 -54.62 -30.76 44.67
CA PRO K 123 -53.30 -31.23 45.15
C PRO K 123 -53.17 -32.73 44.90
N PRO K 124 -51.97 -33.37 45.09
CA PRO K 124 -51.92 -34.83 44.98
C PRO K 124 -52.83 -35.46 46.04
N SER K 125 -53.54 -36.54 45.68
CA SER K 125 -54.37 -37.30 46.58
C SER K 125 -53.46 -38.12 47.47
N SER K 126 -53.94 -38.50 48.67
CA SER K 126 -53.20 -39.35 49.60
C SER K 126 -52.98 -40.72 49.00
N GLU K 127 -53.89 -41.18 48.10
CA GLU K 127 -53.73 -42.49 47.40
C GLU K 127 -52.49 -42.43 46.52
N GLU K 128 -52.31 -41.33 45.78
CA GLU K 128 -51.17 -41.14 44.88
C GLU K 128 -49.85 -41.05 45.63
N LEU K 129 -49.85 -40.25 46.73
CA LEU K 129 -48.68 -40.08 47.60
C LEU K 129 -48.22 -41.41 48.17
N GLN K 130 -49.18 -42.28 48.52
CA GLN K 130 -48.87 -43.62 49.03
C GLN K 130 -48.37 -44.56 47.94
N ALA K 131 -48.56 -44.19 46.65
CA ALA K 131 -48.09 -44.96 45.49
C ALA K 131 -46.72 -44.41 45.03
N ASN K 132 -46.12 -43.54 45.87
CA ASN K 132 -44.83 -42.88 45.64
C ASN K 132 -44.81 -41.99 44.40
N LYS K 133 -45.93 -41.33 44.13
CA LYS K 133 -46.11 -40.40 43.02
C LYS K 133 -46.84 -39.18 43.55
N ALA K 134 -46.73 -38.06 42.83
CA ALA K 134 -47.43 -36.81 43.19
C ALA K 134 -47.70 -35.99 41.93
N THR K 135 -48.96 -35.61 41.73
CA THR K 135 -49.42 -34.82 40.58
C THR K 135 -50.39 -33.75 41.03
N LEU K 136 -50.08 -32.52 40.68
CA LEU K 136 -50.92 -31.33 40.91
C LEU K 136 -51.65 -31.16 39.59
N VAL K 137 -52.99 -31.01 39.69
CA VAL K 137 -53.88 -30.94 38.53
C VAL K 137 -54.54 -29.57 38.48
N CYS K 138 -54.23 -28.80 37.44
CA CYS K 138 -54.81 -27.48 37.22
C CYS K 138 -55.80 -27.49 36.02
N LEU K 139 -57.10 -27.27 36.29
CA LEU K 139 -58.09 -27.31 35.21
C LEU K 139 -58.53 -25.90 34.86
N ILE K 140 -58.39 -25.53 33.58
CA ILE K 140 -58.68 -24.21 33.01
C ILE K 140 -59.87 -24.32 32.03
N SER K 141 -60.93 -23.57 32.23
CA SER K 141 -62.19 -23.68 31.49
C SER K 141 -62.85 -22.37 31.06
N ASP K 142 -63.64 -22.46 29.98
CA ASP K 142 -64.52 -21.41 29.43
C ASP K 142 -63.82 -20.10 29.06
N PHE K 143 -62.64 -20.18 28.43
CA PHE K 143 -61.92 -18.98 28.02
C PHE K 143 -62.01 -18.77 26.53
N TYR K 144 -62.00 -17.51 26.13
CA TYR K 144 -62.02 -17.10 24.77
C TYR K 144 -61.33 -15.72 24.72
N PRO K 145 -60.30 -15.48 23.84
CA PRO K 145 -59.67 -16.40 22.85
C PRO K 145 -58.97 -17.63 23.43
N GLY K 146 -58.95 -18.71 22.64
CA GLY K 146 -58.37 -19.97 23.07
C GLY K 146 -56.87 -20.01 23.12
N ALA K 147 -56.26 -19.20 24.00
CA ALA K 147 -54.81 -19.10 24.25
C ALA K 147 -54.55 -18.54 25.65
N VAL K 148 -53.78 -19.30 26.43
CA VAL K 148 -53.45 -18.93 27.82
C VAL K 148 -51.97 -19.21 28.06
N THR K 149 -51.42 -18.58 29.10
CA THR K 149 -50.10 -18.85 29.62
C THR K 149 -50.24 -19.50 31.00
N VAL K 150 -49.69 -20.71 31.19
CA VAL K 150 -49.77 -21.44 32.46
C VAL K 150 -48.37 -21.51 33.06
N ALA K 151 -48.21 -20.97 34.28
CA ALA K 151 -46.95 -20.97 35.02
C ALA K 151 -47.15 -21.61 36.38
N TRP K 152 -46.19 -22.44 36.77
CA TRP K 152 -46.19 -23.13 38.08
C TRP K 152 -45.11 -22.56 38.93
N LYS K 153 -45.36 -22.50 40.24
CA LYS K 153 -44.43 -21.97 41.23
C LYS K 153 -44.40 -22.91 42.41
N ALA K 154 -43.19 -23.18 42.91
CA ALA K 154 -42.93 -23.95 44.12
C ALA K 154 -42.55 -22.86 45.09
N ASP K 155 -43.42 -22.61 46.10
CA ASP K 155 -43.35 -21.49 47.05
C ASP K 155 -43.60 -20.23 46.20
N SER K 156 -42.57 -19.38 45.99
CA SER K 156 -42.64 -18.18 45.16
C SER K 156 -41.81 -18.30 43.89
N SER K 157 -40.85 -19.25 43.85
CA SER K 157 -39.96 -19.50 42.71
C SER K 157 -40.63 -20.34 41.61
N PRO K 158 -40.42 -20.02 40.31
CA PRO K 158 -41.08 -20.79 39.25
C PRO K 158 -40.46 -22.15 38.98
N VAL K 159 -41.28 -23.09 38.49
CA VAL K 159 -40.86 -24.46 38.19
C VAL K 159 -41.25 -24.88 36.79
N LYS K 160 -40.26 -25.15 35.93
CA LYS K 160 -40.48 -25.55 34.54
C LYS K 160 -40.36 -27.05 34.30
N ALA K 161 -39.64 -27.75 35.18
CA ALA K 161 -39.48 -29.19 35.06
C ALA K 161 -40.75 -29.90 35.54
N GLY K 162 -41.12 -30.98 34.83
CA GLY K 162 -42.28 -31.81 35.13
C GLY K 162 -43.64 -31.25 34.82
N VAL K 163 -43.69 -30.17 34.02
CA VAL K 163 -44.92 -29.50 33.61
C VAL K 163 -45.39 -30.00 32.26
N GLU K 164 -46.67 -30.38 32.14
CA GLU K 164 -47.33 -30.84 30.91
C GLU K 164 -48.66 -30.14 30.83
N THR K 165 -48.83 -29.30 29.79
CA THR K 165 -50.00 -28.45 29.52
C THR K 165 -50.62 -28.85 28.18
N THR K 166 -51.95 -29.00 28.09
CA THR K 166 -52.63 -29.33 26.84
C THR K 166 -52.82 -28.06 25.99
N THR K 167 -53.04 -28.26 24.67
CA THR K 167 -53.37 -27.23 23.71
C THR K 167 -54.87 -26.94 23.95
N PRO K 168 -55.32 -25.66 24.02
CA PRO K 168 -56.76 -25.43 24.27
C PRO K 168 -57.65 -26.10 23.23
N SER K 169 -58.79 -26.66 23.68
CA SER K 169 -59.70 -27.34 22.78
C SER K 169 -61.04 -26.68 22.87
N LYS K 170 -61.68 -26.51 21.72
CA LYS K 170 -62.98 -25.85 21.59
C LYS K 170 -64.10 -26.76 22.12
N GLN K 171 -64.79 -26.29 23.14
CA GLN K 171 -65.91 -27.00 23.76
C GLN K 171 -67.15 -26.76 22.86
N SER K 172 -68.31 -27.29 23.25
CA SER K 172 -69.58 -27.18 22.52
C SER K 172 -70.09 -25.72 22.41
N ASN K 173 -69.96 -24.93 23.48
CA ASN K 173 -70.42 -23.54 23.60
C ASN K 173 -69.52 -22.54 22.92
N ASN K 174 -68.54 -23.01 22.15
CA ASN K 174 -67.54 -22.19 21.44
C ASN K 174 -66.37 -21.62 22.24
N LYS K 175 -66.38 -21.80 23.57
CA LYS K 175 -65.27 -21.35 24.42
C LYS K 175 -64.24 -22.48 24.57
N TYR K 176 -63.13 -22.22 25.27
CA TYR K 176 -62.01 -23.18 25.38
C TYR K 176 -61.71 -23.69 26.79
N ALA K 177 -61.11 -24.88 26.84
CA ALA K 177 -60.66 -25.65 28.02
C ALA K 177 -59.22 -26.12 27.80
N ALA K 178 -58.47 -26.14 28.88
CA ALA K 178 -57.10 -26.64 28.86
C ALA K 178 -56.80 -27.20 30.26
N SER K 179 -55.74 -27.97 30.35
CA SER K 179 -55.32 -28.52 31.63
C SER K 179 -53.81 -28.59 31.70
N SER K 180 -53.27 -28.44 32.90
CA SER K 180 -51.84 -28.46 33.14
C SER K 180 -51.56 -29.31 34.37
N TYR K 181 -50.51 -30.13 34.29
CA TYR K 181 -50.10 -31.07 35.32
C TYR K 181 -48.67 -30.80 35.75
N LEU K 182 -48.41 -30.86 37.04
CA LEU K 182 -47.08 -30.72 37.60
C LEU K 182 -46.79 -32.02 38.35
N SER K 183 -45.91 -32.84 37.76
CA SER K 183 -45.48 -34.10 38.34
C SER K 183 -44.28 -33.87 39.25
N LEU K 184 -44.36 -34.37 40.47
CA LEU K 184 -43.32 -34.25 41.50
C LEU K 184 -43.13 -35.60 42.16
N THR K 185 -42.06 -35.70 42.97
CA THR K 185 -41.81 -36.86 43.82
C THR K 185 -42.58 -36.51 45.12
N PRO K 186 -43.05 -37.48 45.96
CA PRO K 186 -43.74 -37.08 47.20
C PRO K 186 -42.88 -36.20 48.12
N GLU K 187 -41.53 -36.34 48.01
CA GLU K 187 -40.51 -35.62 48.77
C GLU K 187 -40.48 -34.14 48.36
N GLN K 188 -40.49 -33.84 47.06
CA GLN K 188 -40.49 -32.46 46.54
C GLN K 188 -41.75 -31.74 47.05
N TRP K 189 -42.90 -32.41 46.97
CA TRP K 189 -44.22 -31.92 47.39
C TRP K 189 -44.25 -31.49 48.86
N LYS K 190 -43.63 -32.29 49.74
CA LYS K 190 -43.59 -32.01 51.16
C LYS K 190 -42.45 -31.03 51.53
N SER K 191 -41.48 -30.80 50.61
CA SER K 191 -40.31 -29.92 50.82
C SER K 191 -40.64 -28.43 50.79
N HIS K 192 -41.71 -28.02 50.08
CA HIS K 192 -42.10 -26.62 49.98
C HIS K 192 -43.36 -26.34 50.77
N LYS K 193 -43.53 -25.08 51.20
CA LYS K 193 -44.69 -24.59 51.94
C LYS K 193 -45.96 -24.56 51.06
N SER K 194 -45.80 -24.25 49.76
CA SER K 194 -46.93 -24.16 48.83
C SER K 194 -46.50 -24.41 47.39
N TYR K 195 -47.52 -24.57 46.52
CA TYR K 195 -47.43 -24.72 45.08
C TYR K 195 -48.54 -23.91 44.44
N SER K 196 -48.24 -23.25 43.30
CA SER K 196 -49.19 -22.42 42.61
C SER K 196 -49.31 -22.71 41.15
N CYS K 197 -50.53 -22.58 40.63
CA CYS K 197 -50.88 -22.65 39.21
C CYS K 197 -51.31 -21.24 38.87
N GLN K 198 -50.56 -20.57 37.98
CA GLN K 198 -50.84 -19.19 37.55
C GLN K 198 -51.29 -19.19 36.08
N VAL K 199 -52.50 -18.72 35.81
CA VAL K 199 -53.01 -18.69 34.44
C VAL K 199 -53.23 -17.26 33.97
N THR K 200 -52.59 -16.89 32.88
CA THR K 200 -52.70 -15.55 32.27
C THR K 200 -53.47 -15.65 30.97
N HIS K 201 -54.49 -14.80 30.83
CA HIS K 201 -55.34 -14.72 29.65
C HIS K 201 -55.69 -13.25 29.41
N GLU K 202 -55.27 -12.68 28.26
CA GLU K 202 -55.57 -11.29 27.91
C GLU K 202 -55.22 -10.29 29.04
N GLY K 203 -54.00 -10.40 29.54
CA GLY K 203 -53.49 -9.52 30.60
C GLY K 203 -54.05 -9.70 32.00
N SER K 204 -55.11 -10.54 32.15
CA SER K 204 -55.70 -10.86 33.44
C SER K 204 -55.10 -12.20 33.94
N THR K 205 -54.86 -12.29 35.24
CA THR K 205 -54.24 -13.45 35.86
C THR K 205 -55.01 -13.97 37.05
N VAL K 206 -55.12 -15.31 37.09
CA VAL K 206 -55.71 -16.08 38.19
C VAL K 206 -54.61 -17.01 38.74
N GLU K 207 -54.40 -16.97 40.04
CA GLU K 207 -53.42 -17.85 40.68
C GLU K 207 -54.09 -18.59 41.82
N LYS K 208 -54.09 -19.94 41.75
CA LYS K 208 -54.63 -20.74 42.87
C LYS K 208 -53.42 -21.38 43.53
N THR K 209 -53.48 -21.53 44.84
CA THR K 209 -52.39 -22.08 45.64
C THR K 209 -52.91 -23.21 46.52
N VAL K 210 -52.10 -24.27 46.63
CA VAL K 210 -52.33 -25.46 47.48
C VAL K 210 -51.08 -25.69 48.32
N ALA K 211 -51.30 -26.19 49.51
CA ALA K 211 -50.21 -26.45 50.44
C ALA K 211 -50.22 -27.93 50.88
N PRO K 212 -49.05 -28.61 50.90
CA PRO K 212 -49.02 -30.03 51.35
C PRO K 212 -49.83 -30.39 52.59
N THR K 213 -50.01 -29.45 53.52
CA THR K 213 -50.80 -29.64 54.72
C THR K 213 -52.27 -29.25 54.42
N GLU K 214 -53.14 -30.28 54.21
CA GLU K 214 -54.56 -30.14 53.89
C GLU K 214 -55.26 -31.48 54.12
N GLU L 2 -39.20 -19.80 -5.06
CA GLU L 2 -38.27 -20.45 -4.13
C GLU L 2 -39.06 -21.41 -3.29
N GLN L 3 -38.61 -22.67 -3.26
CA GLN L 3 -39.29 -23.75 -2.53
C GLN L 3 -38.34 -24.56 -1.70
N LEU L 4 -38.86 -25.14 -0.61
CA LEU L 4 -38.13 -26.01 0.29
C LEU L 4 -39.03 -27.20 0.63
N VAL L 5 -38.61 -28.44 0.31
CA VAL L 5 -39.40 -29.65 0.61
C VAL L 5 -38.67 -30.64 1.54
N GLU L 6 -39.21 -30.80 2.77
CA GLU L 6 -38.69 -31.70 3.79
C GLU L 6 -39.20 -33.13 3.64
N SER L 7 -38.36 -34.10 4.02
CA SER L 7 -38.65 -35.51 4.02
C SER L 7 -37.86 -36.22 5.12
N GLY L 8 -38.19 -37.47 5.38
CA GLY L 8 -37.48 -38.24 6.40
C GLY L 8 -38.24 -38.54 7.65
N GLY L 9 -39.20 -37.66 7.99
CA GLY L 9 -40.06 -37.74 9.17
C GLY L 9 -40.88 -39.03 9.29
N GLY L 10 -41.24 -39.34 10.53
CA GLY L 10 -41.99 -40.53 10.91
C GLY L 10 -41.90 -40.86 12.38
N VAL L 11 -42.33 -42.09 12.74
CA VAL L 11 -42.32 -42.59 14.13
C VAL L 11 -41.02 -43.32 14.41
N VAL L 12 -40.32 -42.87 15.45
CA VAL L 12 -39.00 -43.38 15.85
C VAL L 12 -38.99 -43.61 17.35
N GLN L 13 -38.36 -44.70 17.80
CA GLN L 13 -38.24 -45.10 19.19
C GLN L 13 -37.06 -44.36 19.83
N PRO L 14 -37.14 -44.00 21.14
CA PRO L 14 -36.05 -43.22 21.74
C PRO L 14 -34.72 -43.92 21.81
N GLY L 15 -33.64 -43.15 21.69
CA GLY L 15 -32.27 -43.64 21.66
C GLY L 15 -31.81 -44.05 20.27
N GLY L 16 -32.72 -43.93 19.31
CA GLY L 16 -32.46 -44.28 17.91
C GLY L 16 -32.00 -43.07 17.09
N SER L 17 -31.51 -43.37 15.90
CA SER L 17 -31.00 -42.40 14.95
C SER L 17 -32.05 -42.05 13.89
N LEU L 18 -31.93 -40.85 13.28
CA LEU L 18 -32.84 -40.40 12.23
C LEU L 18 -32.22 -39.31 11.38
N ARG L 19 -32.34 -39.46 10.04
CA ARG L 19 -31.86 -38.43 9.11
C ARG L 19 -33.01 -37.70 8.41
N LEU L 20 -33.07 -36.39 8.54
CA LEU L 20 -34.03 -35.54 7.81
C LEU L 20 -33.33 -34.93 6.56
N SER L 21 -34.11 -34.67 5.49
CA SER L 21 -33.58 -34.04 4.28
C SER L 21 -34.47 -32.87 3.90
N CYS L 22 -33.95 -31.96 3.09
CA CYS L 22 -34.70 -30.82 2.63
C CYS L 22 -34.12 -30.46 1.28
N LEU L 23 -34.92 -30.61 0.22
CA LEU L 23 -34.54 -30.27 -1.16
C LEU L 23 -35.02 -28.85 -1.48
N ALA L 24 -34.08 -28.01 -1.90
CA ALA L 24 -34.33 -26.62 -2.30
C ALA L 24 -34.45 -26.49 -3.81
N SER L 25 -35.28 -25.54 -4.27
CA SER L 25 -35.47 -25.21 -5.69
C SER L 25 -35.89 -23.74 -5.85
N GLY L 26 -35.64 -23.18 -7.03
CA GLY L 26 -36.01 -21.81 -7.34
C GLY L 26 -35.05 -20.73 -6.87
N PHE L 27 -33.86 -21.13 -6.38
CA PHE L 27 -32.81 -20.20 -5.94
C PHE L 27 -31.44 -20.88 -5.96
N THR L 28 -30.36 -20.09 -5.93
CA THR L 28 -28.99 -20.62 -5.85
C THR L 28 -28.69 -21.04 -4.38
N PHE L 29 -28.94 -22.29 -4.09
CA PHE L 29 -28.76 -22.92 -2.79
C PHE L 29 -27.43 -22.65 -2.10
N HIS L 30 -26.29 -22.80 -2.82
CA HIS L 30 -24.96 -22.67 -2.21
C HIS L 30 -24.59 -21.25 -1.73
N LYS L 31 -25.35 -20.24 -2.15
CA LYS L 31 -25.07 -18.86 -1.78
C LYS L 31 -25.69 -18.49 -0.41
N TYR L 32 -26.60 -19.32 0.11
CA TYR L 32 -27.37 -19.04 1.34
C TYR L 32 -27.14 -19.95 2.51
N GLY L 33 -27.23 -19.36 3.68
CA GLY L 33 -27.22 -20.06 4.94
C GLY L 33 -28.57 -20.74 5.09
N MET L 34 -28.60 -21.84 5.82
CA MET L 34 -29.83 -22.61 5.99
C MET L 34 -30.02 -23.01 7.44
N HIS L 35 -31.27 -23.05 7.89
CA HIS L 35 -31.63 -23.42 9.27
C HIS L 35 -32.56 -24.62 9.29
N TRP L 36 -32.64 -25.24 10.48
CA TRP L 36 -33.64 -26.19 10.88
C TRP L 36 -34.26 -25.52 12.08
N VAL L 37 -35.60 -25.52 12.12
CA VAL L 37 -36.46 -24.94 13.16
C VAL L 37 -37.47 -26.03 13.49
N ARG L 38 -37.69 -26.30 14.76
CA ARG L 38 -38.70 -27.26 15.14
C ARG L 38 -39.92 -26.58 15.80
N GLN L 39 -41.06 -27.29 15.79
CA GLN L 39 -42.27 -26.84 16.47
C GLN L 39 -42.95 -28.05 17.11
N ALA L 40 -42.86 -28.19 18.45
CA ALA L 40 -43.53 -29.28 19.19
C ALA L 40 -45.06 -29.05 19.12
N PRO L 41 -45.92 -30.11 19.02
CA PRO L 41 -47.38 -29.84 18.79
C PRO L 41 -48.08 -28.87 19.75
N GLY L 42 -48.73 -27.86 19.16
CA GLY L 42 -49.40 -26.77 19.89
C GLY L 42 -48.44 -25.83 20.61
N LYS L 43 -47.13 -25.95 20.34
CA LYS L 43 -46.11 -25.12 20.96
C LYS L 43 -45.48 -24.13 19.94
N GLY L 44 -44.51 -23.35 20.43
CA GLY L 44 -43.85 -22.31 19.65
C GLY L 44 -42.73 -22.80 18.75
N LEU L 45 -42.21 -21.89 17.91
CA LEU L 45 -41.09 -22.17 17.01
C LEU L 45 -39.79 -22.29 17.83
N GLU L 46 -38.95 -23.28 17.50
CA GLU L 46 -37.71 -23.50 18.25
C GLU L 46 -36.53 -23.69 17.33
N TRP L 47 -35.62 -22.71 17.29
CA TRP L 47 -34.42 -22.73 16.47
C TRP L 47 -33.58 -23.90 16.88
N VAL L 48 -33.16 -24.74 15.88
CA VAL L 48 -32.34 -25.94 16.07
C VAL L 48 -30.88 -25.69 15.68
N ALA L 49 -30.62 -25.31 14.43
CA ALA L 49 -29.25 -25.11 13.94
C ALA L 49 -29.21 -24.28 12.68
N LEU L 50 -28.01 -23.77 12.35
CA LEU L 50 -27.70 -22.99 11.18
C LEU L 50 -26.38 -23.46 10.59
N ILE L 51 -26.32 -23.58 9.24
CA ILE L 51 -25.14 -23.94 8.48
C ILE L 51 -24.86 -22.83 7.45
N SER L 52 -23.57 -22.44 7.34
CA SER L 52 -23.13 -21.44 6.37
C SER L 52 -23.29 -21.98 4.94
N ASP L 53 -23.31 -21.06 3.97
CA ASP L 53 -23.41 -21.31 2.54
C ASP L 53 -22.47 -22.42 2.05
N ASP L 54 -21.20 -22.40 2.52
CA ASP L 54 -20.16 -23.39 2.15
C ASP L 54 -20.18 -24.68 3.01
N GLY L 55 -20.98 -24.68 4.06
CA GLY L 55 -21.13 -25.80 4.97
C GLY L 55 -19.99 -25.96 5.97
N MET L 56 -19.14 -24.91 6.09
CA MET L 56 -17.96 -24.92 6.94
C MET L 56 -18.24 -24.42 8.34
N ARG L 57 -19.18 -23.47 8.51
CA ARG L 57 -19.59 -22.94 9.81
C ARG L 57 -20.94 -23.52 10.20
N LYS L 58 -21.05 -24.09 11.41
CA LYS L 58 -22.27 -24.69 11.95
C LYS L 58 -22.53 -24.17 13.36
N TYR L 59 -23.81 -23.87 13.69
CA TYR L 59 -24.22 -23.40 15.01
C TYR L 59 -25.41 -24.23 15.44
N HIS L 60 -25.43 -24.68 16.69
CA HIS L 60 -26.51 -25.51 17.17
C HIS L 60 -27.03 -24.93 18.47
N SER L 61 -28.34 -25.12 18.75
CA SER L 61 -28.94 -24.64 20.00
C SER L 61 -28.40 -25.49 21.15
N ASP L 62 -28.47 -24.98 22.38
CA ASP L 62 -27.97 -25.73 23.52
C ASP L 62 -28.82 -26.96 23.82
N SER L 63 -30.13 -26.90 23.48
CA SER L 63 -31.10 -27.99 23.69
C SER L 63 -30.86 -29.15 22.72
N MET L 64 -30.16 -28.88 21.60
CA MET L 64 -29.91 -29.86 20.54
C MET L 64 -28.44 -30.27 20.41
N TRP L 65 -27.49 -29.42 20.87
CA TRP L 65 -26.06 -29.72 20.78
C TRP L 65 -25.75 -31.09 21.36
N GLY L 66 -25.01 -31.88 20.59
CA GLY L 66 -24.66 -33.23 21.00
C GLY L 66 -25.54 -34.33 20.41
N ARG L 67 -26.84 -34.03 20.17
CA ARG L 67 -27.82 -34.97 19.59
C ARG L 67 -28.03 -34.77 18.08
N VAL L 68 -27.93 -33.53 17.57
CA VAL L 68 -28.13 -33.27 16.14
C VAL L 68 -26.89 -32.79 15.42
N THR L 69 -26.79 -33.11 14.13
CA THR L 69 -25.72 -32.66 13.24
C THR L 69 -26.34 -32.12 11.96
N ILE L 70 -26.02 -30.87 11.61
CA ILE L 70 -26.48 -30.20 10.41
C ILE L 70 -25.40 -30.35 9.31
N SER L 71 -25.81 -30.60 8.05
CA SER L 71 -24.94 -30.75 6.88
C SER L 71 -25.68 -30.35 5.62
N ARG L 72 -24.96 -30.17 4.51
CA ARG L 72 -25.56 -29.81 3.23
C ARG L 72 -24.74 -30.37 2.06
N ASP L 73 -25.41 -30.63 0.93
CA ASP L 73 -24.79 -31.09 -0.30
C ASP L 73 -25.14 -30.07 -1.37
N ASN L 74 -24.24 -29.11 -1.55
CA ASN L 74 -24.41 -28.02 -2.51
C ASN L 74 -24.48 -28.47 -3.98
N SER L 75 -24.14 -29.75 -4.26
CA SER L 75 -24.23 -30.32 -5.60
C SER L 75 -25.63 -30.92 -5.83
N LYS L 76 -26.33 -31.29 -4.76
CA LYS L 76 -27.66 -31.89 -4.82
C LYS L 76 -28.77 -30.97 -4.27
N ASN L 77 -28.45 -29.68 -3.93
CA ASN L 77 -29.39 -28.67 -3.40
C ASN L 77 -30.18 -29.17 -2.16
N THR L 78 -29.50 -29.95 -1.29
CA THR L 78 -30.09 -30.61 -0.13
C THR L 78 -29.44 -30.23 1.18
N LEU L 79 -30.28 -30.01 2.21
CA LEU L 79 -29.89 -29.74 3.58
C LEU L 79 -30.25 -31.02 4.36
N TYR L 80 -29.41 -31.39 5.36
CA TYR L 80 -29.64 -32.53 6.20
C TYR L 80 -29.62 -32.17 7.69
N LEU L 81 -30.18 -33.06 8.50
CA LEU L 81 -30.17 -32.98 9.95
C LEU L 81 -30.19 -34.41 10.44
N GLN L 82 -29.08 -34.82 11.02
CA GLN L 82 -28.87 -36.17 11.51
C GLN L 82 -29.08 -36.21 13.00
N PHE L 83 -29.90 -37.15 13.47
CA PHE L 83 -30.15 -37.38 14.90
C PHE L 83 -29.41 -38.61 15.35
N SER L 84 -28.68 -38.49 16.47
CA SER L 84 -27.96 -39.55 17.18
C SER L 84 -28.68 -39.58 18.52
N SER L 85 -29.21 -40.76 18.93
CA SER L 85 -29.96 -40.94 20.18
C SER L 85 -31.13 -39.95 20.41
N LEU L 86 -32.29 -40.24 19.77
CA LEU L 86 -33.53 -39.46 19.90
C LEU L 86 -34.07 -39.55 21.34
N LYS L 87 -34.78 -38.50 21.77
CA LYS L 87 -35.43 -38.42 23.08
C LYS L 87 -36.94 -38.11 22.85
N VAL L 88 -37.89 -38.50 23.74
CA VAL L 88 -39.36 -38.25 23.59
C VAL L 88 -39.68 -36.75 23.43
N GLU L 89 -38.83 -35.93 24.08
CA GLU L 89 -38.87 -34.46 24.06
C GLU L 89 -38.42 -33.93 22.68
N ASP L 90 -38.10 -34.83 21.72
CA ASP L 90 -37.71 -34.42 20.36
C ASP L 90 -38.89 -34.41 19.39
N THR L 91 -40.06 -34.95 19.82
CA THR L 91 -41.30 -34.99 19.03
C THR L 91 -41.69 -33.57 18.61
N ALA L 92 -41.72 -33.33 17.29
CA ALA L 92 -42.00 -32.01 16.72
C ALA L 92 -42.08 -32.07 15.21
N MET L 93 -42.56 -30.97 14.64
CA MET L 93 -42.55 -30.69 13.22
C MET L 93 -41.21 -29.97 12.98
N PHE L 94 -40.45 -30.48 12.01
CA PHE L 94 -39.15 -29.93 11.62
C PHE L 94 -39.25 -29.15 10.34
N PHE L 95 -38.99 -27.84 10.45
CA PHE L 95 -39.05 -26.93 9.32
C PHE L 95 -37.65 -26.60 8.85
N CYS L 96 -37.55 -26.54 7.57
CA CYS L 96 -36.39 -26.15 6.83
C CYS L 96 -36.66 -24.64 6.46
N ALA L 97 -35.75 -23.74 6.86
CA ALA L 97 -35.91 -22.32 6.54
C ALA L 97 -34.61 -21.75 5.98
N ARG L 98 -34.71 -20.86 5.01
CA ARG L 98 -33.55 -20.23 4.41
C ARG L 98 -33.19 -18.97 5.19
N GLU L 99 -31.87 -18.77 5.43
CA GLU L 99 -31.41 -17.56 6.05
C GLU L 99 -31.32 -16.51 4.92
N ALA L 100 -32.06 -15.41 5.06
CA ALA L 100 -32.04 -14.31 4.09
C ALA L 100 -30.62 -13.76 4.02
N GLY L 101 -30.15 -13.51 2.80
CA GLY L 101 -28.79 -13.03 2.60
C GLY L 101 -28.54 -12.35 1.28
N GLY L 102 -27.40 -11.70 1.23
CA GLY L 102 -26.91 -10.98 0.07
C GLY L 102 -25.80 -10.02 0.46
N PRO L 103 -25.45 -9.05 -0.41
CA PRO L 103 -24.44 -8.05 -0.01
C PRO L 103 -25.04 -7.05 0.99
N ILE L 104 -24.22 -6.35 1.76
CA ILE L 104 -24.72 -5.33 2.69
C ILE L 104 -24.68 -4.05 1.87
N TRP L 105 -25.79 -3.32 1.83
CA TRP L 105 -25.84 -2.03 1.15
C TRP L 105 -25.60 -0.91 2.14
N HIS L 106 -24.71 0.04 1.78
CA HIS L 106 -24.40 1.21 2.58
C HIS L 106 -24.10 2.40 1.70
N ASP L 107 -25.06 3.35 1.67
CA ASP L 107 -25.04 4.56 0.85
C ASP L 107 -24.94 4.20 -0.65
N ASP L 108 -25.84 3.27 -1.08
CA ASP L 108 -25.98 2.72 -2.45
C ASP L 108 -24.71 2.03 -2.99
N VAL L 109 -23.97 1.36 -2.08
CA VAL L 109 -22.72 0.61 -2.36
C VAL L 109 -22.88 -0.82 -1.83
N LYS L 110 -22.68 -1.82 -2.71
CA LYS L 110 -22.76 -3.27 -2.41
C LYS L 110 -21.49 -3.74 -1.70
N TYR L 111 -21.64 -4.32 -0.51
CA TYR L 111 -20.50 -4.84 0.22
C TYR L 111 -20.62 -6.36 0.40
N ASP L 113 -18.76 -10.22 1.76
CA ASP L 113 -17.90 -10.74 2.84
C ASP L 113 -16.51 -11.20 2.40
N PHE L 114 -15.66 -11.53 3.39
CA PHE L 114 -14.29 -12.01 3.19
C PHE L 114 -14.29 -13.44 2.60
N ASN L 115 -14.38 -13.47 1.25
CA ASN L 115 -14.45 -14.54 0.26
C ASN L 115 -15.58 -14.40 -0.78
N ASP L 116 -16.09 -13.15 -0.90
CA ASP L 116 -17.11 -12.68 -1.85
C ASP L 116 -18.49 -13.36 -1.71
N GLY L 117 -18.69 -13.93 -0.52
CA GLY L 117 -19.93 -14.58 -0.14
C GLY L 117 -20.92 -13.56 0.42
N TYR L 118 -22.18 -14.02 0.51
CA TYR L 118 -23.28 -13.25 1.06
C TYR L 118 -23.14 -13.07 2.54
N TYR L 119 -23.71 -11.97 3.03
CA TYR L 119 -23.85 -11.74 4.44
C TYR L 119 -25.28 -12.16 4.81
N ASN L 120 -25.45 -12.55 6.07
CA ASN L 120 -26.75 -12.90 6.65
C ASN L 120 -27.54 -11.66 6.97
N TYR L 121 -28.84 -11.70 6.70
CA TYR L 121 -29.75 -10.59 6.95
C TYR L 121 -30.52 -10.70 8.28
N HIS L 122 -30.32 -11.81 9.00
CA HIS L 122 -30.92 -12.17 10.30
C HIS L 122 -32.45 -12.29 10.33
N TYR L 123 -32.98 -13.01 9.35
CA TYR L 123 -34.38 -13.38 9.18
C TYR L 123 -34.47 -14.53 8.20
N MET L 124 -35.53 -15.33 8.34
CA MET L 124 -35.75 -16.51 7.53
C MET L 124 -36.83 -16.17 6.54
N ASP L 125 -36.46 -16.05 5.27
CA ASP L 125 -37.34 -15.59 4.18
C ASP L 125 -38.10 -16.65 3.40
N VAL L 126 -37.62 -17.89 3.40
CA VAL L 126 -38.25 -19.01 2.71
C VAL L 126 -38.38 -20.14 3.73
N TRP L 127 -39.56 -20.77 3.79
CA TRP L 127 -39.89 -21.85 4.71
C TRP L 127 -40.51 -23.01 3.96
N GLY L 128 -40.26 -24.22 4.44
CA GLY L 128 -40.87 -25.43 3.93
C GLY L 128 -42.14 -25.73 4.71
N LYS L 129 -42.92 -26.74 4.29
CA LYS L 129 -44.18 -27.18 4.90
C LYS L 129 -43.98 -28.04 6.16
N GLY L 130 -42.74 -28.49 6.41
CA GLY L 130 -42.38 -29.27 7.58
C GLY L 130 -42.52 -30.77 7.41
N THR L 131 -41.71 -31.53 8.17
CA THR L 131 -41.74 -32.99 8.28
C THR L 131 -41.86 -33.32 9.75
N THR L 132 -42.83 -34.18 10.09
CA THR L 132 -43.09 -34.51 11.48
C THR L 132 -42.34 -35.72 12.01
N VAL L 133 -41.68 -35.54 13.18
CA VAL L 133 -40.90 -36.56 13.88
C VAL L 133 -41.63 -36.96 15.19
N THR L 134 -42.04 -38.22 15.29
CA THR L 134 -42.73 -38.73 16.49
C THR L 134 -41.78 -39.69 17.23
N VAL L 135 -41.18 -39.26 18.36
CA VAL L 135 -40.29 -40.11 19.17
C VAL L 135 -41.13 -40.84 20.22
N SER L 136 -41.52 -42.08 19.90
CA SER L 136 -42.35 -42.98 20.70
C SER L 136 -41.91 -44.44 20.52
N SER L 137 -41.66 -45.11 21.63
CA SER L 137 -41.35 -46.54 21.61
C SER L 137 -42.65 -47.22 21.99
N ALA L 138 -43.46 -46.45 22.70
CA ALA L 138 -44.68 -46.85 23.37
C ALA L 138 -45.55 -48.00 22.86
N SER L 139 -45.80 -48.87 23.83
CA SER L 139 -46.58 -50.09 23.90
C SER L 139 -47.80 -49.76 24.82
N THR L 140 -48.80 -50.65 24.90
CA THR L 140 -50.00 -50.52 25.72
C THR L 140 -49.66 -50.30 27.20
N LYS L 141 -50.39 -49.40 27.90
CA LYS L 141 -50.30 -49.12 29.36
C LYS L 141 -51.68 -48.86 29.83
N GLY L 142 -52.09 -49.57 30.89
CA GLY L 142 -53.36 -49.31 31.53
C GLY L 142 -53.20 -48.07 32.39
N PRO L 143 -54.27 -47.33 32.71
CA PRO L 143 -54.07 -46.14 33.53
C PRO L 143 -53.92 -46.44 35.02
N SER L 144 -53.41 -45.45 35.74
CA SER L 144 -53.40 -45.39 37.19
C SER L 144 -54.53 -44.40 37.46
N VAL L 145 -55.50 -44.77 38.31
CA VAL L 145 -56.64 -43.93 38.64
C VAL L 145 -56.53 -43.43 40.06
N PHE L 146 -56.58 -42.07 40.25
CA PHE L 146 -56.49 -41.48 41.61
C PHE L 146 -57.70 -40.61 41.89
N PRO L 147 -58.23 -40.58 43.12
CA PRO L 147 -59.39 -39.71 43.40
C PRO L 147 -58.99 -38.25 43.58
N LEU L 148 -59.78 -37.34 43.04
CA LEU L 148 -59.60 -35.89 43.23
C LEU L 148 -60.71 -35.50 44.19
N ALA L 149 -60.44 -35.64 45.49
CA ALA L 149 -61.43 -35.39 46.57
C ALA L 149 -62.15 -34.00 46.53
N PRO L 150 -63.46 -33.95 46.91
CA PRO L 150 -64.24 -32.69 46.78
C PRO L 150 -63.74 -31.35 47.32
N SER L 151 -63.70 -30.33 46.42
CA SER L 151 -63.35 -28.94 46.74
C SER L 151 -64.47 -28.02 46.32
N SER L 152 -64.95 -27.22 47.30
CA SER L 152 -65.98 -26.18 47.14
C SER L 152 -65.35 -24.90 46.62
N LYS L 153 -64.04 -24.71 46.87
CA LYS L 153 -63.26 -23.50 46.56
C LYS L 153 -63.43 -22.77 45.19
N SER L 154 -63.53 -23.52 44.08
CA SER L 154 -63.65 -23.03 42.69
C SER L 154 -65.10 -23.06 42.12
N THR L 155 -66.10 -23.56 42.89
CA THR L 155 -67.48 -23.63 42.37
C THR L 155 -68.49 -22.60 42.93
N SER L 156 -69.77 -22.72 42.49
CA SER L 156 -70.94 -21.93 42.83
C SER L 156 -71.75 -22.75 43.84
N GLY L 157 -73.03 -22.41 44.08
CA GLY L 157 -73.82 -23.11 45.08
C GLY L 157 -73.14 -22.89 46.41
N GLY L 158 -73.19 -23.84 47.36
CA GLY L 158 -73.98 -25.06 47.35
C GLY L 158 -73.40 -26.24 46.61
N THR L 159 -72.34 -26.00 45.79
CA THR L 159 -71.68 -27.02 44.95
C THR L 159 -70.20 -27.26 45.32
N ALA L 160 -69.73 -28.50 45.04
CA ALA L 160 -68.35 -28.98 45.19
C ALA L 160 -67.98 -29.67 43.89
N ALA L 161 -66.71 -29.53 43.47
CA ALA L 161 -66.15 -30.23 42.30
C ALA L 161 -65.31 -31.42 42.82
N LEU L 162 -65.55 -32.59 42.28
CA LEU L 162 -64.77 -33.81 42.57
C LEU L 162 -64.46 -34.51 41.27
N GLY L 163 -63.40 -35.29 41.25
CA GLY L 163 -63.01 -35.96 40.03
C GLY L 163 -62.17 -37.17 40.17
N CYS L 164 -61.62 -37.61 39.04
CA CYS L 164 -60.75 -38.75 38.88
C CYS L 164 -59.60 -38.40 38.01
N LEU L 165 -58.39 -38.60 38.54
CA LEU L 165 -57.16 -38.40 37.76
C LEU L 165 -56.83 -39.77 37.09
N VAL L 166 -56.83 -39.80 35.75
CA VAL L 166 -56.57 -41.04 34.96
C VAL L 166 -55.17 -40.87 34.36
N LYS L 167 -54.13 -41.32 35.08
CA LYS L 167 -52.73 -41.13 34.73
C LYS L 167 -52.04 -42.26 33.96
N ASP L 168 -51.05 -41.86 33.14
CA ASP L 168 -50.12 -42.68 32.38
C ASP L 168 -50.67 -43.91 31.62
N TYR L 169 -51.47 -43.67 30.59
CA TYR L 169 -52.03 -44.73 29.74
C TYR L 169 -51.54 -44.55 28.26
N PHE L 170 -51.42 -45.62 27.47
CA PHE L 170 -50.92 -45.42 26.11
C PHE L 170 -51.90 -45.33 24.94
N PRO L 171 -52.60 -46.33 24.37
CA PRO L 171 -53.45 -45.99 23.22
C PRO L 171 -54.63 -45.14 23.76
N GLU L 172 -54.70 -43.90 23.19
CA GLU L 172 -55.62 -42.80 23.44
C GLU L 172 -57.05 -43.02 23.95
N PRO L 173 -57.85 -43.98 23.44
CA PRO L 173 -59.22 -44.07 23.97
C PRO L 173 -59.40 -44.63 25.42
N VAL L 174 -59.63 -43.69 26.36
CA VAL L 174 -60.04 -43.91 27.75
C VAL L 174 -61.45 -43.33 27.81
N THR L 175 -62.37 -44.07 28.42
CA THR L 175 -63.77 -43.68 28.61
C THR L 175 -64.03 -43.50 30.11
N VAL L 176 -64.61 -42.36 30.50
CA VAL L 176 -64.98 -42.06 31.88
C VAL L 176 -66.45 -41.75 31.98
N SER L 177 -67.13 -42.47 32.87
CA SER L 177 -68.53 -42.30 33.19
C SER L 177 -68.62 -42.12 34.70
N TRP L 178 -69.76 -41.61 35.21
CA TRP L 178 -69.95 -41.39 36.65
C TRP L 178 -71.23 -42.08 37.12
N ASN L 179 -71.11 -42.86 38.22
CA ASN L 179 -72.17 -43.67 38.86
C ASN L 179 -72.86 -44.61 37.90
N SER L 180 -72.05 -45.22 37.01
CA SER L 180 -72.44 -46.19 35.96
C SER L 180 -73.32 -45.59 34.85
N GLY L 181 -73.23 -44.26 34.70
CA GLY L 181 -73.96 -43.50 33.68
C GLY L 181 -75.14 -42.76 34.25
N ALA L 182 -75.50 -43.04 35.52
CA ALA L 182 -76.60 -42.41 36.26
C ALA L 182 -76.34 -40.94 36.56
N LEU L 183 -75.07 -40.49 36.36
CA LEU L 183 -74.63 -39.11 36.59
C LEU L 183 -73.95 -38.58 35.32
N THR L 184 -74.65 -37.64 34.65
CA THR L 184 -74.27 -37.02 33.37
C THR L 184 -74.25 -35.48 33.46
N SER L 185 -75.10 -34.91 34.33
CA SER L 185 -75.21 -33.47 34.59
C SER L 185 -74.08 -32.99 35.49
N GLY L 186 -73.27 -32.08 34.94
CA GLY L 186 -72.12 -31.49 35.61
C GLY L 186 -70.80 -32.18 35.34
N VAL L 187 -70.85 -33.28 34.53
CA VAL L 187 -69.70 -34.06 34.12
C VAL L 187 -68.93 -33.34 33.02
N HIS L 188 -67.59 -33.24 33.21
CA HIS L 188 -66.65 -32.59 32.28
C HIS L 188 -65.36 -33.40 32.22
N THR L 189 -65.18 -34.18 31.13
CA THR L 189 -63.99 -35.00 30.91
C THR L 189 -63.14 -34.14 30.02
N PHE L 190 -61.97 -33.73 30.54
CA PHE L 190 -61.02 -32.89 29.80
C PHE L 190 -60.25 -33.73 28.77
N PRO L 191 -59.85 -33.12 27.62
CA PRO L 191 -59.06 -33.87 26.65
C PRO L 191 -57.75 -34.35 27.28
N ALA L 192 -57.20 -35.47 26.78
CA ALA L 192 -55.96 -35.97 27.33
C ALA L 192 -54.76 -35.09 26.96
N VAL L 193 -53.77 -35.07 27.85
CA VAL L 193 -52.46 -34.47 27.59
C VAL L 193 -51.53 -35.66 27.15
N LEU L 194 -50.75 -35.45 26.08
CA LEU L 194 -49.75 -36.41 25.66
C LEU L 194 -48.48 -35.81 26.25
N GLN L 195 -47.98 -36.47 27.30
CA GLN L 195 -46.82 -36.04 28.05
C GLN L 195 -45.54 -36.34 27.30
N SER L 196 -44.45 -35.68 27.72
CA SER L 196 -43.12 -35.85 27.17
C SER L 196 -42.54 -37.01 27.95
N SER L 197 -43.13 -38.17 27.67
CA SER L 197 -42.89 -39.54 28.16
C SER L 197 -43.57 -40.46 27.13
N GLY L 198 -44.48 -39.86 26.35
CA GLY L 198 -45.30 -40.52 25.34
C GLY L 198 -46.59 -41.12 25.87
N LEU L 199 -46.81 -41.03 27.18
CA LEU L 199 -48.03 -41.54 27.78
C LEU L 199 -49.00 -40.41 27.90
N TYR L 200 -50.30 -40.73 28.05
CA TYR L 200 -51.41 -39.78 28.23
C TYR L 200 -51.88 -39.75 29.68
N SER L 201 -52.54 -38.64 30.02
CA SER L 201 -53.21 -38.42 31.31
C SER L 201 -54.41 -37.49 31.01
N LEU L 202 -55.55 -37.82 31.62
CA LEU L 202 -56.75 -37.00 31.52
C LEU L 202 -57.37 -36.88 32.87
N SER L 203 -58.25 -35.92 33.02
CA SER L 203 -59.03 -35.71 34.25
C SER L 203 -60.50 -35.61 33.89
N SER L 204 -61.36 -36.17 34.78
CA SER L 204 -62.81 -36.11 34.63
C SER L 204 -63.35 -35.58 35.91
N VAL L 205 -64.15 -34.50 35.81
CA VAL L 205 -64.75 -33.88 36.98
C VAL L 205 -66.26 -33.81 36.95
N VAL L 206 -66.86 -33.75 38.12
CA VAL L 206 -68.31 -33.60 38.30
C VAL L 206 -68.61 -32.62 39.43
N THR L 207 -69.65 -31.79 39.25
CA THR L 207 -70.15 -30.82 40.21
C THR L 207 -71.45 -31.37 40.77
N VAL L 208 -71.43 -31.59 42.07
CA VAL L 208 -72.52 -32.21 42.81
C VAL L 208 -72.95 -31.28 43.95
N PRO L 209 -74.21 -31.38 44.46
CA PRO L 209 -74.58 -30.52 45.60
C PRO L 209 -73.84 -30.97 46.88
N SER L 210 -73.34 -30.00 47.68
CA SER L 210 -72.58 -30.23 48.92
C SER L 210 -73.41 -30.98 49.99
N SER L 211 -74.74 -30.91 49.87
CA SER L 211 -75.73 -31.56 50.72
C SER L 211 -75.69 -33.08 50.54
N SER L 212 -75.34 -33.54 49.32
CA SER L 212 -75.27 -34.95 48.95
C SER L 212 -74.03 -35.64 49.50
N LEU L 213 -72.91 -34.92 49.70
CA LEU L 213 -71.62 -35.50 50.10
C LEU L 213 -71.56 -36.62 51.14
N GLY L 214 -72.34 -36.51 52.23
CA GLY L 214 -72.43 -37.52 53.28
C GLY L 214 -73.47 -38.60 53.04
N THR L 215 -74.36 -38.39 52.04
CA THR L 215 -75.42 -39.30 51.65
C THR L 215 -75.12 -40.06 50.32
N GLN L 216 -74.89 -39.31 49.21
CA GLN L 216 -74.58 -39.90 47.90
C GLN L 216 -73.14 -40.35 47.76
N THR L 217 -72.95 -41.56 47.21
CA THR L 217 -71.63 -42.10 46.89
C THR L 217 -71.33 -41.74 45.44
N TYR L 218 -70.10 -41.28 45.18
CA TYR L 218 -69.69 -40.94 43.83
C TYR L 218 -68.57 -41.85 43.39
N ILE L 219 -68.75 -42.51 42.22
CA ILE L 219 -67.81 -43.47 41.63
C ILE L 219 -67.59 -43.14 40.15
N CYS L 220 -66.33 -42.95 39.73
CA CYS L 220 -66.06 -42.76 38.33
C CYS L 220 -65.71 -44.12 37.78
N ASN L 221 -66.23 -44.42 36.59
CA ASN L 221 -66.01 -45.70 35.88
C ASN L 221 -65.13 -45.42 34.70
N VAL L 222 -63.86 -45.79 34.83
CA VAL L 222 -62.81 -45.62 33.86
C VAL L 222 -62.64 -46.92 33.08
N ASN L 223 -62.69 -46.82 31.74
CA ASN L 223 -62.52 -47.96 30.86
C ASN L 223 -61.44 -47.65 29.83
N HIS L 224 -60.41 -48.50 29.81
CA HIS L 224 -59.35 -48.40 28.84
C HIS L 224 -59.36 -49.69 28.04
N LYS L 225 -60.29 -49.77 27.05
CA LYS L 225 -60.47 -50.91 26.13
C LYS L 225 -59.16 -51.40 25.49
N PRO L 226 -58.20 -50.53 25.06
CA PRO L 226 -56.93 -51.08 24.50
C PRO L 226 -56.08 -52.00 25.42
N SER L 227 -56.17 -51.86 26.75
CA SER L 227 -55.42 -52.69 27.71
C SER L 227 -56.35 -53.63 28.47
N ASN L 228 -57.66 -53.54 28.19
CA ASN L 228 -58.78 -54.28 28.78
C ASN L 228 -58.88 -54.07 30.31
N THR L 229 -58.58 -52.83 30.73
CA THR L 229 -58.59 -52.41 32.14
C THR L 229 -59.85 -51.59 32.41
N LYS L 230 -60.55 -51.95 33.48
CA LYS L 230 -61.75 -51.24 33.98
C LYS L 230 -61.46 -50.92 35.43
N VAL L 231 -61.60 -49.64 35.80
CA VAL L 231 -61.36 -49.18 37.16
C VAL L 231 -62.57 -48.36 37.61
N ASP L 232 -63.17 -48.76 38.73
CA ASP L 232 -64.31 -48.06 39.36
C ASP L 232 -63.80 -47.50 40.69
N LYS L 233 -63.55 -46.17 40.75
CA LYS L 233 -62.98 -45.48 41.90
C LYS L 233 -64.00 -44.66 42.63
N ARG L 234 -64.17 -44.92 43.93
CA ARG L 234 -65.09 -44.17 44.76
C ARG L 234 -64.37 -42.94 45.29
N VAL L 235 -64.94 -41.78 45.05
CA VAL L 235 -64.38 -40.50 45.47
C VAL L 235 -65.14 -40.03 46.70
N GLU L 236 -64.40 -40.00 47.81
CA GLU L 236 -64.93 -39.66 49.10
C GLU L 236 -64.30 -38.35 49.64
N PRO L 237 -64.99 -37.65 50.58
CA PRO L 237 -64.42 -36.41 51.16
C PRO L 237 -63.20 -36.65 52.06
N LYS L 238 -62.21 -35.76 51.95
CA LYS L 238 -60.95 -35.84 52.69
C LYS L 238 -61.01 -35.24 54.09
#